data_8ZP0
#
_entry.id   8ZP0
#
_cell.length_a   1.00
_cell.length_b   1.00
_cell.length_c   1.00
_cell.angle_alpha   90.00
_cell.angle_beta   90.00
_cell.angle_gamma   90.00
#
_symmetry.space_group_name_H-M   'P 1'
#
loop_
_entity.id
_entity.type
_entity.pdbx_description
1 polymer 'Cytochrome b'
2 polymer 'Cytochrome c1, heme protein, mitochondrial'
3 polymer 'Cytochrome b-c1 complex subunit Rieske, mitochondrial'
4 polymer 'Cytochrome b-c1 complex subunit 1, mitochondrial'
5 polymer 'Cytochrome b-c1 complex subunit 2, mitochondrial'
6 polymer 'Cytochrome b-c1 complex subunit 6'
7 polymer 'Cytochrome b-c1 complex subunit 7'
8 polymer 'Cytochrome b-c1 complex subunit 8'
9 polymer 'Complex III subunit 9'
10 polymer 'Cytochrome b-c1 complex subunit 10'
11 polymer 'Cytochrome b-c1 complex subunit Rieske, mitochondrial'
12 non-polymer 1-[2-[(4,6-dimethyl-1,3-benzothiazol-2-yl)sulfanylmethyl]-3-methyl-phenyl]-4-methyl-1,2,3,4-tetrazol-5-one
13 non-polymer 'PROTOPORPHYRIN IX CONTAINING FE'
14 non-polymer 1,2-dioleoyl-sn-glycero-3-phosphoethanolamine
15 non-polymer CARDIOLIPIN
16 non-polymer 'HEME C'
17 non-polymer 'FE2/S2 (INORGANIC) CLUSTER'
#
loop_
_entity_poly.entity_id
_entity_poly.type
_entity_poly.pdbx_seq_one_letter_code
_entity_poly.pdbx_strand_id
1 'polypeptide(L)'
;TNIRKSHPLMKIINNAFIDLPAPSNISSWWNFGSLLGICLILQILTGLFLAMHYTSDTTTAFSSVTHICRDVNYGWVIRY
LHANGASMFFICLFIHVGRGLYYGSYMFLETWNIGVVLLFTVMATAFMGYVLPWGQMSFWGATVITNLLSAIPYIGTDLV
EWIWGGFSVDKATLTRFFAFHFILPFIITALAAVHLLFLHETGSNNPTGISSDMDKIPFHPYYTIKDILGALFMMLILLI
LVLFSPDLLGDPDNYTPANPLNTPPHIKPEWYFLFAYAILRSIPNKLGGVLALVASILILILMPMLHTSKQRSMMFRPLS
QCLFWMLVADLITLTWIGGQPVEHPFIIIGQLASILYFLIILVLMPITSIIENNLLKW
;
A,a
2 'polypeptide(L)'
;TDLELHAPSYPWSHRGLLSSLDHTSIRRGFQVYKQVCSSCHSMDYVAYRHLVGVCYTEEEAKALAEEVEVQDGPNEDGEM
FMRPGKLSDYFPKPYPNPEAARAANNGALPPDLSYIVRARHGGEDYVFSLLTGYCEPPTGVSLREGLYFNPYFPGQAIAM
APPIYNEVLEFDDGTPATMSQVAKDVCTFLRWASEPEHDHRKRMGLKMLMMMGLLLPLVYAMKRHKWSVLKSRKLAYRPP
K
;
B,b
3 'polypeptide(L)'
;SHTDIRVPDFSDYRRAEVLDSTKSSKESSDARKGFSYLITATTTVGVAYAAKNAVSQFVSSMSASADVLAMSKIEIKLSD
IPEGKNMAFKWRGKPLFVRHRTKKEIDQEAAVEVSQLRDPQHDLERVKKPEWVILIGVCTHLGCVPIANAGDFGGYYCPC
HGSHYDASGRIRKGPAPLNLEVPTYEFTSDDLVIVG
;
C,c
4 'polypeptide(L)'
;TATYAQALQSVPETQVSQLDNGLRVASEQSSQPTCTVGVWIDAGSRYENEKNNGAGYFVEHLAFKGTKNRPGSALEKEVE
SMGAHLNAYSTREHTAYYIKALSKDLPKAVELLADIVQNCSLEDSQIEKERDVILQELQENDSSMRDVVFDYLHATAFQG
TPLAQSVEGPSENVRKLSRADLTEYVSQHYKAPRMVLAAAGGVEHRQLLDLAQKHFSSLSGTYVEDAVPAFTPCRFTGSE
IRHRDDALPLAHVAIAVEGPGWANPDNVPLQVANAIIGHYDSTYGGGTHMSSTLASVAATRKLCQSFQTFNICYAETGLL
GAHFVCDNMSIDDMMFFLQGQWMRLCTSATESEVVRGKNILRNALVSHLDGTTPVCEDIGRSLLTYGRRIPLAEWESRIA
EVDASVVREVCSKYFYDQCPAVAGLGPIEQLPDYNRIRSGMFWLRF
;
D,d
5 'polypeptide(L)'
;PQDLEFTRLPNGLVIASLENYAPASRIGLFIKAGSRYEDSNNLGTSHLLRLASSLTTKGASSFKITRGIEAVGGKLSVTS
TRESMAYTVECLRDDIEILMEFLLNVTAAPEFRRWEVAALQSQLRIDKAVAFQNPQAQVLENLHAAAYRNALANSLYCPD
YRIGKVTPDQLHYYVQNHFTSARMALIGLGVSHPVLKQVAERFLNMRGGLGLSGAKAKYRGGEIRDQNGDSLVHAALVAE
SAATGSAEANAFSVLQHVLGAGPHVKRGSNATSSLYQAVAKGVHQPFDVSAFNASYSDSGLFGIYTISQAASAGDVIKSA
YDQVKAIAQGNLSNTDVQAAKNKLKAGYLMSVESSEGFLDEVGSQALVAGSYMQPSTVLQQIDSVADADVINAAKKFVSG
RKSMAASGNLGHTPFVDE
;
E,e
6 'polypeptide(L)' DPLTTVREQCEQIEKCIKARERLELCDQRVSSRSQTEEDCTEELFDFLHARDHCVAHKLFNSLK F,f
7 'polypeptide(L)'
;AVAASSKWLEGIRKWYYNAAGFNKLGLMRDDTIYEDDDVKEAIRRLPENLYNDRVFRIKRALDLTMRQQILPKEQWTKYE
EDKFYLEPYLKEVIRERKEREEWAKK
;
G,g
8 'polypeptide(L)' GREFGHLTRMRHVITYSLSPFEQRAFPHYFTKGIPNVLRRTRACILRVAPPFVVFYLVYTWGTQEFEKSKRKNPAAYEN H,h
9 'polypeptide(L)' AAPTLTARLYSLLFRRTSTFALTIAVGALFFERAFDQGADAIYEHINQGKLWKHIKHKYENK I,i
10 'polypeptide(L)' MLSRFLGPRYRELARNWIPTASMWGAVGAVGLVWATDWRLILDWVPYINGKF J,j
11 'polypeptide(L)' MLSVASRSGPFAPVLSATSRGVAGALRPLVQAALPATSESPVLDAKRSFLCRESLSG K,k
#
loop_
_chem_comp.id
_chem_comp.type
_chem_comp.name
_chem_comp.formula
A1D6O non-polymer 1-[2-[(4,6-dimethyl-1,3-benzothiazol-2-yl)sulfanylmethyl]-3-methyl-phenyl]-4-methyl-1,2,3,4-tetrazol-5-one 'C19 H19 N5 O S2'
CDL non-polymer CARDIOLIPIN 'C81 H156 O17 P2 -2'
FES non-polymer 'FE2/S2 (INORGANIC) CLUSTER' 'Fe2 S2'
HEC non-polymer 'HEME C' 'C34 H34 Fe N4 O4'
HEM non-polymer 'PROTOPORPHYRIN IX CONTAINING FE' 'C34 H32 Fe N4 O4'
PEE non-polymer 1,2-dioleoyl-sn-glycero-3-phosphoethanolamine 'C41 H78 N O8 P'
#
# COMPACT_ATOMS: atom_id res chain seq x y z
N THR A 1 12.21 4.20 -16.11
CA THR A 1 10.78 4.28 -15.86
C THR A 1 10.43 5.56 -15.14
N ASN A 2 9.20 5.62 -14.63
CA ASN A 2 8.76 6.73 -13.83
C ASN A 2 9.12 6.44 -12.38
N ILE A 3 10.07 7.20 -11.83
CA ILE A 3 10.55 6.94 -10.47
C ILE A 3 9.56 7.45 -9.42
N ARG A 4 8.62 8.32 -9.82
CA ARG A 4 7.53 8.69 -8.92
C ARG A 4 6.56 7.56 -8.66
N LYS A 5 6.58 6.49 -9.44
CA LYS A 5 5.61 5.42 -9.30
C LYS A 5 6.22 4.09 -8.94
N SER A 6 7.53 3.99 -8.85
CA SER A 6 8.18 2.71 -8.60
C SER A 6 9.12 2.72 -7.39
N HIS A 7 9.52 3.88 -6.91
CA HIS A 7 10.37 3.95 -5.72
C HIS A 7 9.52 3.75 -4.46
N PRO A 8 10.04 3.00 -3.47
CA PRO A 8 9.21 2.67 -2.29
C PRO A 8 8.79 3.83 -1.41
N LEU A 9 9.62 4.86 -1.25
CA LEU A 9 9.22 6.06 -0.52
C LEU A 9 8.47 7.07 -1.38
N MET A 10 8.84 7.20 -2.64
CA MET A 10 8.25 8.24 -3.47
C MET A 10 6.84 7.87 -3.90
N LYS A 11 6.51 6.56 -3.90
CA LYS A 11 5.15 6.10 -4.14
C LYS A 11 4.17 6.65 -3.12
N ILE A 12 4.56 6.66 -1.85
CA ILE A 12 3.66 7.07 -0.78
C ILE A 12 3.39 8.57 -0.86
N ILE A 13 4.43 9.34 -1.19
CA ILE A 13 4.30 10.79 -1.33
C ILE A 13 3.44 11.14 -2.54
N ASN A 14 3.58 10.36 -3.62
CA ASN A 14 2.84 10.61 -4.84
C ASN A 14 1.36 10.27 -4.69
N ASN A 15 1.04 9.20 -3.97
CA ASN A 15 -0.36 8.83 -3.77
C ASN A 15 -1.07 9.73 -2.79
N ALA A 16 -0.36 10.41 -1.91
CA ALA A 16 -0.96 11.21 -0.87
C ALA A 16 -1.06 12.69 -1.19
N PHE A 17 -0.13 13.24 -1.97
CA PHE A 17 -0.10 14.67 -2.19
C PHE A 17 0.00 15.10 -3.65
N ILE A 18 0.50 14.28 -4.56
CA ILE A 18 0.75 14.75 -5.92
C ILE A 18 -0.38 14.33 -6.86
N ASP A 19 -0.64 13.03 -6.97
CA ASP A 19 -1.62 12.51 -7.92
C ASP A 19 -2.98 12.24 -7.28
N LEU A 20 -3.24 12.78 -6.08
CA LEU A 20 -4.50 12.55 -5.38
C LEU A 20 -5.67 13.21 -6.12
N PRO A 21 -6.76 12.48 -6.39
CA PRO A 21 -7.92 13.13 -7.01
C PRO A 21 -8.70 13.96 -5.99
N ALA A 22 -9.03 15.18 -6.36
CA ALA A 22 -9.67 16.16 -5.50
C ALA A 22 -10.80 16.83 -6.26
N PRO A 23 -11.88 17.23 -5.59
CA PRO A 23 -12.93 17.97 -6.28
C PRO A 23 -12.44 19.31 -6.81
N SER A 24 -13.12 19.82 -7.83
CA SER A 24 -12.65 21.03 -8.47
C SER A 24 -13.25 22.29 -7.86
N ASN A 25 -14.31 22.17 -7.07
CA ASN A 25 -15.04 23.32 -6.56
C ASN A 25 -14.86 23.54 -5.04
N ILE A 26 -13.79 23.00 -4.46
CA ILE A 26 -13.36 23.19 -3.07
C ILE A 26 -13.12 24.66 -2.72
N SER A 27 -13.81 25.17 -1.70
CA SER A 27 -13.66 26.57 -1.25
C SER A 27 -12.47 26.82 -0.35
N SER A 28 -12.33 28.04 0.13
CA SER A 28 -11.26 28.35 1.08
C SER A 28 -11.64 28.03 2.51
N TRP A 29 -12.87 27.58 2.79
CA TRP A 29 -13.17 26.92 4.06
C TRP A 29 -12.47 25.59 4.21
N TRP A 30 -11.97 25.00 3.11
CA TRP A 30 -11.20 23.77 3.12
C TRP A 30 -9.72 24.03 3.28
N ASN A 31 -9.30 25.28 3.47
CA ASN A 31 -7.92 25.66 3.77
C ASN A 31 -7.50 25.38 5.20
N PHE A 32 -8.44 25.29 6.14
CA PHE A 32 -8.08 25.35 7.55
C PHE A 32 -7.58 24.03 8.12
N GLY A 33 -7.57 22.96 7.34
CA GLY A 33 -7.01 21.72 7.80
C GLY A 33 -5.50 21.74 7.77
N SER A 34 -4.91 22.33 6.73
CA SER A 34 -3.46 22.44 6.67
C SER A 34 -2.97 23.61 7.51
N LEU A 35 -3.82 24.59 7.78
CA LEU A 35 -3.47 25.65 8.72
C LEU A 35 -3.33 25.12 10.14
N LEU A 36 -4.18 24.16 10.52
CA LEU A 36 -4.06 23.49 11.82
C LEU A 36 -2.77 22.69 11.92
N GLY A 37 -2.32 22.10 10.82
CA GLY A 37 -1.07 21.37 10.83
C GLY A 37 0.15 22.27 10.86
N ILE A 38 0.01 23.50 10.38
CA ILE A 38 1.07 24.49 10.51
C ILE A 38 1.14 25.02 11.93
N CYS A 39 -0.02 25.27 12.55
CA CYS A 39 -0.08 25.78 13.91
C CYS A 39 0.45 24.76 14.91
N LEU A 40 0.32 23.48 14.62
CA LEU A 40 0.81 22.45 15.53
C LEU A 40 2.33 22.33 15.50
N ILE A 41 2.92 22.44 14.30
CA ILE A 41 4.37 22.34 14.16
C ILE A 41 5.05 23.56 14.79
N LEU A 42 4.43 24.73 14.65
CA LEU A 42 4.92 25.97 15.22
C LEU A 42 4.94 25.91 16.75
N GLN A 43 3.87 25.41 17.37
CA GLN A 43 3.82 25.27 18.82
C GLN A 43 4.82 24.24 19.34
N ILE A 44 5.21 23.27 18.53
CA ILE A 44 6.15 22.28 19.01
C ILE A 44 7.57 22.84 19.03
N LEU A 45 7.98 23.51 17.96
CA LEU A 45 9.36 24.03 17.87
C LEU A 45 9.60 25.17 18.84
N THR A 46 8.62 26.06 18.98
CA THR A 46 8.73 27.17 19.91
C THR A 46 8.69 26.68 21.36
N GLY A 47 7.89 25.65 21.63
CA GLY A 47 7.81 25.11 22.98
C GLY A 47 9.05 24.35 23.40
N LEU A 48 9.76 23.77 22.45
CA LEU A 48 11.01 23.09 22.77
C LEU A 48 12.15 24.06 23.07
N PHE A 49 12.03 25.33 22.68
CA PHE A 49 12.97 26.37 23.05
C PHE A 49 12.72 26.85 24.47
N LEU A 50 11.45 27.05 24.83
CA LEU A 50 11.11 27.55 26.15
C LEU A 50 11.38 26.53 27.25
N ALA A 51 11.42 25.25 26.91
CA ALA A 51 11.59 24.20 27.90
C ALA A 51 13.03 24.00 28.34
N MET A 52 14.00 24.58 27.64
CA MET A 52 15.37 24.54 28.10
C MET A 52 15.69 25.61 29.13
N HIS A 53 14.83 26.61 29.28
CA HIS A 53 15.08 27.69 30.23
C HIS A 53 14.01 27.82 31.31
N TYR A 54 12.95 27.02 31.27
CA TYR A 54 11.91 27.08 32.28
C TYR A 54 12.28 26.19 33.47
N THR A 55 11.82 26.60 34.65
CA THR A 55 12.06 25.86 35.89
C THR A 55 10.70 25.58 36.54
N SER A 56 10.40 24.31 36.78
CA SER A 56 9.13 23.93 37.38
C SER A 56 9.24 23.82 38.90
N ASP A 57 9.15 24.95 39.58
CA ASP A 57 9.24 25.05 41.04
C ASP A 57 8.48 26.29 41.43
N THR A 58 7.58 26.18 42.41
CA THR A 58 6.68 27.29 42.73
C THR A 58 7.34 28.49 43.39
N THR A 59 8.64 28.42 43.67
CA THR A 59 9.39 29.59 44.11
C THR A 59 10.15 30.27 42.98
N THR A 60 10.41 29.57 41.88
CA THR A 60 11.17 30.11 40.77
C THR A 60 10.49 29.90 39.41
N ALA A 61 9.18 29.66 39.39
CA ALA A 61 8.49 29.49 38.11
C ALA A 61 8.21 30.83 37.45
N PHE A 62 7.65 31.80 38.20
CA PHE A 62 7.41 33.12 37.67
C PHE A 62 8.70 33.85 37.31
N SER A 63 9.80 33.59 38.02
CA SER A 63 11.05 34.28 37.78
C SER A 63 11.83 33.73 36.61
N SER A 64 11.61 32.47 36.23
CA SER A 64 12.28 31.93 35.06
C SER A 64 11.60 32.37 33.76
N VAL A 65 10.37 32.85 33.83
CA VAL A 65 9.68 33.33 32.64
C VAL A 65 10.02 34.79 32.38
N THR A 66 10.20 35.59 33.45
CA THR A 66 10.67 36.95 33.26
C THR A 66 12.12 37.00 32.82
N HIS A 67 12.89 35.96 33.13
CA HIS A 67 14.30 35.94 32.75
C HIS A 67 14.48 35.76 31.25
N ILE A 68 13.64 34.95 30.62
CA ILE A 68 13.80 34.70 29.19
C ILE A 68 13.33 35.90 28.37
N CYS A 69 12.39 36.68 28.89
CA CYS A 69 11.93 37.87 28.19
C CYS A 69 12.89 39.04 28.35
N ARG A 70 13.85 38.96 29.26
CA ARG A 70 14.77 40.06 29.50
C ARG A 70 16.21 39.71 29.22
N ASP A 71 16.65 38.49 29.56
CA ASP A 71 18.06 38.13 29.46
C ASP A 71 18.38 37.34 28.21
N VAL A 72 17.67 36.24 27.94
CA VAL A 72 18.02 35.36 26.84
C VAL A 72 17.74 36.03 25.50
N ASN A 73 18.66 35.85 24.56
CA ASN A 73 18.57 36.52 23.27
C ASN A 73 17.47 35.89 22.43
N TYR A 74 16.59 36.73 21.89
CA TYR A 74 15.35 36.41 21.15
C TYR A 74 14.37 35.64 22.00
N GLY A 75 14.43 35.75 23.33
CA GLY A 75 13.45 35.08 24.16
C GLY A 75 12.12 35.79 24.21
N TRP A 76 12.10 37.09 23.98
CA TRP A 76 10.83 37.81 24.03
C TRP A 76 9.98 37.55 22.80
N VAL A 77 10.58 37.34 21.63
CA VAL A 77 9.80 37.07 20.44
C VAL A 77 9.29 35.63 20.45
N ILE A 78 10.06 34.71 21.02
CA ILE A 78 9.67 33.30 21.03
C ILE A 78 8.61 33.03 22.09
N ARG A 79 8.67 33.72 23.23
CA ARG A 79 7.61 33.59 24.22
C ARG A 79 6.27 34.12 23.72
N TYR A 80 6.24 35.28 23.08
CA TYR A 80 4.95 35.81 22.64
C TYR A 80 4.46 35.18 21.34
N LEU A 81 5.33 34.48 20.61
CA LEU A 81 4.87 33.61 19.53
C LEU A 81 4.07 32.44 20.08
N HIS A 82 4.51 31.88 21.21
CA HIS A 82 3.88 30.72 21.80
C HIS A 82 2.53 31.04 22.40
N ALA A 83 2.42 32.17 23.09
CA ALA A 83 1.14 32.55 23.69
C ALA A 83 0.13 32.97 22.62
N ASN A 84 0.59 33.62 21.56
CA ASN A 84 -0.34 34.07 20.54
C ASN A 84 -0.57 33.00 19.48
N GLY A 85 0.36 32.08 19.34
CA GLY A 85 0.16 30.94 18.45
C GLY A 85 -0.89 29.98 18.95
N ALA A 86 -1.13 29.96 20.26
CA ALA A 86 -2.18 29.13 20.82
C ALA A 86 -3.56 29.71 20.60
N SER A 87 -3.69 31.04 20.53
CA SER A 87 -4.96 31.63 20.12
C SER A 87 -5.23 31.39 18.64
N MET A 88 -4.17 31.36 17.83
CA MET A 88 -4.30 31.06 16.42
C MET A 88 -4.76 29.62 16.17
N PHE A 89 -4.28 28.68 17.00
CA PHE A 89 -4.69 27.29 16.90
C PHE A 89 -6.19 27.14 17.19
N PHE A 90 -6.69 27.83 18.20
CA PHE A 90 -8.07 27.64 18.62
C PHE A 90 -9.04 28.38 17.72
N ILE A 91 -8.59 29.38 16.98
CA ILE A 91 -9.54 30.02 16.06
C ILE A 91 -9.66 29.22 14.77
N CYS A 92 -8.58 28.55 14.34
CA CYS A 92 -8.68 27.71 13.15
C CYS A 92 -9.45 26.43 13.44
N LEU A 93 -9.36 25.94 14.69
CA LEU A 93 -10.06 24.73 15.10
C LEU A 93 -11.57 24.93 15.19
N PHE A 94 -12.00 26.14 15.53
CA PHE A 94 -13.44 26.37 15.58
C PHE A 94 -14.02 26.62 14.20
N ILE A 95 -13.22 27.13 13.26
CA ILE A 95 -13.66 27.25 11.87
C ILE A 95 -13.80 25.87 11.24
N HIS A 96 -12.82 25.02 11.48
CA HIS A 96 -12.75 23.64 10.99
C HIS A 96 -13.94 22.78 11.39
N VAL A 97 -14.37 22.87 12.64
CA VAL A 97 -15.48 22.08 13.14
C VAL A 97 -16.79 22.62 12.60
N GLY A 98 -16.93 23.94 12.52
CA GLY A 98 -18.14 24.53 11.97
C GLY A 98 -18.33 24.29 10.49
N ARG A 99 -17.22 24.12 9.75
CA ARG A 99 -17.27 23.71 8.35
C ARG A 99 -17.89 22.33 8.21
N GLY A 100 -17.33 21.34 8.92
CA GLY A 100 -17.78 19.96 8.81
C GLY A 100 -19.21 19.72 9.28
N LEU A 101 -19.73 20.63 10.08
CA LEU A 101 -21.09 20.59 10.57
C LEU A 101 -22.07 21.21 9.58
N TYR A 102 -21.68 22.28 8.90
CA TYR A 102 -22.55 22.93 7.92
C TYR A 102 -22.65 22.11 6.63
N TYR A 103 -21.56 21.48 6.21
CA TYR A 103 -21.55 20.78 4.93
C TYR A 103 -21.75 19.28 5.07
N GLY A 104 -22.06 18.80 6.27
CA GLY A 104 -22.36 17.40 6.48
C GLY A 104 -21.20 16.45 6.41
N SER A 105 -20.00 16.89 6.78
CA SER A 105 -18.82 16.04 6.64
C SER A 105 -18.75 14.96 7.71
N TYR A 106 -19.59 15.02 8.74
CA TYR A 106 -19.63 14.01 9.80
C TYR A 106 -20.08 12.65 9.31
N MET A 107 -20.66 12.55 8.10
CA MET A 107 -20.97 11.28 7.48
C MET A 107 -19.75 10.40 7.19
N PHE A 108 -18.55 10.97 7.17
CA PHE A 108 -17.33 10.16 7.22
C PHE A 108 -17.11 9.79 8.68
N LEU A 109 -17.63 8.61 9.06
CA LEU A 109 -17.82 8.27 10.48
C LEU A 109 -16.50 8.06 11.23
N GLU A 110 -15.54 7.37 10.63
CA GLU A 110 -14.27 7.15 11.31
C GLU A 110 -13.43 8.41 11.36
N THR A 111 -13.59 9.30 10.39
CA THR A 111 -12.86 10.57 10.39
C THR A 111 -13.44 11.55 11.39
N TRP A 112 -14.76 11.52 11.58
CA TRP A 112 -15.40 12.41 12.54
C TRP A 112 -15.15 12.00 13.99
N ASN A 113 -15.01 10.70 14.26
CA ASN A 113 -14.87 10.25 15.63
C ASN A 113 -13.44 10.34 16.14
N ILE A 114 -12.45 10.26 15.25
CA ILE A 114 -11.09 10.61 15.62
C ILE A 114 -10.96 12.11 15.86
N GLY A 115 -11.79 12.91 15.19
CA GLY A 115 -11.75 14.35 15.39
C GLY A 115 -12.26 14.80 16.74
N VAL A 116 -13.30 14.15 17.27
CA VAL A 116 -13.83 14.50 18.57
C VAL A 116 -12.84 14.13 19.67
N VAL A 117 -12.03 13.09 19.47
CA VAL A 117 -10.96 12.76 20.41
C VAL A 117 -9.87 13.83 20.38
N LEU A 118 -9.51 14.30 19.18
CA LEU A 118 -8.48 15.34 19.03
C LEU A 118 -8.90 16.66 19.64
N LEU A 119 -10.21 16.92 19.75
CA LEU A 119 -10.69 18.16 20.34
C LEU A 119 -10.51 18.16 21.86
N PHE A 120 -10.72 17.00 22.51
CA PHE A 120 -10.45 16.87 23.94
C PHE A 120 -8.96 17.00 24.27
N THR A 121 -8.09 16.50 23.41
CA THR A 121 -6.69 16.41 23.77
C THR A 121 -5.97 17.75 23.63
N VAL A 122 -6.45 18.62 22.74
CA VAL A 122 -5.88 19.96 22.65
C VAL A 122 -6.42 20.89 23.73
N MET A 123 -7.63 20.65 24.23
CA MET A 123 -8.18 21.48 25.29
C MET A 123 -7.53 21.19 26.62
N ALA A 124 -7.16 19.94 26.85
CA ALA A 124 -6.46 19.55 28.06
C ALA A 124 -5.00 19.99 28.03
N THR A 125 -4.39 20.00 26.84
CA THR A 125 -3.01 20.44 26.70
C THR A 125 -2.88 21.92 27.01
N ALA A 126 -3.79 22.74 26.47
CA ALA A 126 -3.71 24.19 26.66
C ALA A 126 -4.02 24.59 28.10
N PHE A 127 -4.76 23.76 28.83
CA PHE A 127 -5.00 24.03 30.24
C PHE A 127 -3.74 23.85 31.08
N MET A 128 -2.95 22.81 30.79
CA MET A 128 -1.76 22.54 31.60
C MET A 128 -0.70 23.61 31.39
N GLY A 129 -0.61 24.17 30.19
CA GLY A 129 0.42 25.14 29.90
C GLY A 129 0.17 26.48 30.55
N TYR A 130 -1.09 26.82 30.75
CA TYR A 130 -1.43 28.08 31.39
C TYR A 130 -1.25 28.05 32.91
N VAL A 131 -0.97 26.89 33.49
CA VAL A 131 -0.62 26.77 34.89
C VAL A 131 0.86 27.08 35.12
N LEU A 132 1.70 26.72 34.16
CA LEU A 132 3.16 26.80 34.27
C LEU A 132 3.78 28.17 34.56
N PRO A 133 3.28 29.31 34.05
CA PRO A 133 3.92 30.58 34.45
C PRO A 133 3.68 30.99 35.91
N TRP A 134 2.59 30.52 36.53
CA TRP A 134 2.33 30.60 37.97
C TRP A 134 2.23 32.03 38.49
N GLY A 135 1.32 32.79 37.85
CA GLY A 135 0.91 34.12 38.22
C GLY A 135 -0.45 33.93 38.86
N GLN A 136 -1.30 34.94 39.05
CA GLN A 136 -2.54 34.80 39.87
C GLN A 136 -3.77 34.30 39.14
N MET A 137 -3.62 33.81 37.97
CA MET A 137 -4.66 33.16 37.19
C MET A 137 -4.29 31.73 36.89
N SER A 138 -2.99 31.46 36.84
CA SER A 138 -2.52 30.10 36.92
C SER A 138 -2.83 29.49 38.28
N PHE A 139 -2.85 30.30 39.33
CA PHE A 139 -3.23 29.79 40.64
C PHE A 139 -4.73 29.59 40.75
N TRP A 140 -5.51 30.66 40.58
CA TRP A 140 -6.96 30.55 40.75
C TRP A 140 -7.65 29.90 39.56
N GLY A 141 -6.90 29.45 38.56
CA GLY A 141 -7.45 28.61 37.53
C GLY A 141 -7.26 27.16 37.84
N ALA A 142 -6.14 26.86 38.49
CA ALA A 142 -5.84 25.48 38.87
C ALA A 142 -6.75 25.01 40.00
N THR A 143 -7.07 25.88 40.94
CA THR A 143 -7.85 25.42 42.09
C THR A 143 -9.34 25.30 41.74
N VAL A 144 -9.84 26.11 40.81
CA VAL A 144 -11.24 26.02 40.41
C VAL A 144 -11.51 24.72 39.69
N ILE A 145 -10.56 24.24 38.89
CA ILE A 145 -10.72 22.95 38.23
C ILE A 145 -10.61 21.80 39.23
N THR A 146 -9.65 21.87 40.15
CA THR A 146 -9.41 20.71 41.00
C THR A 146 -10.23 20.68 42.29
N ASN A 147 -11.09 21.66 42.58
CA ASN A 147 -12.13 21.41 43.59
C ASN A 147 -13.43 21.04 42.92
N LEU A 148 -13.54 21.32 41.62
CA LEU A 148 -14.58 20.75 40.78
C LEU A 148 -14.25 19.32 40.41
N LEU A 149 -12.99 18.91 40.55
CA LEU A 149 -12.56 17.56 40.23
C LEU A 149 -12.48 16.72 41.51
N SER A 150 -13.04 17.21 42.60
CA SER A 150 -13.24 16.42 43.80
C SER A 150 -14.70 16.04 43.96
N ALA A 151 -15.53 16.34 42.96
CA ALA A 151 -16.94 16.02 42.96
C ALA A 151 -17.21 14.84 42.04
N ILE A 152 -16.22 13.96 41.90
CA ILE A 152 -16.40 12.66 41.27
C ILE A 152 -16.61 11.64 42.39
N PRO A 153 -17.71 10.88 42.36
CA PRO A 153 -18.27 10.34 43.62
C PRO A 153 -17.42 9.31 44.35
N TYR A 154 -16.61 8.50 43.67
CA TYR A 154 -15.92 7.40 44.33
C TYR A 154 -14.41 7.43 44.19
N ILE A 155 -13.85 8.17 43.25
CA ILE A 155 -12.40 8.16 43.03
C ILE A 155 -11.91 9.60 42.93
N GLY A 156 -12.83 10.57 43.08
CA GLY A 156 -12.55 11.99 42.98
C GLY A 156 -11.44 12.56 43.83
N THR A 157 -11.53 12.39 45.15
CA THR A 157 -10.49 12.90 46.04
C THR A 157 -9.20 12.09 45.96
N ASP A 158 -9.22 10.92 45.31
CA ASP A 158 -8.00 10.18 45.05
C ASP A 158 -7.16 10.86 43.98
N LEU A 159 -7.84 11.52 43.03
CA LEU A 159 -7.19 12.05 41.84
C LEU A 159 -6.73 13.50 42.04
N VAL A 160 -7.30 14.20 43.01
CA VAL A 160 -6.87 15.58 43.25
C VAL A 160 -5.55 15.65 44.00
N GLU A 161 -5.26 14.76 44.95
CA GLU A 161 -3.96 14.76 45.60
C GLU A 161 -2.96 13.84 44.90
N TRP A 162 -3.13 13.62 43.60
CA TRP A 162 -2.10 13.01 42.77
C TRP A 162 -1.39 14.01 41.89
N ILE A 163 -2.09 15.02 41.38
CA ILE A 163 -1.51 15.91 40.38
C ILE A 163 -0.66 17.00 41.00
N TRP A 164 -0.86 17.30 42.29
CA TRP A 164 -0.01 18.28 42.95
C TRP A 164 1.25 17.64 43.53
N GLY A 165 1.53 16.39 43.21
CA GLY A 165 2.65 15.67 43.77
C GLY A 165 2.35 14.98 45.09
N GLY A 166 1.09 14.99 45.52
CA GLY A 166 0.70 14.45 46.80
C GLY A 166 0.05 15.44 47.72
N PHE A 167 0.10 16.73 47.38
CA PHE A 167 0.11 17.81 48.36
C PHE A 167 -0.77 18.98 48.00
N SER A 168 -0.54 20.09 48.54
CA SER A 168 -0.77 21.44 48.06
C SER A 168 0.39 21.83 47.13
N VAL A 169 0.52 23.12 46.80
CA VAL A 169 1.43 23.52 45.72
C VAL A 169 2.85 23.69 46.25
N ASP A 170 3.79 22.96 45.67
CA ASP A 170 5.18 23.00 46.11
C ASP A 170 6.13 22.85 44.93
N LYS A 171 7.40 22.57 45.18
CA LYS A 171 8.38 22.40 44.12
C LYS A 171 8.11 21.20 43.22
N ALA A 172 7.57 20.11 43.77
CA ALA A 172 7.28 18.93 42.97
C ALA A 172 5.87 18.97 42.42
N THR A 173 5.18 20.10 42.58
CA THR A 173 3.81 20.21 42.12
C THR A 173 3.74 20.39 40.61
N LEU A 174 4.51 21.31 40.07
CA LEU A 174 4.42 21.58 38.64
C LEU A 174 5.39 20.72 37.83
N THR A 175 5.92 19.65 38.40
CA THR A 175 6.61 18.69 37.56
C THR A 175 5.64 17.77 36.83
N ARG A 176 4.45 17.52 37.36
CA ARG A 176 3.47 16.65 36.74
C ARG A 176 2.66 17.48 35.75
N PHE A 177 2.32 18.71 36.08
CA PHE A 177 1.68 19.58 35.11
C PHE A 177 2.56 19.78 33.88
N PHE A 178 3.86 19.86 34.08
CA PHE A 178 4.80 20.11 32.98
C PHE A 178 4.99 18.85 32.14
N ALA A 179 4.99 17.68 32.77
CA ALA A 179 5.27 16.45 32.04
C ALA A 179 4.07 16.00 31.20
N PHE A 180 2.84 16.24 31.69
CA PHE A 180 1.66 16.04 30.86
C PHE A 180 1.67 16.99 29.67
N HIS A 181 2.04 18.24 29.91
CA HIS A 181 1.98 19.27 28.88
C HIS A 181 3.06 19.08 27.82
N PHE A 182 4.15 18.42 28.18
CA PHE A 182 5.18 18.05 27.23
C PHE A 182 4.73 16.93 26.30
N ILE A 183 3.98 15.96 26.81
CA ILE A 183 3.81 14.69 26.12
C ILE A 183 2.58 14.69 25.21
N LEU A 184 1.51 15.34 25.63
CA LEU A 184 0.24 15.31 24.89
C LEU A 184 0.29 15.87 23.47
N PRO A 185 1.05 16.98 23.13
CA PRO A 185 1.13 17.39 21.72
C PRO A 185 1.76 16.39 20.75
N PHE A 186 2.50 15.41 21.26
CA PHE A 186 3.07 14.39 20.39
C PHE A 186 2.15 13.19 20.19
N ILE A 187 1.11 13.08 20.99
CA ILE A 187 0.03 12.12 20.79
C ILE A 187 -1.03 12.69 19.84
N ILE A 188 -1.25 14.00 19.90
CA ILE A 188 -2.08 14.76 18.97
C ILE A 188 -1.55 14.59 17.55
N THR A 189 -0.23 14.55 17.39
CA THR A 189 0.38 14.36 16.08
C THR A 189 0.09 12.96 15.52
N ALA A 190 0.13 11.94 16.39
CA ALA A 190 -0.13 10.58 15.95
C ALA A 190 -1.59 10.35 15.62
N LEU A 191 -2.50 10.99 16.35
CA LEU A 191 -3.92 10.91 16.05
C LEU A 191 -4.32 11.67 14.80
N ALA A 192 -3.52 12.64 14.36
CA ALA A 192 -3.83 13.38 13.15
C ALA A 192 -3.33 12.66 11.91
N ALA A 193 -2.35 11.77 12.05
CA ALA A 193 -1.97 10.92 10.93
C ALA A 193 -3.02 9.85 10.65
N VAL A 194 -3.64 9.29 11.69
CA VAL A 194 -4.65 8.26 11.53
C VAL A 194 -5.93 8.88 10.98
N HIS A 195 -6.20 10.11 11.38
CA HIS A 195 -7.27 10.97 10.91
C HIS A 195 -7.29 11.13 9.39
N LEU A 196 -6.12 11.32 8.79
CA LEU A 196 -6.02 11.51 7.36
C LEU A 196 -5.98 10.20 6.60
N LEU A 197 -5.52 9.13 7.26
CA LEU A 197 -5.55 7.80 6.67
C LEU A 197 -6.97 7.30 6.42
N PHE A 198 -7.91 7.66 7.28
CA PHE A 198 -9.30 7.25 7.04
C PHE A 198 -9.99 8.15 6.02
N LEU A 199 -9.52 9.38 5.85
CA LEU A 199 -10.11 10.25 4.83
C LEU A 199 -9.62 9.87 3.43
N HIS A 200 -8.43 9.30 3.32
CA HIS A 200 -7.90 8.84 2.04
C HIS A 200 -8.72 7.72 1.41
N GLU A 201 -9.61 7.08 2.16
CA GLU A 201 -10.45 6.02 1.63
C GLU A 201 -11.61 6.56 0.79
N THR A 202 -12.08 7.76 1.07
CA THR A 202 -13.19 8.33 0.30
C THR A 202 -12.83 9.57 -0.50
N GLY A 203 -11.75 10.28 -0.15
CA GLY A 203 -11.57 11.62 -0.66
C GLY A 203 -12.46 12.62 0.07
N SER A 204 -12.48 13.85 -0.43
CA SER A 204 -13.15 14.94 0.24
C SER A 204 -14.61 15.10 -0.19
N ASN A 205 -15.37 15.70 0.69
CA ASN A 205 -16.68 16.27 0.45
C ASN A 205 -16.50 17.61 -0.28
N ASN A 206 -17.57 18.21 -0.75
CA ASN A 206 -17.52 19.46 -1.50
C ASN A 206 -18.74 20.27 -1.11
N PRO A 207 -18.78 21.61 -1.38
CA PRO A 207 -19.91 22.43 -0.92
C PRO A 207 -21.32 22.07 -1.39
N THR A 208 -21.48 21.29 -2.44
CA THR A 208 -22.81 20.92 -2.89
C THR A 208 -23.38 19.70 -2.15
N GLY A 209 -22.51 18.88 -1.55
CA GLY A 209 -22.92 17.63 -0.96
C GLY A 209 -22.99 16.46 -1.92
N ILE A 210 -22.92 16.71 -3.21
CA ILE A 210 -23.12 15.69 -4.24
C ILE A 210 -21.76 15.12 -4.61
N SER A 211 -21.69 13.81 -4.85
CA SER A 211 -20.45 13.15 -5.21
C SER A 211 -19.90 13.65 -6.54
N SER A 212 -18.56 13.77 -6.62
CA SER A 212 -17.94 14.37 -7.82
C SER A 212 -16.76 13.54 -8.35
N ASP A 213 -16.99 12.27 -8.68
CA ASP A 213 -15.90 11.45 -9.28
C ASP A 213 -15.72 11.86 -10.75
N MET A 214 -16.77 12.39 -11.37
CA MET A 214 -16.71 12.77 -12.81
C MET A 214 -15.95 14.09 -12.97
N ASP A 215 -15.59 14.75 -11.86
CA ASP A 215 -14.95 16.05 -11.98
C ASP A 215 -13.71 16.20 -11.11
N LYS A 216 -12.82 15.23 -11.09
CA LYS A 216 -11.63 15.34 -10.26
C LYS A 216 -10.50 16.08 -11.00
N ILE A 217 -9.64 16.72 -10.21
CA ILE A 217 -8.39 17.31 -10.70
C ILE A 217 -7.25 16.85 -9.79
N PRO A 218 -6.02 16.83 -10.28
CA PRO A 218 -4.91 16.43 -9.39
C PRO A 218 -4.62 17.48 -8.33
N PHE A 219 -4.10 17.01 -7.18
CA PHE A 219 -3.84 17.89 -6.05
C PHE A 219 -2.69 18.84 -6.34
N HIS A 220 -1.66 18.35 -7.00
CA HIS A 220 -0.62 19.23 -7.53
C HIS A 220 -0.88 19.48 -9.01
N PRO A 221 -0.89 20.74 -9.47
CA PRO A 221 -0.49 21.96 -8.77
C PRO A 221 -1.61 22.83 -8.23
N TYR A 222 -2.86 22.38 -8.26
CA TYR A 222 -3.96 23.29 -8.02
C TYR A 222 -4.18 23.61 -6.53
N TYR A 223 -3.99 22.65 -5.63
CA TYR A 223 -4.16 22.92 -4.22
C TYR A 223 -2.85 22.93 -3.46
N THR A 224 -1.73 22.67 -4.11
CA THR A 224 -0.45 22.95 -3.50
C THR A 224 -0.17 24.46 -3.50
N ILE A 225 -0.60 25.18 -4.54
CA ILE A 225 -0.38 26.62 -4.58
C ILE A 225 -1.45 27.37 -3.79
N LYS A 226 -2.64 26.81 -3.65
CA LYS A 226 -3.69 27.48 -2.92
C LYS A 226 -3.51 27.35 -1.42
N ASP A 227 -2.79 26.32 -0.97
CA ASP A 227 -2.54 26.10 0.45
C ASP A 227 -1.32 26.86 0.92
N ILE A 228 -0.33 27.04 0.04
CA ILE A 228 0.84 27.86 0.36
C ILE A 228 0.43 29.32 0.55
N LEU A 229 -0.50 29.78 -0.28
CA LEU A 229 -0.94 31.17 -0.22
C LEU A 229 -1.73 31.45 1.06
N GLY A 230 -2.55 30.50 1.50
CA GLY A 230 -3.30 30.69 2.73
C GLY A 230 -2.43 30.61 3.96
N ALA A 231 -1.33 29.88 3.90
CA ALA A 231 -0.40 29.80 5.02
C ALA A 231 0.40 31.08 5.18
N LEU A 232 0.77 31.73 4.08
CA LEU A 232 1.46 33.01 4.13
C LEU A 232 0.56 34.11 4.65
N PHE A 233 -0.72 34.07 4.30
CA PHE A 233 -1.66 35.03 4.82
C PHE A 233 -1.96 34.81 6.30
N MET A 234 -1.69 33.63 6.83
CA MET A 234 -1.85 33.37 8.25
C MET A 234 -0.63 33.75 9.06
N MET A 235 0.57 33.61 8.50
CA MET A 235 1.78 34.08 9.17
C MET A 235 1.86 35.60 9.20
N LEU A 236 1.17 36.29 8.29
CA LEU A 236 1.08 37.73 8.35
C LEU A 236 0.25 38.20 9.54
N ILE A 237 -0.92 37.60 9.75
CA ILE A 237 -1.84 38.01 10.83
C ILE A 237 -1.24 37.69 12.19
N LEU A 238 -0.51 36.58 12.31
CA LEU A 238 0.09 36.20 13.58
C LEU A 238 1.18 37.18 13.99
N LEU A 239 1.97 37.67 13.03
CA LEU A 239 3.05 38.59 13.35
C LEU A 239 2.56 40.02 13.56
N ILE A 240 1.38 40.37 13.05
CA ILE A 240 0.74 41.63 13.39
C ILE A 240 0.44 41.67 14.89
N LEU A 241 0.07 40.53 15.46
CA LEU A 241 -0.17 40.41 16.88
C LEU A 241 1.10 40.32 17.70
N VAL A 242 2.15 39.64 17.24
CA VAL A 242 3.36 39.53 18.05
C VAL A 242 4.11 40.86 18.07
N LEU A 243 4.12 41.59 16.98
CA LEU A 243 4.96 42.76 16.86
C LEU A 243 4.24 44.09 17.05
N PHE A 244 2.92 44.13 17.02
CA PHE A 244 2.23 45.39 17.22
C PHE A 244 1.24 45.39 18.39
N SER A 245 0.87 44.24 18.93
CA SER A 245 -0.01 44.16 20.10
C SER A 245 0.14 42.85 20.87
N PRO A 246 1.28 42.55 21.48
CA PRO A 246 1.47 41.20 22.03
C PRO A 246 0.68 40.91 23.30
N ASP A 247 0.03 41.91 23.90
CA ASP A 247 -0.72 41.69 25.13
C ASP A 247 -2.22 41.94 24.95
N LEU A 248 -2.70 41.94 23.71
CA LEU A 248 -4.10 42.27 23.45
C LEU A 248 -5.05 41.17 23.91
N LEU A 249 -4.66 39.91 23.75
CA LEU A 249 -5.60 38.82 24.04
C LEU A 249 -5.47 38.31 25.47
N GLY A 250 -4.33 38.53 26.13
CA GLY A 250 -4.13 38.11 27.51
C GLY A 250 -4.83 38.96 28.56
N ASP A 251 -4.53 38.70 29.84
CA ASP A 251 -5.05 39.47 30.97
C ASP A 251 -3.89 40.07 31.77
N PRO A 252 -4.02 41.31 32.25
CA PRO A 252 -2.94 41.93 33.04
C PRO A 252 -2.68 41.26 34.38
N ASP A 253 -3.67 40.60 34.95
CA ASP A 253 -3.57 40.04 36.30
C ASP A 253 -2.60 38.86 36.40
N ASN A 254 -2.15 38.30 35.29
CA ASN A 254 -1.17 37.24 35.27
C ASN A 254 0.26 37.76 35.28
N TYR A 255 0.46 39.06 35.44
CA TYR A 255 1.79 39.61 35.66
C TYR A 255 2.06 39.89 37.13
N THR A 256 1.15 39.47 38.00
CA THR A 256 1.36 39.46 39.44
C THR A 256 1.63 38.04 39.86
N PRO A 257 2.68 37.75 40.65
CA PRO A 257 2.97 36.36 41.03
C PRO A 257 1.89 35.73 41.89
N ALA A 258 1.83 34.42 41.94
CA ALA A 258 0.74 33.75 42.68
C ALA A 258 0.90 33.94 44.18
N ASN A 259 -0.18 34.38 44.83
CA ASN A 259 -0.24 34.61 46.29
C ASN A 259 -1.55 34.11 46.89
N PRO A 260 -1.54 32.98 47.63
CA PRO A 260 -2.74 32.51 48.32
C PRO A 260 -3.28 33.58 49.27
N LEU A 261 -2.38 34.30 49.94
CA LEU A 261 -2.79 35.45 50.76
C LEU A 261 -3.33 36.68 50.02
N ASN A 262 -2.92 37.05 48.81
CA ASN A 262 -3.54 38.31 48.25
C ASN A 262 -4.90 38.00 47.59
N THR A 263 -5.46 38.93 46.80
CA THR A 263 -6.78 38.67 46.25
C THR A 263 -6.90 39.21 44.82
N PRO A 264 -7.37 38.41 43.87
CA PRO A 264 -7.60 38.93 42.52
C PRO A 264 -9.01 39.45 42.38
N PRO A 265 -9.20 40.58 41.69
CA PRO A 265 -10.53 41.20 41.64
C PRO A 265 -11.55 40.42 40.82
N HIS A 266 -11.10 39.55 39.91
CA HIS A 266 -12.02 38.75 39.11
C HIS A 266 -11.30 37.49 38.67
N ILE A 267 -12.08 36.53 38.18
CA ILE A 267 -11.57 35.26 37.69
C ILE A 267 -12.00 35.15 36.23
N LYS A 268 -11.05 35.33 35.32
CA LYS A 268 -11.35 35.29 33.90
C LYS A 268 -10.36 34.40 33.18
N PRO A 269 -10.78 33.26 32.62
CA PRO A 269 -9.89 32.44 31.81
C PRO A 269 -9.56 33.05 30.45
N GLU A 270 -8.84 32.30 29.62
CA GLU A 270 -8.60 32.71 28.25
C GLU A 270 -9.90 32.70 27.45
N TRP A 271 -9.92 33.44 26.34
CA TRP A 271 -11.15 33.68 25.59
C TRP A 271 -11.74 32.39 25.01
N TYR A 272 -10.92 31.39 24.75
CA TYR A 272 -11.39 30.17 24.12
C TYR A 272 -11.84 29.12 25.12
N PHE A 273 -11.82 29.44 26.42
CA PHE A 273 -12.42 28.59 27.44
C PHE A 273 -13.60 29.26 28.10
N LEU A 274 -13.98 30.46 27.64
CA LEU A 274 -15.00 31.26 28.31
C LEU A 274 -16.41 30.74 28.07
N PHE A 275 -16.64 29.97 27.02
CA PHE A 275 -17.96 29.44 26.73
C PHE A 275 -18.28 28.25 27.62
N ALA A 276 -17.26 27.45 27.95
CA ALA A 276 -17.46 26.30 28.82
C ALA A 276 -17.64 26.74 30.26
N TYR A 277 -16.94 27.81 30.65
CA TYR A 277 -17.05 28.37 31.98
C TYR A 277 -18.43 28.95 32.25
N ALA A 278 -19.12 29.44 31.21
CA ALA A 278 -20.45 29.99 31.42
C ALA A 278 -21.50 28.91 31.61
N ILE A 279 -21.26 27.71 31.08
CA ILE A 279 -22.17 26.59 31.27
C ILE A 279 -22.01 26.00 32.66
N LEU A 280 -20.79 26.03 33.21
CA LEU A 280 -20.51 25.54 34.56
C LEU A 280 -21.27 26.34 35.62
N ARG A 281 -21.19 27.67 35.53
CA ARG A 281 -21.71 28.53 36.58
C ARG A 281 -23.22 28.70 36.51
N SER A 282 -23.86 28.05 35.56
CA SER A 282 -25.31 28.04 35.48
C SER A 282 -25.95 26.84 36.15
N ILE A 283 -25.15 25.91 36.66
CA ILE A 283 -25.66 24.71 37.32
C ILE A 283 -25.36 24.81 38.80
N PRO A 284 -26.36 25.00 39.67
CA PRO A 284 -26.10 25.05 41.11
C PRO A 284 -25.94 23.65 41.69
N ASN A 285 -24.78 23.04 41.42
CA ASN A 285 -24.38 21.71 41.83
C ASN A 285 -22.95 21.55 41.38
N LYS A 286 -22.20 20.59 41.90
CA LYS A 286 -20.84 20.41 41.41
C LYS A 286 -20.62 19.06 40.75
N LEU A 287 -21.61 18.18 40.82
CA LEU A 287 -21.62 17.00 39.96
C LEU A 287 -22.34 17.26 38.65
N GLY A 288 -23.41 18.04 38.66
CA GLY A 288 -24.12 18.41 37.46
C GLY A 288 -23.47 19.50 36.66
N GLY A 289 -22.39 20.09 37.19
CA GLY A 289 -21.65 21.09 36.47
C GLY A 289 -20.58 20.47 35.61
N VAL A 290 -19.84 19.51 36.18
CA VAL A 290 -18.79 18.82 35.44
C VAL A 290 -19.40 17.87 34.43
N LEU A 291 -20.65 17.46 34.61
CA LEU A 291 -21.33 16.63 33.64
C LEU A 291 -21.72 17.42 32.40
N ALA A 292 -22.34 18.59 32.61
CA ALA A 292 -22.76 19.44 31.51
C ALA A 292 -21.60 20.11 30.77
N LEU A 293 -20.42 20.17 31.38
CA LEU A 293 -19.24 20.64 30.67
C LEU A 293 -18.69 19.59 29.72
N VAL A 294 -18.70 18.33 30.13
CA VAL A 294 -18.21 17.24 29.30
C VAL A 294 -19.24 16.84 28.24
N ALA A 295 -20.53 17.05 28.51
CA ALA A 295 -21.57 16.76 27.54
C ALA A 295 -21.71 17.83 26.46
N SER A 296 -20.97 18.93 26.54
CA SER A 296 -21.04 19.94 25.50
C SER A 296 -20.00 19.75 24.40
N ILE A 297 -19.01 18.87 24.62
CA ILE A 297 -18.08 18.47 23.58
C ILE A 297 -18.52 17.10 23.06
N LEU A 298 -19.05 16.27 23.93
CA LEU A 298 -19.46 14.91 23.56
C LEU A 298 -20.78 14.85 22.80
N ILE A 299 -21.48 15.97 22.63
CA ILE A 299 -22.69 15.98 21.83
C ILE A 299 -22.38 15.97 20.34
N LEU A 300 -21.13 16.22 19.96
CA LEU A 300 -20.73 16.20 18.55
C LEU A 300 -20.80 14.78 17.99
N ILE A 301 -20.63 13.78 18.83
CA ILE A 301 -20.58 12.41 18.37
C ILE A 301 -21.98 11.84 18.08
N LEU A 302 -23.03 12.56 18.42
CA LEU A 302 -24.39 12.17 18.08
C LEU A 302 -24.89 12.78 16.77
N MET A 303 -24.12 13.65 16.14
CA MET A 303 -24.52 14.27 14.87
C MET A 303 -24.77 13.29 13.71
N PRO A 304 -24.04 12.18 13.53
CA PRO A 304 -24.43 11.24 12.46
C PRO A 304 -25.82 10.60 12.60
N MET A 305 -26.29 10.30 13.81
CA MET A 305 -27.58 9.63 13.96
C MET A 305 -28.73 10.58 14.19
N LEU A 306 -28.46 11.87 14.35
CA LEU A 306 -29.52 12.85 14.43
C LEU A 306 -29.90 13.43 13.06
N HIS A 307 -29.27 12.95 11.99
CA HIS A 307 -29.47 13.50 10.65
C HIS A 307 -30.70 12.87 10.00
N THR A 308 -31.72 13.68 9.75
CA THR A 308 -32.98 13.22 9.20
C THR A 308 -33.32 13.82 7.84
N SER A 309 -32.41 14.58 7.25
CA SER A 309 -32.66 15.19 5.95
C SER A 309 -32.25 14.25 4.81
N LYS A 310 -32.88 14.45 3.65
CA LYS A 310 -32.58 13.67 2.46
C LYS A 310 -31.27 14.10 1.79
N GLN A 311 -30.82 15.33 2.03
CA GLN A 311 -29.64 15.91 1.43
C GLN A 311 -28.49 15.97 2.42
N ARG A 312 -27.26 16.07 1.92
CA ARG A 312 -26.09 15.99 2.79
C ARG A 312 -25.67 17.34 3.37
N SER A 313 -25.67 18.42 2.59
CA SER A 313 -25.13 19.70 3.06
C SER A 313 -26.26 20.71 3.19
N MET A 314 -25.92 21.87 3.76
CA MET A 314 -26.90 22.91 4.03
C MET A 314 -27.04 23.94 2.93
N MET A 315 -26.34 23.80 1.81
CA MET A 315 -26.38 24.73 0.68
C MET A 315 -27.79 24.92 0.12
N PHE A 316 -28.59 23.86 0.05
CA PHE A 316 -29.92 23.95 -0.51
C PHE A 316 -31.02 23.89 0.54
N ARG A 317 -30.69 24.05 1.81
CA ARG A 317 -31.65 23.99 2.92
C ARG A 317 -31.75 25.33 3.66
N PRO A 318 -32.66 26.22 3.26
CA PRO A 318 -32.66 27.57 3.84
C PRO A 318 -33.15 27.67 5.28
N LEU A 319 -33.96 26.72 5.77
CA LEU A 319 -34.39 26.78 7.17
C LEU A 319 -33.36 26.21 8.12
N SER A 320 -32.57 25.24 7.66
CA SER A 320 -31.46 24.75 8.47
C SER A 320 -30.34 25.76 8.58
N GLN A 321 -30.31 26.83 7.86
CA GLN A 321 -29.19 27.80 7.80
C GLN A 321 -29.56 28.92 8.79
N CYS A 322 -30.82 29.15 8.98
CA CYS A 322 -31.20 30.06 10.05
C CYS A 322 -30.90 29.49 11.42
N LEU A 323 -30.98 28.16 11.56
CA LEU A 323 -30.66 27.52 12.82
C LEU A 323 -29.16 27.36 13.03
N PHE A 324 -28.39 27.30 11.94
CA PHE A 324 -26.93 27.17 12.08
C PHE A 324 -26.32 28.44 12.65
N TRP A 325 -26.82 29.61 12.24
CA TRP A 325 -26.25 30.86 12.73
C TRP A 325 -26.96 31.38 13.97
N MET A 326 -28.10 30.79 14.34
CA MET A 326 -28.57 30.96 15.71
C MET A 326 -27.68 30.26 16.70
N LEU A 327 -27.04 29.16 16.30
CA LEU A 327 -26.13 28.44 17.18
C LEU A 327 -24.78 29.13 17.31
N VAL A 328 -24.31 29.82 16.27
CA VAL A 328 -23.06 30.55 16.34
C VAL A 328 -23.24 31.81 17.17
N ALA A 329 -24.37 32.50 17.00
CA ALA A 329 -24.69 33.68 17.81
C ALA A 329 -25.03 33.34 19.25
N ASP A 330 -25.19 32.06 19.58
CA ASP A 330 -25.36 31.60 20.95
C ASP A 330 -24.06 31.24 21.64
N LEU A 331 -23.04 30.87 20.87
CA LEU A 331 -21.70 30.68 21.44
C LEU A 331 -20.96 32.00 21.62
N ILE A 332 -21.38 33.05 20.91
CA ILE A 332 -20.85 34.39 21.15
C ILE A 332 -21.44 34.95 22.43
N THR A 333 -22.72 34.67 22.70
CA THR A 333 -23.37 35.09 23.93
C THR A 333 -22.73 34.43 25.15
N LEU A 334 -22.42 33.15 25.05
CA LEU A 334 -21.80 32.43 26.14
C LEU A 334 -20.34 32.81 26.36
N THR A 335 -19.68 33.40 25.38
CA THR A 335 -18.32 33.88 25.58
C THR A 335 -18.31 35.21 26.32
N TRP A 336 -19.30 36.07 26.03
CA TRP A 336 -19.44 37.34 26.72
C TRP A 336 -19.84 37.17 28.17
N ILE A 337 -20.79 36.27 28.43
CA ILE A 337 -21.30 36.02 29.79
C ILE A 337 -20.21 35.40 30.66
N GLY A 338 -19.34 34.59 30.09
CA GLY A 338 -18.27 33.96 30.85
C GLY A 338 -17.20 34.91 31.35
N GLY A 339 -17.13 36.13 30.82
CA GLY A 339 -16.19 37.11 31.30
C GLY A 339 -16.82 38.23 32.11
N GLN A 340 -18.05 38.07 32.54
CA GLN A 340 -18.78 39.02 33.35
C GLN A 340 -18.88 38.53 34.78
N PRO A 341 -19.08 39.41 35.75
CA PRO A 341 -19.29 38.95 37.13
C PRO A 341 -20.70 38.42 37.35
N VAL A 342 -20.86 37.68 38.43
CA VAL A 342 -22.10 36.94 38.68
C VAL A 342 -23.11 37.80 39.43
N GLU A 343 -23.84 38.64 38.71
CA GLU A 343 -24.95 39.40 39.27
C GLU A 343 -26.20 39.18 38.45
N HIS A 344 -27.23 39.98 38.71
CA HIS A 344 -28.59 39.72 38.26
C HIS A 344 -28.84 39.61 36.76
N PRO A 345 -28.40 40.54 35.89
CA PRO A 345 -28.73 40.34 34.47
C PRO A 345 -27.94 39.20 33.86
N PHE A 346 -26.70 38.99 34.28
CA PHE A 346 -25.87 38.00 33.65
C PHE A 346 -26.03 36.62 34.25
N ILE A 347 -27.07 36.38 35.04
CA ILE A 347 -27.30 35.07 35.65
C ILE A 347 -28.49 34.36 35.00
N ILE A 348 -29.45 35.11 34.49
CA ILE A 348 -30.58 34.49 33.80
C ILE A 348 -30.29 34.35 32.31
N ILE A 349 -29.53 35.30 31.76
CA ILE A 349 -29.07 35.25 30.37
C ILE A 349 -28.10 34.09 30.19
N GLY A 350 -27.30 33.81 31.20
CA GLY A 350 -26.35 32.72 31.12
C GLY A 350 -26.97 31.33 31.15
N GLN A 351 -28.11 31.16 31.84
CA GLN A 351 -28.70 29.83 31.88
C GLN A 351 -29.78 29.65 30.82
N LEU A 352 -30.37 30.72 30.32
CA LEU A 352 -31.26 30.61 29.18
C LEU A 352 -30.50 30.40 27.86
N ALA A 353 -29.20 30.65 27.84
CA ALA A 353 -28.37 30.35 26.69
C ALA A 353 -27.63 29.04 26.80
N SER A 354 -27.58 28.44 27.99
CA SER A 354 -27.08 27.08 28.11
C SER A 354 -28.15 26.08 27.72
N ILE A 355 -29.43 26.43 27.90
CA ILE A 355 -30.53 25.59 27.45
C ILE A 355 -30.65 25.62 25.94
N LEU A 356 -30.43 26.79 25.33
CA LEU A 356 -30.60 26.94 23.89
C LEU A 356 -29.50 26.22 23.10
N TYR A 357 -28.34 26.00 23.69
CA TYR A 357 -27.29 25.26 23.01
C TYR A 357 -27.64 23.79 22.86
N PHE A 358 -28.37 23.21 23.82
CA PHE A 358 -28.77 21.82 23.72
C PHE A 358 -30.12 21.64 23.04
N LEU A 359 -30.98 22.66 23.05
CA LEU A 359 -32.26 22.58 22.38
C LEU A 359 -32.15 22.67 20.86
N ILE A 360 -31.12 23.32 20.34
CA ILE A 360 -30.97 23.47 18.90
C ILE A 360 -30.39 22.19 18.29
N ILE A 361 -29.38 21.62 18.93
CA ILE A 361 -28.70 20.44 18.40
C ILE A 361 -29.58 19.20 18.51
N LEU A 362 -30.27 19.04 19.64
CA LEU A 362 -30.98 17.80 19.92
C LEU A 362 -32.43 17.77 19.48
N VAL A 363 -33.10 18.91 19.37
CA VAL A 363 -34.53 18.90 19.15
C VAL A 363 -34.91 19.68 17.91
N LEU A 364 -34.46 20.94 17.81
CA LEU A 364 -34.96 21.82 16.76
C LEU A 364 -34.36 21.49 15.41
N MET A 365 -33.11 21.02 15.37
CA MET A 365 -32.52 20.67 14.08
C MET A 365 -33.13 19.39 13.48
N PRO A 366 -33.29 18.26 14.19
CA PRO A 366 -33.92 17.10 13.54
C PRO A 366 -35.38 17.26 13.16
N ILE A 367 -36.12 18.17 13.78
CA ILE A 367 -37.51 18.41 13.40
C ILE A 367 -37.60 19.31 12.16
N THR A 368 -36.66 20.23 12.02
CA THR A 368 -36.68 21.17 10.90
C THR A 368 -36.29 20.48 9.59
N SER A 369 -35.42 19.47 9.65
CA SER A 369 -35.07 18.72 8.46
C SER A 369 -36.20 17.86 7.93
N ILE A 370 -37.15 17.47 8.79
CA ILE A 370 -38.26 16.65 8.37
C ILE A 370 -39.35 17.49 7.72
N ILE A 371 -39.52 18.72 8.18
CA ILE A 371 -40.41 19.70 7.56
C ILE A 371 -39.93 20.06 6.16
N GLU A 372 -38.61 20.12 5.95
CA GLU A 372 -38.05 20.42 4.64
C GLU A 372 -38.23 19.25 3.67
N ASN A 373 -38.11 18.01 4.15
CA ASN A 373 -38.36 16.82 3.35
C ASN A 373 -39.79 16.78 2.84
N ASN A 374 -40.72 17.20 3.68
CA ASN A 374 -42.14 17.16 3.36
C ASN A 374 -42.57 18.26 2.42
N LEU A 375 -41.88 19.41 2.42
CA LEU A 375 -42.15 20.48 1.47
C LEU A 375 -41.52 20.21 0.10
N LEU A 376 -40.61 19.27 -0.02
CA LEU A 376 -40.08 18.85 -1.31
C LEU A 376 -40.69 17.55 -1.81
N LYS A 377 -41.64 16.98 -1.06
CA LYS A 377 -42.20 15.64 -1.27
C LYS A 377 -41.11 14.57 -1.34
N TRP A 378 -40.25 14.56 -0.31
CA TRP A 378 -38.96 13.83 -0.12
C TRP A 378 -37.72 14.25 -0.94
N THR B 1 -20.83 48.85 47.87
CA THR B 1 -21.63 50.03 47.56
C THR B 1 -20.89 50.92 46.57
N ASP B 2 -19.73 51.43 46.99
CA ASP B 2 -18.93 52.29 46.13
C ASP B 2 -18.31 51.48 44.98
N LEU B 3 -17.82 52.19 43.98
CA LEU B 3 -17.71 51.62 42.64
C LEU B 3 -16.49 52.11 41.87
N GLU B 4 -16.49 51.90 40.55
CA GLU B 4 -15.33 52.10 39.70
C GLU B 4 -15.27 53.52 39.15
N LEU B 5 -14.05 54.00 38.95
CA LEU B 5 -13.77 55.13 38.08
C LEU B 5 -12.56 54.77 37.23
N HIS B 6 -12.70 54.88 35.92
CA HIS B 6 -11.67 54.44 35.00
C HIS B 6 -10.93 55.64 34.44
N ALA B 7 -9.61 55.49 34.31
CA ALA B 7 -8.69 56.51 33.84
C ALA B 7 -9.00 56.95 32.41
N PRO B 8 -8.86 58.23 32.09
CA PRO B 8 -9.03 58.65 30.69
C PRO B 8 -7.79 58.35 29.88
N SER B 9 -7.84 58.59 28.57
CA SER B 9 -6.74 58.25 27.69
C SER B 9 -5.96 59.50 27.30
N TYR B 10 -4.67 59.49 27.59
CA TYR B 10 -3.76 60.59 27.37
C TYR B 10 -2.96 60.37 26.08
N PRO B 11 -2.62 61.44 25.35
CA PRO B 11 -1.84 61.27 24.12
C PRO B 11 -0.35 61.13 24.35
N TRP B 12 0.09 59.97 24.82
CA TRP B 12 1.52 59.73 25.00
C TRP B 12 2.20 59.68 23.64
N SER B 13 3.49 60.01 23.62
CA SER B 13 4.20 60.07 22.36
C SER B 13 4.67 58.71 21.87
N HIS B 14 4.24 57.63 22.51
CA HIS B 14 4.55 56.29 22.05
C HIS B 14 3.29 55.49 21.78
N ARG B 15 2.13 56.14 21.63
CA ARG B 15 0.86 55.48 21.35
C ARG B 15 0.61 55.29 19.87
N GLY B 16 1.62 55.45 19.03
CA GLY B 16 1.42 55.22 17.62
C GLY B 16 1.85 53.81 17.25
N LEU B 17 1.49 53.37 16.05
CA LEU B 17 1.84 52.01 15.64
C LEU B 17 3.33 51.88 15.38
N LEU B 18 3.98 52.97 15.00
CA LEU B 18 5.43 52.98 14.78
C LEU B 18 6.14 54.00 15.64
N SER B 19 5.49 54.56 16.66
CA SER B 19 6.06 55.61 17.48
C SER B 19 6.95 55.06 18.57
N SER B 20 8.14 55.63 18.71
CA SER B 20 9.12 55.19 19.70
C SER B 20 8.87 55.84 21.05
N LEU B 21 9.69 55.44 22.04
CA LEU B 21 9.73 56.13 23.33
C LEU B 21 10.73 57.27 23.27
N ASP B 22 10.41 58.36 23.96
CA ASP B 22 11.32 59.49 24.09
C ASP B 22 12.43 59.15 25.09
N HIS B 23 13.67 59.05 24.61
CA HIS B 23 14.76 58.59 25.46
C HIS B 23 15.34 59.67 26.36
N THR B 24 14.84 60.91 26.28
CA THR B 24 15.17 61.94 27.24
C THR B 24 14.20 61.94 28.42
N SER B 25 12.92 61.66 28.17
CA SER B 25 11.95 61.51 29.25
C SER B 25 12.11 60.20 30.02
N ILE B 26 12.83 59.22 29.48
CA ILE B 26 13.23 58.07 30.27
C ILE B 26 14.34 58.47 31.25
N ARG B 27 15.27 59.31 30.79
CA ARG B 27 16.41 59.74 31.59
C ARG B 27 15.97 60.56 32.80
N ARG B 28 14.99 61.42 32.63
CA ARG B 28 14.48 62.22 33.74
C ARG B 28 13.59 61.39 34.66
N GLY B 29 13.19 60.21 34.22
CA GLY B 29 12.28 59.39 35.00
C GLY B 29 13.00 58.42 35.90
N PHE B 30 14.23 58.07 35.54
CA PHE B 30 15.05 57.26 36.43
C PHE B 30 15.44 58.02 37.69
N GLN B 31 15.63 59.33 37.61
CA GLN B 31 16.02 60.13 38.75
C GLN B 31 14.87 60.39 39.70
N VAL B 32 13.63 60.30 39.22
CA VAL B 32 12.49 60.46 40.10
C VAL B 32 12.29 59.12 40.81
N TYR B 33 12.68 58.03 40.18
CA TYR B 33 12.64 56.73 40.84
C TYR B 33 13.70 56.61 41.91
N LYS B 34 14.89 57.15 41.67
CA LYS B 34 16.04 56.84 42.51
C LYS B 34 16.09 57.80 43.68
N GLN B 35 15.18 58.78 43.72
CA GLN B 35 15.21 59.79 44.78
C GLN B 35 13.85 60.09 45.40
N VAL B 36 12.75 59.61 44.83
CA VAL B 36 11.45 59.82 45.48
C VAL B 36 10.88 58.50 45.98
N CYS B 37 10.73 57.53 45.09
CA CYS B 37 10.57 56.14 45.52
C CYS B 37 11.95 55.52 45.64
N SER B 38 12.00 54.19 45.72
CA SER B 38 13.13 53.34 46.14
C SER B 38 13.45 53.53 47.62
N SER B 39 12.63 54.32 48.31
CA SER B 39 12.53 54.33 49.75
C SER B 39 11.31 53.56 50.21
N CYS B 40 10.45 53.16 49.28
CA CYS B 40 9.29 52.33 49.56
C CYS B 40 9.15 51.15 48.60
N HIS B 41 9.78 51.16 47.43
CA HIS B 41 9.42 50.25 46.34
C HIS B 41 10.65 49.54 45.81
N SER B 42 10.49 48.27 45.43
CA SER B 42 11.56 47.51 44.82
C SER B 42 11.47 47.59 43.29
N MET B 43 12.59 47.24 42.64
CA MET B 43 12.64 47.04 41.19
C MET B 43 13.50 45.81 40.87
N ASP B 44 13.09 44.66 41.41
CA ASP B 44 13.86 43.42 41.50
C ASP B 44 14.43 42.89 40.18
N TYR B 45 13.90 43.25 39.03
CA TYR B 45 14.31 42.62 37.77
C TYR B 45 15.20 43.50 36.89
N VAL B 46 15.40 44.76 37.25
CA VAL B 46 16.17 45.69 36.43
C VAL B 46 17.52 45.93 37.08
N ALA B 47 18.59 45.86 36.29
CA ALA B 47 19.95 46.08 36.75
C ALA B 47 20.47 47.41 36.21
N TYR B 48 21.73 47.71 36.52
CA TYR B 48 22.34 48.96 36.05
C TYR B 48 22.83 48.84 34.61
N ARG B 49 23.18 47.63 34.18
CA ARG B 49 23.62 47.43 32.81
C ARG B 49 22.48 47.49 31.80
N HIS B 50 21.23 47.42 32.24
CA HIS B 50 20.06 47.56 31.39
C HIS B 50 19.84 49.00 30.92
N LEU B 51 20.61 49.94 31.46
CA LEU B 51 20.51 51.36 31.12
C LEU B 51 21.77 51.85 30.42
N VAL B 52 22.27 51.11 29.44
CA VAL B 52 23.43 51.53 28.65
C VAL B 52 22.99 51.52 27.18
N GLY B 53 22.78 52.70 26.63
CA GLY B 53 22.24 52.81 25.29
C GLY B 53 20.77 53.14 25.25
N VAL B 54 20.07 53.11 26.38
CA VAL B 54 18.73 53.63 26.49
C VAL B 54 18.73 55.05 27.00
N CYS B 55 19.51 55.36 28.05
CA CYS B 55 19.45 56.74 28.64
C CYS B 55 20.79 57.20 29.22
N TYR B 56 21.80 56.39 29.33
CA TYR B 56 23.04 56.78 30.05
C TYR B 56 24.19 56.23 29.33
N THR B 57 25.33 56.94 29.33
CA THR B 57 26.56 56.37 28.72
C THR B 57 27.12 55.33 29.70
N GLU B 58 27.74 54.27 29.20
CA GLU B 58 28.27 53.19 30.09
C GLU B 58 29.01 53.81 31.27
N GLU B 59 29.86 54.80 31.01
CA GLU B 59 30.63 55.48 32.10
C GLU B 59 29.64 56.20 33.03
N GLU B 60 28.81 57.09 32.46
CA GLU B 60 27.84 57.82 33.26
C GLU B 60 27.01 56.83 34.07
N ALA B 61 26.91 55.59 33.60
CA ALA B 61 26.18 54.55 34.29
C ALA B 61 27.01 53.82 35.33
N LYS B 62 28.31 53.69 35.09
CA LYS B 62 29.18 53.14 36.11
C LYS B 62 29.50 54.17 37.18
N ALA B 63 29.30 55.46 36.90
CA ALA B 63 29.44 56.49 37.93
C ALA B 63 28.29 56.41 38.94
N LEU B 64 27.10 56.04 38.47
CA LEU B 64 26.07 55.58 39.38
C LEU B 64 26.39 54.14 39.76
N ALA B 65 25.81 53.67 40.88
CA ALA B 65 26.08 52.42 41.60
C ALA B 65 27.44 52.40 42.30
N GLU B 66 28.25 53.45 42.11
CA GLU B 66 29.29 53.78 43.06
C GLU B 66 28.66 54.34 44.32
N GLU B 67 27.50 54.97 44.15
CA GLU B 67 26.83 55.75 45.17
C GLU B 67 26.28 54.90 46.31
N VAL B 68 26.14 53.60 46.07
CA VAL B 68 25.60 52.67 47.07
C VAL B 68 26.59 51.52 47.22
N GLU B 69 26.98 51.23 48.46
CA GLU B 69 27.70 50.00 48.73
C GLU B 69 26.76 48.94 49.26
N VAL B 70 27.01 47.70 48.82
CA VAL B 70 26.06 46.59 48.99
C VAL B 70 26.84 45.41 49.55
N GLN B 71 26.20 44.68 50.47
CA GLN B 71 26.74 43.43 51.02
C GLN B 71 27.05 42.41 49.93
N ASP B 72 28.13 41.68 50.12
CA ASP B 72 28.43 40.48 49.36
C ASP B 72 28.76 39.37 50.33
N GLY B 73 29.03 38.19 49.78
CA GLY B 73 29.12 36.98 50.56
C GLY B 73 30.37 36.84 51.41
N PRO B 74 30.55 35.67 52.01
CA PRO B 74 31.68 35.45 52.91
C PRO B 74 32.94 35.10 52.12
N ASN B 75 34.08 35.61 52.58
CA ASN B 75 35.39 35.37 51.98
C ASN B 75 36.35 35.01 53.11
N GLU B 76 37.53 34.49 52.78
CA GLU B 76 38.41 33.95 53.83
C GLU B 76 39.14 35.05 54.58
N ASP B 77 39.10 34.97 55.92
CA ASP B 77 39.67 36.04 56.80
C ASP B 77 38.64 37.16 56.85
N GLY B 78 37.42 36.89 56.36
CA GLY B 78 36.32 37.87 56.42
C GLY B 78 35.04 37.17 56.83
N GLU B 79 33.87 37.91 56.94
CA GLU B 79 32.58 37.17 57.04
C GLU B 79 31.52 37.89 56.21
N MET B 80 31.42 39.20 56.24
CA MET B 80 30.40 39.95 55.43
C MET B 80 31.01 41.18 54.74
N PHE B 81 31.86 40.99 53.75
CA PHE B 81 32.55 42.16 53.16
C PHE B 81 31.55 43.21 52.66
N MET B 82 31.94 44.49 52.56
CA MET B 82 31.07 45.38 51.81
C MET B 82 31.92 46.06 50.76
N ARG B 83 31.26 46.46 49.66
CA ARG B 83 31.99 46.91 48.49
C ARG B 83 31.08 47.78 47.63
N PRO B 84 31.64 48.68 46.82
CA PRO B 84 30.80 49.46 45.90
C PRO B 84 30.19 48.60 44.82
N GLY B 85 29.05 49.04 44.30
CA GLY B 85 28.29 48.23 43.37
C GLY B 85 28.93 48.19 42.00
N LYS B 86 28.78 47.05 41.33
CA LYS B 86 29.30 46.83 39.99
C LYS B 86 28.21 47.15 38.97
N LEU B 87 28.47 46.81 37.69
CA LEU B 87 27.46 46.96 36.65
C LEU B 87 26.44 45.82 36.65
N SER B 88 26.77 44.69 37.24
CA SER B 88 25.92 43.50 37.21
C SER B 88 24.98 43.44 38.40
N ASP B 89 24.74 44.55 39.08
CA ASP B 89 23.94 44.53 40.28
C ASP B 89 22.54 45.02 39.97
N TYR B 90 21.56 44.42 40.63
CA TYR B 90 20.20 44.87 40.47
C TYR B 90 19.97 46.10 41.35
N PHE B 91 18.82 46.72 41.18
CA PHE B 91 18.54 47.95 41.92
C PHE B 91 18.31 47.62 43.38
N PRO B 92 18.87 48.37 44.37
CA PRO B 92 18.75 47.98 45.78
C PRO B 92 17.30 47.96 46.29
N LYS B 93 16.99 47.00 47.16
CA LYS B 93 15.63 46.88 47.76
C LYS B 93 15.39 47.95 48.83
N PRO B 94 14.20 48.61 48.91
CA PRO B 94 13.95 49.71 49.85
C PRO B 94 14.01 49.24 51.31
N TYR B 95 12.89 48.74 51.82
CA TYR B 95 12.77 48.32 53.24
C TYR B 95 13.55 47.14 53.56
N PRO B 96 14.76 47.28 54.17
CA PRO B 96 15.56 46.08 54.34
C PRO B 96 14.79 45.06 55.20
N ASN B 97 15.05 43.78 54.97
CA ASN B 97 14.30 42.73 55.66
C ASN B 97 12.88 42.77 55.13
N PRO B 98 12.23 41.63 54.86
CA PRO B 98 10.97 41.71 54.18
C PRO B 98 9.56 41.59 54.69
N GLU B 99 8.62 41.94 53.80
CA GLU B 99 7.19 41.77 54.00
C GLU B 99 6.71 42.57 55.18
N ALA B 100 7.19 42.15 56.25
CA ALA B 100 6.90 42.71 57.58
C ALA B 100 7.49 44.10 57.41
N ALA B 101 7.49 44.55 56.13
CA ALA B 101 7.85 45.92 55.82
C ALA B 101 6.54 46.68 55.90
N ARG B 102 5.47 46.04 56.40
CA ARG B 102 4.12 46.64 56.52
C ARG B 102 4.05 47.61 57.71
N ALA B 103 4.97 47.49 58.66
CA ALA B 103 5.01 48.41 59.82
C ALA B 103 5.35 49.83 59.40
N ALA B 104 6.16 50.01 58.35
CA ALA B 104 6.54 51.39 58.07
C ALA B 104 5.36 51.94 57.31
N ASN B 105 4.40 51.07 57.02
CA ASN B 105 3.32 51.43 56.09
C ASN B 105 1.99 50.88 56.61
N ASN B 106 1.78 50.96 57.88
CA ASN B 106 0.46 50.67 58.46
C ASN B 106 -0.09 49.33 58.00
N GLY B 107 0.80 48.37 57.73
CA GLY B 107 0.40 47.10 57.16
C GLY B 107 -0.18 47.22 55.77
N ALA B 108 0.66 47.72 54.89
CA ALA B 108 0.33 47.77 53.48
C ALA B 108 1.73 47.55 52.94
N LEU B 109 2.00 46.39 52.37
CA LEU B 109 3.27 46.12 51.68
C LEU B 109 3.25 47.03 50.46
N PRO B 110 4.29 47.81 50.13
CA PRO B 110 4.24 48.62 48.92
C PRO B 110 4.65 47.72 47.74
N PRO B 111 3.97 47.63 46.56
CA PRO B 111 4.31 46.59 45.59
C PRO B 111 5.60 46.87 44.82
N ASP B 112 6.17 45.81 44.28
CA ASP B 112 7.25 45.89 43.30
C ASP B 112 6.77 46.62 42.05
N LEU B 113 7.66 47.40 41.44
CA LEU B 113 7.29 48.30 40.36
C LEU B 113 7.87 47.92 39.01
N SER B 114 8.45 46.74 38.88
CA SER B 114 9.08 46.36 37.62
C SER B 114 8.06 45.93 36.57
N TYR B 115 6.83 45.60 36.99
CA TYR B 115 5.78 45.16 36.08
C TYR B 115 4.50 45.90 36.33
N ILE B 116 4.56 47.11 36.88
CA ILE B 116 3.34 47.68 37.46
C ILE B 116 2.39 48.25 36.40
N VAL B 117 2.88 48.76 35.27
CA VAL B 117 1.95 49.26 34.26
C VAL B 117 1.44 48.09 33.42
N ARG B 118 2.22 47.03 33.32
CA ARG B 118 1.79 45.86 32.56
C ARG B 118 0.77 45.04 33.36
N ALA B 119 0.79 45.14 34.68
CA ALA B 119 -0.10 44.37 35.54
C ALA B 119 -1.31 45.15 36.03
N ARG B 120 -1.64 46.28 35.42
CA ARG B 120 -2.82 47.03 35.83
C ARG B 120 -3.72 47.27 34.63
N HIS B 121 -5.03 47.22 34.88
CA HIS B 121 -6.04 47.47 33.85
C HIS B 121 -6.10 48.96 33.52
N GLY B 122 -5.19 49.37 32.65
CA GLY B 122 -5.16 50.76 32.23
C GLY B 122 -3.76 51.28 31.97
N GLY B 123 -2.74 50.52 32.33
CA GLY B 123 -1.36 50.84 32.03
C GLY B 123 -0.85 52.11 32.68
N GLU B 124 -0.09 52.91 31.92
CA GLU B 124 0.44 54.16 32.42
C GLU B 124 -0.59 55.27 32.48
N ASP B 125 -1.77 55.06 31.91
CA ASP B 125 -2.88 55.98 32.11
C ASP B 125 -3.47 55.86 33.50
N TYR B 126 -3.30 54.72 34.16
CA TYR B 126 -3.73 54.50 35.52
C TYR B 126 -2.72 55.06 36.53
N VAL B 127 -1.44 55.06 36.18
CA VAL B 127 -0.39 55.52 37.08
C VAL B 127 -0.13 57.00 36.80
N PHE B 128 -1.02 57.63 36.05
CA PHE B 128 -0.93 59.07 35.92
C PHE B 128 -2.13 59.69 36.62
N SER B 129 -3.28 59.02 36.52
CA SER B 129 -4.48 59.52 37.17
C SER B 129 -4.49 59.29 38.66
N LEU B 130 -3.61 58.43 39.18
CA LEU B 130 -3.56 58.15 40.61
C LEU B 130 -2.57 59.05 41.33
N LEU B 131 -1.46 59.41 40.68
CA LEU B 131 -0.48 60.28 41.30
C LEU B 131 -0.90 61.75 41.24
N THR B 132 -1.83 62.09 40.36
CA THR B 132 -2.26 63.48 40.24
C THR B 132 -3.73 63.60 40.57
N GLY B 133 -4.30 62.57 41.20
CA GLY B 133 -5.72 62.57 41.48
C GLY B 133 -6.03 62.53 42.96
N TYR B 134 -5.00 62.81 43.77
CA TYR B 134 -5.19 62.84 45.25
C TYR B 134 -6.05 64.04 45.61
N CYS B 135 -7.11 63.80 46.38
CA CYS B 135 -8.01 64.88 46.79
C CYS B 135 -8.53 64.67 48.20
N GLU B 136 -9.53 65.45 48.60
CA GLU B 136 -10.10 65.42 49.94
C GLU B 136 -11.33 64.52 49.95
N PRO B 137 -11.67 63.94 51.11
CA PRO B 137 -12.87 63.09 51.19
C PRO B 137 -14.14 63.88 50.95
N PRO B 138 -15.17 63.22 50.42
CA PRO B 138 -16.47 63.88 50.24
C PRO B 138 -17.28 63.86 51.52
N THR B 139 -18.58 64.16 51.42
CA THR B 139 -19.39 64.41 52.60
C THR B 139 -19.65 63.15 53.42
N GLY B 140 -18.73 62.81 54.33
CA GLY B 140 -19.02 61.71 55.27
C GLY B 140 -18.47 60.34 54.92
N VAL B 141 -17.29 60.24 54.29
CA VAL B 141 -16.73 58.87 54.07
C VAL B 141 -15.80 58.54 55.25
N SER B 142 -15.54 57.25 55.48
CA SER B 142 -14.73 56.84 56.65
C SER B 142 -13.23 56.92 56.33
N LEU B 143 -12.39 57.15 57.35
CA LEU B 143 -10.92 57.20 57.17
C LEU B 143 -10.21 56.73 58.43
N ARG B 144 -9.18 55.88 58.28
CA ARG B 144 -8.41 55.38 59.40
C ARG B 144 -7.29 56.38 59.73
N GLU B 145 -6.38 55.99 60.63
CA GLU B 145 -5.36 56.93 61.11
C GLU B 145 -4.32 57.25 60.03
N GLY B 146 -3.98 56.28 59.19
CA GLY B 146 -2.94 56.47 58.21
C GLY B 146 -3.33 56.14 56.79
N LEU B 147 -4.57 56.45 56.41
CA LEU B 147 -5.03 56.19 55.04
C LEU B 147 -5.72 57.43 54.47
N TYR B 148 -5.72 57.54 53.14
CA TYR B 148 -6.08 58.77 52.44
C TYR B 148 -7.08 58.48 51.34
N PHE B 149 -7.73 59.53 50.85
CA PHE B 149 -8.79 59.40 49.86
C PHE B 149 -8.21 59.57 48.45
N ASN B 150 -8.59 58.66 47.56
CA ASN B 150 -8.12 58.68 46.18
C ASN B 150 -9.16 58.05 45.28
N PRO B 151 -9.78 58.81 44.37
CA PRO B 151 -10.88 58.27 43.57
C PRO B 151 -10.45 57.26 42.52
N TYR B 152 -9.18 57.19 42.18
CA TYR B 152 -8.72 56.25 41.16
C TYR B 152 -8.10 55.03 41.82
N PHE B 153 -8.64 54.60 42.96
CA PHE B 153 -8.20 53.41 43.65
C PHE B 153 -9.50 52.68 43.95
N PRO B 154 -9.49 51.31 43.90
CA PRO B 154 -10.74 50.52 44.02
C PRO B 154 -11.67 50.82 45.19
N GLY B 155 -11.16 50.84 46.41
CA GLY B 155 -12.03 51.14 47.54
C GLY B 155 -11.89 52.54 48.08
N GLN B 156 -11.24 53.41 47.29
CA GLN B 156 -10.98 54.83 47.54
C GLN B 156 -10.10 55.11 48.76
N ALA B 157 -9.61 54.08 49.43
CA ALA B 157 -8.79 54.26 50.63
C ALA B 157 -7.39 53.74 50.35
N ILE B 158 -6.48 54.63 50.02
CA ILE B 158 -5.10 54.28 49.71
C ILE B 158 -4.27 54.45 50.96
N ALA B 159 -3.34 53.56 51.16
CA ALA B 159 -2.41 53.67 52.27
C ALA B 159 -1.05 54.18 51.84
N MET B 160 -1.04 55.13 50.90
CA MET B 160 0.23 55.78 50.45
C MET B 160 0.01 57.28 50.54
N ALA B 161 0.92 58.01 51.19
CA ALA B 161 0.77 59.47 51.27
C ALA B 161 1.20 60.06 49.94
N PRO B 162 0.65 61.19 49.46
CA PRO B 162 0.99 61.74 48.14
C PRO B 162 2.46 62.07 48.03
N PRO B 163 3.19 61.35 47.18
CA PRO B 163 4.66 61.41 47.20
C PRO B 163 5.29 62.49 46.34
N ILE B 164 4.51 63.20 45.52
CA ILE B 164 5.02 64.31 44.73
C ILE B 164 4.04 65.48 44.83
N TYR B 165 4.56 66.67 45.12
CA TYR B 165 3.67 67.83 45.23
C TYR B 165 4.02 69.00 44.32
N ASN B 166 5.24 69.57 44.39
CA ASN B 166 5.81 70.58 43.51
C ASN B 166 7.23 70.83 43.96
N GLU B 167 8.17 70.98 43.01
CA GLU B 167 9.60 71.27 43.21
C GLU B 167 10.22 70.21 44.11
N VAL B 168 9.83 68.95 43.96
CA VAL B 168 10.35 67.88 44.79
C VAL B 168 11.75 67.44 44.37
N LEU B 169 12.24 67.95 43.24
CA LEU B 169 13.47 67.47 42.65
C LEU B 169 14.06 68.58 41.79
N GLU B 170 15.32 68.40 41.39
CA GLU B 170 15.96 69.28 40.44
C GLU B 170 16.53 68.45 39.30
N PHE B 171 15.97 68.62 38.10
CA PHE B 171 16.47 67.94 36.92
C PHE B 171 17.77 68.59 36.47
N ASP B 172 18.65 67.78 35.90
CA ASP B 172 20.00 68.25 35.59
C ASP B 172 20.14 68.73 34.15
N ASP B 173 19.06 69.24 33.56
CA ASP B 173 19.16 69.92 32.29
C ASP B 173 18.29 71.17 32.25
N GLY B 174 17.72 71.53 33.39
CA GLY B 174 17.02 72.78 33.55
C GLY B 174 15.53 72.72 33.29
N THR B 175 14.97 71.53 33.13
CA THR B 175 13.52 71.39 32.98
C THR B 175 12.83 71.80 34.28
N PRO B 176 11.78 72.61 34.21
CA PRO B 176 11.02 72.93 35.43
C PRO B 176 10.35 71.68 36.00
N ALA B 177 10.22 71.66 37.31
CA ALA B 177 9.89 70.43 38.02
C ALA B 177 8.55 70.52 38.71
N THR B 178 7.53 70.97 37.99
CA THR B 178 6.17 71.05 38.50
C THR B 178 5.58 69.65 38.72
N MET B 179 4.34 69.64 39.23
CA MET B 179 3.68 68.39 39.60
C MET B 179 3.34 67.53 38.39
N SER B 180 3.14 68.14 37.23
CA SER B 180 2.74 67.39 36.05
C SER B 180 3.91 67.02 35.17
N GLN B 181 5.02 67.77 35.24
CA GLN B 181 6.22 67.37 34.51
C GLN B 181 6.82 66.10 35.11
N VAL B 182 6.96 66.04 36.43
CA VAL B 182 7.18 64.76 37.11
C VAL B 182 5.85 64.03 37.08
N ALA B 183 5.90 62.71 37.23
CA ALA B 183 4.83 61.73 36.97
C ALA B 183 4.45 61.63 35.50
N LYS B 184 4.98 62.49 34.64
CA LYS B 184 4.97 62.18 33.21
C LYS B 184 6.22 61.41 32.86
N ASP B 185 7.27 61.57 33.65
CA ASP B 185 8.55 60.91 33.42
C ASP B 185 8.69 59.59 34.16
N VAL B 186 8.00 59.41 35.29
CA VAL B 186 7.91 58.05 35.84
C VAL B 186 6.67 57.35 35.33
N CYS B 187 6.06 57.83 34.26
CA CYS B 187 5.22 56.94 33.49
C CYS B 187 5.94 56.46 32.24
N THR B 188 6.89 57.26 31.73
CA THR B 188 7.66 56.84 30.55
C THR B 188 8.73 55.82 30.93
N PHE B 189 9.62 56.18 31.85
CA PHE B 189 10.26 55.19 32.69
C PHE B 189 9.14 54.55 33.50
N LEU B 190 9.20 53.23 33.72
CA LEU B 190 8.17 52.28 34.17
C LEU B 190 7.23 51.81 33.07
N ARG B 191 7.31 52.40 31.88
CA ARG B 191 6.81 51.71 30.70
C ARG B 191 7.96 51.00 30.01
N TRP B 192 9.12 51.65 29.99
CA TRP B 192 10.33 50.98 29.57
C TRP B 192 10.70 49.84 30.51
N ALA B 193 10.35 49.95 31.79
CA ALA B 193 10.69 48.90 32.75
C ALA B 193 9.85 47.66 32.54
N SER B 194 8.55 47.83 32.25
CA SER B 194 7.70 46.69 31.89
C SER B 194 8.15 46.07 30.57
N GLU B 195 8.33 46.90 29.55
CA GLU B 195 8.48 46.45 28.17
C GLU B 195 9.75 47.02 27.55
N PRO B 196 10.92 46.45 27.87
CA PRO B 196 12.17 47.02 27.36
C PRO B 196 12.46 46.69 25.90
N GLU B 197 11.62 45.90 25.25
CA GLU B 197 11.76 45.60 23.84
C GLU B 197 10.78 46.38 22.97
N HIS B 198 10.14 47.40 23.54
CA HIS B 198 9.14 48.26 22.90
C HIS B 198 9.55 48.84 21.56
N ASP B 199 10.75 49.42 21.49
CA ASP B 199 11.20 50.04 20.26
C ASP B 199 11.75 49.05 19.26
N HIS B 200 12.26 47.91 19.72
CA HIS B 200 12.81 46.93 18.81
C HIS B 200 11.71 46.14 18.10
N ARG B 201 10.58 45.91 18.78
CA ARG B 201 9.51 45.15 18.15
C ARG B 201 8.74 46.00 17.14
N LYS B 202 8.78 47.31 17.28
CA LYS B 202 8.07 48.15 16.33
C LYS B 202 8.86 48.40 15.06
N ARG B 203 10.16 48.17 15.07
CA ARG B 203 10.96 48.31 13.86
C ARG B 203 11.18 46.97 13.15
N MET B 204 11.02 45.84 13.85
CA MET B 204 10.91 44.57 13.16
C MET B 204 9.54 44.43 12.50
N GLY B 205 8.52 45.09 13.04
CA GLY B 205 7.20 45.07 12.43
C GLY B 205 7.09 45.84 11.15
N LEU B 206 8.04 46.74 10.88
CA LEU B 206 8.07 47.46 9.62
C LEU B 206 8.86 46.73 8.55
N LYS B 207 9.91 46.00 8.92
CA LYS B 207 10.67 45.17 8.01
C LYS B 207 9.97 43.86 7.69
N MET B 208 8.81 43.61 8.28
CA MET B 208 8.00 42.43 7.99
C MET B 208 6.91 42.84 7.04
N LEU B 209 6.33 44.03 7.25
CA LEU B 209 5.26 44.53 6.39
C LEU B 209 5.75 44.89 5.00
N MET B 210 6.97 45.42 4.88
CA MET B 210 7.47 45.80 3.56
C MET B 210 7.89 44.58 2.76
N MET B 211 8.30 43.52 3.44
CA MET B 211 8.77 42.35 2.73
C MET B 211 7.63 41.41 2.38
N MET B 212 6.58 41.36 3.22
CA MET B 212 5.36 40.66 2.84
C MET B 212 4.73 41.32 1.62
N GLY B 213 4.86 42.64 1.50
CA GLY B 213 4.39 43.40 0.35
C GLY B 213 5.06 43.08 -0.98
N LEU B 214 6.16 42.34 -0.95
CA LEU B 214 6.77 41.80 -2.15
C LEU B 214 6.32 40.36 -2.40
N LEU B 215 6.34 39.55 -1.35
CA LEU B 215 6.18 38.11 -1.49
C LEU B 215 4.73 37.71 -1.72
N LEU B 216 3.81 38.44 -1.14
CA LEU B 216 2.39 38.06 -1.16
C LEU B 216 1.66 38.39 -2.47
N PRO B 217 1.83 39.55 -3.14
CA PRO B 217 1.16 39.73 -4.44
C PRO B 217 1.74 38.90 -5.56
N LEU B 218 2.79 38.14 -5.31
CA LEU B 218 3.47 37.45 -6.38
C LEU B 218 3.38 35.94 -6.27
N VAL B 219 3.00 35.43 -5.10
CA VAL B 219 2.47 34.07 -5.01
C VAL B 219 1.03 34.07 -5.48
N TYR B 220 0.33 35.19 -5.34
CA TYR B 220 -1.02 35.31 -5.84
C TYR B 220 -1.05 35.34 -7.37
N ALA B 221 0.01 35.82 -8.01
CA ALA B 221 0.08 35.79 -9.47
C ALA B 221 0.37 34.40 -10.00
N MET B 222 1.17 33.62 -9.29
CA MET B 222 1.41 32.23 -9.64
C MET B 222 0.15 31.40 -9.52
N LYS B 223 -0.71 31.72 -8.56
CA LYS B 223 -1.96 31.00 -8.37
C LYS B 223 -2.93 31.27 -9.51
N ARG B 224 -3.04 32.52 -9.94
CA ARG B 224 -3.96 32.87 -11.02
C ARG B 224 -3.50 32.34 -12.37
N HIS B 225 -2.22 32.04 -12.52
CA HIS B 225 -1.70 31.52 -13.76
C HIS B 225 -2.10 30.05 -13.96
N LYS B 226 -2.00 29.24 -12.91
CA LYS B 226 -2.40 27.83 -13.00
C LYS B 226 -3.91 27.68 -13.16
N TRP B 227 -4.68 28.46 -12.43
CA TRP B 227 -6.11 28.25 -12.35
C TRP B 227 -6.87 28.81 -13.54
N SER B 228 -6.19 29.47 -14.49
CA SER B 228 -6.87 30.04 -15.64
C SER B 228 -7.25 28.97 -16.66
N VAL B 229 -6.57 27.82 -16.64
CA VAL B 229 -6.96 26.65 -17.42
C VAL B 229 -8.37 26.20 -17.06
N LEU B 230 -8.66 26.10 -15.76
CA LEU B 230 -9.98 25.67 -15.33
C LEU B 230 -11.01 26.79 -15.40
N LYS B 231 -10.60 28.04 -15.21
CA LYS B 231 -11.56 29.14 -15.16
C LYS B 231 -12.11 29.53 -16.52
N SER B 232 -11.51 29.09 -17.62
CA SER B 232 -11.95 29.51 -18.94
C SER B 232 -12.53 28.38 -19.80
N ARG B 233 -12.59 27.15 -19.29
CA ARG B 233 -12.98 26.00 -20.10
C ARG B 233 -14.48 25.98 -20.42
N LYS B 234 -14.85 25.21 -21.45
CA LYS B 234 -16.21 25.08 -21.94
C LYS B 234 -16.63 23.61 -22.00
N LEU B 235 -17.94 23.36 -21.93
CA LEU B 235 -18.53 22.01 -21.92
C LEU B 235 -19.70 21.94 -22.88
N ALA B 236 -19.72 20.83 -23.59
CA ALA B 236 -20.84 20.45 -24.47
C ALA B 236 -21.28 19.01 -24.21
N TYR B 237 -22.55 18.80 -24.37
CA TYR B 237 -23.22 17.52 -24.20
C TYR B 237 -23.84 17.18 -25.54
N ARG B 238 -23.38 16.13 -26.18
CA ARG B 238 -23.84 15.78 -27.55
C ARG B 238 -24.37 14.34 -27.61
N PRO B 239 -25.55 14.08 -27.03
CA PRO B 239 -26.01 12.68 -27.03
C PRO B 239 -26.60 12.29 -28.37
N PRO B 240 -26.60 10.98 -28.72
CA PRO B 240 -27.16 10.55 -30.02
C PRO B 240 -28.64 10.82 -30.19
N LYS B 241 -29.01 11.35 -31.35
CA LYS B 241 -30.38 11.77 -31.64
C LYS B 241 -31.30 10.57 -31.85
N THR C 3 -17.61 16.64 -37.50
CA THR C 3 -17.48 17.57 -38.61
C THR C 3 -18.34 18.79 -38.31
N ASP C 4 -19.21 18.65 -37.31
CA ASP C 4 -20.06 19.72 -36.83
C ASP C 4 -19.52 20.34 -35.55
N ILE C 5 -18.33 19.93 -35.12
CA ILE C 5 -17.78 20.32 -33.82
C ILE C 5 -16.67 21.34 -34.09
N ARG C 6 -16.99 22.61 -33.85
CA ARG C 6 -15.99 23.68 -33.88
C ARG C 6 -15.79 24.26 -32.48
N VAL C 7 -14.60 24.82 -32.26
CA VAL C 7 -14.24 25.39 -30.97
C VAL C 7 -14.96 26.73 -30.81
N PRO C 8 -15.60 26.99 -29.67
CA PRO C 8 -16.21 28.31 -29.45
C PRO C 8 -15.14 29.38 -29.24
N ASP C 9 -15.53 30.64 -29.45
CA ASP C 9 -14.55 31.72 -29.46
C ASP C 9 -14.11 32.10 -28.05
N PHE C 10 -12.82 32.39 -27.93
CA PHE C 10 -12.15 32.58 -26.64
C PHE C 10 -11.64 34.01 -26.49
N SER C 11 -12.19 34.95 -27.24
CA SER C 11 -11.65 36.31 -27.28
C SER C 11 -12.06 37.17 -26.09
N ASP C 12 -12.80 36.63 -25.12
CA ASP C 12 -12.91 37.22 -23.80
C ASP C 12 -11.64 36.99 -22.97
N TYR C 13 -10.80 36.02 -23.36
CA TYR C 13 -9.67 35.63 -22.54
C TYR C 13 -8.36 35.79 -23.28
N ARG C 14 -8.42 35.77 -24.61
CA ARG C 14 -7.23 35.79 -25.48
C ARG C 14 -6.53 37.13 -25.33
N ARG C 15 -5.18 37.06 -25.29
CA ARG C 15 -4.27 38.17 -25.01
C ARG C 15 -4.45 39.39 -25.90
N ALA C 16 -3.85 40.51 -25.47
CA ALA C 16 -4.10 41.86 -25.98
C ALA C 16 -3.90 42.06 -27.48
N GLU C 17 -3.24 41.13 -28.18
CA GLU C 17 -2.99 41.34 -29.61
C GLU C 17 -3.14 40.06 -30.44
N VAL C 18 -3.67 38.99 -29.85
CA VAL C 18 -3.77 37.71 -30.57
C VAL C 18 -5.22 37.27 -30.77
N LEU C 19 -6.18 38.21 -30.78
CA LEU C 19 -7.57 37.80 -30.77
C LEU C 19 -8.22 37.71 -32.14
N ASP C 20 -7.63 38.27 -33.20
CA ASP C 20 -8.36 38.40 -34.46
C ASP C 20 -7.88 37.46 -35.56
N SER C 21 -6.80 36.71 -35.33
CA SER C 21 -6.35 35.58 -36.16
C SER C 21 -6.03 35.95 -37.61
N THR C 22 -5.07 36.84 -37.83
CA THR C 22 -4.78 37.21 -39.22
C THR C 22 -3.32 36.98 -39.60
N LYS C 23 -2.38 37.36 -38.73
CA LYS C 23 -0.94 37.26 -39.12
C LYS C 23 -0.02 37.14 -37.90
N SER C 24 -0.16 35.94 -37.12
CA SER C 24 0.85 35.79 -36.03
C SER C 24 0.92 34.33 -35.56
N SER C 25 1.47 33.43 -36.27
CA SER C 25 1.45 31.98 -35.90
C SER C 25 2.40 31.72 -34.73
N LYS C 26 3.71 31.80 -34.96
CA LYS C 26 4.72 31.53 -33.90
C LYS C 26 5.48 32.80 -33.55
N GLU C 27 5.28 33.87 -34.32
CA GLU C 27 6.03 35.14 -34.09
C GLU C 27 5.44 35.87 -32.89
N SER C 28 6.17 36.86 -32.35
CA SER C 28 5.65 37.66 -31.23
C SER C 28 5.19 36.80 -30.07
N SER C 29 5.64 35.54 -30.02
CA SER C 29 5.36 34.68 -28.87
C SER C 29 6.26 34.99 -27.70
N ASP C 30 7.49 35.41 -27.95
CA ASP C 30 8.43 35.80 -26.91
C ASP C 30 7.95 37.08 -26.24
N ALA C 31 7.30 37.94 -27.02
CA ALA C 31 6.80 39.23 -26.52
C ALA C 31 5.35 39.10 -26.05
N ARG C 32 4.95 37.88 -25.67
CA ARG C 32 3.66 37.61 -25.07
C ARG C 32 3.87 36.84 -23.78
N LYS C 33 4.89 35.98 -23.77
CA LYS C 33 5.19 35.12 -22.64
C LYS C 33 6.11 35.78 -21.63
N GLY C 34 6.52 37.03 -21.88
CA GLY C 34 7.37 37.76 -20.96
C GLY C 34 6.63 38.51 -19.87
N PHE C 35 5.53 37.95 -19.40
CA PHE C 35 4.87 38.43 -18.20
C PHE C 35 4.67 37.35 -17.17
N SER C 36 4.73 36.08 -17.57
CA SER C 36 4.55 34.95 -16.68
C SER C 36 5.87 34.43 -16.13
N TYR C 37 7.01 34.96 -16.58
CA TYR C 37 8.28 34.32 -16.24
C TYR C 37 9.30 35.18 -15.50
N LEU C 38 9.42 36.47 -15.85
CA LEU C 38 10.22 37.36 -15.00
C LEU C 38 9.36 37.98 -13.91
N ILE C 39 8.06 37.65 -13.87
CA ILE C 39 7.27 37.98 -12.68
C ILE C 39 7.49 36.90 -11.63
N THR C 40 7.99 35.74 -12.05
CA THR C 40 8.47 34.67 -11.17
C THR C 40 9.81 35.05 -10.56
N ALA C 41 10.50 36.00 -11.19
CA ALA C 41 11.82 36.42 -10.70
C ALA C 41 11.73 37.11 -9.34
N THR C 42 10.78 38.03 -9.17
CA THR C 42 10.66 38.69 -7.87
C THR C 42 9.84 37.89 -6.86
N THR C 43 9.39 36.67 -7.22
CA THR C 43 9.10 35.69 -6.18
C THR C 43 10.40 35.01 -5.74
N THR C 44 11.34 34.78 -6.68
CA THR C 44 12.59 34.14 -6.34
C THR C 44 13.50 35.12 -5.61
N VAL C 45 13.54 36.40 -6.02
CA VAL C 45 14.29 37.41 -5.26
C VAL C 45 13.32 38.04 -4.25
N GLY C 46 12.10 37.52 -4.21
CA GLY C 46 11.26 37.75 -3.06
C GLY C 46 11.60 36.74 -1.98
N VAL C 47 11.77 35.46 -2.37
CA VAL C 47 12.03 34.43 -1.36
C VAL C 47 13.54 34.20 -1.19
N ALA C 48 14.37 34.91 -1.97
CA ALA C 48 15.82 34.86 -1.79
C ALA C 48 16.26 35.33 -0.42
N TYR C 49 15.64 36.40 0.09
CA TYR C 49 16.07 36.95 1.36
C TYR C 49 14.91 37.04 2.36
N ALA C 50 13.92 36.15 2.24
CA ALA C 50 12.84 35.99 3.22
C ALA C 50 13.09 34.80 4.12
N ALA C 51 13.41 33.63 3.55
CA ALA C 51 13.66 32.42 4.32
C ALA C 51 14.98 32.49 5.07
N LYS C 52 15.93 33.29 4.56
CA LYS C 52 17.25 33.47 5.16
C LYS C 52 17.23 33.88 6.62
N ASN C 53 16.54 34.98 6.92
CA ASN C 53 16.41 35.56 8.26
C ASN C 53 15.88 34.57 9.28
N ALA C 54 15.12 33.56 8.85
CA ALA C 54 14.70 32.49 9.72
C ALA C 54 15.81 31.46 10.01
N VAL C 55 17.00 31.58 9.41
CA VAL C 55 18.09 30.68 9.74
C VAL C 55 19.39 31.47 9.93
N SER C 56 19.41 32.72 9.47
CA SER C 56 20.62 33.54 9.53
C SER C 56 20.80 34.22 10.87
N GLN C 57 19.74 34.29 11.70
CA GLN C 57 19.85 34.91 13.02
C GLN C 57 19.70 33.86 14.11
N PHE C 58 19.77 32.57 13.76
CA PHE C 58 19.52 31.48 14.70
C PHE C 58 20.78 30.63 14.92
N VAL C 59 21.88 30.92 14.23
CA VAL C 59 23.15 30.26 14.54
C VAL C 59 23.76 31.04 15.69
N SER C 60 23.83 32.36 15.54
CA SER C 60 24.35 33.22 16.60
C SER C 60 23.35 33.43 17.73
N SER C 61 22.10 32.96 17.59
CA SER C 61 21.13 33.17 18.66
C SER C 61 21.44 32.30 19.87
N MET C 62 21.86 31.05 19.58
CA MET C 62 22.33 30.09 20.63
C MET C 62 23.57 30.67 21.30
N SER C 63 24.46 31.32 20.52
CA SER C 63 25.58 32.10 21.11
C SER C 63 24.99 32.93 22.26
N ALA C 64 25.35 32.72 23.49
CA ALA C 64 24.88 33.30 24.75
C ALA C 64 24.72 34.82 24.74
N SER C 65 23.76 35.35 25.47
CA SER C 65 23.24 36.69 25.23
C SER C 65 23.91 37.86 25.95
N ALA C 66 23.75 37.94 27.27
CA ALA C 66 23.91 39.23 27.93
C ALA C 66 24.70 39.22 29.22
N ASP C 67 24.78 38.10 29.94
CA ASP C 67 25.38 38.16 31.28
C ASP C 67 26.90 37.93 31.21
N VAL C 68 27.33 36.92 30.46
CA VAL C 68 28.76 36.71 30.23
C VAL C 68 29.32 37.84 29.36
N LEU C 69 28.65 38.12 28.23
CA LEU C 69 29.12 39.02 27.17
C LEU C 69 29.46 40.41 27.67
N ALA C 70 28.69 40.88 28.67
CA ALA C 70 29.02 42.11 29.35
C ALA C 70 30.35 42.05 30.10
N MET C 71 30.73 40.87 30.62
CA MET C 71 31.92 40.79 31.46
C MET C 71 32.99 39.80 31.00
N SER C 72 32.59 38.64 30.45
CA SER C 72 33.50 37.55 30.09
C SER C 72 34.50 37.91 29.00
N LYS C 73 34.33 39.07 28.38
CA LYS C 73 35.35 39.68 27.56
C LYS C 73 36.59 39.98 28.40
N ILE C 74 36.44 40.83 29.42
CA ILE C 74 37.56 41.50 30.08
C ILE C 74 37.18 41.86 31.52
N GLU C 75 38.06 41.54 32.50
CA GLU C 75 37.76 41.65 33.94
C GLU C 75 38.91 42.33 34.71
N ILE C 76 38.80 43.63 34.96
CA ILE C 76 39.88 44.36 35.62
C ILE C 76 39.89 44.11 37.13
N LYS C 77 41.01 43.62 37.64
CA LYS C 77 41.28 43.66 39.08
C LYS C 77 42.74 44.03 39.37
N LEU C 78 43.17 45.20 38.95
CA LEU C 78 44.54 45.65 39.27
C LEU C 78 44.75 45.80 40.78
N SER C 79 46.03 45.77 41.18
CA SER C 79 46.51 45.76 42.56
C SER C 79 45.96 44.57 43.34
N ASP C 80 46.43 43.37 43.02
CA ASP C 80 45.90 42.14 43.61
C ASP C 80 46.44 41.84 45.01
N ILE C 81 47.72 41.47 45.09
CA ILE C 81 48.21 40.65 46.19
C ILE C 81 49.52 41.21 46.76
N PRO C 82 50.03 40.67 47.87
CA PRO C 82 51.46 40.89 48.19
C PRO C 82 52.39 40.19 47.20
N GLU C 83 53.68 40.48 47.31
CA GLU C 83 54.67 40.01 46.35
C GLU C 83 55.29 38.69 46.78
N GLY C 84 55.91 38.02 45.81
CA GLY C 84 56.67 36.80 46.07
C GLY C 84 55.80 35.59 46.34
N LYS C 85 54.52 35.65 45.97
CA LYS C 85 53.59 34.55 46.22
C LYS C 85 52.67 34.37 45.02
N ASN C 86 52.53 33.13 44.58
CA ASN C 86 51.71 32.84 43.40
C ASN C 86 50.24 32.71 43.80
N MET C 87 49.36 33.32 43.01
CA MET C 87 47.93 33.16 43.15
C MET C 87 47.35 32.69 41.83
N ALA C 88 46.05 32.36 41.85
CA ALA C 88 45.40 31.81 40.67
C ALA C 88 43.93 32.21 40.64
N PHE C 89 43.57 33.00 39.63
CA PHE C 89 42.17 33.28 39.32
C PHE C 89 41.65 32.12 38.47
N LYS C 90 40.89 31.21 39.10
CA LYS C 90 40.15 30.24 38.31
C LYS C 90 39.00 30.98 37.65
N TRP C 91 39.23 31.45 36.43
CA TRP C 91 38.44 32.46 35.77
C TRP C 91 38.53 32.22 34.28
N ARG C 92 37.91 33.12 33.50
CA ARG C 92 38.04 33.25 32.04
C ARG C 92 37.40 32.05 31.31
N GLY C 93 36.71 31.17 32.05
CA GLY C 93 36.37 29.90 31.48
C GLY C 93 37.52 28.97 31.78
N LYS C 94 38.44 28.84 30.82
CA LYS C 94 39.72 28.22 31.10
C LYS C 94 40.63 29.19 31.85
N PRO C 95 41.38 28.68 32.88
CA PRO C 95 42.00 29.54 33.91
C PRO C 95 42.97 30.63 33.44
N LEU C 96 43.21 31.59 34.33
CA LEU C 96 44.13 32.70 34.06
C LEU C 96 44.85 33.06 35.35
N PHE C 97 46.16 32.83 35.40
CA PHE C 97 46.96 32.98 36.59
C PHE C 97 47.43 34.42 36.78
N VAL C 98 48.38 34.61 37.70
CA VAL C 98 48.98 35.89 38.01
C VAL C 98 50.36 35.63 38.63
N ARG C 99 51.26 36.60 38.51
CA ARG C 99 52.58 36.52 39.14
C ARG C 99 53.19 37.90 39.41
N HIS C 100 53.51 38.17 40.69
CA HIS C 100 53.99 39.49 41.14
C HIS C 100 55.50 39.41 41.30
N ARG C 101 56.22 40.26 40.58
CA ARG C 101 57.59 39.97 40.17
C ARG C 101 58.57 41.01 40.72
N THR C 102 59.72 40.55 41.19
CA THR C 102 60.73 41.42 41.79
C THR C 102 61.62 42.01 40.69
N LYS C 103 62.54 42.90 41.11
CA LYS C 103 63.60 43.40 40.24
C LYS C 103 64.47 42.28 39.70
N LYS C 104 64.72 41.26 40.52
CA LYS C 104 65.60 40.14 40.20
C LYS C 104 64.86 38.94 39.64
N GLU C 105 63.65 39.16 39.10
CA GLU C 105 62.86 38.11 38.49
C GLU C 105 63.30 37.83 37.06
N ILE C 106 63.53 38.89 36.27
CA ILE C 106 63.87 38.73 34.86
C ILE C 106 65.31 38.24 34.71
N ASP C 107 66.07 38.24 35.82
CA ASP C 107 67.31 37.47 35.96
C ASP C 107 67.13 36.01 35.58
N GLN C 108 66.02 35.40 36.02
CA GLN C 108 65.68 34.04 35.63
C GLN C 108 64.84 34.02 34.34
N GLU C 109 64.60 35.16 33.72
CA GLU C 109 63.91 35.16 32.43
C GLU C 109 64.86 35.47 31.28
N ALA C 110 65.56 36.61 31.37
CA ALA C 110 66.31 37.17 30.25
C ALA C 110 67.77 36.73 30.21
N ALA C 111 68.18 35.84 31.11
CA ALA C 111 69.58 35.44 31.17
C ALA C 111 69.75 33.94 30.94
N VAL C 112 68.63 33.22 30.83
CA VAL C 112 68.69 31.79 30.59
C VAL C 112 69.02 31.53 29.11
N GLU C 113 69.81 30.47 28.88
CA GLU C 113 70.23 30.06 27.54
C GLU C 113 69.01 29.68 26.69
N VAL C 114 69.10 29.98 25.39
CA VAL C 114 67.98 29.84 24.45
C VAL C 114 68.28 28.92 23.27
N SER C 115 69.56 28.77 22.89
CA SER C 115 69.89 27.91 21.75
C SER C 115 69.88 26.42 22.13
N GLN C 116 69.50 26.08 23.36
CA GLN C 116 69.34 24.69 23.73
C GLN C 116 67.95 24.50 24.35
N LEU C 117 66.92 25.07 23.76
CA LEU C 117 65.55 24.84 24.22
C LEU C 117 64.72 24.16 23.12
N ARG C 118 63.40 24.17 23.32
CA ARG C 118 62.48 23.48 22.43
C ARG C 118 61.43 24.37 21.78
N ASP C 119 60.84 25.32 22.51
CA ASP C 119 59.68 26.09 22.07
C ASP C 119 59.70 27.50 22.65
N PRO C 120 60.23 28.47 21.93
CA PRO C 120 60.47 29.79 22.52
C PRO C 120 59.28 30.73 22.52
N GLN C 121 59.08 31.34 23.68
CA GLN C 121 58.33 32.60 23.83
C GLN C 121 59.27 33.52 24.60
N HIS C 122 59.98 34.38 23.87
CA HIS C 122 60.88 35.30 24.56
C HIS C 122 60.04 36.32 25.32
N ASP C 123 60.39 36.51 26.59
CA ASP C 123 59.61 37.22 27.59
C ASP C 123 59.37 38.71 27.31
N LEU C 124 59.89 39.24 26.21
CA LEU C 124 59.63 40.61 25.82
C LEU C 124 58.86 40.76 24.50
N GLU C 125 58.90 39.77 23.61
CA GLU C 125 58.32 39.91 22.27
C GLU C 125 56.87 39.43 22.22
N ARG C 126 56.25 39.31 23.39
CA ARG C 126 54.81 39.12 23.52
C ARG C 126 54.37 40.13 24.57
N VAL C 127 55.35 40.64 25.30
CA VAL C 127 55.13 41.40 26.53
C VAL C 127 55.78 42.78 26.43
N LYS C 128 54.99 43.79 26.04
CA LYS C 128 55.45 45.17 26.23
C LYS C 128 54.99 45.75 27.57
N LYS C 129 54.40 44.92 28.46
CA LYS C 129 54.12 45.24 29.85
C LYS C 129 55.03 44.43 30.77
N PRO C 130 56.29 44.85 30.96
CA PRO C 130 57.29 43.95 31.56
C PRO C 130 57.08 43.55 33.02
N GLU C 131 56.83 44.50 33.92
CA GLU C 131 56.96 44.22 35.36
C GLU C 131 55.60 44.08 36.03
N TRP C 132 54.61 43.65 35.22
CA TRP C 132 53.31 43.14 35.67
C TRP C 132 52.66 42.39 34.52
N VAL C 133 52.29 41.14 34.75
CA VAL C 133 51.86 40.22 33.69
C VAL C 133 50.80 39.27 34.22
N ILE C 134 49.96 38.78 33.31
CA ILE C 134 49.10 37.61 33.55
C ILE C 134 49.25 36.66 32.37
N LEU C 135 49.72 35.45 32.62
CA LEU C 135 49.78 34.44 31.58
C LEU C 135 48.95 33.25 32.02
N ILE C 136 48.58 32.41 31.05
CA ILE C 136 47.49 31.42 31.14
C ILE C 136 47.73 30.39 32.24
N GLY C 137 46.67 29.70 32.67
CA GLY C 137 46.80 28.59 33.57
C GLY C 137 46.87 27.27 32.82
N VAL C 138 46.23 27.23 31.66
CA VAL C 138 46.03 26.01 30.88
C VAL C 138 47.36 25.56 30.31
N CYS C 139 47.43 24.29 29.86
CA CYS C 139 48.70 23.74 29.31
C CYS C 139 48.51 23.48 27.80
N THR C 140 49.24 22.54 27.17
CA THR C 140 49.02 22.43 25.69
C THR C 140 47.99 21.39 25.20
N HIS C 141 47.90 20.20 25.79
CA HIS C 141 47.04 19.22 25.08
C HIS C 141 45.69 19.08 25.75
N LEU C 142 45.74 18.61 27.00
CA LEU C 142 44.50 18.41 27.78
C LEU C 142 44.20 19.70 28.54
N GLY C 143 45.26 20.41 28.96
CA GLY C 143 45.07 21.69 29.65
C GLY C 143 45.12 21.54 31.16
N CYS C 144 45.69 20.44 31.66
CA CYS C 144 45.84 20.28 33.14
C CYS C 144 46.55 21.51 33.70
N VAL C 145 45.87 22.26 34.57
CA VAL C 145 46.48 23.47 35.19
C VAL C 145 47.11 23.06 36.52
N PRO C 146 48.45 22.99 36.65
CA PRO C 146 49.07 22.50 37.90
C PRO C 146 48.82 23.40 39.11
N ILE C 147 49.26 22.97 40.29
CA ILE C 147 49.06 23.76 41.53
C ILE C 147 49.87 25.05 41.46
N ALA C 148 49.44 26.08 42.19
CA ALA C 148 50.18 27.36 42.21
C ALA C 148 51.24 27.33 43.32
N ASN C 149 52.16 28.25 43.42
CA ASN C 149 53.10 28.43 44.57
C ASN C 149 54.13 27.29 44.71
N ALA C 150 53.60 26.00 44.80
CA ALA C 150 54.45 24.81 44.92
C ALA C 150 55.18 24.69 43.59
N GLY C 151 56.48 24.92 43.61
CA GLY C 151 57.20 25.10 42.36
C GLY C 151 58.46 24.27 42.18
N ASP C 152 58.51 23.49 41.09
CA ASP C 152 59.75 22.81 40.74
C ASP C 152 60.73 23.75 40.06
N PHE C 153 60.23 24.84 39.44
CA PHE C 153 61.05 25.86 38.82
C PHE C 153 61.02 27.18 39.56
N GLY C 154 60.16 27.32 40.55
CA GLY C 154 59.51 28.60 40.75
C GLY C 154 58.34 28.80 39.80
N GLY C 155 57.71 27.70 39.36
CA GLY C 155 56.63 27.69 38.41
C GLY C 155 55.52 26.71 38.78
N TYR C 156 55.21 25.83 37.83
CA TYR C 156 54.03 24.97 37.90
C TYR C 156 54.49 23.54 38.15
N TYR C 157 54.14 23.00 39.32
CA TYR C 157 54.42 21.62 39.72
C TYR C 157 53.23 20.73 39.38
N CYS C 158 53.33 19.97 38.29
CA CYS C 158 52.33 18.97 37.98
C CYS C 158 52.84 17.59 38.39
N PRO C 159 52.26 16.97 39.47
CA PRO C 159 52.79 15.70 40.00
C PRO C 159 52.83 14.52 39.04
N CYS C 160 51.71 14.19 38.41
CA CYS C 160 51.53 12.95 37.66
C CYS C 160 52.42 12.85 36.44
N HIS C 161 52.26 13.78 35.50
CA HIS C 161 53.06 13.78 34.28
C HIS C 161 54.50 14.16 34.61
N GLY C 162 54.68 15.26 35.32
CA GLY C 162 56.00 15.69 35.70
C GLY C 162 56.70 16.47 34.61
N SER C 163 55.99 17.39 33.96
CA SER C 163 56.51 18.18 32.86
C SER C 163 56.91 19.55 33.43
N HIS C 164 58.17 19.92 33.18
CA HIS C 164 58.73 21.21 33.57
C HIS C 164 58.01 22.37 32.90
N TYR C 165 57.50 23.29 33.69
CA TYR C 165 56.72 24.42 33.17
C TYR C 165 57.42 25.71 33.56
N ASP C 166 57.96 26.40 32.56
CA ASP C 166 58.84 27.53 32.84
C ASP C 166 58.03 28.74 33.28
N ALA C 167 58.70 29.64 34.02
CA ALA C 167 58.20 30.91 34.54
C ALA C 167 57.55 31.79 33.48
N SER C 168 58.09 31.81 32.26
CA SER C 168 57.48 32.56 31.18
C SER C 168 56.95 31.63 30.09
N GLY C 169 56.39 30.49 30.49
CA GLY C 169 55.77 29.58 29.54
C GLY C 169 56.68 28.44 29.12
N ARG C 170 57.06 28.43 27.84
CA ARG C 170 58.32 27.93 27.27
C ARG C 170 58.80 26.58 27.81
N ILE C 171 58.04 25.51 27.53
CA ILE C 171 58.27 24.15 28.01
C ILE C 171 59.63 23.62 27.58
N ARG C 172 60.18 22.69 28.36
CA ARG C 172 61.47 22.06 28.09
C ARG C 172 61.42 20.55 28.31
N LYS C 173 60.38 20.03 28.96
CA LYS C 173 60.26 18.62 29.28
C LYS C 173 59.15 17.98 28.44
N GLY C 174 59.49 16.90 27.74
CA GLY C 174 58.55 16.21 26.87
C GLY C 174 57.62 15.28 27.62
N PRO C 175 56.91 14.41 26.89
CA PRO C 175 56.81 14.22 25.43
C PRO C 175 55.83 15.17 24.74
N ALA C 176 55.45 16.28 25.37
CA ALA C 176 54.54 17.27 24.80
C ALA C 176 55.34 18.51 24.38
N PRO C 177 55.77 18.61 23.11
CA PRO C 177 56.53 19.76 22.63
C PRO C 177 55.66 20.86 22.02
N LEU C 178 54.67 21.34 22.77
CA LEU C 178 53.93 22.55 22.47
C LEU C 178 53.95 23.42 23.72
N ASN C 179 53.18 24.50 23.75
CA ASN C 179 53.24 25.42 24.87
C ASN C 179 51.87 25.75 25.42
N LEU C 180 51.90 26.40 26.58
CA LEU C 180 50.79 27.15 27.14
C LEU C 180 50.62 28.45 26.34
N GLU C 181 49.39 28.75 25.96
CA GLU C 181 49.11 29.89 25.09
C GLU C 181 49.30 31.22 25.80
N VAL C 182 49.92 32.16 25.11
CA VAL C 182 49.91 33.55 25.58
C VAL C 182 48.52 34.12 25.32
N PRO C 183 47.77 34.51 26.38
CA PRO C 183 46.44 35.11 26.15
C PRO C 183 46.53 36.56 25.69
N THR C 184 45.41 37.13 25.28
CA THR C 184 45.33 38.49 24.80
C THR C 184 45.05 39.41 26.00
N TYR C 185 45.50 40.67 25.91
CA TYR C 185 45.10 41.80 26.77
C TYR C 185 45.62 43.10 26.18
N GLU C 186 45.18 44.23 26.72
CA GLU C 186 45.74 45.52 26.32
C GLU C 186 45.80 46.41 27.56
N PHE C 187 46.82 47.25 27.62
CA PHE C 187 47.08 48.10 28.78
C PHE C 187 46.75 49.55 28.44
N THR C 188 46.15 50.28 29.40
CA THR C 188 45.80 51.65 29.08
C THR C 188 46.89 52.65 29.48
N SER C 189 47.04 52.94 30.78
CA SER C 189 48.29 53.58 31.18
C SER C 189 48.95 53.00 32.43
N ASP C 190 48.37 53.28 33.61
CA ASP C 190 48.94 52.81 34.87
C ASP C 190 47.93 52.13 35.78
N ASP C 191 46.85 52.84 36.10
CA ASP C 191 45.90 52.47 37.14
C ASP C 191 44.99 51.35 36.68
N LEU C 192 44.25 51.58 35.60
CA LEU C 192 43.43 50.55 34.99
C LEU C 192 44.07 50.06 33.70
N VAL C 193 44.50 48.80 33.69
CA VAL C 193 44.79 48.11 32.45
C VAL C 193 43.79 46.96 32.33
N ILE C 194 43.34 46.69 31.11
CA ILE C 194 42.16 45.83 30.95
C ILE C 194 42.61 44.40 30.66
N VAL C 195 42.10 43.49 31.49
CA VAL C 195 42.60 42.12 31.67
C VAL C 195 41.95 41.11 30.74
N GLY C 196 42.75 40.27 30.07
CA GLY C 196 42.21 39.12 29.38
C GLY C 196 41.52 39.36 28.05
N ALA D 2 27.03 2.19 -60.91
CA ALA D 2 27.42 1.10 -60.04
C ALA D 2 27.80 1.62 -58.68
N THR D 3 27.27 2.78 -58.33
CA THR D 3 27.48 3.45 -57.06
C THR D 3 26.23 4.29 -56.84
N TYR D 4 25.87 4.50 -55.56
CA TYR D 4 24.69 5.29 -55.22
C TYR D 4 24.82 6.73 -55.68
N ALA D 5 26.05 7.25 -55.70
CA ALA D 5 26.28 8.60 -56.23
C ALA D 5 26.09 8.64 -57.75
N GLN D 6 26.62 7.63 -58.45
CA GLN D 6 26.49 7.59 -59.90
C GLN D 6 25.07 7.29 -60.35
N ALA D 7 24.28 6.61 -59.53
CA ALA D 7 22.90 6.30 -59.89
C ALA D 7 21.99 7.50 -59.75
N LEU D 8 22.32 8.45 -58.88
CA LEU D 8 21.50 9.65 -58.74
C LEU D 8 21.69 10.62 -59.89
N GLN D 9 22.83 10.56 -60.58
CA GLN D 9 23.03 11.43 -61.74
C GLN D 9 22.28 10.91 -62.95
N SER D 10 22.09 9.59 -63.05
CA SER D 10 21.48 8.97 -64.22
C SER D 10 19.97 9.04 -64.22
N VAL D 11 19.34 9.63 -63.21
CA VAL D 11 17.89 9.77 -63.18
C VAL D 11 17.51 10.81 -64.24
N PRO D 12 16.51 10.55 -65.08
CA PRO D 12 16.13 11.53 -66.10
C PRO D 12 15.51 12.78 -65.49
N GLU D 13 15.60 13.87 -66.24
CA GLU D 13 15.21 15.19 -65.78
C GLU D 13 13.76 15.49 -66.14
N THR D 14 13.19 16.47 -65.45
CA THR D 14 11.82 16.92 -65.69
C THR D 14 11.87 18.16 -66.55
N GLN D 15 11.06 18.19 -67.60
CA GLN D 15 10.96 19.33 -68.50
C GLN D 15 9.68 20.09 -68.21
N VAL D 16 9.77 21.41 -68.10
CA VAL D 16 8.63 22.26 -67.78
C VAL D 16 8.45 23.27 -68.89
N SER D 17 7.20 23.46 -69.33
CA SER D 17 6.84 24.49 -70.29
C SER D 17 5.63 25.27 -69.78
N GLN D 18 5.27 26.32 -70.52
CA GLN D 18 4.09 27.13 -70.21
C GLN D 18 3.35 27.50 -71.48
N LEU D 19 2.05 27.65 -71.36
CA LEU D 19 1.23 28.16 -72.43
C LEU D 19 1.01 29.66 -72.22
N ASP D 20 0.37 30.31 -73.19
CA ASP D 20 0.17 31.75 -73.11
C ASP D 20 -0.86 32.15 -72.07
N ASN D 21 -1.80 31.27 -71.74
CA ASN D 21 -2.78 31.58 -70.72
C ASN D 21 -2.27 31.32 -69.30
N GLY D 22 -1.11 30.71 -69.13
CA GLY D 22 -0.48 30.56 -67.84
C GLY D 22 -0.30 29.12 -67.41
N LEU D 23 -0.95 28.17 -68.10
CA LEU D 23 -0.92 26.77 -67.73
C LEU D 23 0.47 26.18 -67.85
N ARG D 24 0.90 25.42 -66.84
CA ARG D 24 2.20 24.78 -66.84
C ARG D 24 2.09 23.31 -67.19
N VAL D 25 3.07 22.80 -67.95
CA VAL D 25 3.07 21.46 -68.52
C VAL D 25 4.40 20.80 -68.18
N ALA D 26 4.37 19.69 -67.46
CA ALA D 26 5.58 19.03 -67.00
C ALA D 26 5.52 17.52 -67.19
N SER D 27 6.66 16.90 -67.45
CA SER D 27 6.68 15.47 -67.76
C SER D 27 8.05 14.88 -67.47
N GLU D 28 8.10 13.56 -67.30
CA GLU D 28 9.34 12.82 -67.14
C GLU D 28 9.24 11.51 -67.92
N GLN D 29 10.10 11.34 -68.91
CA GLN D 29 10.06 10.19 -69.80
C GLN D 29 10.88 9.03 -69.25
N SER D 30 10.39 7.80 -69.29
CA SER D 30 11.09 6.64 -68.67
C SER D 30 11.19 5.43 -69.55
N SER D 31 10.69 5.51 -70.93
CA SER D 31 10.81 4.15 -71.58
C SER D 31 9.97 3.01 -71.01
N GLN D 32 8.68 3.00 -71.08
CA GLN D 32 7.89 1.88 -70.61
C GLN D 32 6.48 1.98 -71.19
N PRO D 33 5.74 0.86 -71.29
CA PRO D 33 4.48 0.91 -72.07
C PRO D 33 3.27 1.50 -71.34
N THR D 34 3.35 1.86 -70.08
CA THR D 34 2.22 2.48 -69.38
C THR D 34 2.55 3.92 -68.99
N CYS D 35 1.52 4.68 -68.63
CA CYS D 35 1.72 6.07 -68.22
C CYS D 35 0.64 6.48 -67.23
N THR D 36 0.85 7.65 -66.62
CA THR D 36 -0.12 8.30 -65.74
C THR D 36 -0.12 9.79 -66.07
N VAL D 37 -1.30 10.36 -66.30
CA VAL D 37 -1.47 11.78 -66.64
C VAL D 37 -2.52 12.37 -65.71
N GLY D 38 -2.30 13.60 -65.25
CA GLY D 38 -3.29 14.23 -64.38
C GLY D 38 -3.23 15.74 -64.37
N VAL D 39 -4.18 16.33 -63.64
CA VAL D 39 -4.29 17.78 -63.50
C VAL D 39 -4.33 18.12 -62.01
N TRP D 40 -3.37 18.92 -61.54
CA TRP D 40 -3.30 19.36 -60.15
C TRP D 40 -3.69 20.82 -60.02
N ILE D 41 -4.54 21.12 -59.05
CA ILE D 41 -5.17 22.44 -58.91
C ILE D 41 -4.86 23.00 -57.53
N ASP D 42 -4.65 24.32 -57.45
CA ASP D 42 -4.56 25.06 -56.18
C ASP D 42 -5.95 25.44 -55.65
N ALA D 43 -6.68 24.43 -55.21
CA ALA D 43 -8.00 24.62 -54.63
C ALA D 43 -8.12 23.70 -53.44
N GLY D 44 -8.96 24.06 -52.50
CA GLY D 44 -9.05 23.33 -51.25
C GLY D 44 -9.91 24.06 -50.26
N SER D 45 -10.09 23.44 -49.10
CA SER D 45 -11.04 23.97 -48.11
C SER D 45 -10.48 25.18 -47.37
N ARG D 46 -9.17 25.42 -47.40
CA ARG D 46 -8.62 26.64 -46.83
C ARG D 46 -8.91 27.87 -47.66
N TYR D 47 -9.44 27.72 -48.87
CA TYR D 47 -9.91 28.84 -49.66
C TYR D 47 -11.40 29.07 -49.55
N GLU D 48 -12.13 28.28 -48.76
CA GLU D 48 -13.55 28.49 -48.56
C GLU D 48 -13.81 29.26 -47.28
N ASN D 49 -14.97 29.87 -47.21
CA ASN D 49 -15.45 30.51 -46.01
C ASN D 49 -16.67 29.73 -45.52
N GLU D 50 -17.36 30.27 -44.51
CA GLU D 50 -18.29 29.45 -43.75
C GLU D 50 -19.59 29.15 -44.50
N LYS D 51 -19.94 29.95 -45.52
CA LYS D 51 -21.19 29.68 -46.22
C LYS D 51 -21.05 28.60 -47.27
N ASN D 52 -19.82 28.26 -47.70
CA ASN D 52 -19.65 27.26 -48.75
C ASN D 52 -18.54 26.28 -48.42
N ASN D 53 -18.45 25.81 -47.18
CA ASN D 53 -17.35 24.95 -46.77
C ASN D 53 -17.45 23.55 -47.38
N GLY D 54 -18.64 23.12 -47.76
CA GLY D 54 -18.65 21.83 -48.40
C GLY D 54 -18.30 21.81 -49.88
N ALA D 55 -18.28 22.95 -50.56
CA ALA D 55 -18.42 23.08 -52.01
C ALA D 55 -17.37 22.37 -52.87
N GLY D 56 -16.11 22.36 -52.44
CA GLY D 56 -15.09 21.74 -53.26
C GLY D 56 -15.10 20.22 -53.25
N TYR D 57 -15.65 19.63 -52.21
CA TYR D 57 -15.84 18.20 -52.11
C TYR D 57 -17.13 17.74 -52.77
N PHE D 58 -18.07 18.66 -52.96
CA PHE D 58 -19.28 18.39 -53.72
C PHE D 58 -19.00 18.31 -55.21
N VAL D 59 -18.09 19.14 -55.73
CA VAL D 59 -17.84 19.13 -57.16
C VAL D 59 -16.89 18.01 -57.56
N GLU D 60 -16.16 17.44 -56.60
CA GLU D 60 -15.32 16.29 -56.90
C GLU D 60 -16.15 15.00 -56.98
N HIS D 61 -17.33 14.99 -56.38
CA HIS D 61 -18.28 13.91 -56.57
C HIS D 61 -18.91 13.92 -57.95
N LEU D 62 -19.12 15.09 -58.53
CA LEU D 62 -19.87 15.24 -59.77
C LEU D 62 -19.00 15.20 -61.01
N ALA D 63 -17.68 15.11 -60.85
CA ALA D 63 -16.74 15.28 -61.95
C ALA D 63 -16.71 14.12 -62.93
N PHE D 64 -17.02 12.91 -62.47
CA PHE D 64 -16.97 11.72 -63.30
C PHE D 64 -18.36 11.30 -63.77
N LYS D 65 -19.35 12.18 -63.71
CA LYS D 65 -20.73 11.78 -63.94
C LYS D 65 -21.42 12.57 -65.03
N GLY D 66 -20.66 13.15 -65.96
CA GLY D 66 -21.27 13.74 -67.15
C GLY D 66 -20.76 15.11 -67.55
N THR D 67 -20.45 15.27 -68.82
CA THR D 67 -20.12 16.57 -69.40
C THR D 67 -21.11 16.86 -70.52
N LYS D 68 -20.85 17.91 -71.30
CA LYS D 68 -21.78 18.27 -72.36
C LYS D 68 -21.59 17.41 -73.60
N ASN D 69 -20.36 16.99 -73.88
CA ASN D 69 -20.09 16.13 -75.02
C ASN D 69 -20.25 14.65 -74.68
N ARG D 70 -20.12 14.27 -73.42
CA ARG D 70 -20.16 12.87 -72.99
C ARG D 70 -21.14 12.73 -71.85
N PRO D 71 -22.44 12.66 -72.14
CA PRO D 71 -23.45 12.73 -71.07
C PRO D 71 -23.58 11.42 -70.32
N GLY D 72 -23.74 11.54 -69.00
CA GLY D 72 -24.00 10.41 -68.12
C GLY D 72 -22.87 9.39 -68.02
N SER D 73 -23.19 8.14 -68.38
CA SER D 73 -22.23 7.04 -68.28
C SER D 73 -21.44 6.82 -69.55
N ALA D 74 -21.46 7.78 -70.48
CA ALA D 74 -20.68 7.62 -71.70
C ALA D 74 -19.20 7.82 -71.45
N LEU D 75 -18.84 8.69 -70.49
CA LEU D 75 -17.47 8.81 -70.04
C LEU D 75 -16.97 7.52 -69.40
N GLU D 76 -17.83 6.88 -68.62
CA GLU D 76 -17.42 5.68 -67.89
C GLU D 76 -17.19 4.50 -68.82
N LYS D 77 -17.94 4.46 -69.92
CA LYS D 77 -17.86 3.33 -70.83
C LYS D 77 -16.60 3.35 -71.68
N GLU D 78 -16.09 4.54 -72.02
CA GLU D 78 -14.88 4.58 -72.85
C GLU D 78 -13.61 4.53 -72.03
N VAL D 79 -13.68 4.86 -70.74
CA VAL D 79 -12.52 4.63 -69.87
C VAL D 79 -12.32 3.14 -69.66
N GLU D 80 -13.41 2.41 -69.41
CA GLU D 80 -13.33 0.98 -69.15
C GLU D 80 -13.04 0.17 -70.41
N SER D 81 -13.49 0.62 -71.58
CA SER D 81 -13.23 -0.12 -72.80
C SER D 81 -11.78 -0.03 -73.27
N MET D 82 -10.98 0.85 -72.70
CA MET D 82 -9.55 0.89 -72.96
C MET D 82 -8.74 0.08 -71.96
N GLY D 83 -9.28 -0.17 -70.78
CA GLY D 83 -8.51 -0.75 -69.70
C GLY D 83 -7.85 0.24 -68.78
N ALA D 84 -8.43 1.43 -68.62
CA ALA D 84 -7.83 2.52 -67.86
C ALA D 84 -8.61 2.78 -66.57
N HIS D 85 -8.01 3.59 -65.68
CA HIS D 85 -8.54 3.88 -64.36
C HIS D 85 -8.67 5.38 -64.15
N LEU D 86 -9.74 5.82 -63.50
CA LEU D 86 -9.97 7.22 -63.13
C LEU D 86 -9.98 7.34 -61.62
N ASN D 87 -9.29 8.36 -61.09
CA ASN D 87 -9.20 8.59 -59.67
C ASN D 87 -9.15 10.09 -59.37
N ALA D 88 -9.38 10.43 -58.10
CA ALA D 88 -9.37 11.81 -57.62
C ALA D 88 -9.09 11.81 -56.12
N TYR D 89 -8.65 12.96 -55.60
CA TYR D 89 -8.57 13.22 -54.17
C TYR D 89 -8.66 14.72 -53.93
N SER D 90 -8.79 15.11 -52.67
CA SER D 90 -9.01 16.52 -52.30
C SER D 90 -8.58 16.75 -50.86
N THR D 91 -7.46 17.45 -50.65
CA THR D 91 -6.97 17.80 -49.32
C THR D 91 -7.44 19.22 -48.93
N ARG D 92 -6.82 19.79 -47.90
CA ARG D 92 -7.11 21.15 -47.45
C ARG D 92 -6.50 22.23 -48.33
N GLU D 93 -5.55 21.87 -49.22
CA GLU D 93 -4.93 22.84 -50.10
C GLU D 93 -4.84 22.43 -51.56
N HIS D 94 -5.01 21.15 -51.92
CA HIS D 94 -4.84 20.67 -53.28
C HIS D 94 -6.05 19.89 -53.75
N THR D 95 -6.13 19.66 -55.06
CA THR D 95 -7.15 18.84 -55.70
C THR D 95 -6.53 18.21 -56.94
N ALA D 96 -6.79 16.92 -57.18
CA ALA D 96 -6.24 16.21 -58.33
C ALA D 96 -7.30 15.37 -59.04
N TYR D 97 -7.09 15.16 -60.34
CA TYR D 97 -7.83 14.19 -61.16
C TYR D 97 -6.81 13.55 -62.08
N TYR D 98 -6.72 12.22 -62.10
CA TYR D 98 -5.70 11.59 -62.93
C TYR D 98 -6.19 10.27 -63.53
N ILE D 99 -5.53 9.87 -64.61
CA ILE D 99 -5.86 8.69 -65.42
C ILE D 99 -4.61 7.84 -65.54
N LYS D 100 -4.76 6.54 -65.38
CA LYS D 100 -3.66 5.60 -65.59
C LYS D 100 -4.04 4.71 -66.77
N ALA D 101 -3.22 4.71 -67.82
CA ALA D 101 -3.59 4.10 -69.10
C ALA D 101 -2.34 3.58 -69.80
N LEU D 102 -2.53 3.06 -71.01
CA LEU D 102 -1.44 2.62 -71.87
C LEU D 102 -0.89 3.81 -72.66
N SER D 103 0.37 3.70 -73.08
CA SER D 103 1.08 4.84 -73.68
C SER D 103 0.54 5.24 -75.05
N LYS D 104 -0.12 4.34 -75.77
CA LYS D 104 -0.71 4.71 -77.05
C LYS D 104 -2.06 5.38 -76.91
N ASP D 105 -2.65 5.38 -75.72
CA ASP D 105 -3.94 6.03 -75.49
C ASP D 105 -3.78 7.41 -74.87
N LEU D 106 -2.59 7.98 -74.91
CA LEU D 106 -2.35 9.32 -74.38
C LEU D 106 -3.15 10.43 -75.08
N PRO D 107 -3.34 10.46 -76.43
CA PRO D 107 -4.23 11.48 -77.00
C PRO D 107 -5.67 11.44 -76.51
N LYS D 108 -6.23 10.25 -76.28
CA LYS D 108 -7.58 10.17 -75.76
C LYS D 108 -7.65 10.56 -74.28
N ALA D 109 -6.60 10.24 -73.50
CA ALA D 109 -6.63 10.52 -72.07
C ALA D 109 -6.56 12.01 -71.77
N VAL D 110 -5.77 12.76 -72.54
CA VAL D 110 -5.67 14.20 -72.34
C VAL D 110 -6.95 14.91 -72.74
N GLU D 111 -7.64 14.38 -73.76
CA GLU D 111 -8.91 14.96 -74.19
C GLU D 111 -10.01 14.78 -73.13
N LEU D 112 -10.02 13.64 -72.44
CA LEU D 112 -11.02 13.40 -71.41
C LEU D 112 -10.80 14.29 -70.20
N LEU D 113 -9.53 14.51 -69.83
CA LEU D 113 -9.21 15.34 -68.67
C LEU D 113 -9.54 16.82 -68.91
N ALA D 114 -9.38 17.29 -70.15
CA ALA D 114 -9.75 18.67 -70.45
C ALA D 114 -11.25 18.86 -70.44
N ASP D 115 -12.00 17.84 -70.84
CA ASP D 115 -13.46 17.92 -70.79
C ASP D 115 -13.98 17.92 -69.36
N ILE D 116 -13.27 17.25 -68.45
CA ILE D 116 -13.72 17.12 -67.07
C ILE D 116 -13.57 18.45 -66.33
N VAL D 117 -12.43 19.12 -66.50
CA VAL D 117 -12.17 20.32 -65.72
C VAL D 117 -12.76 21.58 -66.35
N GLN D 118 -13.18 21.55 -67.61
CA GLN D 118 -13.75 22.76 -68.20
C GLN D 118 -15.25 22.66 -68.42
N ASN D 119 -15.71 21.56 -69.00
CA ASN D 119 -17.04 21.49 -69.59
C ASN D 119 -18.02 20.69 -68.74
N CYS D 120 -17.75 20.53 -67.45
CA CYS D 120 -18.48 19.62 -66.59
C CYS D 120 -19.88 20.15 -66.31
N SER D 121 -20.86 19.28 -66.41
CA SER D 121 -22.24 19.62 -66.16
C SER D 121 -22.54 19.41 -64.68
N LEU D 122 -23.44 20.23 -64.16
CA LEU D 122 -23.77 20.23 -62.75
C LEU D 122 -25.29 20.22 -62.64
N GLU D 123 -25.90 19.27 -63.34
CA GLU D 123 -27.35 19.20 -63.52
C GLU D 123 -28.06 18.92 -62.20
N ASP D 124 -29.29 19.41 -62.12
CA ASP D 124 -30.02 19.51 -60.86
C ASP D 124 -30.67 18.22 -60.41
N SER D 125 -30.56 17.13 -61.15
CA SER D 125 -31.04 15.84 -60.68
C SER D 125 -29.91 14.93 -60.23
N GLN D 126 -28.69 15.17 -60.70
CA GLN D 126 -27.51 14.50 -60.16
C GLN D 126 -27.10 15.11 -58.82
N ILE D 127 -27.31 16.41 -58.67
CA ILE D 127 -27.44 17.07 -57.37
C ILE D 127 -28.83 16.70 -56.87
N GLU D 128 -28.97 16.51 -55.55
CA GLU D 128 -30.07 15.90 -54.78
C GLU D 128 -30.00 14.38 -54.86
N LYS D 129 -29.10 13.84 -55.67
CA LYS D 129 -28.77 12.43 -55.58
C LYS D 129 -27.40 12.21 -54.97
N GLU D 130 -26.44 13.08 -55.28
CA GLU D 130 -25.16 13.04 -54.58
C GLU D 130 -25.25 13.63 -53.19
N ARG D 131 -26.30 14.40 -52.91
CA ARG D 131 -26.50 14.93 -51.56
C ARG D 131 -26.78 13.82 -50.57
N ASP D 132 -27.42 12.74 -51.01
CA ASP D 132 -27.66 11.61 -50.12
C ASP D 132 -26.40 10.77 -49.93
N VAL D 133 -25.61 10.60 -50.98
CA VAL D 133 -24.38 9.81 -50.89
C VAL D 133 -23.37 10.47 -49.97
N ILE D 134 -23.34 11.81 -49.96
CA ILE D 134 -22.42 12.52 -49.09
C ILE D 134 -22.88 12.47 -47.63
N LEU D 135 -24.20 12.52 -47.41
CA LEU D 135 -24.73 12.57 -46.04
C LEU D 135 -24.54 11.27 -45.27
N GLN D 136 -24.38 10.14 -45.96
CA GLN D 136 -24.08 8.90 -45.25
C GLN D 136 -22.63 8.51 -45.39
N GLU D 137 -21.90 9.19 -46.27
CA GLU D 137 -20.44 9.15 -46.24
C GLU D 137 -19.89 9.78 -44.96
N LEU D 138 -20.57 10.80 -44.45
CA LEU D 138 -20.16 11.46 -43.21
C LEU D 138 -20.27 10.51 -42.01
N GLN D 139 -21.34 9.72 -41.99
CA GLN D 139 -21.54 8.77 -40.89
C GLN D 139 -20.55 7.62 -40.93
N GLU D 140 -20.09 7.23 -42.11
CA GLU D 140 -19.04 6.22 -42.21
C GLU D 140 -17.71 6.72 -41.68
N ASN D 141 -17.40 8.00 -41.89
CA ASN D 141 -16.14 8.56 -41.41
C ASN D 141 -16.11 8.71 -39.90
N ASP D 142 -17.28 8.79 -39.26
CA ASP D 142 -17.39 8.93 -37.80
C ASP D 142 -16.96 7.68 -37.05
N SER D 143 -16.88 6.53 -37.69
CA SER D 143 -16.43 5.31 -37.05
C SER D 143 -14.95 5.07 -37.23
N SER D 144 -14.28 5.84 -38.08
CA SER D 144 -12.83 5.83 -38.14
C SER D 144 -12.29 6.81 -37.11
N MET D 145 -11.60 6.30 -36.10
CA MET D 145 -11.19 7.12 -34.98
C MET D 145 -9.95 7.93 -35.25
N ARG D 146 -9.09 7.48 -36.16
CA ARG D 146 -7.91 8.26 -36.56
C ARG D 146 -8.31 9.47 -37.39
N ASP D 147 -9.40 9.37 -38.15
CA ASP D 147 -9.83 10.52 -38.95
C ASP D 147 -10.55 11.56 -38.10
N VAL D 148 -11.27 11.12 -37.07
CA VAL D 148 -11.95 12.06 -36.19
C VAL D 148 -10.93 12.83 -35.35
N VAL D 149 -9.88 12.15 -34.90
CA VAL D 149 -8.96 12.78 -33.97
C VAL D 149 -8.01 13.74 -34.69
N PHE D 150 -7.74 13.50 -35.98
CA PHE D 150 -6.90 14.44 -36.73
C PHE D 150 -7.70 15.63 -37.19
N ASP D 151 -9.03 15.50 -37.27
CA ASP D 151 -9.88 16.66 -37.52
C ASP D 151 -10.02 17.53 -36.28
N TYR D 152 -9.97 16.92 -35.08
CA TYR D 152 -10.00 17.66 -33.84
C TYR D 152 -8.74 18.49 -33.64
N LEU D 153 -7.59 17.95 -34.07
CA LEU D 153 -6.33 18.63 -33.91
C LEU D 153 -6.22 19.88 -34.80
N HIS D 154 -6.83 19.85 -35.98
CA HIS D 154 -6.84 21.04 -36.83
C HIS D 154 -7.81 22.08 -36.29
N ALA D 155 -8.91 21.64 -35.70
CA ALA D 155 -9.91 22.56 -35.19
C ALA D 155 -9.44 23.29 -33.93
N THR D 156 -8.48 22.72 -33.20
CA THR D 156 -8.03 23.37 -31.98
C THR D 156 -6.69 24.09 -32.18
N ALA D 157 -5.88 23.65 -33.14
CA ALA D 157 -4.60 24.33 -33.36
C ALA D 157 -4.78 25.61 -34.16
N PHE D 158 -5.82 25.69 -34.99
CA PHE D 158 -6.01 26.83 -35.87
C PHE D 158 -7.40 27.43 -35.70
N GLN D 159 -7.89 27.56 -34.47
CA GLN D 159 -9.27 27.85 -34.07
C GLN D 159 -10.06 28.90 -34.84
N GLY D 160 -9.54 30.11 -35.00
CA GLY D 160 -10.36 31.16 -35.58
C GLY D 160 -10.01 31.52 -37.00
N THR D 161 -9.79 30.52 -37.82
CA THR D 161 -9.00 30.62 -39.04
C THR D 161 -9.54 29.63 -40.07
N PRO D 162 -9.38 29.87 -41.38
CA PRO D 162 -9.93 28.92 -42.39
C PRO D 162 -9.19 27.59 -42.48
N LEU D 163 -8.05 27.43 -41.82
CA LEU D 163 -7.37 26.16 -41.76
C LEU D 163 -7.94 25.23 -40.70
N ALA D 164 -8.90 25.70 -39.90
CA ALA D 164 -9.57 24.89 -38.90
C ALA D 164 -10.70 24.06 -39.45
N GLN D 165 -11.35 24.50 -40.53
CA GLN D 165 -12.51 23.79 -41.02
C GLN D 165 -12.07 22.51 -41.77
N SER D 166 -13.02 21.61 -41.94
CA SER D 166 -12.75 20.30 -42.53
C SER D 166 -12.98 20.31 -44.03
N VAL D 167 -12.49 19.25 -44.69
CA VAL D 167 -12.58 19.16 -46.15
C VAL D 167 -14.02 18.94 -46.60
N GLU D 168 -14.74 18.06 -45.90
CA GLU D 168 -16.10 17.71 -46.28
C GLU D 168 -17.13 18.74 -45.84
N GLY D 169 -16.88 19.49 -44.78
CA GLY D 169 -17.83 20.47 -44.31
C GLY D 169 -18.79 19.93 -43.28
N PRO D 170 -19.60 20.80 -42.71
CA PRO D 170 -20.63 20.36 -41.76
C PRO D 170 -21.84 19.78 -42.50
N SER D 171 -22.66 19.06 -41.75
CA SER D 171 -23.87 18.45 -42.32
C SER D 171 -24.90 19.48 -42.72
N GLU D 172 -24.89 20.64 -42.07
CA GLU D 172 -25.85 21.68 -42.40
C GLU D 172 -25.49 22.38 -43.71
N ASN D 173 -24.21 22.45 -44.05
CA ASN D 173 -23.83 23.00 -45.36
C ASN D 173 -24.14 22.05 -46.50
N VAL D 174 -23.95 20.75 -46.29
CA VAL D 174 -24.21 19.74 -47.31
C VAL D 174 -25.67 19.74 -47.73
N ARG D 175 -26.56 20.00 -46.79
CA ARG D 175 -27.97 20.04 -47.05
C ARG D 175 -28.44 21.30 -47.76
N LYS D 176 -27.60 22.35 -47.87
CA LYS D 176 -28.05 23.62 -48.41
C LYS D 176 -27.29 24.12 -49.63
N LEU D 177 -26.21 23.45 -50.04
CA LEU D 177 -25.43 23.92 -51.19
C LEU D 177 -26.16 23.77 -52.51
N SER D 178 -26.53 24.89 -53.13
CA SER D 178 -27.33 24.89 -54.35
C SER D 178 -26.43 24.80 -55.59
N ARG D 179 -27.05 24.95 -56.77
CA ARG D 179 -26.29 24.85 -58.01
C ARG D 179 -25.46 26.09 -58.27
N ALA D 180 -25.99 27.27 -57.95
CA ALA D 180 -25.27 28.52 -58.17
C ALA D 180 -24.06 28.67 -57.25
N ASP D 181 -24.04 27.99 -56.10
CA ASP D 181 -22.85 27.99 -55.28
C ASP D 181 -21.75 27.14 -55.90
N LEU D 182 -22.11 26.11 -56.67
CA LEU D 182 -21.11 25.22 -57.24
C LEU D 182 -20.56 25.75 -58.56
N THR D 183 -21.39 26.40 -59.37
CA THR D 183 -20.90 27.01 -60.60
C THR D 183 -20.01 28.21 -60.30
N GLU D 184 -20.30 28.94 -59.22
CA GLU D 184 -19.45 30.05 -58.81
C GLU D 184 -18.13 29.57 -58.23
N TYR D 185 -18.11 28.39 -57.62
CA TYR D 185 -16.86 27.84 -57.11
C TYR D 185 -15.92 27.44 -58.23
N VAL D 186 -16.45 26.95 -59.35
CA VAL D 186 -15.61 26.48 -60.44
C VAL D 186 -14.98 27.66 -61.18
N SER D 187 -15.74 28.74 -61.36
CA SER D 187 -15.26 29.91 -62.07
C SER D 187 -14.17 30.67 -61.33
N GLN D 188 -14.09 30.53 -60.01
CA GLN D 188 -13.10 31.26 -59.23
C GLN D 188 -11.81 30.48 -59.02
N HIS D 189 -11.87 29.17 -58.91
CA HIS D 189 -10.69 28.41 -58.56
C HIS D 189 -10.16 27.51 -59.67
N TYR D 190 -10.94 27.22 -60.70
CA TYR D 190 -10.49 26.33 -61.76
C TYR D 190 -10.07 27.17 -62.96
N LYS D 191 -8.87 27.73 -62.85
CA LYS D 191 -8.39 28.78 -63.74
C LYS D 191 -6.98 28.48 -64.15
N ALA D 192 -6.60 28.71 -65.38
CA ALA D 192 -5.27 28.27 -65.90
C ALA D 192 -3.98 28.58 -65.13
N PRO D 193 -3.73 29.79 -64.56
CA PRO D 193 -2.50 30.05 -63.81
C PRO D 193 -2.38 29.26 -62.50
N ARG D 194 -3.43 28.61 -62.01
CA ARG D 194 -3.51 27.78 -60.80
C ARG D 194 -3.51 26.26 -61.06
N MET D 195 -3.13 25.76 -62.22
CA MET D 195 -3.30 24.35 -62.62
C MET D 195 -2.02 23.82 -63.24
N VAL D 196 -1.65 22.58 -63.08
CA VAL D 196 -0.47 21.89 -63.62
C VAL D 196 -0.94 20.63 -64.34
N LEU D 197 -0.47 20.44 -65.57
CA LEU D 197 -0.70 19.20 -66.32
C LEU D 197 0.57 18.37 -66.28
N ALA D 198 0.54 17.28 -65.53
CA ALA D 198 1.71 16.43 -65.33
C ALA D 198 1.54 15.07 -65.98
N ALA D 199 2.66 14.39 -66.25
CA ALA D 199 2.65 13.08 -66.89
C ALA D 199 3.95 12.35 -66.58
N ALA D 200 3.90 11.03 -66.49
CA ALA D 200 5.09 10.23 -66.26
C ALA D 200 4.95 8.87 -66.92
N GLY D 201 6.08 8.22 -67.17
CA GLY D 201 6.09 6.94 -67.84
C GLY D 201 6.66 7.00 -69.25
N GLY D 202 6.02 6.34 -70.20
CA GLY D 202 6.42 6.52 -71.57
C GLY D 202 5.62 7.60 -72.26
N VAL D 203 6.15 8.81 -72.25
CA VAL D 203 5.56 9.99 -72.87
C VAL D 203 6.69 10.82 -73.42
N GLU D 204 6.40 11.61 -74.44
CA GLU D 204 7.36 12.56 -74.96
C GLU D 204 6.81 13.96 -74.72
N HIS D 205 7.68 14.87 -74.29
CA HIS D 205 7.25 16.19 -73.85
C HIS D 205 6.70 17.01 -74.99
N ARG D 206 7.25 16.84 -76.19
CA ARG D 206 6.85 17.58 -77.38
C ARG D 206 5.44 17.21 -77.80
N GLN D 207 5.07 15.95 -77.63
CA GLN D 207 3.70 15.51 -77.91
C GLN D 207 2.71 15.92 -76.84
N LEU D 208 3.13 15.94 -75.58
CA LEU D 208 2.25 16.41 -74.51
C LEU D 208 1.96 17.90 -74.64
N LEU D 209 2.94 18.67 -75.10
CA LEU D 209 2.76 20.10 -75.29
C LEU D 209 1.78 20.41 -76.42
N ASP D 210 1.81 19.61 -77.48
CA ASP D 210 0.89 19.83 -78.60
C ASP D 210 -0.55 19.48 -78.22
N LEU D 211 -0.74 18.47 -77.38
CA LEU D 211 -2.10 18.14 -76.95
C LEU D 211 -2.64 19.17 -75.97
N ALA D 212 -1.74 19.83 -75.23
CA ALA D 212 -2.18 20.89 -74.33
C ALA D 212 -2.61 22.13 -75.10
N GLN D 213 -1.95 22.42 -76.21
CA GLN D 213 -2.33 23.57 -77.02
C GLN D 213 -3.65 23.35 -77.73
N LYS D 214 -3.98 22.09 -78.00
CA LYS D 214 -5.19 21.76 -78.75
C LYS D 214 -6.41 21.68 -77.84
N HIS D 215 -6.25 21.19 -76.61
CA HIS D 215 -7.38 20.99 -75.72
C HIS D 215 -7.47 21.96 -74.56
N PHE D 216 -6.36 22.59 -74.15
CA PHE D 216 -6.36 23.45 -72.97
C PHE D 216 -6.09 24.91 -73.30
N SER D 217 -6.52 25.41 -74.44
CA SER D 217 -6.22 26.81 -74.74
C SER D 217 -7.48 27.66 -74.80
N SER D 218 -8.64 27.10 -74.48
CA SER D 218 -9.88 27.84 -74.35
C SER D 218 -10.09 28.39 -72.94
N LEU D 219 -9.17 28.12 -72.02
CA LEU D 219 -9.20 28.74 -70.69
C LEU D 219 -8.74 30.18 -70.80
N SER D 220 -9.47 31.10 -70.16
CA SER D 220 -9.08 32.51 -70.17
C SER D 220 -7.98 32.74 -69.15
N GLY D 221 -6.96 33.50 -69.56
CA GLY D 221 -5.72 33.56 -68.81
C GLY D 221 -5.56 34.71 -67.84
N THR D 222 -6.34 35.77 -68.01
CA THR D 222 -6.33 36.88 -67.07
C THR D 222 -7.65 36.87 -66.30
N TYR D 223 -7.55 37.08 -64.99
CA TYR D 223 -8.63 36.91 -64.02
C TYR D 223 -9.80 37.84 -64.34
N VAL D 224 -11.01 37.37 -64.06
CA VAL D 224 -12.21 38.16 -64.26
C VAL D 224 -12.22 39.32 -63.28
N GLU D 225 -12.40 40.54 -63.81
CA GLU D 225 -12.19 41.86 -63.19
C GLU D 225 -10.85 41.98 -62.43
N ASP D 226 -9.86 41.16 -62.86
CA ASP D 226 -8.44 41.05 -62.48
C ASP D 226 -8.14 41.36 -61.01
N ALA D 227 -8.94 40.77 -60.12
CA ALA D 227 -8.70 40.86 -58.69
C ALA D 227 -7.79 39.71 -58.28
N VAL D 228 -6.70 40.01 -57.60
CA VAL D 228 -5.65 39.04 -57.32
C VAL D 228 -5.88 38.36 -55.97
N PRO D 229 -5.61 37.06 -55.87
CA PRO D 229 -5.62 36.40 -54.57
C PRO D 229 -4.37 36.73 -53.77
N ALA D 230 -4.50 36.62 -52.45
CA ALA D 230 -3.37 36.81 -51.54
C ALA D 230 -3.70 36.01 -50.29
N PHE D 231 -2.81 35.09 -49.91
CA PHE D 231 -3.10 34.20 -48.79
C PHE D 231 -3.04 34.99 -47.47
N THR D 232 -4.16 35.02 -46.77
CA THR D 232 -4.17 35.54 -45.42
C THR D 232 -3.67 34.48 -44.45
N PRO D 233 -2.61 34.76 -43.65
CA PRO D 233 -1.96 33.69 -42.88
C PRO D 233 -2.81 33.13 -41.75
N CYS D 234 -2.37 32.02 -41.22
CA CYS D 234 -3.22 31.30 -40.25
C CYS D 234 -2.37 31.08 -39.03
N ARG D 235 -2.78 31.62 -37.88
CA ARG D 235 -2.11 31.50 -36.55
C ARG D 235 -2.25 30.15 -35.79
N PHE D 236 -1.29 29.71 -35.00
CA PHE D 236 -1.29 28.56 -34.10
C PHE D 236 -1.67 29.00 -32.69
N THR D 237 -2.45 28.17 -32.00
CA THR D 237 -2.87 28.40 -30.62
C THR D 237 -2.72 27.12 -29.81
N GLY D 238 -1.92 27.18 -28.74
CA GLY D 238 -1.85 26.10 -27.77
C GLY D 238 -3.12 25.96 -26.96
N SER D 239 -3.70 24.76 -26.96
CA SER D 239 -5.07 24.50 -26.49
C SER D 239 -5.37 23.01 -26.47
N GLU D 240 -6.60 22.65 -26.09
CA GLU D 240 -6.90 21.20 -25.91
C GLU D 240 -8.38 20.89 -26.06
N ILE D 241 -8.71 19.73 -26.65
CA ILE D 241 -10.08 19.27 -26.80
C ILE D 241 -10.16 17.79 -26.40
N ARG D 242 -11.14 17.50 -25.52
CA ARG D 242 -11.29 16.14 -24.93
C ARG D 242 -12.69 15.55 -25.15
N HIS D 243 -12.80 14.49 -25.93
CA HIS D 243 -14.05 13.70 -26.25
C HIS D 243 -14.06 12.41 -25.41
N ARG D 244 -14.81 12.54 -24.34
CA ARG D 244 -15.10 11.44 -23.41
C ARG D 244 -16.25 10.46 -23.79
N ASP D 245 -15.81 9.27 -24.02
CA ASP D 245 -16.61 8.07 -24.36
C ASP D 245 -16.00 6.76 -23.88
N ASP D 246 -16.48 6.25 -22.80
CA ASP D 246 -16.06 5.03 -22.11
C ASP D 246 -16.45 3.65 -22.71
N ALA D 247 -17.48 3.59 -23.60
CA ALA D 247 -17.89 2.44 -24.37
C ALA D 247 -16.93 2.19 -25.53
N LEU D 248 -16.10 3.11 -26.01
CA LEU D 248 -15.01 2.77 -26.97
C LEU D 248 -13.93 1.93 -26.30
N PRO D 249 -13.41 0.90 -26.96
CA PRO D 249 -12.46 0.00 -26.30
C PRO D 249 -11.05 0.53 -26.18
N LEU D 250 -10.58 1.39 -27.09
CA LEU D 250 -9.24 1.94 -27.05
C LEU D 250 -9.30 3.46 -27.20
N ALA D 251 -8.25 4.14 -26.77
CA ALA D 251 -8.20 5.61 -26.82
C ALA D 251 -7.17 6.11 -27.83
N HIS D 252 -7.49 7.23 -28.49
CA HIS D 252 -6.66 7.88 -29.49
C HIS D 252 -6.23 9.27 -28.99
N VAL D 253 -4.93 9.54 -29.00
CA VAL D 253 -4.36 10.82 -28.58
C VAL D 253 -3.38 11.31 -29.65
N ALA D 254 -3.51 12.59 -30.03
CA ALA D 254 -2.55 13.29 -30.89
C ALA D 254 -2.10 14.60 -30.26
N ILE D 255 -0.81 14.93 -30.40
CA ILE D 255 -0.22 16.11 -29.76
C ILE D 255 0.79 16.74 -30.72
N ALA D 256 0.75 18.08 -30.86
CA ALA D 256 1.54 18.78 -31.86
C ALA D 256 2.03 20.16 -31.41
N VAL D 257 3.26 20.51 -31.81
CA VAL D 257 3.77 21.89 -31.77
C VAL D 257 3.74 22.45 -33.19
N GLU D 258 3.97 23.75 -33.30
CA GLU D 258 3.94 24.39 -34.60
C GLU D 258 5.22 24.12 -35.38
N GLY D 259 5.07 23.73 -36.64
CA GLY D 259 6.19 23.41 -37.47
C GLY D 259 6.40 24.39 -38.61
N PRO D 260 7.42 24.15 -39.42
CA PRO D 260 7.72 25.06 -40.53
C PRO D 260 6.88 24.76 -41.76
N GLY D 261 6.71 25.77 -42.60
CA GLY D 261 6.02 25.61 -43.87
C GLY D 261 6.82 24.84 -44.89
N TRP D 262 6.31 24.88 -46.13
CA TRP D 262 6.80 24.00 -47.20
C TRP D 262 8.23 24.32 -47.63
N ALA D 263 8.54 25.61 -47.82
CA ALA D 263 9.80 26.02 -48.40
C ALA D 263 10.87 26.37 -47.37
N ASN D 264 10.63 26.07 -46.11
CA ASN D 264 11.60 26.35 -45.06
C ASN D 264 12.70 25.31 -45.10
N PRO D 265 13.97 25.72 -45.07
CA PRO D 265 15.07 24.73 -45.02
C PRO D 265 15.20 23.98 -43.69
N ASP D 266 14.40 24.33 -42.68
CA ASP D 266 14.41 23.58 -41.43
C ASP D 266 13.76 22.20 -41.56
N ASN D 267 13.03 21.97 -42.66
CA ASN D 267 12.23 20.76 -42.81
C ASN D 267 13.08 19.50 -42.92
N VAL D 268 14.29 19.61 -43.47
CA VAL D 268 15.15 18.44 -43.62
C VAL D 268 15.75 17.98 -42.28
N PRO D 269 16.32 18.85 -41.41
CA PRO D 269 16.74 18.30 -40.10
C PRO D 269 15.60 17.92 -39.16
N LEU D 270 14.38 18.42 -39.37
CA LEU D 270 13.27 17.97 -38.54
C LEU D 270 12.71 16.62 -38.97
N GLN D 271 13.04 16.14 -40.17
CA GLN D 271 12.65 14.81 -40.59
C GLN D 271 13.71 13.76 -40.26
N VAL D 272 14.96 14.18 -40.06
CA VAL D 272 15.97 13.29 -39.48
C VAL D 272 15.64 13.02 -38.02
N ALA D 273 15.04 14.00 -37.34
CA ALA D 273 14.69 13.89 -35.94
C ALA D 273 13.48 12.98 -35.71
N ASN D 274 12.44 13.09 -36.54
CA ASN D 274 11.29 12.20 -36.41
C ASN D 274 11.64 10.76 -36.78
N ALA D 275 12.63 10.56 -37.64
CA ALA D 275 13.06 9.21 -37.95
C ALA D 275 13.85 8.57 -36.81
N ILE D 276 14.30 9.34 -35.84
CA ILE D 276 14.96 8.77 -34.66
C ILE D 276 13.92 8.30 -33.65
N ILE D 277 12.78 8.99 -33.53
CA ILE D 277 11.71 8.52 -32.68
C ILE D 277 11.02 7.28 -33.28
N GLY D 278 10.67 7.31 -34.56
CA GLY D 278 10.19 6.12 -35.22
C GLY D 278 8.68 5.91 -35.22
N HIS D 279 8.29 4.64 -35.42
CA HIS D 279 6.91 4.19 -35.41
C HIS D 279 6.86 2.76 -34.88
N TYR D 280 5.68 2.30 -34.49
CA TYR D 280 5.54 0.96 -33.94
C TYR D 280 4.12 0.45 -34.15
N ASP D 281 3.99 -0.87 -34.22
CA ASP D 281 2.71 -1.56 -34.27
C ASP D 281 2.88 -2.93 -33.64
N SER D 282 1.80 -3.46 -33.06
CA SER D 282 1.87 -4.74 -32.33
C SER D 282 2.15 -5.95 -33.22
N THR D 283 1.99 -5.85 -34.53
CA THR D 283 2.32 -6.95 -35.42
C THR D 283 3.74 -6.87 -35.97
N TYR D 284 4.63 -6.03 -35.44
CA TYR D 284 6.01 -5.99 -35.92
C TYR D 284 6.77 -7.20 -35.42
N GLY D 285 7.87 -7.51 -36.09
CA GLY D 285 8.61 -8.72 -35.84
C GLY D 285 9.69 -8.70 -34.77
N GLY D 286 10.32 -7.57 -34.51
CA GLY D 286 11.48 -7.60 -33.63
C GLY D 286 11.45 -6.64 -32.46
N GLY D 287 10.29 -6.51 -31.82
CA GLY D 287 9.95 -5.48 -30.85
C GLY D 287 10.90 -5.07 -29.74
N THR D 288 11.48 -6.01 -28.99
CA THR D 288 12.32 -5.64 -27.85
C THR D 288 13.73 -5.27 -28.25
N HIS D 289 14.14 -5.58 -29.48
CA HIS D 289 15.50 -5.32 -29.94
C HIS D 289 15.61 -4.08 -30.80
N MET D 290 14.54 -3.30 -30.92
CA MET D 290 14.52 -2.22 -31.89
C MET D 290 15.31 -1.01 -31.41
N SER D 291 15.87 -0.26 -32.37
CA SER D 291 16.80 0.84 -32.09
C SER D 291 16.10 2.06 -31.50
N SER D 292 14.83 2.26 -31.81
CA SER D 292 14.08 3.32 -31.17
C SER D 292 13.83 2.98 -29.72
N THR D 293 14.01 3.97 -28.85
CA THR D 293 13.84 3.75 -27.41
C THR D 293 12.38 3.64 -27.03
N LEU D 294 11.52 4.44 -27.67
CA LEU D 294 10.09 4.39 -27.41
C LEU D 294 9.46 3.10 -27.93
N ALA D 295 10.00 2.55 -29.01
CA ALA D 295 9.47 1.30 -29.56
C ALA D 295 9.94 0.09 -28.77
N SER D 296 11.15 0.14 -28.24
CA SER D 296 11.67 -0.97 -27.44
C SER D 296 10.99 -1.08 -26.10
N VAL D 297 10.56 0.04 -25.53
CA VAL D 297 9.89 0.08 -24.24
C VAL D 297 8.42 -0.30 -24.35
N ALA D 298 7.76 0.15 -25.41
CA ALA D 298 6.34 -0.16 -25.58
C ALA D 298 6.11 -1.61 -25.99
N ALA D 299 7.15 -2.28 -26.48
CA ALA D 299 7.04 -3.70 -26.79
C ALA D 299 7.31 -4.56 -25.57
N THR D 300 8.26 -4.15 -24.72
CA THR D 300 8.64 -4.95 -23.56
C THR D 300 7.56 -4.92 -22.48
N ARG D 301 6.97 -3.76 -22.24
CA ARG D 301 5.94 -3.61 -21.22
C ARG D 301 4.54 -3.71 -21.79
N LYS D 302 4.41 -3.88 -23.11
CA LYS D 302 3.14 -3.93 -23.84
C LYS D 302 2.27 -2.71 -23.56
N LEU D 303 2.84 -1.55 -23.85
CA LEU D 303 2.26 -0.27 -23.44
C LEU D 303 1.19 0.25 -24.39
N CYS D 304 1.30 -0.02 -25.69
CA CYS D 304 0.35 0.54 -26.65
C CYS D 304 0.07 -0.47 -27.76
N GLN D 305 -0.89 -0.12 -28.62
CA GLN D 305 -1.06 -0.84 -29.88
C GLN D 305 -0.16 -0.29 -30.98
N SER D 306 -0.08 1.05 -31.09
CA SER D 306 0.70 1.64 -32.21
C SER D 306 0.93 3.15 -32.06
N PHE D 307 2.11 3.64 -32.44
CA PHE D 307 2.37 5.07 -32.48
C PHE D 307 3.09 5.44 -33.79
N GLN D 308 2.91 6.70 -34.21
CA GLN D 308 3.55 7.26 -35.38
C GLN D 308 3.89 8.74 -35.15
N THR D 309 4.98 9.21 -35.77
CA THR D 309 5.30 10.63 -35.81
C THR D 309 4.90 11.22 -37.16
N PHE D 310 4.57 12.51 -37.17
CA PHE D 310 4.13 13.15 -38.40
C PHE D 310 4.79 14.51 -38.56
N ASN D 311 4.75 15.03 -39.79
CA ASN D 311 5.28 16.35 -40.11
C ASN D 311 4.45 16.89 -41.27
N ILE D 312 3.43 17.67 -40.95
CA ILE D 312 2.45 18.13 -41.93
C ILE D 312 2.74 19.59 -42.25
N CYS D 313 2.89 19.92 -43.54
CA CYS D 313 3.30 21.25 -43.96
C CYS D 313 2.19 21.95 -44.73
N TYR D 314 2.11 23.26 -44.55
CA TYR D 314 1.30 24.15 -45.36
C TYR D 314 2.21 25.25 -45.88
N ALA D 315 1.63 26.28 -46.49
CA ALA D 315 2.42 27.31 -47.14
C ALA D 315 3.21 28.14 -46.14
N GLU D 316 2.58 28.53 -45.03
CA GLU D 316 3.23 29.38 -44.04
C GLU D 316 3.37 28.74 -42.66
N THR D 317 2.61 27.69 -42.35
CA THR D 317 2.60 27.11 -41.01
C THR D 317 2.52 25.59 -41.12
N GLY D 318 2.52 24.89 -39.99
CA GLY D 318 2.55 23.43 -40.02
C GLY D 318 2.26 22.81 -38.68
N LEU D 319 2.22 21.48 -38.67
CA LEU D 319 2.00 20.67 -37.46
C LEU D 319 3.10 19.63 -37.35
N LEU D 320 3.64 19.48 -36.16
CA LEU D 320 4.74 18.56 -35.91
C LEU D 320 4.48 17.83 -34.60
N GLY D 321 4.44 16.50 -34.63
CA GLY D 321 4.09 15.78 -33.40
C GLY D 321 3.97 14.28 -33.58
N ALA D 322 3.04 13.69 -32.83
CA ALA D 322 2.87 12.24 -32.76
C ALA D 322 1.42 11.87 -32.42
N HIS D 323 1.07 10.60 -32.72
CA HIS D 323 -0.24 10.02 -32.49
C HIS D 323 -0.04 8.62 -31.93
N PHE D 324 -0.84 8.22 -30.92
CA PHE D 324 -0.73 6.88 -30.36
C PHE D 324 -2.10 6.32 -29.99
N VAL D 325 -2.17 4.98 -29.85
CA VAL D 325 -3.39 4.23 -29.53
C VAL D 325 -3.06 3.26 -28.40
N CYS D 326 -3.81 3.31 -27.30
CA CYS D 326 -3.55 2.47 -26.13
C CYS D 326 -4.85 2.25 -25.34
N ASP D 327 -4.76 1.42 -24.30
CA ASP D 327 -5.89 1.21 -23.42
C ASP D 327 -5.93 2.24 -22.29
N ASN D 328 -6.97 2.13 -21.46
CA ASN D 328 -7.31 3.21 -20.54
C ASN D 328 -6.32 3.35 -19.38
N MET D 329 -5.57 2.29 -19.07
CA MET D 329 -4.62 2.34 -17.97
C MET D 329 -3.19 2.67 -18.41
N SER D 330 -3.01 3.13 -19.64
CA SER D 330 -1.67 3.29 -20.20
C SER D 330 -1.37 4.66 -20.74
N ILE D 331 -2.30 5.62 -20.67
CA ILE D 331 -2.14 6.91 -21.34
C ILE D 331 -1.05 7.73 -20.67
N ASP D 332 -0.97 7.67 -19.34
CA ASP D 332 -0.05 8.51 -18.58
C ASP D 332 1.40 8.09 -18.79
N ASP D 333 1.66 6.78 -18.89
CA ASP D 333 3.02 6.34 -19.17
C ASP D 333 3.42 6.56 -20.63
N MET D 334 2.46 6.60 -21.56
CA MET D 334 2.82 6.89 -22.94
C MET D 334 3.21 8.36 -23.12
N MET D 335 2.52 9.26 -22.40
CA MET D 335 2.85 10.67 -22.49
C MET D 335 4.17 11.00 -21.83
N PHE D 336 4.53 10.27 -20.77
CA PHE D 336 5.76 10.51 -20.04
C PHE D 336 6.96 10.14 -20.88
N PHE D 337 6.92 8.97 -21.52
CA PHE D 337 8.08 8.49 -22.28
C PHE D 337 8.25 9.21 -23.61
N LEU D 338 7.16 9.69 -24.21
CA LEU D 338 7.25 10.43 -25.47
C LEU D 338 7.88 11.80 -25.27
N GLN D 339 7.43 12.55 -24.26
CA GLN D 339 7.98 13.87 -23.98
C GLN D 339 9.41 13.79 -23.48
N GLY D 340 9.79 12.67 -22.87
CA GLY D 340 11.17 12.48 -22.50
C GLY D 340 12.09 12.28 -23.68
N GLN D 341 11.55 11.85 -24.83
CA GLN D 341 12.36 11.69 -26.03
C GLN D 341 12.52 12.99 -26.79
N TRP D 342 11.52 13.87 -26.75
CA TRP D 342 11.65 15.19 -27.35
C TRP D 342 12.69 16.02 -26.61
N MET D 343 12.70 15.97 -25.29
CA MET D 343 13.67 16.75 -24.52
C MET D 343 15.06 16.14 -24.59
N ARG D 344 15.16 14.83 -24.82
CA ARG D 344 16.48 14.22 -24.97
C ARG D 344 17.12 14.55 -26.31
N LEU D 345 16.36 15.06 -27.28
CA LEU D 345 16.96 15.45 -28.54
C LEU D 345 17.36 16.92 -28.56
N CYS D 346 16.70 17.75 -27.75
CA CYS D 346 17.08 19.15 -27.64
C CYS D 346 18.47 19.31 -27.01
N THR D 347 18.78 18.47 -26.03
CA THR D 347 20.13 18.31 -25.50
C THR D 347 20.62 16.98 -26.03
N SER D 348 21.78 16.49 -25.59
CA SER D 348 22.14 15.07 -25.59
C SER D 348 22.05 14.23 -26.87
N ALA D 349 21.80 14.82 -28.04
CA ALA D 349 21.63 14.01 -29.24
C ALA D 349 22.98 13.62 -29.84
N THR D 350 23.19 12.33 -30.05
CA THR D 350 24.49 11.78 -30.41
C THR D 350 24.65 11.68 -31.92
N GLU D 351 25.91 11.55 -32.35
CA GLU D 351 26.21 11.48 -33.78
C GLU D 351 25.84 10.13 -34.37
N SER D 352 25.83 9.08 -33.56
CA SER D 352 25.51 7.75 -34.08
C SER D 352 24.01 7.60 -34.32
N GLU D 353 23.18 8.29 -33.53
CA GLU D 353 21.75 8.41 -33.80
C GLU D 353 21.47 9.13 -35.09
N VAL D 354 22.24 10.16 -35.42
CA VAL D 354 21.95 11.00 -36.57
C VAL D 354 22.40 10.33 -37.86
N VAL D 355 23.34 9.39 -37.79
CA VAL D 355 23.69 8.61 -38.96
C VAL D 355 22.56 7.65 -39.32
N ARG D 356 21.91 7.05 -38.32
CA ARG D 356 20.77 6.17 -38.59
C ARG D 356 19.57 6.96 -39.11
N GLY D 357 19.32 8.15 -38.57
CA GLY D 357 18.20 8.96 -39.03
C GLY D 357 18.36 9.53 -40.42
N LYS D 358 19.60 9.69 -40.87
CA LYS D 358 19.86 10.11 -42.24
C LYS D 358 19.73 8.96 -43.22
N ASN D 359 20.09 7.75 -42.81
CA ASN D 359 19.94 6.57 -43.66
C ASN D 359 18.48 6.19 -43.85
N ILE D 360 17.65 6.44 -42.84
CA ILE D 360 16.22 6.13 -42.94
C ILE D 360 15.55 7.07 -43.94
N LEU D 361 15.91 8.35 -43.89
CA LEU D 361 15.28 9.35 -44.75
C LEU D 361 15.71 9.20 -46.21
N ARG D 362 16.95 8.77 -46.45
CA ARG D 362 17.38 8.47 -47.81
C ARG D 362 16.57 7.33 -48.42
N ASN D 363 16.30 6.29 -47.63
CA ASN D 363 15.56 5.14 -48.11
C ASN D 363 14.10 5.46 -48.33
N ALA D 364 13.51 6.33 -47.52
CA ALA D 364 12.10 6.65 -47.67
C ALA D 364 11.87 7.55 -48.88
N LEU D 365 12.89 8.32 -49.29
CA LEU D 365 12.76 9.18 -50.47
C LEU D 365 12.73 8.37 -51.75
N VAL D 366 13.64 7.40 -51.89
CA VAL D 366 13.70 6.70 -53.16
C VAL D 366 12.68 5.59 -53.24
N SER D 367 12.16 5.10 -52.11
CA SER D 367 11.17 4.03 -52.17
C SER D 367 9.79 4.58 -52.47
N HIS D 368 9.56 5.86 -52.20
CA HIS D 368 8.29 6.49 -52.54
C HIS D 368 8.16 6.81 -54.03
N LEU D 369 9.23 6.69 -54.81
CA LEU D 369 9.17 7.08 -56.21
C LEU D 369 9.30 5.88 -57.13
N ASP D 370 8.55 4.82 -56.84
CA ASP D 370 8.60 3.55 -57.56
C ASP D 370 7.26 3.31 -58.24
N GLY D 371 7.20 3.58 -59.55
CA GLY D 371 5.97 3.48 -60.30
C GLY D 371 5.55 4.81 -60.89
N THR D 372 4.68 4.80 -61.90
CA THR D 372 4.40 6.04 -62.62
C THR D 372 3.42 6.93 -61.87
N THR D 373 2.53 6.35 -61.06
CA THR D 373 1.58 7.17 -60.32
C THR D 373 2.23 7.95 -59.17
N PRO D 374 3.13 7.38 -58.34
CA PRO D 374 3.79 8.25 -57.36
C PRO D 374 4.79 9.27 -57.94
N VAL D 375 5.41 8.99 -59.09
CA VAL D 375 6.27 9.99 -59.73
C VAL D 375 5.43 11.14 -60.28
N CYS D 376 4.27 10.85 -60.88
CA CYS D 376 3.43 11.89 -61.46
C CYS D 376 2.81 12.79 -60.39
N GLU D 377 2.57 12.25 -59.19
CA GLU D 377 2.04 13.05 -58.11
C GLU D 377 3.12 13.90 -57.46
N ASP D 378 4.37 13.44 -57.51
CA ASP D 378 5.49 14.26 -57.05
C ASP D 378 5.76 15.42 -58.02
N ILE D 379 5.50 15.24 -59.30
CA ILE D 379 5.68 16.34 -60.25
C ILE D 379 4.57 17.38 -60.07
N GLY D 380 3.33 16.92 -59.92
CA GLY D 380 2.21 17.82 -59.98
C GLY D 380 2.04 18.70 -58.76
N ARG D 381 2.53 18.25 -57.61
CA ARG D 381 2.39 19.10 -56.44
C ARG D 381 3.70 19.74 -55.99
N SER D 382 4.86 19.35 -56.54
CA SER D 382 6.06 20.14 -56.32
C SER D 382 6.02 21.45 -57.10
N LEU D 383 5.34 21.45 -58.25
CA LEU D 383 5.21 22.67 -59.04
C LEU D 383 4.24 23.67 -58.43
N LEU D 384 3.38 23.23 -57.51
CA LEU D 384 2.50 24.13 -56.79
C LEU D 384 3.03 24.52 -55.42
N THR D 385 3.99 23.78 -54.89
CA THR D 385 4.54 24.00 -53.56
C THR D 385 5.91 24.70 -53.60
N TYR D 386 6.85 24.19 -54.39
CA TYR D 386 8.17 24.78 -54.48
C TYR D 386 8.35 25.62 -55.73
N GLY D 387 7.41 25.58 -56.68
CA GLY D 387 7.58 26.21 -57.95
C GLY D 387 8.45 25.45 -58.93
N ARG D 388 9.03 24.34 -58.52
CA ARG D 388 9.93 23.56 -59.36
C ARG D 388 9.98 22.16 -58.79
N ARG D 389 10.61 21.25 -59.53
CA ARG D 389 10.85 19.90 -59.07
C ARG D 389 12.26 19.81 -58.52
N ILE D 390 12.38 19.51 -57.24
CA ILE D 390 13.68 19.34 -56.58
C ILE D 390 14.20 17.95 -56.89
N PRO D 391 15.29 17.79 -57.61
CA PRO D 391 15.75 16.45 -57.99
C PRO D 391 16.37 15.72 -56.81
N LEU D 392 16.66 14.43 -57.03
CA LEU D 392 17.13 13.59 -55.94
C LEU D 392 18.59 13.84 -55.57
N ALA D 393 19.37 14.41 -56.49
CA ALA D 393 20.74 14.76 -56.15
C ALA D 393 20.78 15.99 -55.25
N GLU D 394 19.78 16.87 -55.35
CA GLU D 394 19.72 18.03 -54.48
C GLU D 394 19.20 17.67 -53.09
N TRP D 395 18.29 16.70 -52.99
CA TRP D 395 17.85 16.21 -51.68
C TRP D 395 18.99 15.56 -50.93
N GLU D 396 19.91 14.92 -51.65
CA GLU D 396 20.97 14.18 -51.00
C GLU D 396 22.08 15.08 -50.49
N SER D 397 22.25 16.27 -51.09
CA SER D 397 23.24 17.20 -50.57
C SER D 397 22.70 18.02 -49.40
N ARG D 398 21.38 18.13 -49.28
CA ARG D 398 20.81 18.76 -48.10
C ARG D 398 20.75 17.84 -46.90
N ILE D 399 20.88 16.54 -47.11
CA ILE D 399 20.83 15.55 -46.04
C ILE D 399 22.23 15.36 -45.49
N ALA D 400 23.24 15.50 -46.36
CA ALA D 400 24.62 15.28 -45.96
C ALA D 400 25.14 16.40 -45.06
N GLU D 401 24.46 17.55 -45.02
CA GLU D 401 24.91 18.68 -44.21
C GLU D 401 24.56 18.50 -42.74
N VAL D 402 23.45 17.82 -42.45
CA VAL D 402 22.96 17.57 -41.10
C VAL D 402 23.96 16.79 -40.24
N ASP D 403 24.28 17.30 -39.06
CA ASP D 403 24.98 16.54 -38.03
C ASP D 403 24.27 16.75 -36.68
N ALA D 404 24.91 16.27 -35.62
CA ALA D 404 24.27 16.23 -34.31
C ALA D 404 24.07 17.61 -33.69
N SER D 405 24.93 18.57 -33.99
CA SER D 405 24.75 19.90 -33.46
C SER D 405 23.66 20.68 -34.20
N VAL D 406 23.44 20.35 -35.48
CA VAL D 406 22.31 20.93 -36.20
C VAL D 406 21.00 20.40 -35.64
N VAL D 407 20.94 19.10 -35.35
CA VAL D 407 19.70 18.49 -34.84
C VAL D 407 19.34 19.03 -33.47
N ARG D 408 20.33 19.16 -32.61
CA ARG D 408 20.27 19.79 -31.26
C ARG D 408 19.83 21.26 -31.30
N GLU D 409 20.10 21.99 -32.35
CA GLU D 409 19.72 23.39 -32.47
C GLU D 409 18.29 23.55 -32.99
N VAL D 410 17.89 22.76 -33.98
CA VAL D 410 16.56 22.95 -34.59
C VAL D 410 15.46 22.39 -33.68
N CYS D 411 15.79 21.38 -32.88
CA CYS D 411 14.79 20.82 -31.96
C CYS D 411 14.52 21.76 -30.79
N SER D 412 15.54 22.47 -30.30
CA SER D 412 15.33 23.44 -29.23
C SER D 412 14.51 24.62 -29.70
N LYS D 413 14.61 24.96 -30.98
CA LYS D 413 13.85 26.06 -31.54
C LYS D 413 12.35 25.74 -31.60
N TYR D 414 11.99 24.48 -31.86
CA TYR D 414 10.60 24.15 -32.14
C TYR D 414 9.89 23.44 -31.01
N PHE D 415 10.60 22.72 -30.15
CA PHE D 415 9.99 21.92 -29.09
C PHE D 415 10.11 22.54 -27.71
N TYR D 416 11.30 23.03 -27.36
CA TYR D 416 11.66 23.39 -25.99
C TYR D 416 10.88 24.64 -25.56
N ASP D 417 10.14 24.52 -24.45
CA ASP D 417 9.35 25.55 -23.76
C ASP D 417 8.18 26.07 -24.61
N GLN D 418 7.58 25.27 -25.49
CA GLN D 418 6.43 25.74 -26.27
C GLN D 418 5.13 25.12 -25.77
N CYS D 419 4.02 25.77 -26.14
CA CYS D 419 2.69 25.25 -25.82
C CYS D 419 2.23 24.28 -26.92
N PRO D 420 1.91 23.04 -26.59
CA PRO D 420 1.39 22.13 -27.61
C PRO D 420 -0.12 22.23 -27.80
N ALA D 421 -0.61 21.61 -28.87
CA ALA D 421 -2.04 21.38 -29.04
C ALA D 421 -2.33 19.88 -28.89
N VAL D 422 -3.42 19.54 -28.21
CA VAL D 422 -3.73 18.17 -27.81
C VAL D 422 -5.17 17.84 -28.18
N ALA D 423 -5.39 16.64 -28.74
CA ALA D 423 -6.73 16.10 -28.96
C ALA D 423 -6.81 14.66 -28.46
N GLY D 424 -7.94 14.30 -27.84
CA GLY D 424 -8.17 12.97 -27.31
C GLY D 424 -9.58 12.43 -27.43
N LEU D 425 -9.73 11.12 -27.65
CA LEU D 425 -11.03 10.48 -27.85
C LEU D 425 -11.03 9.07 -27.26
N GLY D 426 -12.09 8.73 -26.52
CA GLY D 426 -12.26 7.41 -25.94
C GLY D 426 -12.04 7.34 -24.45
N PRO D 427 -11.70 6.19 -23.91
CA PRO D 427 -11.55 6.08 -22.45
C PRO D 427 -10.35 6.86 -21.88
N ILE D 428 -10.51 8.18 -21.75
CA ILE D 428 -9.38 9.10 -21.58
C ILE D 428 -9.33 9.77 -20.22
N GLU D 429 -9.85 9.15 -19.16
CA GLU D 429 -9.83 9.72 -17.81
C GLU D 429 -8.43 9.86 -17.23
N GLN D 430 -7.48 9.06 -17.71
CA GLN D 430 -6.10 9.15 -17.26
C GLN D 430 -5.23 9.99 -18.22
N LEU D 431 -5.83 10.72 -19.13
CA LEU D 431 -5.05 11.70 -19.89
C LEU D 431 -4.71 12.86 -18.98
N PRO D 432 -3.42 13.21 -18.81
CA PRO D 432 -3.03 14.20 -17.81
C PRO D 432 -3.55 15.61 -18.11
N ASP D 433 -3.63 16.39 -17.03
CA ASP D 433 -4.05 17.78 -17.08
C ASP D 433 -3.11 18.61 -17.95
N TYR D 434 -3.64 19.65 -18.60
CA TYR D 434 -2.88 20.50 -19.52
C TYR D 434 -1.71 21.20 -18.82
N ASN D 435 -1.86 21.55 -17.54
CA ASN D 435 -0.74 22.11 -16.77
C ASN D 435 0.37 21.09 -16.61
N ARG D 436 0.03 19.82 -16.43
CA ARG D 436 1.05 18.80 -16.30
C ARG D 436 1.68 18.44 -17.64
N ILE D 437 0.96 18.64 -18.74
CA ILE D 437 1.54 18.41 -20.07
C ILE D 437 2.50 19.54 -20.43
N ARG D 438 2.11 20.78 -20.14
CA ARG D 438 2.90 21.97 -20.43
C ARG D 438 4.18 22.02 -19.61
N SER D 439 4.18 21.48 -18.40
CA SER D 439 5.40 21.40 -17.62
C SER D 439 6.35 20.33 -18.13
N GLY D 440 5.85 19.36 -18.87
CA GLY D 440 6.72 18.40 -19.49
C GLY D 440 7.50 18.90 -20.68
N MET D 441 7.28 20.13 -21.12
CA MET D 441 8.00 20.69 -22.25
C MET D 441 9.31 21.37 -21.87
N PHE D 442 9.70 21.34 -20.60
CA PHE D 442 11.02 21.82 -20.18
C PHE D 442 11.60 20.88 -19.12
N TRP D 443 12.93 20.82 -19.10
CA TRP D 443 13.68 20.11 -18.07
C TRP D 443 14.27 21.11 -17.10
N LEU D 444 14.17 20.88 -15.78
CA LEU D 444 14.80 21.90 -14.89
C LEU D 444 16.34 21.83 -14.91
N ARG D 445 16.96 20.85 -15.60
CA ARG D 445 18.42 20.99 -15.62
C ARG D 445 18.84 22.03 -16.63
N PHE D 446 18.40 21.87 -17.86
CA PHE D 446 18.73 22.69 -19.01
C PHE D 446 17.81 22.19 -20.12
N PRO E 1 17.34 -1.99 -70.14
CA PRO E 1 17.72 -3.02 -71.12
C PRO E 1 18.10 -4.32 -70.43
N GLN E 2 18.96 -5.12 -71.08
CA GLN E 2 19.69 -6.23 -70.49
C GLN E 2 18.78 -7.32 -69.93
N ASP E 3 17.74 -7.63 -70.71
CA ASP E 3 16.37 -7.94 -70.25
C ASP E 3 16.32 -8.73 -68.95
N LEU E 4 17.01 -9.87 -68.90
CA LEU E 4 17.19 -10.71 -67.73
C LEU E 4 18.24 -11.75 -68.07
N GLU E 5 19.19 -11.99 -67.18
CA GLU E 5 20.05 -13.16 -67.27
C GLU E 5 19.43 -14.28 -66.45
N PHE E 6 19.40 -15.48 -67.03
CA PHE E 6 18.66 -16.61 -66.48
C PHE E 6 19.57 -17.82 -66.49
N THR E 7 19.71 -18.49 -65.35
CA THR E 7 20.67 -19.58 -65.22
C THR E 7 20.08 -20.66 -64.31
N ARG E 8 20.23 -21.92 -64.70
CA ARG E 8 19.94 -23.05 -63.83
C ARG E 8 21.25 -23.70 -63.41
N LEU E 9 21.46 -23.79 -62.11
CA LEU E 9 22.62 -24.45 -61.55
C LEU E 9 22.47 -25.97 -61.70
N PRO E 10 23.55 -26.74 -61.60
CA PRO E 10 23.44 -28.20 -61.80
C PRO E 10 22.65 -28.97 -60.73
N ASN E 11 22.06 -28.34 -59.73
CA ASN E 11 21.21 -29.05 -58.78
C ASN E 11 19.88 -28.38 -58.55
N GLY E 12 19.42 -27.78 -59.60
CA GLY E 12 18.10 -27.23 -59.52
C GLY E 12 17.98 -25.79 -59.23
N LEU E 13 18.93 -25.19 -58.61
CA LEU E 13 18.67 -23.76 -58.25
C LEU E 13 18.47 -22.83 -59.46
N VAL E 14 17.54 -21.96 -59.42
CA VAL E 14 17.36 -20.98 -60.49
C VAL E 14 17.86 -19.62 -60.02
N ILE E 15 18.69 -19.00 -60.84
CA ILE E 15 19.19 -17.65 -60.52
C ILE E 15 18.82 -16.72 -61.66
N ALA E 16 18.26 -15.56 -61.33
CA ALA E 16 17.90 -14.59 -62.35
C ALA E 16 18.12 -13.17 -61.84
N SER E 17 18.82 -12.35 -62.63
CA SER E 17 19.15 -10.99 -62.23
C SER E 17 18.94 -10.01 -63.38
N LEU E 18 18.56 -8.78 -63.05
CA LEU E 18 18.46 -7.67 -63.99
C LEU E 18 19.25 -6.50 -63.43
N GLU E 19 20.10 -5.90 -64.25
CA GLU E 19 20.85 -4.72 -63.82
C GLU E 19 20.18 -3.44 -64.32
N ASN E 20 19.34 -2.87 -63.46
CA ASN E 20 18.94 -1.49 -63.59
C ASN E 20 20.09 -0.56 -63.23
N TYR E 21 19.81 0.73 -63.28
CA TYR E 21 20.76 1.65 -62.68
C TYR E 21 20.01 2.59 -61.75
N ALA E 22 19.19 2.06 -60.97
CA ALA E 22 18.35 2.66 -59.96
C ALA E 22 19.11 2.73 -58.64
N PRO E 23 18.82 3.73 -57.81
CA PRO E 23 19.52 3.86 -56.52
C PRO E 23 19.21 2.78 -55.49
N ALA E 24 18.09 2.05 -55.61
CA ALA E 24 17.72 1.03 -54.64
C ALA E 24 17.77 -0.36 -55.27
N SER E 25 18.09 -1.37 -54.46
CA SER E 25 18.08 -2.77 -54.87
C SER E 25 17.00 -3.56 -54.12
N ARG E 26 16.59 -4.69 -54.70
CA ARG E 26 15.63 -5.63 -54.11
C ARG E 26 16.08 -7.04 -54.43
N ILE E 27 16.17 -7.90 -53.42
CA ILE E 27 16.56 -9.30 -53.60
C ILE E 27 15.54 -10.21 -52.93
N GLY E 28 15.01 -11.18 -53.68
CA GLY E 28 14.03 -12.11 -53.18
C GLY E 28 14.41 -13.58 -53.31
N LEU E 29 14.06 -14.40 -52.33
CA LEU E 29 14.20 -15.85 -52.41
C LEU E 29 12.82 -16.50 -52.37
N PHE E 30 12.49 -17.28 -53.39
CA PHE E 30 11.17 -17.88 -53.57
C PHE E 30 11.29 -19.39 -53.42
N ILE E 31 10.44 -19.99 -52.57
CA ILE E 31 10.52 -21.40 -52.20
C ILE E 31 9.16 -22.08 -52.41
N LYS E 32 9.17 -23.33 -52.86
CA LYS E 32 7.97 -24.17 -52.91
C LYS E 32 7.64 -24.77 -51.54
N ALA E 33 7.14 -23.93 -50.65
CA ALA E 33 6.67 -24.31 -49.33
C ALA E 33 5.30 -23.68 -49.17
N GLY E 34 4.75 -23.70 -47.97
CA GLY E 34 3.40 -23.17 -47.85
C GLY E 34 2.44 -24.21 -47.32
N SER E 35 1.22 -23.77 -47.02
CA SER E 35 0.30 -24.56 -46.20
C SER E 35 -0.23 -25.80 -46.89
N ARG E 36 0.02 -25.97 -48.19
CA ARG E 36 -0.44 -27.18 -48.86
C ARG E 36 0.48 -28.38 -48.60
N TYR E 37 1.62 -28.18 -47.95
CA TYR E 37 2.55 -29.26 -47.71
C TYR E 37 2.53 -29.78 -46.29
N GLU E 38 1.58 -29.35 -45.46
CA GLU E 38 1.46 -29.90 -44.12
C GLU E 38 0.29 -30.87 -44.01
N ASP E 39 0.45 -31.92 -43.20
CA ASP E 39 -0.60 -32.91 -42.96
C ASP E 39 -1.35 -32.60 -41.65
N SER E 40 -2.21 -33.52 -41.22
CA SER E 40 -3.09 -33.20 -40.09
C SER E 40 -2.39 -33.28 -38.74
N ASN E 41 -1.14 -33.74 -38.67
CA ASN E 41 -0.44 -33.73 -37.40
C ASN E 41 0.40 -32.47 -37.16
N ASN E 42 0.60 -31.61 -38.16
CA ASN E 42 1.42 -30.42 -37.97
C ASN E 42 0.78 -29.16 -38.57
N LEU E 43 -0.52 -28.96 -38.39
CA LEU E 43 -1.18 -27.79 -38.96
C LEU E 43 -0.71 -26.51 -38.26
N GLY E 44 -0.47 -25.47 -39.04
CA GLY E 44 -0.04 -24.21 -38.48
C GLY E 44 1.45 -24.01 -38.35
N THR E 45 2.26 -24.94 -38.84
CA THR E 45 3.70 -24.78 -38.78
C THR E 45 4.19 -23.70 -39.74
N SER E 46 3.54 -23.59 -40.90
CA SER E 46 3.92 -22.58 -41.89
C SER E 46 3.57 -21.16 -41.45
N HIS E 47 2.51 -21.01 -40.64
CA HIS E 47 2.21 -19.70 -40.08
C HIS E 47 3.27 -19.26 -39.07
N LEU E 48 3.75 -20.17 -38.24
CA LEU E 48 4.78 -19.81 -37.27
C LEU E 48 6.15 -19.63 -37.91
N LEU E 49 6.41 -20.33 -39.00
CA LEU E 49 7.66 -20.14 -39.75
C LEU E 49 7.70 -18.75 -40.38
N ARG E 50 6.54 -18.26 -40.83
CA ARG E 50 6.44 -16.92 -41.40
C ARG E 50 6.75 -15.84 -40.36
N LEU E 51 6.36 -16.05 -39.11
CA LEU E 51 6.56 -15.07 -38.05
C LEU E 51 7.95 -15.11 -37.41
N ALA E 52 8.81 -16.04 -37.81
CA ALA E 52 10.05 -16.29 -37.09
C ALA E 52 11.30 -15.82 -37.82
N SER E 53 11.21 -14.79 -38.66
CA SER E 53 12.32 -14.45 -39.53
C SER E 53 13.45 -13.72 -38.81
N SER E 54 13.17 -13.14 -37.65
CA SER E 54 14.21 -12.43 -36.90
C SER E 54 14.58 -13.12 -35.59
N LEU E 55 14.63 -14.44 -35.55
CA LEU E 55 15.14 -15.18 -34.41
C LEU E 55 16.61 -15.52 -34.64
N THR E 56 17.25 -16.07 -33.61
CA THR E 56 18.67 -16.36 -33.62
C THR E 56 19.00 -17.45 -34.65
N THR E 57 20.02 -17.19 -35.45
CA THR E 57 20.52 -18.13 -36.44
C THR E 57 21.95 -18.48 -36.05
N LYS E 58 22.61 -19.28 -36.88
CA LYS E 58 23.95 -19.75 -36.56
C LYS E 58 25.02 -18.69 -36.82
N GLY E 59 24.73 -17.70 -37.64
CA GLY E 59 25.68 -16.65 -37.94
C GLY E 59 25.35 -15.27 -37.40
N ALA E 60 24.20 -15.09 -36.76
CA ALA E 60 23.84 -13.81 -36.19
C ALA E 60 22.80 -14.02 -35.12
N SER E 61 22.91 -13.28 -34.03
CA SER E 61 21.88 -13.35 -33.02
C SER E 61 20.67 -12.52 -33.43
N SER E 62 19.61 -12.63 -32.64
CA SER E 62 18.39 -11.91 -32.91
C SER E 62 18.56 -10.41 -32.65
N PHE E 63 19.57 -10.03 -31.85
CA PHE E 63 19.88 -8.63 -31.63
C PHE E 63 20.62 -8.03 -32.82
N LYS E 64 21.52 -8.82 -33.43
CA LYS E 64 22.33 -8.30 -34.53
C LYS E 64 21.51 -8.14 -35.82
N ILE E 65 20.50 -8.99 -36.01
CA ILE E 65 19.68 -8.92 -37.21
C ILE E 65 18.80 -7.67 -37.19
N THR E 66 18.16 -7.40 -36.05
CA THR E 66 17.31 -6.22 -35.92
C THR E 66 18.12 -4.94 -35.93
N ARG E 67 19.28 -4.92 -35.29
CA ARG E 67 20.08 -3.71 -35.22
C ARG E 67 20.87 -3.48 -36.50
N GLY E 68 21.34 -4.55 -37.15
CA GLY E 68 22.14 -4.39 -38.34
C GLY E 68 21.35 -3.95 -39.56
N ILE E 69 20.10 -4.39 -39.66
CA ILE E 69 19.26 -4.01 -40.79
C ILE E 69 18.74 -2.60 -40.62
N GLU E 70 18.36 -2.23 -39.39
CA GLU E 70 17.86 -0.89 -39.13
C GLU E 70 18.95 0.19 -39.20
N ALA E 71 20.22 -0.19 -39.07
CA ALA E 71 21.29 0.79 -39.12
C ALA E 71 21.47 1.41 -40.50
N VAL E 72 21.18 0.65 -41.57
CA VAL E 72 21.28 1.17 -42.92
C VAL E 72 19.92 1.56 -43.49
N GLY E 73 18.85 1.43 -42.71
CA GLY E 73 17.52 1.77 -43.18
C GLY E 73 16.83 0.73 -44.02
N GLY E 74 17.24 -0.55 -43.94
CA GLY E 74 16.69 -1.60 -44.77
C GLY E 74 15.37 -2.17 -44.30
N LYS E 75 14.87 -3.17 -45.04
CA LYS E 75 13.63 -3.88 -44.73
C LYS E 75 13.84 -5.38 -44.87
N LEU E 76 12.99 -6.15 -44.22
CA LEU E 76 12.90 -7.61 -44.36
C LEU E 76 11.44 -8.00 -44.25
N SER E 77 10.94 -8.79 -45.21
CA SER E 77 9.54 -9.21 -45.17
C SER E 77 9.37 -10.61 -45.74
N VAL E 78 8.28 -11.26 -45.33
CA VAL E 78 7.91 -12.60 -45.79
C VAL E 78 6.50 -12.56 -46.34
N THR E 79 6.30 -13.11 -47.53
CA THR E 79 4.99 -13.22 -48.15
C THR E 79 4.72 -14.69 -48.45
N SER E 80 3.51 -15.15 -48.15
CA SER E 80 3.16 -16.54 -48.36
C SER E 80 1.83 -16.66 -49.07
N THR E 81 1.64 -17.79 -49.73
CA THR E 81 0.35 -18.17 -50.28
C THR E 81 0.19 -19.66 -49.96
N ARG E 82 -0.85 -20.29 -50.49
CA ARG E 82 -1.04 -21.73 -50.26
C ARG E 82 0.04 -22.58 -50.91
N GLU E 83 0.77 -22.07 -51.89
CA GLU E 83 1.78 -22.86 -52.59
C GLU E 83 3.18 -22.28 -52.57
N SER E 84 3.44 -21.10 -51.98
CA SER E 84 4.73 -20.46 -52.12
C SER E 84 5.07 -19.60 -50.90
N MET E 85 6.36 -19.49 -50.61
CA MET E 85 6.91 -18.56 -49.61
C MET E 85 8.01 -17.70 -50.25
N ALA E 86 8.05 -16.42 -49.89
CA ALA E 86 8.96 -15.46 -50.49
C ALA E 86 9.61 -14.58 -49.43
N TYR E 87 10.95 -14.57 -49.39
CA TYR E 87 11.74 -13.77 -48.46
C TYR E 87 12.39 -12.61 -49.21
N THR E 88 12.10 -11.37 -48.80
CA THR E 88 12.50 -10.18 -49.55
C THR E 88 13.32 -9.21 -48.70
N VAL E 89 14.41 -8.71 -49.29
CA VAL E 89 15.35 -7.75 -48.69
C VAL E 89 15.50 -6.56 -49.64
N GLU E 90 15.44 -5.33 -49.09
CA GLU E 90 15.68 -4.12 -49.89
C GLU E 90 16.39 -3.04 -49.10
N CYS E 91 17.31 -2.34 -49.75
CA CYS E 91 18.02 -1.18 -49.17
C CYS E 91 18.57 -0.33 -50.31
N LEU E 92 19.49 0.56 -49.99
CA LEU E 92 20.19 1.33 -51.01
C LEU E 92 21.32 0.52 -51.60
N ARG E 93 21.75 0.92 -52.80
CA ARG E 93 22.61 0.10 -53.65
C ARG E 93 23.98 -0.20 -53.05
N ASP E 94 24.49 0.67 -52.19
CA ASP E 94 25.80 0.44 -51.59
C ASP E 94 25.77 -0.54 -50.42
N ASP E 95 24.59 -0.86 -49.88
CA ASP E 95 24.48 -1.67 -48.67
C ASP E 95 23.99 -3.09 -48.90
N ILE E 96 23.81 -3.51 -50.16
CA ILE E 96 23.03 -4.72 -50.43
C ILE E 96 23.82 -5.99 -50.11
N GLU E 97 25.14 -5.91 -50.06
CA GLU E 97 25.92 -7.10 -49.76
C GLU E 97 26.00 -7.39 -48.28
N ILE E 98 25.57 -6.47 -47.43
CA ILE E 98 25.43 -6.67 -46.00
C ILE E 98 24.15 -7.42 -45.70
N LEU E 99 23.07 -7.02 -46.38
CA LEU E 99 21.76 -7.62 -46.16
C LEU E 99 21.59 -8.96 -46.89
N MET E 100 22.49 -9.31 -47.81
CA MET E 100 22.45 -10.64 -48.41
C MET E 100 22.93 -11.72 -47.47
N GLU E 101 23.89 -11.41 -46.61
CA GLU E 101 24.36 -12.39 -45.64
C GLU E 101 23.32 -12.66 -44.57
N PHE E 102 22.52 -11.64 -44.22
CA PHE E 102 21.45 -11.86 -43.26
C PHE E 102 20.35 -12.75 -43.84
N LEU E 103 20.04 -12.59 -45.13
CA LEU E 103 18.95 -13.34 -45.75
C LEU E 103 19.30 -14.82 -45.91
N LEU E 104 20.58 -15.13 -46.12
CA LEU E 104 20.97 -16.53 -46.21
C LEU E 104 21.09 -17.19 -44.85
N ASN E 105 21.14 -16.42 -43.78
CA ASN E 105 21.17 -17.02 -42.45
C ASN E 105 19.76 -17.37 -41.97
N VAL E 106 18.78 -16.53 -42.29
CA VAL E 106 17.38 -16.78 -41.94
C VAL E 106 16.82 -18.01 -42.65
N THR E 107 17.27 -18.31 -43.86
CA THR E 107 16.69 -19.42 -44.61
C THR E 107 17.54 -20.68 -44.65
N ALA E 108 18.85 -20.59 -44.47
CA ALA E 108 19.69 -21.76 -44.61
C ALA E 108 20.33 -22.23 -43.32
N ALA E 109 20.40 -21.40 -42.29
CA ALA E 109 20.85 -21.90 -41.01
C ALA E 109 20.04 -21.41 -39.81
N PRO E 110 18.74 -21.70 -39.70
CA PRO E 110 18.04 -21.27 -38.49
C PRO E 110 18.31 -22.20 -37.31
N GLU E 111 18.31 -21.63 -36.13
CA GLU E 111 18.16 -22.35 -34.88
C GLU E 111 16.75 -22.10 -34.38
N PHE E 112 16.19 -23.06 -33.70
CA PHE E 112 14.88 -22.87 -33.10
C PHE E 112 15.04 -23.23 -31.63
N ARG E 113 15.46 -22.25 -30.84
CA ARG E 113 15.63 -22.44 -29.41
C ARG E 113 14.28 -22.45 -28.71
N ARG E 114 14.20 -23.19 -27.60
CA ARG E 114 12.93 -23.44 -26.91
C ARG E 114 12.32 -22.16 -26.37
N TRP E 115 13.13 -21.30 -25.75
CA TRP E 115 12.57 -20.17 -25.03
C TRP E 115 12.15 -19.05 -25.97
N GLU E 116 12.70 -19.00 -27.18
CA GLU E 116 12.32 -18.04 -28.20
C GLU E 116 11.07 -18.46 -28.95
N VAL E 117 10.95 -19.75 -29.26
CA VAL E 117 9.76 -20.31 -29.91
C VAL E 117 8.56 -20.26 -28.96
N ALA E 118 8.79 -20.41 -27.66
CA ALA E 118 7.70 -20.35 -26.70
C ALA E 118 7.18 -18.94 -26.48
N ALA E 119 8.03 -17.93 -26.60
CA ALA E 119 7.56 -16.55 -26.49
C ALA E 119 6.86 -16.06 -27.75
N LEU E 120 7.04 -16.75 -28.87
CA LEU E 120 6.44 -16.35 -30.14
C LEU E 120 5.02 -16.90 -30.33
N GLN E 121 4.59 -17.86 -29.50
CA GLN E 121 3.29 -18.51 -29.69
C GLN E 121 2.12 -17.55 -29.55
N SER E 122 2.27 -16.52 -28.71
CA SER E 122 1.19 -15.57 -28.52
C SER E 122 1.02 -14.60 -29.68
N GLN E 123 2.04 -14.48 -30.53
CA GLN E 123 1.93 -13.66 -31.73
C GLN E 123 0.98 -14.27 -32.75
N LEU E 124 0.81 -15.61 -32.72
CA LEU E 124 -0.11 -16.28 -33.62
C LEU E 124 -1.55 -15.85 -33.37
N ARG E 125 -1.90 -15.61 -32.12
CA ARG E 125 -3.25 -15.17 -31.78
C ARG E 125 -3.49 -13.73 -32.21
N ILE E 126 -2.46 -12.87 -32.14
CA ILE E 126 -2.62 -11.47 -32.51
C ILE E 126 -2.74 -11.33 -34.02
N ASP E 127 -1.91 -12.05 -34.76
CA ASP E 127 -1.87 -11.96 -36.21
C ASP E 127 -3.15 -12.48 -36.86
N LYS E 128 -3.75 -13.49 -36.25
CA LYS E 128 -4.98 -14.05 -36.80
C LYS E 128 -6.18 -13.16 -36.52
N ALA E 129 -6.23 -12.52 -35.35
CA ALA E 129 -7.37 -11.66 -35.04
C ALA E 129 -7.36 -10.36 -35.83
N VAL E 130 -6.17 -9.88 -36.20
CA VAL E 130 -6.06 -8.69 -37.05
C VAL E 130 -6.53 -9.00 -38.46
N ALA E 131 -6.16 -10.16 -39.00
CA ALA E 131 -6.56 -10.53 -40.35
C ALA E 131 -8.05 -10.82 -40.45
N PHE E 132 -8.66 -11.33 -39.37
CA PHE E 132 -10.08 -11.68 -39.39
C PHE E 132 -10.99 -10.52 -39.07
N GLN E 133 -10.48 -9.30 -38.99
CA GLN E 133 -11.34 -8.12 -38.97
C GLN E 133 -11.90 -7.80 -40.35
N ASN E 134 -11.30 -8.34 -41.40
CA ASN E 134 -11.87 -8.33 -42.73
C ASN E 134 -12.75 -9.57 -42.90
N PRO E 135 -14.03 -9.42 -43.25
CA PRO E 135 -14.91 -10.60 -43.36
C PRO E 135 -14.57 -11.54 -44.52
N GLN E 136 -13.75 -11.11 -45.47
CA GLN E 136 -13.44 -11.96 -46.62
C GLN E 136 -12.34 -12.94 -46.29
N ALA E 137 -11.60 -12.71 -45.21
CA ALA E 137 -10.54 -13.64 -44.83
C ALA E 137 -11.11 -14.96 -44.36
N GLN E 138 -12.15 -14.92 -43.54
CA GLN E 138 -12.72 -16.15 -43.02
C GLN E 138 -13.61 -16.86 -44.04
N VAL E 139 -14.31 -16.12 -44.90
CA VAL E 139 -15.11 -16.73 -45.97
C VAL E 139 -14.21 -17.49 -46.95
N LEU E 140 -13.04 -16.94 -47.24
CA LEU E 140 -12.18 -17.59 -48.22
C LEU E 140 -11.37 -18.74 -47.63
N GLU E 141 -11.20 -18.81 -46.31
CA GLU E 141 -10.63 -20.01 -45.72
C GLU E 141 -11.69 -21.12 -45.62
N ASN E 142 -12.94 -20.74 -45.35
CA ASN E 142 -14.01 -21.74 -45.33
C ASN E 142 -14.34 -22.25 -46.72
N LEU E 143 -14.12 -21.44 -47.76
CA LEU E 143 -14.40 -21.88 -49.12
C LEU E 143 -13.41 -22.92 -49.60
N HIS E 144 -12.15 -22.80 -49.19
CA HIS E 144 -11.16 -23.78 -49.60
C HIS E 144 -11.35 -25.10 -48.86
N ALA E 145 -11.87 -25.05 -47.64
CA ALA E 145 -12.12 -26.27 -46.88
C ALA E 145 -13.37 -27.00 -47.39
N ALA E 146 -14.34 -26.25 -47.92
CA ALA E 146 -15.52 -26.86 -48.53
C ALA E 146 -15.21 -27.45 -49.90
N ALA E 147 -14.20 -26.95 -50.59
CA ALA E 147 -13.93 -27.35 -51.97
C ALA E 147 -12.97 -28.52 -52.09
N TYR E 148 -12.13 -28.76 -51.09
CA TYR E 148 -11.14 -29.80 -51.21
C TYR E 148 -11.22 -30.72 -50.01
N ARG E 149 -10.76 -31.96 -50.21
CA ARG E 149 -10.62 -32.93 -49.14
C ARG E 149 -9.29 -32.82 -48.42
N ASN E 150 -8.25 -32.41 -49.16
CA ASN E 150 -6.89 -32.26 -48.59
C ASN E 150 -5.97 -31.52 -49.56
N ALA E 151 -4.72 -31.26 -49.14
CA ALA E 151 -3.74 -30.50 -49.95
C ALA E 151 -4.19 -29.04 -50.05
N LEU E 152 -5.38 -28.77 -50.59
CA LEU E 152 -5.79 -27.35 -50.79
C LEU E 152 -6.97 -26.99 -49.88
N ALA E 153 -7.04 -27.58 -48.68
CA ALA E 153 -8.11 -27.24 -47.71
C ALA E 153 -7.47 -26.65 -46.45
N ASN E 154 -6.14 -26.68 -46.36
CA ASN E 154 -5.42 -26.16 -45.20
C ASN E 154 -5.37 -24.64 -45.23
N SER E 155 -5.64 -24.01 -44.09
CA SER E 155 -5.72 -22.57 -43.97
C SER E 155 -4.32 -21.94 -43.92
N LEU E 156 -4.28 -20.63 -44.16
CA LEU E 156 -3.05 -19.85 -44.04
C LEU E 156 -2.70 -19.54 -42.60
N TYR E 157 -3.67 -19.60 -41.70
CA TYR E 157 -3.50 -19.26 -40.30
C TYR E 157 -3.70 -20.50 -39.44
N CYS E 158 -2.96 -20.58 -38.35
CA CYS E 158 -2.97 -21.68 -37.38
C CYS E 158 -4.34 -21.87 -36.74
N PRO E 159 -4.81 -23.12 -36.59
CA PRO E 159 -6.07 -23.37 -35.87
C PRO E 159 -5.94 -23.05 -34.38
N ASP E 160 -7.09 -22.75 -33.76
CA ASP E 160 -7.12 -22.26 -32.38
C ASP E 160 -6.66 -23.28 -31.35
N TYR E 161 -6.98 -24.57 -31.54
CA TYR E 161 -6.55 -25.60 -30.59
C TYR E 161 -5.05 -25.81 -30.63
N ARG E 162 -4.42 -25.41 -31.71
CA ARG E 162 -3.04 -25.70 -32.02
C ARG E 162 -2.09 -24.59 -31.57
N ILE E 163 -2.63 -23.42 -31.21
CA ILE E 163 -1.84 -22.29 -30.73
C ILE E 163 -1.30 -22.63 -29.33
N GLY E 164 0.01 -22.60 -29.19
CA GLY E 164 0.68 -23.01 -27.99
C GLY E 164 1.39 -24.34 -28.10
N LYS E 165 1.20 -25.08 -29.20
CA LYS E 165 1.67 -26.45 -29.30
C LYS E 165 2.56 -26.72 -30.49
N VAL E 166 2.96 -25.72 -31.26
CA VAL E 166 3.91 -25.93 -32.35
C VAL E 166 5.30 -26.03 -31.74
N THR E 167 5.90 -27.12 -31.87
CA THR E 167 7.13 -27.47 -31.19
C THR E 167 8.35 -27.10 -32.05
N PRO E 168 9.52 -26.91 -31.42
CA PRO E 168 10.74 -26.69 -32.21
C PRO E 168 11.14 -27.84 -33.12
N ASP E 169 10.83 -29.09 -32.79
CA ASP E 169 11.20 -30.19 -33.67
C ASP E 169 10.32 -30.23 -34.91
N GLN E 170 9.09 -29.71 -34.83
CA GLN E 170 8.26 -29.62 -36.01
C GLN E 170 8.77 -28.56 -36.98
N LEU E 171 9.33 -27.47 -36.45
CA LEU E 171 9.95 -26.45 -37.30
C LEU E 171 11.21 -26.95 -37.97
N HIS E 172 12.02 -27.74 -37.27
CA HIS E 172 13.26 -28.28 -37.85
C HIS E 172 12.96 -29.28 -38.95
N TYR E 173 11.85 -30.00 -38.83
CA TYR E 173 11.48 -31.02 -39.79
C TYR E 173 10.90 -30.40 -41.06
N TYR E 174 10.18 -29.29 -40.93
CA TYR E 174 9.58 -28.64 -42.07
C TYR E 174 10.62 -28.02 -42.99
N VAL E 175 11.61 -27.34 -42.41
CA VAL E 175 12.64 -26.66 -43.18
C VAL E 175 13.56 -27.67 -43.86
N GLN E 176 13.86 -28.77 -43.17
CA GLN E 176 14.77 -29.78 -43.71
C GLN E 176 14.17 -30.52 -44.90
N ASN E 177 12.85 -30.58 -44.98
CA ASN E 177 12.20 -31.35 -46.03
C ASN E 177 11.64 -30.51 -47.16
N HIS E 178 11.39 -29.21 -46.94
CA HIS E 178 10.76 -28.41 -47.97
C HIS E 178 11.62 -27.27 -48.50
N PHE E 179 12.69 -26.90 -47.81
CA PHE E 179 13.54 -25.79 -48.25
C PHE E 179 14.79 -26.26 -48.98
N THR E 180 14.67 -27.02 -50.06
CA THR E 180 15.85 -27.56 -50.72
C THR E 180 16.08 -26.89 -52.06
N SER E 181 17.25 -27.17 -52.65
CA SER E 181 17.79 -26.33 -53.73
C SER E 181 17.00 -26.48 -55.03
N ALA E 182 16.47 -27.66 -55.29
CA ALA E 182 15.64 -27.82 -56.48
C ALA E 182 14.24 -27.27 -56.33
N ARG E 183 13.91 -26.56 -55.25
CA ARG E 183 12.62 -25.92 -55.08
C ARG E 183 12.74 -24.41 -54.89
N MET E 184 13.89 -23.83 -55.23
CA MET E 184 14.23 -22.46 -54.85
C MET E 184 14.61 -21.63 -56.06
N ALA E 185 14.29 -20.33 -56.01
CA ALA E 185 14.65 -19.36 -57.03
C ALA E 185 15.17 -18.10 -56.37
N LEU E 186 16.37 -17.67 -56.74
CA LEU E 186 17.00 -16.46 -56.21
C LEU E 186 16.97 -15.37 -57.27
N ILE E 187 16.25 -14.28 -56.99
CA ILE E 187 15.94 -13.25 -57.98
C ILE E 187 16.48 -11.91 -57.48
N GLY E 188 17.29 -11.25 -58.31
CA GLY E 188 17.88 -9.95 -57.99
C GLY E 188 17.44 -8.87 -58.97
N LEU E 189 17.31 -7.65 -58.46
CA LEU E 189 16.76 -6.57 -59.28
C LEU E 189 17.71 -5.38 -59.46
N GLY E 190 18.65 -5.16 -58.56
CA GLY E 190 19.60 -4.10 -58.83
C GLY E 190 21.03 -4.53 -58.62
N VAL E 191 21.31 -5.80 -58.85
CA VAL E 191 22.63 -6.38 -58.63
C VAL E 191 23.13 -6.98 -59.92
N SER E 192 24.33 -7.54 -59.87
CA SER E 192 24.99 -8.15 -61.00
C SER E 192 24.78 -9.65 -60.96
N HIS E 193 25.04 -10.30 -62.10
CA HIS E 193 24.85 -11.75 -62.18
C HIS E 193 25.98 -12.59 -61.56
N PRO E 194 27.29 -12.27 -61.71
CA PRO E 194 28.27 -13.10 -60.99
C PRO E 194 28.27 -12.96 -59.48
N VAL E 195 27.74 -11.87 -58.91
CA VAL E 195 27.79 -11.74 -57.46
C VAL E 195 26.71 -12.57 -56.79
N LEU E 196 25.57 -12.77 -57.46
CA LEU E 196 24.55 -13.67 -56.93
C LEU E 196 24.98 -15.13 -56.97
N LYS E 197 25.80 -15.50 -57.95
CA LYS E 197 26.25 -16.88 -58.06
C LYS E 197 27.18 -17.28 -56.92
N GLN E 198 28.11 -16.42 -56.55
CA GLN E 198 29.01 -16.70 -55.43
C GLN E 198 28.26 -16.75 -54.10
N VAL E 199 27.17 -15.99 -54.00
CA VAL E 199 26.25 -16.11 -52.87
C VAL E 199 25.59 -17.49 -52.88
N ALA E 200 25.29 -18.00 -54.07
CA ALA E 200 24.57 -19.26 -54.17
C ALA E 200 25.39 -20.48 -53.77
N GLU E 201 26.72 -20.46 -53.91
CA GLU E 201 27.51 -21.60 -53.44
C GLU E 201 27.85 -21.52 -51.96
N ARG E 202 27.11 -20.70 -51.26
CA ARG E 202 27.24 -20.57 -49.79
C ARG E 202 26.14 -21.37 -49.16
N PHE E 203 25.08 -21.74 -49.91
CA PHE E 203 24.03 -22.62 -49.44
C PHE E 203 23.76 -23.72 -50.46
N LEU E 204 24.70 -23.95 -51.37
CA LEU E 204 24.73 -25.10 -52.23
C LEU E 204 25.41 -26.29 -51.56
N ASN E 205 25.87 -26.13 -50.31
CA ASN E 205 26.62 -27.15 -49.60
C ASN E 205 25.73 -28.21 -48.98
N MET E 206 24.41 -28.00 -48.97
CA MET E 206 23.50 -28.85 -48.20
C MET E 206 22.10 -28.61 -48.76
N ARG E 207 21.21 -29.48 -48.49
CA ARG E 207 19.82 -29.23 -48.88
C ARG E 207 19.68 -29.30 -50.38
N GLY E 208 20.19 -30.41 -50.88
CA GLY E 208 20.04 -30.70 -52.29
C GLY E 208 18.87 -31.61 -52.58
N GLY E 209 18.20 -31.33 -53.68
CA GLY E 209 17.23 -32.29 -54.14
C GLY E 209 15.83 -31.79 -54.08
N LEU E 210 14.94 -32.63 -54.47
CA LEU E 210 13.54 -32.30 -54.32
C LEU E 210 13.25 -32.70 -52.90
N GLY E 211 12.16 -32.33 -52.41
CA GLY E 211 11.77 -32.56 -51.05
C GLY E 211 10.86 -33.75 -50.94
N LEU E 212 9.68 -33.58 -50.34
CA LEU E 212 8.71 -34.67 -50.32
C LEU E 212 7.37 -34.27 -50.91
N SER E 213 7.14 -34.69 -52.15
CA SER E 213 5.97 -35.47 -52.58
C SER E 213 4.65 -35.17 -51.86
N GLY E 214 4.27 -33.87 -51.90
CA GLY E 214 2.97 -33.68 -51.35
C GLY E 214 1.94 -34.45 -52.17
N ALA E 215 0.72 -34.61 -51.68
CA ALA E 215 -0.31 -35.28 -52.43
C ALA E 215 -1.16 -34.42 -53.35
N LYS E 216 -1.78 -35.03 -54.32
CA LYS E 216 -2.66 -34.33 -55.28
C LYS E 216 -3.90 -33.82 -54.55
N ALA E 217 -4.38 -32.69 -54.95
CA ALA E 217 -5.56 -32.23 -54.27
C ALA E 217 -6.84 -32.88 -54.84
N LYS E 218 -7.76 -33.31 -54.00
CA LYS E 218 -8.97 -34.07 -54.36
C LYS E 218 -10.15 -33.25 -54.10
N TYR E 219 -10.87 -33.15 -55.17
CA TYR E 219 -11.99 -32.21 -55.08
C TYR E 219 -13.16 -32.80 -54.31
N ARG E 220 -13.76 -31.97 -53.46
CA ARG E 220 -14.91 -32.29 -52.64
C ARG E 220 -15.96 -31.21 -52.88
N GLY E 221 -17.19 -31.57 -53.17
CA GLY E 221 -18.19 -30.55 -53.36
C GLY E 221 -19.02 -30.33 -52.12
N GLY E 222 -18.63 -29.37 -51.31
CA GLY E 222 -19.18 -29.24 -49.98
C GLY E 222 -19.75 -27.88 -49.68
N GLU E 223 -20.19 -27.72 -48.43
CA GLU E 223 -20.85 -26.52 -47.98
C GLU E 223 -20.46 -26.25 -46.53
N ILE E 224 -20.19 -24.99 -46.22
CA ILE E 224 -19.89 -24.56 -44.86
C ILE E 224 -20.67 -23.27 -44.59
N ARG E 225 -21.57 -23.30 -43.63
CA ARG E 225 -22.34 -22.12 -43.23
C ARG E 225 -21.84 -21.61 -41.89
N ASP E 226 -21.91 -20.29 -41.70
CA ASP E 226 -21.41 -19.66 -40.47
C ASP E 226 -22.33 -18.52 -40.05
N GLN E 227 -23.30 -18.82 -39.19
CA GLN E 227 -24.18 -17.82 -38.61
C GLN E 227 -23.43 -16.98 -37.59
N ASN E 228 -23.49 -15.65 -37.73
CA ASN E 228 -22.89 -14.75 -36.74
C ASN E 228 -23.66 -13.44 -36.72
N GLY E 229 -23.06 -12.44 -36.10
CA GLY E 229 -23.67 -11.14 -35.92
C GLY E 229 -23.17 -10.04 -36.83
N ASP E 230 -22.55 -10.38 -37.96
CA ASP E 230 -22.13 -9.38 -38.93
C ASP E 230 -23.33 -8.80 -39.66
N SER E 231 -23.17 -7.56 -40.12
CA SER E 231 -24.30 -6.79 -40.63
C SER E 231 -24.64 -7.10 -42.09
N LEU E 232 -23.70 -7.67 -42.84
CA LEU E 232 -23.91 -8.03 -44.22
C LEU E 232 -23.59 -9.50 -44.45
N VAL E 233 -24.21 -10.09 -45.45
CA VAL E 233 -23.97 -11.48 -45.82
C VAL E 233 -22.91 -11.53 -46.92
N HIS E 234 -21.86 -12.29 -46.69
CA HIS E 234 -20.89 -12.63 -47.72
C HIS E 234 -21.18 -14.05 -48.19
N ALA E 235 -21.05 -14.30 -49.50
CA ALA E 235 -21.26 -15.64 -50.03
C ALA E 235 -20.43 -15.86 -51.30
N ALA E 236 -19.98 -17.09 -51.48
CA ALA E 236 -19.18 -17.49 -52.63
C ALA E 236 -19.64 -18.84 -53.15
N LEU E 237 -19.62 -19.03 -54.47
CA LEU E 237 -20.13 -20.22 -55.13
C LEU E 237 -19.25 -20.55 -56.33
N VAL E 238 -18.56 -21.69 -56.30
CA VAL E 238 -17.50 -21.99 -57.26
C VAL E 238 -17.67 -23.38 -57.84
N ALA E 239 -16.84 -23.68 -58.84
CA ALA E 239 -16.69 -25.03 -59.39
C ALA E 239 -15.24 -25.20 -59.81
N GLU E 240 -14.84 -26.45 -60.05
CA GLU E 240 -13.47 -26.74 -60.46
C GLU E 240 -13.21 -26.33 -61.91
N SER E 241 -12.05 -25.71 -62.18
CA SER E 241 -11.82 -25.14 -63.51
C SER E 241 -10.64 -25.70 -64.28
N ALA E 242 -9.41 -25.32 -63.92
CA ALA E 242 -8.26 -25.49 -64.81
C ALA E 242 -6.97 -25.08 -64.09
N ALA E 243 -5.90 -25.80 -64.36
CA ALA E 243 -4.62 -25.51 -63.74
C ALA E 243 -3.88 -24.37 -64.45
N THR E 244 -2.96 -23.73 -63.72
CA THR E 244 -2.09 -22.67 -64.21
C THR E 244 -1.22 -23.15 -65.35
N GLY E 245 -1.22 -22.41 -66.46
CA GLY E 245 -0.37 -22.72 -67.59
C GLY E 245 -0.97 -23.71 -68.56
N SER E 246 -2.22 -23.47 -68.95
CA SER E 246 -2.89 -24.27 -69.96
C SER E 246 -3.74 -23.34 -70.80
N ALA E 247 -4.28 -23.87 -71.89
CA ALA E 247 -5.06 -23.05 -72.80
C ALA E 247 -6.48 -22.79 -72.30
N GLU E 248 -6.98 -23.62 -71.39
CA GLU E 248 -8.28 -23.35 -70.80
C GLU E 248 -8.20 -22.31 -69.71
N ALA E 249 -7.02 -22.16 -69.08
CA ALA E 249 -6.84 -21.17 -68.03
C ALA E 249 -6.92 -19.75 -68.59
N ASN E 250 -6.44 -19.55 -69.81
CA ASN E 250 -6.55 -18.25 -70.46
C ASN E 250 -7.99 -17.92 -70.80
N ALA E 251 -8.80 -18.93 -71.12
CA ALA E 251 -10.21 -18.70 -71.43
C ALA E 251 -11.00 -18.34 -70.18
N PHE E 252 -10.60 -18.87 -69.01
CA PHE E 252 -11.28 -18.49 -67.78
C PHE E 252 -10.90 -17.08 -67.34
N SER E 253 -9.70 -16.61 -67.70
CA SER E 253 -9.29 -15.25 -67.39
C SER E 253 -10.06 -14.23 -68.22
N VAL E 254 -10.33 -14.55 -69.48
CA VAL E 254 -11.12 -13.67 -70.33
C VAL E 254 -12.57 -13.63 -69.85
N LEU E 255 -13.10 -14.78 -69.41
CA LEU E 255 -14.49 -14.85 -68.94
C LEU E 255 -14.70 -14.05 -67.66
N GLN E 256 -13.68 -13.98 -66.81
CA GLN E 256 -13.73 -13.15 -65.61
C GLN E 256 -13.91 -11.67 -65.92
N HIS E 257 -13.25 -11.19 -66.96
CA HIS E 257 -13.38 -9.78 -67.32
C HIS E 257 -14.63 -9.50 -68.16
N VAL E 258 -15.22 -10.51 -68.79
CA VAL E 258 -16.53 -10.35 -69.41
C VAL E 258 -17.59 -10.07 -68.36
N LEU E 259 -17.57 -10.85 -67.27
CA LEU E 259 -18.59 -10.72 -66.24
C LEU E 259 -18.33 -9.52 -65.33
N GLY E 260 -17.07 -9.23 -65.03
CA GLY E 260 -16.73 -8.09 -64.20
C GLY E 260 -15.86 -8.46 -63.02
N ALA E 261 -14.73 -7.79 -62.84
CA ALA E 261 -13.75 -8.14 -61.83
C ALA E 261 -13.24 -6.90 -61.10
N GLY E 262 -14.13 -6.00 -60.71
CA GLY E 262 -13.70 -4.80 -60.01
C GLY E 262 -13.81 -3.54 -60.85
N PRO E 263 -13.97 -2.39 -60.21
CA PRO E 263 -14.26 -1.16 -60.95
C PRO E 263 -13.03 -0.42 -61.44
N HIS E 264 -13.27 0.50 -62.37
CA HIS E 264 -12.24 1.33 -62.96
C HIS E 264 -12.39 2.81 -62.63
N VAL E 265 -13.59 3.27 -62.32
CA VAL E 265 -13.85 4.67 -62.01
C VAL E 265 -14.22 4.77 -60.54
N LYS E 266 -13.65 5.76 -59.85
CA LYS E 266 -14.01 6.03 -58.47
C LYS E 266 -15.46 6.49 -58.38
N ARG E 267 -16.26 5.75 -57.62
CA ARG E 267 -17.70 5.92 -57.42
C ARG E 267 -18.52 5.73 -58.69
N GLY E 268 -18.01 4.99 -59.67
CA GLY E 268 -18.76 4.76 -60.89
C GLY E 268 -19.75 3.61 -60.78
N SER E 269 -20.74 3.62 -61.65
CA SER E 269 -21.84 2.66 -61.58
C SER E 269 -21.60 1.36 -62.33
N ASN E 270 -20.37 1.07 -62.77
CA ASN E 270 -19.95 -0.20 -63.39
C ASN E 270 -20.75 -0.53 -64.64
N ALA E 271 -20.64 0.33 -65.64
CA ALA E 271 -21.52 0.25 -66.80
C ALA E 271 -21.19 -0.90 -67.73
N THR E 272 -19.99 -1.45 -67.69
CA THR E 272 -19.61 -2.55 -68.58
C THR E 272 -19.40 -3.87 -67.86
N SER E 273 -19.91 -4.02 -66.64
CA SER E 273 -19.91 -5.29 -65.93
C SER E 273 -21.24 -5.98 -66.18
N SER E 274 -21.19 -7.21 -66.71
CA SER E 274 -22.42 -7.95 -67.02
C SER E 274 -23.15 -8.38 -65.75
N LEU E 275 -22.41 -8.87 -64.75
CA LEU E 275 -23.02 -9.34 -63.51
C LEU E 275 -23.66 -8.21 -62.73
N TYR E 276 -23.01 -7.05 -62.71
CA TYR E 276 -23.50 -5.93 -61.92
C TYR E 276 -24.79 -5.35 -62.49
N GLN E 277 -24.90 -5.33 -63.81
CA GLN E 277 -26.10 -4.77 -64.45
C GLN E 277 -27.29 -5.68 -64.29
N ALA E 278 -27.07 -7.01 -64.29
CA ALA E 278 -28.17 -7.95 -64.18
C ALA E 278 -28.77 -7.99 -62.78
N VAL E 279 -27.93 -7.84 -61.76
CA VAL E 279 -28.41 -7.84 -60.39
C VAL E 279 -29.19 -6.57 -60.10
N ALA E 280 -28.72 -5.44 -60.60
CA ALA E 280 -29.33 -4.13 -60.34
C ALA E 280 -30.65 -3.93 -61.06
N LYS E 281 -31.13 -4.89 -61.84
CA LYS E 281 -32.42 -4.73 -62.49
C LYS E 281 -33.58 -4.83 -61.50
N GLY E 282 -33.45 -5.68 -60.49
CA GLY E 282 -34.53 -5.93 -59.56
C GLY E 282 -34.20 -5.67 -58.11
N VAL E 283 -32.95 -5.38 -57.81
CA VAL E 283 -32.48 -5.17 -56.45
C VAL E 283 -32.06 -3.71 -56.32
N HIS E 284 -32.69 -3.00 -55.39
CA HIS E 284 -32.45 -1.57 -55.22
C HIS E 284 -31.94 -1.24 -53.83
N GLN E 285 -31.15 -2.13 -53.25
CA GLN E 285 -30.48 -1.96 -51.97
C GLN E 285 -28.98 -1.94 -52.25
N PRO E 286 -28.12 -1.56 -51.30
CA PRO E 286 -26.67 -1.66 -51.56
C PRO E 286 -26.18 -3.10 -51.66
N PHE E 287 -25.28 -3.34 -52.62
CA PHE E 287 -24.72 -4.66 -52.86
C PHE E 287 -23.38 -4.51 -53.55
N ASP E 288 -22.73 -5.65 -53.81
CA ASP E 288 -21.56 -5.74 -54.66
C ASP E 288 -21.42 -7.17 -55.17
N VAL E 289 -21.11 -7.33 -56.46
CA VAL E 289 -20.91 -8.64 -57.06
C VAL E 289 -19.58 -8.60 -57.79
N SER E 290 -18.96 -9.76 -57.96
CA SER E 290 -17.71 -9.89 -58.68
C SER E 290 -17.59 -11.33 -59.15
N ALA E 291 -16.77 -11.54 -60.17
CA ALA E 291 -16.34 -12.88 -60.54
C ALA E 291 -15.04 -13.22 -59.82
N PHE E 292 -14.91 -14.48 -59.42
CA PHE E 292 -13.79 -14.96 -58.62
C PHE E 292 -12.99 -15.94 -59.46
N ASN E 293 -11.67 -15.87 -59.36
CA ASN E 293 -10.80 -16.78 -60.10
C ASN E 293 -9.60 -17.10 -59.24
N ALA E 294 -9.21 -18.36 -59.19
CA ALA E 294 -8.05 -18.78 -58.40
C ALA E 294 -7.41 -19.98 -59.08
N SER E 295 -6.17 -19.82 -59.52
CA SER E 295 -5.49 -20.83 -60.30
C SER E 295 -4.29 -21.35 -59.54
N TYR E 296 -4.06 -22.65 -59.59
CA TYR E 296 -3.01 -23.31 -58.83
C TYR E 296 -2.29 -24.27 -59.78
N SER E 297 -1.33 -25.03 -59.24
CA SER E 297 -0.47 -25.84 -60.08
C SER E 297 -1.16 -27.09 -60.60
N ASP E 298 -2.21 -27.56 -59.94
CA ASP E 298 -2.86 -28.77 -60.38
C ASP E 298 -4.38 -28.68 -60.38
N SER E 299 -4.96 -27.53 -60.04
CA SER E 299 -6.40 -27.36 -59.97
C SER E 299 -6.72 -25.87 -59.98
N GLY E 300 -7.99 -25.55 -60.09
CA GLY E 300 -8.42 -24.17 -60.00
C GLY E 300 -9.88 -24.08 -59.59
N LEU E 301 -10.28 -22.90 -59.11
CA LEU E 301 -11.67 -22.61 -58.80
C LEU E 301 -12.11 -21.34 -59.51
N PHE E 302 -13.35 -21.34 -60.00
CA PHE E 302 -13.97 -20.17 -60.63
C PHE E 302 -15.41 -20.05 -60.16
N GLY E 303 -15.84 -18.84 -59.87
CA GLY E 303 -17.23 -18.58 -59.56
C GLY E 303 -17.60 -17.14 -59.31
N ILE E 304 -18.53 -16.90 -58.39
CA ILE E 304 -19.07 -15.57 -58.11
C ILE E 304 -18.94 -15.30 -56.62
N TYR E 305 -19.00 -14.01 -56.27
CA TYR E 305 -18.88 -13.51 -54.91
C TYR E 305 -19.88 -12.37 -54.73
N THR E 306 -20.75 -12.47 -53.74
CA THR E 306 -21.73 -11.43 -53.49
C THR E 306 -21.59 -10.89 -52.08
N ILE E 307 -21.96 -9.62 -51.90
CA ILE E 307 -22.14 -8.98 -50.59
C ILE E 307 -23.49 -8.31 -50.67
N SER E 308 -24.36 -8.59 -49.72
CA SER E 308 -25.72 -8.06 -49.76
C SER E 308 -26.26 -7.90 -48.36
N GLN E 309 -27.47 -7.38 -48.27
CA GLN E 309 -28.21 -7.38 -47.01
C GLN E 309 -28.93 -8.71 -46.85
N ALA E 310 -29.25 -9.03 -45.60
CA ALA E 310 -29.67 -10.38 -45.22
C ALA E 310 -31.01 -10.78 -45.86
N ALA E 311 -31.94 -9.84 -45.96
CA ALA E 311 -33.23 -10.16 -46.54
C ALA E 311 -33.22 -10.21 -48.07
N SER E 312 -32.09 -9.89 -48.71
CA SER E 312 -32.00 -9.85 -50.17
C SER E 312 -31.00 -10.85 -50.71
N ALA E 313 -30.45 -11.72 -49.86
CA ALA E 313 -29.30 -12.53 -50.24
C ALA E 313 -29.66 -13.59 -51.28
N GLY E 314 -30.85 -14.16 -51.21
CA GLY E 314 -31.25 -15.13 -52.21
C GLY E 314 -31.60 -14.51 -53.55
N ASP E 315 -32.12 -13.28 -53.54
CA ASP E 315 -32.42 -12.56 -54.77
C ASP E 315 -31.16 -12.22 -55.55
N VAL E 316 -30.08 -11.86 -54.83
CA VAL E 316 -28.85 -11.44 -55.48
C VAL E 316 -28.12 -12.62 -56.10
N ILE E 317 -28.09 -13.76 -55.40
CA ILE E 317 -27.34 -14.92 -55.86
C ILE E 317 -28.02 -15.57 -57.07
N LYS E 318 -29.35 -15.58 -57.11
CA LYS E 318 -30.07 -16.17 -58.24
C LYS E 318 -29.95 -15.31 -59.49
N SER E 319 -29.99 -13.99 -59.33
CA SER E 319 -29.85 -13.08 -60.47
C SER E 319 -28.45 -13.16 -61.07
N ALA E 320 -27.45 -13.32 -60.22
CA ALA E 320 -26.07 -13.41 -60.69
C ALA E 320 -25.82 -14.72 -61.40
N TYR E 321 -26.37 -15.81 -60.87
CA TYR E 321 -26.14 -17.13 -61.45
C TYR E 321 -26.90 -17.30 -62.75
N ASP E 322 -28.02 -16.61 -62.90
CA ASP E 322 -28.78 -16.64 -64.14
C ASP E 322 -28.08 -15.91 -65.29
N GLN E 323 -27.14 -15.03 -65.00
CA GLN E 323 -26.42 -14.32 -66.05
C GLN E 323 -25.35 -15.21 -66.68
N VAL E 324 -24.72 -16.07 -65.89
CA VAL E 324 -23.71 -17.00 -66.42
C VAL E 324 -24.36 -18.06 -67.31
N LYS E 325 -25.62 -18.40 -67.05
CA LYS E 325 -26.32 -19.38 -67.89
C LYS E 325 -26.61 -18.81 -69.27
N ALA E 326 -26.90 -17.52 -69.37
CA ALA E 326 -27.13 -16.85 -70.64
C ALA E 326 -25.89 -16.86 -71.54
N ILE E 327 -24.70 -16.77 -70.93
CA ILE E 327 -23.46 -16.82 -71.70
C ILE E 327 -23.21 -18.24 -72.18
N ALA E 328 -23.52 -19.23 -71.35
CA ALA E 328 -23.23 -20.62 -71.67
C ALA E 328 -24.11 -21.20 -72.77
N GLN E 329 -25.22 -20.54 -73.12
CA GLN E 329 -26.01 -20.97 -74.27
C GLN E 329 -25.90 -20.02 -75.45
N GLY E 330 -24.79 -19.31 -75.59
CA GLY E 330 -24.42 -18.67 -76.83
C GLY E 330 -24.52 -17.17 -76.88
N ASN E 331 -25.19 -16.52 -75.93
CA ASN E 331 -25.35 -15.08 -75.99
C ASN E 331 -24.07 -14.37 -75.56
N LEU E 332 -23.21 -14.05 -76.51
CA LEU E 332 -21.91 -13.43 -76.23
C LEU E 332 -21.48 -12.63 -77.47
N SER E 333 -21.63 -11.31 -77.39
CA SER E 333 -21.28 -10.39 -78.46
C SER E 333 -19.77 -10.33 -78.72
N ASN E 334 -19.38 -9.91 -79.92
CA ASN E 334 -17.97 -9.87 -80.27
C ASN E 334 -17.26 -8.63 -79.74
N THR E 335 -17.98 -7.52 -79.60
CA THR E 335 -17.39 -6.33 -79.00
C THR E 335 -17.22 -6.43 -77.50
N ASP E 336 -17.84 -7.42 -76.85
CA ASP E 336 -17.63 -7.69 -75.43
C ASP E 336 -16.40 -8.53 -75.17
N VAL E 337 -16.06 -9.44 -76.07
CA VAL E 337 -14.84 -10.21 -75.92
C VAL E 337 -13.63 -9.33 -76.15
N GLN E 338 -13.76 -8.31 -77.01
CA GLN E 338 -12.64 -7.43 -77.30
C GLN E 338 -12.39 -6.45 -76.18
N ALA E 339 -13.44 -5.90 -75.56
CA ALA E 339 -13.24 -5.03 -74.41
C ALA E 339 -12.72 -5.78 -73.18
N ALA E 340 -12.97 -7.07 -73.08
CA ALA E 340 -12.43 -7.86 -71.98
C ALA E 340 -10.96 -8.15 -72.17
N LYS E 341 -10.52 -8.30 -73.42
CA LYS E 341 -9.11 -8.51 -73.69
C LYS E 341 -8.28 -7.27 -73.40
N ASN E 342 -8.86 -6.08 -73.61
CA ASN E 342 -8.18 -4.83 -73.30
C ASN E 342 -7.97 -4.66 -71.80
N LYS E 343 -8.97 -5.02 -70.99
CA LYS E 343 -8.81 -4.90 -69.54
C LYS E 343 -7.83 -5.92 -69.00
N LEU E 344 -7.75 -7.08 -69.61
CA LEU E 344 -6.83 -8.11 -69.15
C LEU E 344 -5.39 -7.78 -69.53
N LYS E 345 -5.19 -7.20 -70.71
CA LYS E 345 -3.84 -6.84 -71.15
C LYS E 345 -3.31 -5.64 -70.37
N ALA E 346 -4.15 -4.62 -70.18
CA ALA E 346 -3.72 -3.41 -69.50
C ALA E 346 -3.47 -3.64 -68.03
N GLY E 347 -4.25 -4.53 -67.42
CA GLY E 347 -4.03 -4.88 -66.03
C GLY E 347 -2.75 -5.67 -65.82
N TYR E 348 -2.33 -6.42 -66.82
CA TYR E 348 -1.10 -7.19 -66.68
C TYR E 348 0.14 -6.30 -66.78
N LEU E 349 0.09 -5.28 -67.63
CA LEU E 349 1.24 -4.39 -67.79
C LEU E 349 1.33 -3.38 -66.66
N MET E 350 0.21 -3.06 -66.00
CA MET E 350 0.25 -2.17 -64.85
C MET E 350 0.71 -2.85 -63.57
N SER E 351 0.64 -4.17 -63.51
CA SER E 351 1.00 -4.90 -62.31
C SER E 351 2.47 -5.28 -62.25
N VAL E 352 3.20 -5.06 -63.34
CA VAL E 352 4.61 -5.39 -63.42
C VAL E 352 5.46 -4.11 -63.43
N GLU E 353 4.81 -3.00 -63.10
CA GLU E 353 5.32 -1.65 -63.32
C GLU E 353 6.29 -1.23 -62.23
N SER E 354 5.98 -1.53 -60.98
CA SER E 354 6.82 -1.22 -59.86
C SER E 354 7.79 -2.37 -59.61
N SER E 355 8.75 -2.13 -58.71
CA SER E 355 9.77 -3.11 -58.40
C SER E 355 9.23 -4.27 -57.58
N GLU E 356 8.22 -4.03 -56.76
CA GLU E 356 7.64 -5.13 -56.00
C GLU E 356 6.79 -6.02 -56.88
N GLY E 357 6.03 -5.45 -57.82
CA GLY E 357 5.21 -6.25 -58.71
C GLY E 357 6.02 -7.00 -59.73
N PHE E 358 7.14 -6.43 -60.17
CA PHE E 358 7.99 -7.09 -61.16
C PHE E 358 8.75 -8.25 -60.56
N LEU E 359 9.22 -8.11 -59.32
CA LEU E 359 10.00 -9.17 -58.68
C LEU E 359 9.12 -10.37 -58.39
N ASP E 360 7.87 -10.12 -58.00
CA ASP E 360 6.88 -11.18 -57.77
C ASP E 360 6.56 -11.93 -59.05
N GLU E 361 6.44 -11.21 -60.17
CA GLU E 361 6.08 -11.81 -61.45
C GLU E 361 7.19 -12.73 -61.97
N VAL E 362 8.44 -12.35 -61.78
CA VAL E 362 9.56 -13.16 -62.24
C VAL E 362 9.75 -14.38 -61.34
N GLY E 363 9.52 -14.21 -60.03
CA GLY E 363 9.73 -15.31 -59.10
C GLY E 363 8.71 -16.42 -59.20
N SER E 364 7.46 -16.09 -59.56
CA SER E 364 6.46 -17.13 -59.74
C SER E 364 6.64 -17.86 -61.07
N GLN E 365 7.26 -17.23 -62.06
CA GLN E 365 7.53 -17.92 -63.33
C GLN E 365 8.64 -18.93 -63.18
N ALA E 366 9.61 -18.68 -62.31
CA ALA E 366 10.75 -19.57 -62.16
C ALA E 366 10.41 -20.81 -61.35
N LEU E 367 9.41 -20.73 -60.48
CA LEU E 367 9.04 -21.90 -59.68
C LEU E 367 8.14 -22.84 -60.47
N VAL E 368 7.20 -22.29 -61.24
CA VAL E 368 6.20 -23.12 -61.89
C VAL E 368 6.69 -23.63 -63.24
N ALA E 369 7.28 -22.77 -64.05
CA ALA E 369 7.67 -23.17 -65.40
C ALA E 369 9.16 -23.31 -65.59
N GLY E 370 9.97 -22.67 -64.75
CA GLY E 370 11.41 -22.76 -64.88
C GLY E 370 12.01 -21.96 -66.00
N SER E 371 11.34 -20.88 -66.43
CA SER E 371 11.80 -20.04 -67.53
C SER E 371 11.27 -18.64 -67.32
N TYR E 372 11.73 -17.71 -68.16
CA TYR E 372 11.18 -16.36 -68.21
C TYR E 372 10.67 -16.05 -69.60
N MET E 373 9.48 -15.46 -69.65
CA MET E 373 8.83 -15.00 -70.88
C MET E 373 8.60 -13.50 -70.82
N GLN E 374 8.87 -12.81 -71.92
CA GLN E 374 8.58 -11.38 -72.04
C GLN E 374 7.08 -11.12 -72.06
N PRO E 375 6.66 -9.91 -71.68
CA PRO E 375 5.22 -9.59 -71.76
C PRO E 375 4.65 -9.47 -73.16
N SER E 376 5.46 -9.53 -74.22
CA SER E 376 4.90 -9.61 -75.56
C SER E 376 4.52 -11.03 -75.94
N THR E 377 5.14 -12.04 -75.32
CA THR E 377 4.70 -13.42 -75.53
C THR E 377 3.41 -13.68 -74.77
N VAL E 378 3.26 -13.08 -73.59
CA VAL E 378 2.04 -13.19 -72.80
C VAL E 378 0.87 -12.53 -73.52
N LEU E 379 1.10 -11.38 -74.14
CA LEU E 379 0.03 -10.65 -74.81
C LEU E 379 -0.44 -11.33 -76.09
N GLN E 380 0.38 -12.20 -76.67
CA GLN E 380 -0.05 -12.98 -77.82
C GLN E 380 -1.01 -14.09 -77.41
N GLN E 381 -0.73 -14.74 -76.26
CA GLN E 381 -1.57 -15.81 -75.75
C GLN E 381 -2.98 -15.34 -75.41
N ILE E 382 -3.10 -14.09 -74.97
CA ILE E 382 -4.41 -13.53 -74.69
C ILE E 382 -5.20 -13.24 -75.96
N ASP E 383 -4.52 -12.81 -77.02
CA ASP E 383 -5.22 -12.53 -78.27
C ASP E 383 -5.59 -13.79 -79.06
N SER E 384 -5.04 -14.94 -78.70
CA SER E 384 -5.36 -16.18 -79.39
C SER E 384 -6.53 -16.93 -78.76
N VAL E 385 -7.19 -16.36 -77.76
CA VAL E 385 -8.40 -16.93 -77.19
C VAL E 385 -9.57 -16.64 -78.11
N ALA E 386 -10.31 -17.67 -78.50
CA ALA E 386 -11.45 -17.52 -79.39
C ALA E 386 -12.73 -17.35 -78.60
N ASP E 387 -13.79 -16.95 -79.31
CA ASP E 387 -15.08 -16.71 -78.66
C ASP E 387 -15.75 -18.02 -78.26
N ALA E 388 -15.45 -19.11 -78.97
CA ALA E 388 -16.03 -20.40 -78.63
C ALA E 388 -15.37 -20.99 -77.40
N ASP E 389 -14.11 -20.62 -77.14
CA ASP E 389 -13.44 -21.08 -75.93
C ASP E 389 -14.00 -20.40 -74.67
N VAL E 390 -14.52 -19.19 -74.80
CA VAL E 390 -15.11 -18.51 -73.65
C VAL E 390 -16.48 -19.11 -73.33
N ILE E 391 -17.24 -19.48 -74.36
CA ILE E 391 -18.54 -20.11 -74.16
C ILE E 391 -18.37 -21.52 -73.58
N ASN E 392 -17.32 -22.23 -73.96
CA ASN E 392 -17.04 -23.54 -73.40
C ASN E 392 -16.62 -23.49 -71.93
N ALA E 393 -16.00 -22.40 -71.48
CA ALA E 393 -15.64 -22.30 -70.08
C ALA E 393 -16.84 -22.00 -69.19
N ALA E 394 -17.84 -21.29 -69.73
CA ALA E 394 -19.07 -21.03 -69.01
C ALA E 394 -19.99 -22.24 -68.97
N LYS E 395 -19.78 -23.24 -69.82
CA LYS E 395 -20.54 -24.49 -69.75
C LYS E 395 -19.93 -25.46 -68.76
N LYS E 396 -18.62 -25.38 -68.55
CA LYS E 396 -17.99 -26.20 -67.53
C LYS E 396 -18.38 -25.74 -66.13
N PHE E 397 -18.65 -24.45 -65.94
CA PHE E 397 -19.09 -23.97 -64.64
C PHE E 397 -20.52 -24.40 -64.35
N VAL E 398 -21.42 -24.25 -65.33
CA VAL E 398 -22.85 -24.47 -65.14
C VAL E 398 -23.15 -25.94 -64.89
N SER E 399 -22.40 -26.84 -65.53
CA SER E 399 -22.67 -28.26 -65.37
C SER E 399 -21.85 -28.91 -64.26
N GLY E 400 -20.88 -28.20 -63.69
CA GLY E 400 -20.02 -28.81 -62.69
C GLY E 400 -20.61 -28.79 -61.29
N ARG E 401 -20.07 -29.66 -60.44
CA ARG E 401 -20.51 -29.77 -59.04
C ARG E 401 -20.01 -28.57 -58.22
N LYS E 402 -20.90 -27.99 -57.43
CA LYS E 402 -20.64 -26.71 -56.76
C LYS E 402 -20.12 -26.88 -55.35
N SER E 403 -19.39 -25.88 -54.87
CA SER E 403 -19.06 -25.67 -53.47
C SER E 403 -19.50 -24.27 -53.04
N MET E 404 -19.74 -24.09 -51.74
CA MET E 404 -20.32 -22.86 -51.23
C MET E 404 -19.81 -22.55 -49.84
N ALA E 405 -19.75 -21.27 -49.50
CA ALA E 405 -19.45 -20.81 -48.16
C ALA E 405 -20.13 -19.47 -47.95
N ALA E 406 -20.70 -19.26 -46.76
CA ALA E 406 -21.43 -18.05 -46.47
C ALA E 406 -21.27 -17.68 -45.00
N SER E 407 -21.52 -16.41 -44.68
CA SER E 407 -21.45 -15.96 -43.30
C SER E 407 -22.31 -14.71 -43.12
N GLY E 408 -22.78 -14.51 -41.89
CA GLY E 408 -23.71 -13.45 -41.57
C GLY E 408 -24.98 -13.99 -40.96
N ASN E 409 -26.08 -13.30 -41.22
CA ASN E 409 -27.41 -13.75 -40.83
C ASN E 409 -28.01 -14.55 -41.97
N LEU E 410 -27.88 -15.87 -41.91
CA LEU E 410 -28.10 -16.76 -43.05
C LEU E 410 -29.53 -17.28 -43.15
N GLY E 411 -30.51 -16.58 -42.59
CA GLY E 411 -31.88 -17.04 -42.59
C GLY E 411 -32.61 -16.92 -43.90
N HIS E 412 -32.05 -16.24 -44.90
CA HIS E 412 -32.63 -16.16 -46.24
C HIS E 412 -31.66 -16.57 -47.32
N THR E 413 -30.58 -17.21 -46.98
CA THR E 413 -29.58 -17.65 -47.93
C THR E 413 -29.92 -19.05 -48.42
N PRO E 414 -29.88 -19.32 -49.72
CA PRO E 414 -30.19 -20.66 -50.21
C PRO E 414 -29.09 -21.67 -49.90
N PHE E 415 -29.51 -22.93 -49.82
CA PHE E 415 -28.57 -24.03 -49.72
C PHE E 415 -28.10 -24.40 -51.12
N VAL E 416 -26.96 -25.08 -51.20
CA VAL E 416 -26.23 -25.30 -52.45
C VAL E 416 -27.00 -26.26 -53.38
N ASP E 417 -27.98 -26.97 -52.84
CA ASP E 417 -28.82 -27.84 -53.65
C ASP E 417 -30.11 -27.18 -54.13
N GLU E 418 -30.44 -26.00 -53.63
CA GLU E 418 -31.68 -25.32 -54.03
C GLU E 418 -31.43 -24.30 -55.13
N ASP F 1 1.65 73.33 38.41
CA ASP F 1 1.33 74.66 37.90
C ASP F 1 0.62 74.69 36.52
N PRO F 2 1.05 73.91 35.50
CA PRO F 2 0.22 73.86 34.28
C PRO F 2 -1.07 73.12 34.49
N LEU F 3 -1.08 72.16 35.42
CA LEU F 3 -2.28 71.36 35.67
C LEU F 3 -3.38 72.20 36.31
N THR F 4 -3.02 73.02 37.30
CA THR F 4 -4.01 73.85 38.00
C THR F 4 -4.57 74.92 37.08
N THR F 5 -3.79 75.34 36.09
CA THR F 5 -4.27 76.19 35.01
C THR F 5 -5.37 75.50 34.20
N VAL F 6 -5.06 74.28 33.73
CA VAL F 6 -5.96 73.58 32.80
C VAL F 6 -7.22 73.10 33.52
N ARG F 7 -7.05 72.56 34.73
CA ARG F 7 -8.13 71.99 35.53
C ARG F 7 -9.17 73.04 35.92
N GLU F 8 -8.78 74.30 36.03
CA GLU F 8 -9.71 75.37 36.40
C GLU F 8 -10.45 75.91 35.19
N GLN F 9 -9.79 76.00 34.03
CA GLN F 9 -10.41 76.48 32.79
C GLN F 9 -11.49 75.54 32.30
N CYS F 10 -11.31 74.23 32.49
CA CYS F 10 -12.29 73.24 32.07
C CYS F 10 -13.32 72.92 33.14
N GLU F 11 -13.31 73.62 34.26
CA GLU F 11 -14.28 73.40 35.33
C GLU F 11 -15.53 74.24 35.15
N GLN F 12 -15.65 74.94 34.03
CA GLN F 12 -16.80 75.79 33.74
C GLN F 12 -17.48 75.35 32.45
N ILE F 13 -17.73 74.06 32.32
CA ILE F 13 -18.28 73.45 31.11
C ILE F 13 -19.68 72.95 31.42
N GLU F 14 -20.51 72.89 30.32
CA GLU F 14 -21.96 72.56 30.51
C GLU F 14 -22.20 71.17 31.11
N LYS F 15 -21.17 70.36 31.26
CA LYS F 15 -21.29 69.08 31.95
C LYS F 15 -20.75 69.14 33.37
N CYS F 16 -19.80 70.03 33.66
CA CYS F 16 -19.16 70.07 34.96
C CYS F 16 -19.82 71.03 35.94
N ILE F 17 -20.53 72.05 35.47
CA ILE F 17 -21.38 72.82 36.38
C ILE F 17 -22.71 72.11 36.60
N LYS F 18 -23.19 71.39 35.59
CA LYS F 18 -24.37 70.55 35.72
C LYS F 18 -24.15 69.41 36.70
N ALA F 19 -22.92 68.96 36.89
CA ALA F 19 -22.59 67.99 37.93
C ALA F 19 -22.34 68.65 39.28
N ARG F 20 -21.84 69.89 39.29
CA ARG F 20 -21.60 70.59 40.54
C ARG F 20 -22.93 70.96 41.21
N GLU F 21 -23.96 71.18 40.39
CA GLU F 21 -25.32 71.46 40.86
C GLU F 21 -25.87 70.38 41.77
N ARG F 22 -25.87 69.12 41.32
CA ARG F 22 -26.43 68.05 42.15
C ARG F 22 -25.53 67.74 43.34
N LEU F 23 -24.24 68.05 43.23
CA LEU F 23 -23.25 67.72 44.23
C LEU F 23 -23.49 68.51 45.51
N GLU F 24 -23.54 69.84 45.42
CA GLU F 24 -23.86 70.63 46.59
C GLU F 24 -25.36 70.69 46.90
N LEU F 25 -26.21 70.32 45.95
CA LEU F 25 -27.59 69.99 46.30
C LEU F 25 -27.68 68.82 47.27
N CYS F 26 -26.72 67.89 47.25
CA CYS F 26 -26.80 66.75 48.16
C CYS F 26 -25.80 66.89 49.29
N ASP F 27 -24.69 67.60 49.06
CA ASP F 27 -23.70 67.95 50.09
C ASP F 27 -24.32 68.61 51.30
N GLN F 28 -25.30 69.49 51.07
CA GLN F 28 -25.98 70.21 52.14
C GLN F 28 -26.90 69.27 52.91
N ARG F 29 -27.36 68.20 52.25
CA ARG F 29 -28.43 67.38 52.79
C ARG F 29 -27.93 66.21 53.64
N VAL F 30 -26.62 65.89 53.59
CA VAL F 30 -26.11 64.79 54.41
C VAL F 30 -25.87 65.21 55.86
N SER F 31 -25.36 66.42 56.09
CA SER F 31 -24.79 66.79 57.38
C SER F 31 -25.85 67.07 58.43
N SER F 32 -27.11 67.27 58.02
CA SER F 32 -28.18 67.65 58.94
C SER F 32 -28.45 66.58 59.99
N ARG F 33 -28.90 65.40 59.56
CA ARG F 33 -29.16 64.31 60.48
C ARG F 33 -27.86 63.52 60.68
N SER F 34 -27.48 63.33 61.94
CA SER F 34 -26.15 62.81 62.22
C SER F 34 -26.10 61.29 62.36
N GLN F 35 -27.24 60.63 62.09
CA GLN F 35 -27.35 59.15 62.09
C GLN F 35 -27.78 58.79 60.66
N THR F 36 -26.86 58.85 59.71
CA THR F 36 -27.15 58.59 58.31
C THR F 36 -25.93 57.92 57.71
N GLU F 37 -26.16 56.94 56.82
CA GLU F 37 -25.07 56.21 56.17
C GLU F 37 -24.78 56.72 54.77
N GLU F 38 -25.59 57.65 54.29
CA GLU F 38 -25.48 58.26 52.97
C GLU F 38 -24.15 58.96 52.73
N ASP F 39 -23.46 58.56 51.67
CA ASP F 39 -22.28 59.28 51.24
C ASP F 39 -22.62 60.07 49.99
N CYS F 40 -21.62 60.75 49.44
CA CYS F 40 -21.74 61.30 48.10
C CYS F 40 -20.49 60.99 47.30
N THR F 41 -19.85 59.85 47.60
CA THR F 41 -18.69 59.41 46.84
C THR F 41 -19.07 59.07 45.40
N GLU F 42 -20.32 58.68 45.19
CA GLU F 42 -20.96 58.64 43.88
C GLU F 42 -20.87 59.97 43.16
N GLU F 43 -21.47 61.01 43.77
CA GLU F 43 -21.65 62.33 43.20
C GLU F 43 -20.33 62.97 42.77
N LEU F 44 -19.26 62.68 43.52
CA LEU F 44 -17.93 63.14 43.12
C LEU F 44 -17.46 62.52 41.81
N PHE F 45 -17.83 61.26 41.55
CA PHE F 45 -17.34 60.54 40.38
C PHE F 45 -17.92 61.07 39.08
N ASP F 46 -19.21 61.44 39.09
CA ASP F 46 -19.84 62.05 37.93
C ASP F 46 -19.19 63.37 37.53
N PHE F 47 -18.63 64.09 38.51
CA PHE F 47 -17.94 65.35 38.24
C PHE F 47 -16.51 65.10 37.78
N LEU F 48 -15.81 64.16 38.42
CA LEU F 48 -14.43 63.88 38.04
C LEU F 48 -14.31 63.18 36.71
N HIS F 49 -15.36 62.48 36.28
CA HIS F 49 -15.33 61.84 34.97
C HIS F 49 -15.46 62.89 33.87
N ALA F 50 -16.45 63.76 34.02
CA ALA F 50 -16.70 64.86 33.10
C ALA F 50 -15.51 65.81 32.98
N ARG F 51 -14.83 66.07 34.10
CA ARG F 51 -13.71 67.01 34.08
C ARG F 51 -12.42 66.40 33.55
N ASP F 52 -12.04 65.21 33.98
CA ASP F 52 -10.78 64.58 33.55
C ASP F 52 -10.81 64.10 32.11
N HIS F 53 -11.97 63.99 31.50
CA HIS F 53 -12.03 63.72 30.06
C HIS F 53 -11.55 64.90 29.25
N CYS F 54 -11.75 66.13 29.75
CA CYS F 54 -11.33 67.32 29.04
C CYS F 54 -9.90 67.74 29.39
N VAL F 55 -9.39 67.33 30.55
CA VAL F 55 -8.02 67.63 30.92
C VAL F 55 -7.05 66.87 30.04
N ALA F 56 -7.39 65.61 29.73
CA ALA F 56 -6.51 64.73 28.97
C ALA F 56 -6.32 65.21 27.54
N HIS F 57 -7.33 65.87 26.98
CA HIS F 57 -7.24 66.36 25.61
C HIS F 57 -6.36 67.60 25.47
N LYS F 58 -6.03 68.28 26.57
CA LYS F 58 -5.37 69.57 26.50
C LYS F 58 -4.07 69.69 27.29
N LEU F 59 -3.76 68.77 28.20
CA LEU F 59 -2.69 68.98 29.15
C LEU F 59 -1.30 68.75 28.57
N PHE F 60 -1.13 67.76 27.69
CA PHE F 60 0.20 67.36 27.27
C PHE F 60 0.86 68.32 26.29
N ASN F 61 0.17 69.39 25.89
CA ASN F 61 0.82 70.41 25.07
C ASN F 61 1.74 71.27 25.94
N SER F 62 1.31 71.54 27.16
CA SER F 62 1.99 72.48 28.04
C SER F 62 3.18 71.88 28.77
N LEU F 63 3.40 70.57 28.65
CA LEU F 63 4.50 69.89 29.33
C LEU F 63 5.66 69.62 28.37
N LYS F 64 6.80 69.29 28.97
CA LYS F 64 8.11 68.91 28.38
C LYS F 64 8.71 69.86 27.35
N ALA G 1 -53.60 16.21 3.97
CA ALA G 1 -54.67 15.68 3.13
C ALA G 1 -55.90 16.58 3.18
N VAL G 2 -55.71 17.85 3.51
CA VAL G 2 -56.81 18.81 3.52
C VAL G 2 -57.19 19.15 2.08
N ALA G 3 -58.46 19.48 1.87
CA ALA G 3 -59.01 19.69 0.54
C ALA G 3 -59.32 21.14 0.22
N ALA G 4 -59.60 21.97 1.23
CA ALA G 4 -59.88 23.38 0.98
C ALA G 4 -58.64 24.25 1.07
N SER G 5 -57.71 23.98 1.98
CA SER G 5 -56.49 24.77 2.13
C SER G 5 -55.27 24.08 1.53
N SER G 6 -55.45 23.28 0.48
CA SER G 6 -54.34 22.75 -0.30
C SER G 6 -53.99 23.65 -1.48
N LYS G 7 -54.56 24.85 -1.52
CA LYS G 7 -54.08 25.95 -2.34
C LYS G 7 -53.09 26.81 -1.59
N TRP G 8 -53.30 26.96 -0.28
CA TRP G 8 -52.33 27.61 0.59
C TRP G 8 -51.03 26.81 0.64
N LEU G 9 -51.12 25.50 0.76
CA LEU G 9 -49.93 24.66 0.87
C LEU G 9 -49.27 24.42 -0.48
N GLU G 10 -49.97 24.66 -1.58
CA GLU G 10 -49.30 24.62 -2.87
C GLU G 10 -48.39 25.83 -3.07
N GLY G 11 -48.69 26.95 -2.40
CA GLY G 11 -47.87 28.14 -2.50
C GLY G 11 -46.64 28.11 -1.62
N ILE G 12 -46.74 27.44 -0.47
CA ILE G 12 -45.57 27.25 0.38
C ILE G 12 -44.58 26.31 -0.26
N ARG G 13 -45.05 25.33 -1.05
CA ARG G 13 -44.14 24.43 -1.73
C ARG G 13 -43.43 25.10 -2.89
N LYS G 14 -44.07 26.08 -3.53
CA LYS G 14 -43.42 26.86 -4.57
C LYS G 14 -42.41 27.84 -3.99
N TRP G 15 -42.72 28.42 -2.84
CA TRP G 15 -41.80 29.37 -2.20
C TRP G 15 -40.52 28.67 -1.77
N TYR G 16 -40.65 27.46 -1.21
CA TYR G 16 -39.47 26.74 -0.75
C TYR G 16 -38.63 26.26 -1.92
N TYR G 17 -39.24 26.01 -3.08
CA TYR G 17 -38.51 25.55 -4.25
C TYR G 17 -37.59 26.65 -4.78
N ASN G 18 -38.06 27.90 -4.77
CA ASN G 18 -37.26 29.01 -5.26
C ASN G 18 -36.22 29.46 -4.24
N ALA G 19 -36.52 29.32 -2.95
CA ALA G 19 -35.59 29.73 -1.90
C ALA G 19 -34.41 28.78 -1.81
N ALA G 20 -34.65 27.48 -1.94
CA ALA G 20 -33.58 26.57 -2.29
C ALA G 20 -33.10 26.88 -3.69
N GLY G 21 -31.84 26.67 -3.96
CA GLY G 21 -31.38 27.16 -5.24
C GLY G 21 -30.71 26.15 -6.14
N PHE G 22 -31.17 24.90 -6.17
CA PHE G 22 -30.58 23.98 -7.13
C PHE G 22 -31.12 24.22 -8.53
N ASN G 23 -32.27 24.89 -8.66
CA ASN G 23 -32.79 25.22 -9.98
C ASN G 23 -31.95 26.26 -10.70
N LYS G 24 -31.23 27.12 -9.96
CA LYS G 24 -30.36 28.13 -10.55
C LYS G 24 -29.07 27.54 -11.08
N LEU G 25 -28.71 26.34 -10.66
CA LEU G 25 -27.61 25.60 -11.23
C LEU G 25 -28.07 24.62 -12.29
N GLY G 26 -29.36 24.63 -12.62
CA GLY G 26 -29.92 23.73 -13.62
C GLY G 26 -30.07 22.29 -13.18
N LEU G 27 -30.33 22.07 -11.90
CA LEU G 27 -30.47 20.73 -11.35
C LEU G 27 -31.93 20.39 -11.15
N MET G 28 -32.20 19.09 -11.10
CA MET G 28 -33.49 18.54 -10.69
C MET G 28 -33.39 18.05 -9.25
N ARG G 29 -34.54 17.81 -8.64
CA ARG G 29 -34.60 17.45 -7.21
C ARG G 29 -33.86 16.15 -6.90
N ASP G 30 -34.00 15.14 -7.76
CA ASP G 30 -33.36 13.86 -7.51
C ASP G 30 -31.86 13.86 -7.79
N ASP G 31 -31.32 14.94 -8.38
CA ASP G 31 -29.88 15.11 -8.51
C ASP G 31 -29.19 15.39 -7.18
N THR G 32 -29.89 15.95 -6.19
CA THR G 32 -29.30 16.45 -4.96
C THR G 32 -29.38 15.49 -3.79
N ILE G 33 -29.87 14.27 -4.00
CA ILE G 33 -30.11 13.33 -2.91
C ILE G 33 -28.78 12.81 -2.37
N TYR G 34 -28.75 12.48 -1.09
CA TYR G 34 -27.53 11.94 -0.48
C TYR G 34 -27.42 10.45 -0.81
N GLU G 35 -26.27 10.04 -1.32
CA GLU G 35 -26.08 8.70 -1.84
C GLU G 35 -25.62 7.76 -0.74
N ASP G 36 -26.56 7.06 -0.12
CA ASP G 36 -26.21 5.95 0.75
C ASP G 36 -26.16 4.66 -0.06
N ASP G 37 -26.10 3.51 0.62
CA ASP G 37 -26.04 2.23 -0.08
C ASP G 37 -27.33 1.90 -0.81
N ASP G 38 -28.44 2.44 -0.33
CA ASP G 38 -29.74 2.27 -0.95
C ASP G 38 -29.86 3.06 -2.24
N VAL G 39 -29.39 4.31 -2.24
CA VAL G 39 -29.49 5.18 -3.40
C VAL G 39 -28.50 4.75 -4.46
N LYS G 40 -27.38 4.17 -4.06
CA LYS G 40 -26.39 3.68 -5.02
C LYS G 40 -26.85 2.45 -5.78
N GLU G 41 -27.83 1.71 -5.27
CA GLU G 41 -28.40 0.59 -6.02
C GLU G 41 -29.47 1.06 -7.00
N ALA G 42 -30.19 2.13 -6.66
CA ALA G 42 -31.16 2.70 -7.60
C ALA G 42 -30.49 3.40 -8.78
N ILE G 43 -29.27 3.92 -8.60
CA ILE G 43 -28.55 4.60 -9.67
C ILE G 43 -28.12 3.60 -10.74
N ARG G 44 -27.59 2.45 -10.33
CA ARG G 44 -27.13 1.47 -11.29
C ARG G 44 -28.26 0.69 -11.96
N ARG G 45 -29.51 0.88 -11.53
CA ARG G 45 -30.67 0.30 -12.19
C ARG G 45 -31.32 1.22 -13.21
N LEU G 46 -30.78 2.42 -13.42
CA LEU G 46 -31.40 3.34 -14.35
C LEU G 46 -31.10 2.94 -15.80
N PRO G 47 -32.02 3.22 -16.72
CA PRO G 47 -31.68 3.06 -18.14
C PRO G 47 -30.63 4.06 -18.59
N GLU G 48 -29.82 3.63 -19.57
CA GLU G 48 -28.64 4.32 -20.09
C GLU G 48 -28.83 5.79 -20.44
N ASN G 49 -29.98 6.16 -20.99
CA ASN G 49 -30.20 7.54 -21.39
C ASN G 49 -30.51 8.44 -20.19
N LEU G 50 -31.10 7.90 -19.12
CA LEU G 50 -31.37 8.69 -17.94
C LEU G 50 -30.13 8.81 -17.07
N TYR G 51 -29.28 7.80 -17.10
CA TYR G 51 -28.02 7.89 -16.37
C TYR G 51 -27.09 8.94 -17.00
N ASN G 52 -27.09 9.03 -18.33
CA ASN G 52 -26.20 9.97 -18.99
C ASN G 52 -26.65 11.41 -18.80
N ASP G 53 -27.97 11.65 -18.76
CA ASP G 53 -28.49 12.98 -18.51
C ASP G 53 -28.16 13.50 -17.11
N ARG G 54 -28.06 12.61 -16.13
CA ARG G 54 -27.79 12.96 -14.76
C ARG G 54 -26.31 13.26 -14.53
N VAL G 55 -25.41 12.57 -15.24
CA VAL G 55 -23.99 12.81 -15.10
C VAL G 55 -23.59 14.17 -15.68
N PHE G 56 -24.27 14.62 -16.74
CA PHE G 56 -23.90 15.91 -17.31
C PHE G 56 -24.46 17.07 -16.51
N ARG G 57 -25.66 16.94 -15.95
CA ARG G 57 -26.25 18.01 -15.16
C ARG G 57 -25.46 18.26 -13.88
N ILE G 58 -24.89 17.21 -13.30
CA ILE G 58 -24.12 17.34 -12.07
C ILE G 58 -22.76 17.96 -12.37
N LYS G 59 -22.14 17.56 -13.49
CA LYS G 59 -20.85 18.11 -13.90
C LYS G 59 -20.92 19.59 -14.23
N ARG G 60 -22.03 20.02 -14.84
CA ARG G 60 -22.19 21.42 -15.20
C ARG G 60 -22.42 22.29 -13.97
N ALA G 61 -23.16 21.79 -12.97
CA ALA G 61 -23.40 22.55 -11.74
C ALA G 61 -22.16 22.61 -10.87
N LEU G 62 -21.34 21.57 -10.88
CA LEU G 62 -20.06 21.60 -10.18
C LEU G 62 -19.08 22.56 -10.82
N ASP G 63 -19.27 22.88 -12.10
CA ASP G 63 -18.39 23.81 -12.80
C ASP G 63 -18.82 25.25 -12.56
N LEU G 64 -20.12 25.49 -12.40
CA LEU G 64 -20.62 26.83 -12.09
C LEU G 64 -20.22 27.26 -10.68
N THR G 65 -20.13 26.32 -9.76
CA THR G 65 -19.85 26.57 -8.36
C THR G 65 -18.36 26.86 -8.14
N MET G 66 -17.50 26.27 -8.98
CA MET G 66 -16.08 26.61 -8.99
C MET G 66 -15.82 28.07 -9.38
N ARG G 67 -16.73 28.68 -10.14
CA ARG G 67 -16.57 30.03 -10.65
C ARG G 67 -17.46 31.06 -9.96
N GLN G 68 -18.28 30.64 -8.99
CA GLN G 68 -19.23 31.49 -8.27
C GLN G 68 -20.24 32.17 -9.19
N GLN G 69 -20.75 31.42 -10.16
CA GLN G 69 -21.72 31.94 -11.11
C GLN G 69 -22.95 31.05 -11.14
N ILE G 70 -24.03 31.57 -11.71
CA ILE G 70 -25.25 30.80 -11.94
C ILE G 70 -25.64 30.91 -13.40
N LEU G 71 -26.67 30.23 -13.80
CA LEU G 71 -27.14 30.20 -15.18
C LEU G 71 -27.99 31.42 -15.47
N PRO G 72 -28.19 31.76 -16.75
CA PRO G 72 -29.21 32.75 -17.08
C PRO G 72 -30.59 32.27 -16.68
N LYS G 73 -31.46 33.23 -16.35
CA LYS G 73 -32.76 32.93 -15.77
C LYS G 73 -33.69 32.17 -16.72
N GLU G 74 -33.46 32.25 -18.03
CA GLU G 74 -34.22 31.49 -19.01
C GLU G 74 -33.87 30.01 -19.03
N GLN G 75 -32.82 29.59 -18.31
CA GLN G 75 -32.41 28.21 -18.26
C GLN G 75 -32.56 27.61 -16.86
N TRP G 76 -33.28 28.28 -15.97
CA TRP G 76 -33.56 27.73 -14.64
C TRP G 76 -34.64 26.66 -14.74
N THR G 77 -34.45 25.56 -14.02
CA THR G 77 -35.45 24.50 -13.94
C THR G 77 -36.73 25.01 -13.33
N LYS G 78 -37.84 24.78 -14.03
CA LYS G 78 -39.14 25.23 -13.54
C LYS G 78 -39.74 24.20 -12.61
N TYR G 79 -40.66 24.66 -11.77
CA TYR G 79 -41.23 23.82 -10.72
C TYR G 79 -42.12 22.72 -11.28
N GLU G 80 -42.80 22.98 -12.39
CA GLU G 80 -43.70 21.99 -12.96
C GLU G 80 -43.02 21.06 -13.96
N GLU G 81 -41.76 21.30 -14.31
CA GLU G 81 -41.06 20.45 -15.24
C GLU G 81 -39.92 19.67 -14.59
N ASP G 82 -39.90 19.56 -13.27
CA ASP G 82 -38.96 18.72 -12.56
C ASP G 82 -39.50 17.30 -12.55
N LYS G 83 -38.77 16.39 -13.17
CA LYS G 83 -39.19 14.99 -13.31
C LYS G 83 -38.57 14.18 -12.18
N PHE G 84 -39.39 13.49 -11.41
CA PHE G 84 -38.88 12.67 -10.32
C PHE G 84 -38.52 11.31 -10.89
N TYR G 85 -37.41 11.27 -11.62
CA TYR G 85 -37.02 10.10 -12.38
C TYR G 85 -36.49 8.97 -11.51
N LEU G 86 -35.94 9.27 -10.34
CA LEU G 86 -35.31 8.26 -9.50
C LEU G 86 -36.26 7.66 -8.46
N GLU G 87 -37.41 8.29 -8.23
CA GLU G 87 -38.27 7.89 -7.11
C GLU G 87 -38.90 6.50 -7.28
N PRO G 88 -39.40 6.07 -8.46
CA PRO G 88 -39.88 4.67 -8.56
C PRO G 88 -38.83 3.58 -8.40
N TYR G 89 -37.57 3.83 -8.76
CA TYR G 89 -36.53 2.83 -8.58
C TYR G 89 -36.11 2.73 -7.13
N LEU G 90 -36.23 3.83 -6.38
CA LEU G 90 -35.78 3.84 -5.00
C LEU G 90 -36.80 3.19 -4.07
N LYS G 91 -38.08 3.31 -4.39
CA LYS G 91 -39.12 2.68 -3.57
C LYS G 91 -39.04 1.16 -3.64
N GLU G 92 -38.60 0.62 -4.77
CA GLU G 92 -38.49 -0.83 -4.91
C GLU G 92 -37.26 -1.37 -4.19
N VAL G 93 -36.16 -0.63 -4.18
CA VAL G 93 -34.95 -1.08 -3.47
C VAL G 93 -35.18 -1.07 -1.96
N ILE G 94 -35.94 -0.10 -1.46
CA ILE G 94 -36.25 -0.03 -0.03
C ILE G 94 -37.22 -1.13 0.37
N ARG G 95 -38.22 -1.41 -0.48
CA ARG G 95 -39.19 -2.46 -0.22
C ARG G 95 -38.56 -3.85 -0.18
N GLU G 96 -37.47 -4.06 -0.92
CA GLU G 96 -36.79 -5.34 -0.87
C GLU G 96 -35.90 -5.47 0.37
N ARG G 97 -35.44 -4.36 0.93
CA ARG G 97 -34.62 -4.43 2.13
C ARG G 97 -35.47 -4.69 3.38
N LYS G 98 -36.71 -4.23 3.41
CA LYS G 98 -37.58 -4.51 4.54
C LYS G 98 -37.97 -5.97 4.59
N GLU G 99 -38.03 -6.65 3.47
CA GLU G 99 -38.40 -8.05 3.36
C GLU G 99 -37.26 -8.97 3.78
N ARG G 100 -36.01 -8.63 3.48
CA ARG G 100 -34.91 -9.42 4.02
C ARG G 100 -34.74 -9.23 5.52
N GLU G 101 -35.32 -8.17 6.08
CA GLU G 101 -35.22 -7.86 7.49
C GLU G 101 -36.36 -8.47 8.30
N GLU G 102 -37.58 -8.48 7.77
CA GLU G 102 -38.63 -9.23 8.45
C GLU G 102 -38.40 -10.73 8.38
N TRP G 103 -37.67 -11.22 7.38
CA TRP G 103 -37.38 -12.65 7.32
C TRP G 103 -36.36 -13.06 8.36
N ALA G 104 -35.42 -12.19 8.69
CA ALA G 104 -34.33 -12.56 9.59
C ALA G 104 -34.73 -12.54 11.06
N LYS G 105 -35.79 -11.84 11.44
CA LYS G 105 -36.21 -11.87 12.83
C LYS G 105 -37.26 -12.94 13.07
N LYS G 106 -38.09 -13.22 12.07
CA LYS G 106 -39.03 -14.34 12.14
C LYS G 106 -38.43 -15.57 11.49
N ARG H 2 -8.72 4.12 -5.66
CA ARG H 2 -9.15 5.41 -6.19
C ARG H 2 -8.03 6.12 -6.93
N GLU H 3 -7.80 5.77 -8.18
CA GLU H 3 -6.92 6.54 -9.04
C GLU H 3 -7.71 6.95 -10.26
N PHE H 4 -7.08 7.74 -11.12
CA PHE H 4 -7.81 8.50 -12.13
C PHE H 4 -8.58 7.70 -13.17
N GLY H 5 -7.99 6.70 -13.83
CA GLY H 5 -8.82 5.97 -14.77
C GLY H 5 -9.78 4.92 -14.22
N HIS H 6 -10.22 5.05 -12.96
CA HIS H 6 -11.08 4.04 -12.33
C HIS H 6 -12.18 4.66 -11.48
N LEU H 7 -12.66 5.85 -11.79
CA LEU H 7 -13.52 6.56 -10.86
C LEU H 7 -15.00 6.46 -11.19
N THR H 8 -15.38 6.57 -12.45
CA THR H 8 -16.77 6.66 -12.84
C THR H 8 -16.85 6.29 -14.31
N ARG H 9 -18.06 6.28 -14.85
CA ARG H 9 -18.30 6.03 -16.28
C ARG H 9 -19.06 7.20 -16.87
N MET H 10 -18.56 7.74 -17.99
CA MET H 10 -19.12 8.93 -18.61
C MET H 10 -19.06 8.84 -20.13
N ARG H 11 -20.13 9.27 -20.79
CA ARG H 11 -20.27 9.24 -22.25
C ARG H 11 -20.80 10.57 -22.77
N HIS H 12 -20.31 10.97 -23.95
CA HIS H 12 -20.79 12.05 -24.82
C HIS H 12 -20.59 13.50 -24.35
N VAL H 13 -19.54 13.79 -23.58
CA VAL H 13 -19.29 15.16 -23.13
C VAL H 13 -17.92 15.62 -23.64
N ILE H 14 -17.85 16.86 -24.10
CA ILE H 14 -16.64 17.43 -24.69
C ILE H 14 -16.19 18.66 -23.91
N THR H 15 -14.87 18.81 -23.75
CA THR H 15 -14.23 19.89 -23.01
C THR H 15 -13.28 20.65 -23.94
N TYR H 16 -13.40 21.97 -23.96
CA TYR H 16 -12.49 22.87 -24.68
C TYR H 16 -11.72 23.73 -23.70
N SER H 17 -10.39 23.77 -23.81
CA SER H 17 -9.59 24.61 -22.91
C SER H 17 -8.45 25.31 -23.64
N LEU H 18 -7.95 26.38 -23.03
CA LEU H 18 -6.92 27.25 -23.60
C LEU H 18 -5.68 27.26 -22.72
N SER H 19 -4.53 27.51 -23.32
CA SER H 19 -3.26 27.50 -22.58
C SER H 19 -3.17 28.72 -21.66
N PRO H 20 -2.46 28.62 -20.53
CA PRO H 20 -2.32 29.79 -19.64
C PRO H 20 -1.51 30.92 -20.23
N PHE H 21 -0.58 30.63 -21.13
CA PHE H 21 0.22 31.65 -21.82
C PHE H 21 -0.51 32.28 -22.99
N GLU H 22 -1.70 31.82 -23.32
CA GLU H 22 -2.52 32.44 -24.34
C GLU H 22 -3.53 33.41 -23.76
N GLN H 23 -3.52 33.62 -22.45
CA GLN H 23 -4.59 34.34 -21.79
C GLN H 23 -4.09 35.60 -21.07
N ARG H 24 -5.00 36.53 -20.85
CA ARG H 24 -4.77 37.70 -20.01
C ARG H 24 -4.99 37.35 -18.56
N ALA H 25 -4.23 37.99 -17.68
CA ALA H 25 -4.38 37.73 -16.25
C ALA H 25 -5.66 38.36 -15.68
N PHE H 26 -6.02 39.55 -16.11
CA PHE H 26 -7.19 40.26 -15.60
C PHE H 26 -8.05 40.74 -16.77
N PRO H 27 -8.96 39.90 -17.26
CA PRO H 27 -9.90 40.33 -18.30
C PRO H 27 -10.91 41.35 -17.78
N HIS H 28 -11.58 40.98 -16.70
CA HIS H 28 -12.53 41.84 -16.01
C HIS H 28 -12.28 41.67 -14.52
N TYR H 29 -11.91 42.75 -13.83
CA TYR H 29 -11.70 42.60 -12.39
C TYR H 29 -12.63 43.46 -11.56
N PHE H 30 -12.78 44.74 -11.87
CA PHE H 30 -13.72 45.58 -11.15
C PHE H 30 -14.96 45.93 -11.96
N THR H 31 -15.19 45.27 -13.10
CA THR H 31 -16.42 45.48 -13.86
C THR H 31 -17.31 44.26 -13.89
N LYS H 32 -16.83 43.11 -13.43
CA LYS H 32 -17.68 42.00 -13.04
C LYS H 32 -17.48 41.61 -11.58
N GLY H 33 -16.35 41.98 -10.99
CA GLY H 33 -16.08 41.63 -9.60
C GLY H 33 -16.98 42.35 -8.63
N ILE H 34 -17.39 43.57 -8.96
CA ILE H 34 -18.31 44.30 -8.09
C ILE H 34 -19.76 43.81 -8.24
N PRO H 35 -20.37 43.65 -9.45
CA PRO H 35 -21.77 43.21 -9.46
C PRO H 35 -21.97 41.73 -9.15
N ASN H 36 -20.92 40.91 -9.19
CA ASN H 36 -21.10 39.52 -8.82
C ASN H 36 -21.06 39.32 -7.31
N VAL H 37 -20.30 40.13 -6.59
CA VAL H 37 -20.38 40.03 -5.14
C VAL H 37 -21.59 40.76 -4.59
N LEU H 38 -22.21 41.64 -5.37
CA LEU H 38 -23.49 42.19 -4.95
C LEU H 38 -24.64 41.20 -5.17
N ARG H 39 -24.44 40.19 -6.01
CA ARG H 39 -25.44 39.13 -6.12
C ARG H 39 -25.27 38.12 -5.00
N ARG H 40 -24.03 37.76 -4.67
CA ARG H 40 -23.77 36.77 -3.63
C ARG H 40 -24.06 37.29 -2.23
N THR H 41 -23.96 38.60 -2.02
CA THR H 41 -24.31 39.21 -0.74
C THR H 41 -25.81 39.31 -0.52
N ARG H 42 -26.57 39.67 -1.56
CA ARG H 42 -28.02 39.70 -1.53
C ARG H 42 -28.62 38.32 -1.29
N ALA H 43 -28.08 37.23 -1.77
CA ALA H 43 -28.51 35.85 -1.49
C ALA H 43 -28.29 35.41 -0.03
N CYS H 44 -27.14 35.67 0.65
CA CYS H 44 -26.84 35.28 2.05
C CYS H 44 -27.47 36.15 3.17
N ILE H 45 -27.60 37.48 3.07
CA ILE H 45 -27.90 38.44 4.18
C ILE H 45 -29.11 38.10 5.04
N LEU H 46 -30.16 37.65 4.48
CA LEU H 46 -31.32 37.41 5.32
C LEU H 46 -31.27 36.08 6.05
N ARG H 47 -30.30 35.22 5.75
CA ARG H 47 -30.10 34.03 6.57
C ARG H 47 -29.07 34.23 7.67
N VAL H 48 -28.11 35.13 7.49
CA VAL H 48 -26.98 35.25 8.39
C VAL H 48 -27.12 36.41 9.37
N ALA H 49 -27.55 37.58 8.92
CA ALA H 49 -27.64 38.78 9.76
C ALA H 49 -28.64 38.79 10.92
N PRO H 50 -29.90 38.31 10.81
CA PRO H 50 -30.86 38.48 11.94
C PRO H 50 -30.49 37.78 13.24
N PRO H 51 -29.74 36.66 13.26
CA PRO H 51 -29.25 36.20 14.58
C PRO H 51 -28.27 37.15 15.26
N PHE H 52 -27.46 37.89 14.51
CA PHE H 52 -26.48 38.77 15.12
C PHE H 52 -27.07 40.13 15.49
N VAL H 53 -28.31 40.41 15.09
CA VAL H 53 -29.03 41.62 15.47
C VAL H 53 -29.71 41.32 16.81
N VAL H 54 -29.76 40.05 17.17
CA VAL H 54 -30.39 39.63 18.42
C VAL H 54 -29.32 39.61 19.51
N PHE H 55 -28.08 39.26 19.15
CA PHE H 55 -26.98 39.43 20.11
C PHE H 55 -26.71 40.89 20.41
N TYR H 56 -26.95 41.80 19.47
CA TYR H 56 -26.73 43.21 19.71
C TYR H 56 -27.75 43.78 20.68
N LEU H 57 -29.03 43.44 20.52
CA LEU H 57 -30.07 43.95 21.40
C LEU H 57 -30.04 43.34 22.78
N VAL H 58 -29.35 42.22 22.97
CA VAL H 58 -29.19 41.62 24.30
C VAL H 58 -27.94 42.16 24.98
N TYR H 59 -26.90 42.46 24.20
CA TYR H 59 -25.70 43.12 24.74
C TYR H 59 -26.03 44.52 25.23
N THR H 60 -26.86 45.25 24.49
CA THR H 60 -27.20 46.62 24.82
C THR H 60 -28.12 46.70 26.03
N TRP H 61 -29.06 45.77 26.16
CA TRP H 61 -29.91 45.72 27.35
C TRP H 61 -29.20 45.13 28.55
N GLY H 62 -28.28 44.19 28.33
CA GLY H 62 -27.54 43.56 29.40
C GLY H 62 -26.53 44.46 30.09
N THR H 63 -25.93 45.38 29.34
CA THR H 63 -24.90 46.28 29.88
C THR H 63 -25.58 47.62 30.17
N GLN H 64 -26.85 47.56 30.54
CA GLN H 64 -27.61 48.74 30.88
C GLN H 64 -28.46 48.47 32.11
N GLU H 65 -28.48 47.21 32.53
CA GLU H 65 -29.09 46.83 33.80
C GLU H 65 -28.01 46.38 34.77
N PHE H 66 -26.75 46.49 34.37
CA PHE H 66 -25.63 46.38 35.28
C PHE H 66 -25.11 47.74 35.72
N GLU H 67 -25.37 48.79 34.95
CA GLU H 67 -24.96 50.13 35.36
C GLU H 67 -25.96 50.72 36.36
N LYS H 68 -27.25 50.59 36.07
CA LYS H 68 -28.27 51.20 36.90
C LYS H 68 -28.56 50.41 38.18
N SER H 69 -27.89 49.29 38.40
CA SER H 69 -28.01 48.58 39.67
C SER H 69 -27.28 49.26 40.80
N LYS H 70 -26.44 50.26 40.50
CA LYS H 70 -25.52 50.80 41.49
C LYS H 70 -26.05 52.06 42.16
N ARG H 71 -26.18 53.16 41.41
CA ARG H 71 -26.12 54.48 42.02
C ARG H 71 -27.40 55.29 41.87
N LYS H 72 -28.55 54.64 41.66
CA LYS H 72 -29.89 55.26 41.83
C LYS H 72 -30.18 56.52 41.00
N ALA I 1 3.59 46.65 -35.63
CA ALA I 1 3.41 45.77 -34.47
C ALA I 1 4.62 45.82 -33.54
N ALA I 2 4.95 47.02 -33.07
CA ALA I 2 6.10 47.19 -32.17
C ALA I 2 5.73 46.76 -30.76
N PRO I 3 6.38 45.73 -30.22
CA PRO I 3 5.99 45.22 -28.90
C PRO I 3 6.65 45.97 -27.76
N THR I 4 6.28 45.65 -26.52
CA THR I 4 6.87 46.25 -25.33
C THR I 4 7.96 45.34 -24.77
N LEU I 5 8.78 45.88 -23.86
CA LEU I 5 10.07 45.29 -23.48
C LEU I 5 9.93 44.13 -22.50
N THR I 6 9.16 43.10 -22.87
CA THR I 6 8.93 41.99 -21.95
C THR I 6 10.10 41.00 -21.93
N ALA I 7 10.68 40.73 -23.11
CA ALA I 7 11.59 39.61 -23.29
C ALA I 7 13.05 40.00 -23.11
N ARG I 8 13.36 40.79 -22.07
CA ARG I 8 14.73 41.00 -21.63
C ARG I 8 15.47 39.68 -21.38
N LEU I 9 14.82 38.75 -20.70
CA LEU I 9 15.50 37.62 -20.08
C LEU I 9 14.85 36.29 -20.43
N TYR I 10 13.92 36.29 -21.40
CA TYR I 10 13.24 35.07 -21.79
C TYR I 10 14.16 34.14 -22.57
N SER I 11 15.16 34.70 -23.24
CA SER I 11 15.97 33.91 -24.16
C SER I 11 17.28 33.45 -23.54
N LEU I 12 18.00 34.34 -22.85
CA LEU I 12 19.38 34.06 -22.52
C LEU I 12 19.48 33.12 -21.32
N LEU I 13 19.04 33.56 -20.15
CA LEU I 13 19.23 32.83 -18.92
C LEU I 13 17.99 32.15 -18.35
N PHE I 14 16.84 32.83 -18.29
CA PHE I 14 15.63 32.22 -17.75
C PHE I 14 14.96 31.22 -18.70
N ARG I 15 15.61 30.84 -19.79
CA ARG I 15 15.12 29.74 -20.60
C ARG I 15 15.74 28.39 -20.25
N ARG I 16 17.02 28.37 -19.85
CA ARG I 16 17.76 27.12 -19.56
C ARG I 16 17.18 26.41 -18.34
N THR I 17 16.34 27.09 -17.57
CA THR I 17 15.59 26.51 -16.38
C THR I 17 16.51 26.58 -15.15
N SER I 18 17.71 27.12 -15.29
CA SER I 18 18.73 27.05 -14.19
C SER I 18 18.78 28.35 -13.38
N THR I 19 19.06 29.54 -13.99
CA THR I 19 18.86 30.78 -13.24
C THR I 19 17.42 30.96 -12.76
N PHE I 20 16.46 30.19 -13.29
CA PHE I 20 15.13 30.17 -12.68
C PHE I 20 15.17 29.64 -11.25
N ALA I 21 15.96 28.59 -11.00
CA ALA I 21 16.19 28.11 -9.65
C ALA I 21 17.46 28.67 -9.02
N LEU I 22 18.29 29.41 -9.76
CA LEU I 22 19.51 29.93 -9.19
C LEU I 22 19.35 31.37 -8.71
N THR I 23 18.34 32.10 -9.18
CA THR I 23 18.10 33.45 -8.67
C THR I 23 17.47 33.48 -7.28
N ILE I 24 17.40 32.36 -6.57
CA ILE I 24 17.28 32.45 -5.12
C ILE I 24 18.66 32.58 -4.49
N ALA I 25 19.71 32.18 -5.22
CA ALA I 25 21.09 32.27 -4.68
C ALA I 25 21.84 33.39 -5.40
N VAL I 26 22.06 33.24 -6.71
CA VAL I 26 22.70 34.33 -7.49
C VAL I 26 21.85 35.59 -7.29
N GLY I 27 20.53 35.46 -7.48
CA GLY I 27 19.62 36.61 -7.31
C GLY I 27 19.23 36.79 -5.85
N ALA I 28 20.22 36.94 -4.96
CA ALA I 28 19.92 37.23 -3.54
C ALA I 28 20.75 38.44 -3.14
N LEU I 29 21.40 39.09 -4.10
CA LEU I 29 22.30 40.18 -3.80
C LEU I 29 21.58 41.53 -3.86
N PHE I 30 22.26 42.53 -3.29
CA PHE I 30 22.06 43.98 -3.37
C PHE I 30 20.63 44.47 -3.12
N PHE I 31 19.77 43.70 -2.46
CA PHE I 31 18.55 44.30 -1.95
C PHE I 31 18.58 44.53 -0.45
N GLU I 32 19.55 43.96 0.26
CA GLU I 32 19.91 44.50 1.57
C GLU I 32 20.97 45.58 1.43
N ARG I 33 21.40 45.86 0.21
CA ARG I 33 21.95 47.17 -0.11
C ARG I 33 20.85 48.22 -0.27
N ALA I 34 19.68 47.84 -0.80
CA ALA I 34 18.71 48.82 -1.26
C ALA I 34 17.60 49.12 -0.26
N PHE I 35 17.01 48.12 0.39
CA PHE I 35 15.76 48.31 1.16
C PHE I 35 16.23 48.49 2.58
N ASP I 36 17.19 49.37 2.74
CA ASP I 36 17.71 49.74 4.07
C ASP I 36 17.57 51.25 3.95
N GLN I 37 17.64 51.74 2.70
CA GLN I 37 17.39 53.18 2.43
C GLN I 37 15.85 53.38 2.52
N GLY I 38 15.10 52.29 2.72
CA GLY I 38 13.71 52.32 3.08
C GLY I 38 13.51 52.32 4.58
N ALA I 39 13.22 51.15 5.14
CA ALA I 39 12.76 50.92 6.51
C ALA I 39 13.56 51.61 7.61
N ASP I 40 14.89 51.54 7.55
CA ASP I 40 15.71 52.21 8.57
C ASP I 40 15.57 53.72 8.48
N ALA I 41 15.73 54.28 7.28
CA ALA I 41 15.64 55.73 7.12
C ALA I 41 14.23 56.27 7.30
N ILE I 42 13.18 55.50 7.01
CA ILE I 42 11.84 55.95 7.35
C ILE I 42 11.63 55.91 8.86
N TYR I 43 12.28 54.96 9.56
CA TYR I 43 12.09 54.81 10.99
C TYR I 43 12.69 55.98 11.76
N GLU I 44 13.93 56.37 11.45
CA GLU I 44 14.52 57.50 12.14
C GLU I 44 13.93 58.84 11.72
N HIS I 45 13.20 58.89 10.62
CA HIS I 45 12.57 60.13 10.22
C HIS I 45 11.24 60.40 10.89
N ILE I 46 10.44 59.36 11.14
CA ILE I 46 9.20 59.53 11.90
C ILE I 46 9.49 59.87 13.35
N ASN I 47 10.56 59.32 13.91
CA ASN I 47 10.98 59.58 15.29
C ASN I 47 12.25 60.42 15.26
N GLN I 48 12.09 61.73 15.14
CA GLN I 48 13.23 62.63 14.99
C GLN I 48 13.51 63.32 16.33
N GLY I 49 14.73 63.17 16.82
CA GLY I 49 15.11 63.72 18.11
C GLY I 49 14.52 62.98 19.28
N LYS I 50 14.18 61.71 19.11
CA LYS I 50 13.57 60.90 20.16
C LYS I 50 14.37 59.65 20.49
N LEU I 51 15.31 59.25 19.64
CA LEU I 51 16.07 58.04 19.85
C LEU I 51 17.34 58.36 20.61
N TRP I 52 18.05 57.32 21.04
CA TRP I 52 19.25 57.51 21.84
C TRP I 52 20.38 58.13 21.02
N LYS I 53 20.63 57.60 19.82
CA LYS I 53 21.74 58.10 19.02
C LYS I 53 21.50 59.47 18.43
N HIS I 54 20.28 60.00 18.54
CA HIS I 54 20.06 61.41 18.29
C HIS I 54 20.64 62.26 19.42
N ILE I 55 20.34 61.91 20.67
CA ILE I 55 20.62 62.75 21.82
C ILE I 55 21.91 62.36 22.54
N LYS I 56 22.61 61.33 22.05
CA LYS I 56 23.74 60.84 22.82
C LYS I 56 24.99 61.72 22.68
N HIS I 57 24.97 62.73 21.81
CA HIS I 57 26.15 63.59 21.63
C HIS I 57 26.41 64.48 22.83
N LYS I 58 25.31 64.94 23.41
CA LYS I 58 25.44 65.99 24.45
C LYS I 58 25.75 65.30 25.77
N TYR I 59 26.18 64.05 25.69
CA TYR I 59 26.43 63.37 26.97
C TYR I 59 27.70 62.76 26.67
N GLU I 60 28.10 63.05 25.46
CA GLU I 60 29.33 62.34 25.06
C GLU I 60 30.51 63.32 25.22
N ASN I 61 31.68 63.02 24.68
CA ASN I 61 32.94 63.79 24.94
C ASN I 61 33.05 63.87 26.46
N LYS I 62 33.65 64.96 26.96
CA LYS I 62 33.76 65.17 28.41
C LYS I 62 34.48 66.51 28.65
N MET J 1 37.00 -1.54 -14.05
CA MET J 1 35.63 -2.02 -13.98
C MET J 1 34.68 -0.94 -14.48
N LEU J 2 34.99 0.32 -14.17
CA LEU J 2 34.12 1.44 -14.52
C LEU J 2 34.44 2.01 -15.91
N SER J 3 34.89 1.16 -16.82
CA SER J 3 34.97 1.49 -18.25
C SER J 3 33.63 1.39 -18.97
N ARG J 4 32.51 1.29 -18.23
CA ARG J 4 31.20 1.61 -18.79
C ARG J 4 31.10 3.09 -19.17
N PHE J 5 31.92 3.94 -18.56
CA PHE J 5 32.01 5.36 -18.86
C PHE J 5 32.99 5.64 -19.98
N LEU J 6 33.54 4.59 -20.59
CA LEU J 6 34.58 4.68 -21.60
C LEU J 6 33.98 4.20 -22.92
N GLY J 7 33.45 5.15 -23.69
CA GLY J 7 32.99 4.90 -25.03
C GLY J 7 33.42 6.03 -25.94
N PRO J 8 33.49 5.76 -27.25
CA PRO J 8 33.86 6.83 -28.19
C PRO J 8 32.86 7.98 -28.28
N ARG J 9 31.60 7.75 -27.94
CA ARG J 9 30.59 8.79 -27.95
C ARG J 9 30.01 9.08 -26.58
N TYR J 10 30.53 8.46 -25.52
CA TYR J 10 30.10 8.77 -24.17
C TYR J 10 30.79 10.02 -23.63
N ARG J 11 32.05 10.24 -24.01
CA ARG J 11 32.73 11.49 -23.68
C ARG J 11 32.28 12.65 -24.57
N GLU J 12 31.51 12.37 -25.63
CA GLU J 12 30.79 13.41 -26.36
C GLU J 12 29.69 14.03 -25.50
N LEU J 13 29.17 13.27 -24.53
CA LEU J 13 28.13 13.79 -23.64
C LEU J 13 28.67 14.74 -22.58
N ALA J 14 29.99 14.78 -22.36
CA ALA J 14 30.52 15.80 -21.45
C ALA J 14 30.66 17.15 -22.14
N ARG J 15 30.73 17.15 -23.47
CA ARG J 15 30.95 18.37 -24.23
C ARG J 15 29.69 19.22 -24.30
N ASN J 16 28.51 18.64 -24.12
CA ASN J 16 27.27 19.40 -24.19
C ASN J 16 26.60 19.65 -22.83
N TRP J 17 27.21 19.21 -21.73
CA TRP J 17 26.69 19.52 -20.40
C TRP J 17 27.60 20.41 -19.57
N ILE J 18 28.91 20.40 -19.81
CA ILE J 18 29.85 21.28 -19.12
C ILE J 18 29.64 22.78 -19.43
N PRO J 19 29.03 23.25 -20.55
CA PRO J 19 28.67 24.68 -20.56
C PRO J 19 27.57 25.06 -19.57
N THR J 20 26.65 24.15 -19.23
CA THR J 20 25.78 24.41 -18.10
C THR J 20 26.53 24.25 -16.78
N ALA J 21 27.43 23.27 -16.72
CA ALA J 21 28.20 23.00 -15.51
C ALA J 21 29.44 23.88 -15.36
N SER J 22 29.63 24.87 -16.24
CA SER J 22 30.73 25.83 -16.10
C SER J 22 30.43 26.93 -15.11
N MET J 23 29.18 27.00 -14.62
CA MET J 23 28.62 28.20 -14.01
C MET J 23 28.18 28.03 -12.56
N TRP J 24 27.65 26.87 -12.17
CA TRP J 24 27.11 26.77 -10.81
C TRP J 24 28.19 26.56 -9.77
N GLY J 25 29.45 26.43 -10.19
CA GLY J 25 30.57 26.69 -9.32
C GLY J 25 30.75 28.16 -8.97
N ALA J 26 30.22 29.05 -9.80
CA ALA J 26 30.23 30.49 -9.51
C ALA J 26 28.96 30.95 -8.82
N VAL J 27 28.05 30.03 -8.50
CA VAL J 27 26.91 30.34 -7.64
C VAL J 27 27.32 30.24 -6.17
N GLY J 28 28.11 29.22 -5.85
CA GLY J 28 28.77 29.19 -4.56
C GLY J 28 29.75 30.32 -4.33
N ALA J 29 30.30 30.89 -5.41
CA ALA J 29 31.12 32.09 -5.31
C ALA J 29 30.29 33.35 -5.17
N VAL J 30 28.97 33.24 -5.12
CA VAL J 30 28.09 34.40 -5.07
C VAL J 30 26.90 34.20 -4.14
N GLY J 31 26.64 32.98 -3.68
CA GLY J 31 25.41 32.67 -2.96
C GLY J 31 25.52 32.55 -1.45
N LEU J 32 26.66 32.04 -0.95
CA LEU J 32 26.87 32.11 0.49
C LEU J 32 27.86 33.23 0.84
N VAL J 33 28.49 33.84 -0.16
CA VAL J 33 29.03 35.19 -0.01
C VAL J 33 27.91 36.14 0.40
N TRP J 34 26.73 35.95 -0.19
CA TRP J 34 25.51 36.55 0.32
C TRP J 34 25.20 36.09 1.75
N ALA J 35 25.13 34.78 1.98
CA ALA J 35 24.45 34.22 3.15
C ALA J 35 25.22 34.43 4.45
N THR J 36 26.45 33.94 4.52
CA THR J 36 27.26 34.01 5.75
C THR J 36 28.12 35.26 5.82
N ASP J 37 27.98 36.18 4.85
CA ASP J 37 28.62 37.50 4.81
C ASP J 37 30.15 37.40 4.88
N TRP J 38 30.77 36.75 3.91
CA TRP J 38 32.21 36.60 3.95
C TRP J 38 32.90 37.88 3.53
N ARG J 39 33.75 38.40 4.43
CA ARG J 39 34.47 39.65 4.24
C ARG J 39 35.64 39.53 3.27
N LEU J 40 35.91 38.34 2.74
CA LEU J 40 37.03 38.12 1.83
C LEU J 40 36.77 38.77 0.47
N ILE J 41 35.61 38.50 -0.12
CA ILE J 41 35.23 38.98 -1.45
C ILE J 41 34.23 40.14 -1.36
N LEU J 42 33.97 40.67 -0.16
CA LEU J 42 33.42 42.01 -0.06
C LEU J 42 34.51 43.08 -0.27
N ASP J 43 35.79 42.67 -0.27
CA ASP J 43 36.89 43.54 -0.64
C ASP J 43 37.04 43.72 -2.14
N TRP J 44 36.25 42.98 -2.93
CA TRP J 44 36.45 42.75 -4.35
C TRP J 44 35.87 43.83 -5.24
N VAL J 45 34.59 44.14 -5.10
CA VAL J 45 33.86 45.01 -6.00
C VAL J 45 33.47 46.27 -5.25
N PRO J 46 33.60 47.45 -5.84
CA PRO J 46 33.29 48.71 -5.13
C PRO J 46 31.80 49.00 -4.97
N TYR J 47 30.92 48.08 -5.38
CA TYR J 47 29.50 48.23 -5.10
C TYR J 47 29.20 48.11 -3.62
N ILE J 48 29.89 47.20 -2.93
CA ILE J 48 29.52 46.73 -1.60
C ILE J 48 30.65 47.02 -0.62
N ASN J 49 30.33 47.69 0.49
CA ASN J 49 31.20 47.72 1.66
C ASN J 49 30.34 47.91 2.92
N MET K 1 3.02 -20.11 -63.47
CA MET K 1 3.83 -19.22 -64.26
C MET K 1 3.24 -17.84 -64.11
N LEU K 2 1.97 -17.66 -64.42
CA LEU K 2 1.33 -16.47 -63.89
C LEU K 2 0.98 -16.70 -62.44
N SER K 3 1.06 -15.65 -61.64
CA SER K 3 1.06 -15.78 -60.20
C SER K 3 -0.34 -15.99 -59.67
N VAL K 4 -0.40 -16.31 -58.39
CA VAL K 4 -1.63 -16.20 -57.60
C VAL K 4 -2.22 -14.80 -57.72
N ALA K 5 -1.36 -13.77 -57.64
CA ALA K 5 -1.85 -12.39 -57.67
C ALA K 5 -2.20 -11.92 -59.07
N SER K 6 -1.69 -12.61 -60.10
CA SER K 6 -1.92 -12.20 -61.47
C SER K 6 -3.37 -12.38 -61.89
N ARG K 7 -4.05 -13.48 -61.54
CA ARG K 7 -5.52 -13.67 -61.69
C ARG K 7 -5.99 -13.28 -60.30
N SER K 8 -7.05 -12.54 -60.08
CA SER K 8 -7.29 -11.89 -58.74
C SER K 8 -8.14 -12.66 -57.76
N GLY K 9 -7.63 -12.88 -56.58
CA GLY K 9 -8.64 -13.57 -55.75
C GLY K 9 -8.09 -14.56 -54.80
N PRO K 10 -7.04 -15.34 -55.11
CA PRO K 10 -6.53 -16.10 -53.96
C PRO K 10 -5.71 -15.22 -53.02
N PHE K 11 -5.65 -15.65 -51.76
CA PHE K 11 -5.12 -14.88 -50.66
C PHE K 11 -3.61 -14.98 -50.49
N ALA K 12 -3.04 -13.95 -49.87
CA ALA K 12 -1.68 -13.87 -49.43
C ALA K 12 -1.58 -13.05 -48.14
N PRO K 13 -0.94 -13.57 -47.08
CA PRO K 13 -0.55 -12.72 -45.95
C PRO K 13 0.93 -12.34 -45.90
N VAL K 14 1.25 -11.19 -45.30
CA VAL K 14 2.61 -10.66 -45.24
C VAL K 14 2.98 -10.38 -43.79
N LEU K 15 4.21 -10.73 -43.40
CA LEU K 15 4.83 -10.33 -42.13
C LEU K 15 6.04 -9.45 -42.45
N SER K 16 6.27 -8.43 -41.63
CA SER K 16 7.44 -7.58 -41.75
C SER K 16 8.38 -7.67 -40.55
N ALA K 17 9.42 -6.84 -40.57
CA ALA K 17 10.26 -6.50 -39.42
C ALA K 17 9.95 -5.11 -38.87
N THR K 18 9.75 -4.13 -39.76
CA THR K 18 9.48 -2.75 -39.37
C THR K 18 8.17 -2.23 -39.96
N SER K 19 7.30 -3.12 -40.44
CA SER K 19 6.09 -2.69 -41.13
C SER K 19 4.93 -3.60 -40.72
N ARG K 20 3.75 -3.36 -41.27
CA ARG K 20 2.55 -3.97 -40.70
C ARG K 20 2.08 -5.18 -41.50
N GLY K 21 1.40 -6.07 -40.79
CA GLY K 21 0.80 -7.27 -41.37
C GLY K 21 -0.31 -6.93 -42.34
N VAL K 22 -0.30 -7.55 -43.51
CA VAL K 22 -1.29 -7.26 -44.55
C VAL K 22 -1.95 -8.55 -45.03
N ALA K 23 -3.08 -8.43 -45.72
CA ALA K 23 -3.81 -9.58 -46.24
C ALA K 23 -4.39 -9.27 -47.61
N GLY K 24 -4.12 -10.16 -48.58
CA GLY K 24 -4.89 -10.24 -49.80
C GLY K 24 -4.66 -9.13 -50.80
N ALA K 25 -5.14 -9.37 -52.01
CA ALA K 25 -5.02 -8.39 -53.08
C ALA K 25 -6.28 -7.56 -53.26
N LEU K 26 -7.41 -8.22 -53.58
CA LEU K 26 -8.65 -7.53 -53.96
C LEU K 26 -9.74 -7.70 -52.92
N ARG K 27 -9.31 -8.16 -51.74
CA ARG K 27 -10.35 -8.56 -50.73
C ARG K 27 -11.30 -7.39 -50.53
N PRO K 28 -10.89 -6.27 -49.93
CA PRO K 28 -11.83 -5.26 -49.77
C PRO K 28 -12.00 -4.50 -51.13
N LEU K 29 -12.80 -5.00 -52.09
CA LEU K 29 -12.95 -4.46 -53.45
C LEU K 29 -13.98 -3.37 -53.61
N VAL K 30 -13.68 -2.49 -54.53
CA VAL K 30 -14.21 -1.12 -54.54
C VAL K 30 -15.60 -1.30 -55.12
N GLN K 31 -16.44 -0.27 -55.00
CA GLN K 31 -17.89 -0.27 -55.16
C GLN K 31 -18.54 -1.19 -54.15
N ALA K 32 -17.91 -1.37 -53.00
CA ALA K 32 -18.57 -1.96 -51.86
C ALA K 32 -19.05 -0.90 -50.87
N ALA K 33 -18.21 0.10 -50.58
CA ALA K 33 -18.62 1.19 -49.69
C ALA K 33 -19.16 2.37 -50.49
N LEU K 34 -19.21 2.20 -51.81
CA LEU K 34 -19.89 3.29 -52.57
C LEU K 34 -21.32 3.47 -52.04
N PRO K 35 -22.16 2.42 -51.89
CA PRO K 35 -23.50 2.60 -51.31
C PRO K 35 -23.61 2.29 -49.81
N ALA K 36 -24.81 2.42 -49.24
CA ALA K 36 -25.05 2.14 -47.80
C ALA K 36 -23.99 2.78 -46.91
N THR K 37 -23.66 1.97 -45.97
CA THR K 37 -22.56 2.27 -45.11
C THR K 37 -21.86 0.92 -44.94
N SER K 38 -20.65 0.79 -45.35
CA SER K 38 -19.86 -0.33 -44.85
C SER K 38 -19.07 0.45 -43.81
N GLU K 39 -19.64 0.62 -42.66
CA GLU K 39 -18.82 1.19 -41.56
C GLU K 39 -17.64 0.23 -41.37
N SER K 40 -16.51 0.72 -40.97
CA SER K 40 -15.25 -0.02 -40.88
C SER K 40 -14.91 -0.52 -39.45
N PRO K 41 -13.79 -1.25 -39.21
CA PRO K 41 -13.38 -1.75 -37.86
C PRO K 41 -13.53 -0.91 -36.57
N VAL K 42 -14.07 -1.50 -35.53
CA VAL K 42 -14.16 -0.85 -34.22
C VAL K 42 -13.01 -1.61 -33.62
N LEU K 43 -11.93 -0.95 -33.26
CA LEU K 43 -10.71 -1.78 -33.08
C LEU K 43 -10.58 -2.28 -31.64
N ASP K 44 -10.03 -3.47 -31.46
CA ASP K 44 -9.82 -4.06 -30.15
C ASP K 44 -8.41 -4.62 -30.09
N ALA K 45 -7.87 -4.94 -31.25
CA ALA K 45 -6.48 -5.32 -31.42
C ALA K 45 -5.87 -4.48 -32.52
N LYS K 46 -5.71 -3.10 -32.12
CA LYS K 46 -5.40 -2.11 -33.19
C LYS K 46 -4.10 -2.20 -33.97
N ARG K 47 -4.44 -2.69 -35.42
CA ARG K 47 -3.37 -2.52 -36.38
C ARG K 47 -3.69 -1.21 -37.09
N SER K 48 -2.83 -0.76 -37.99
CA SER K 48 -2.81 0.65 -38.41
C SER K 48 -4.02 1.06 -39.23
N PHE K 49 -4.00 2.40 -39.59
CA PHE K 49 -5.18 2.97 -40.29
C PHE K 49 -4.76 3.29 -41.72
N LEU K 50 -3.77 4.20 -41.95
CA LEU K 50 -3.13 4.36 -43.29
C LEU K 50 -1.90 3.43 -43.31
N CYS K 51 -1.69 2.56 -44.26
CA CYS K 51 -0.55 1.59 -44.09
C CYS K 51 0.93 2.02 -44.34
N ARG K 52 1.49 2.95 -43.57
CA ARG K 52 2.91 3.39 -43.73
C ARG K 52 3.05 4.05 -45.11
N GLU K 53 2.16 5.00 -45.42
CA GLU K 53 2.24 5.72 -46.72
C GLU K 53 2.88 7.08 -46.50
N SER K 54 3.26 7.33 -45.19
CA SER K 54 3.94 8.62 -44.93
C SER K 54 5.45 8.46 -44.97
N LEU K 55 6.17 9.49 -44.35
CA LEU K 55 7.65 9.52 -44.46
C LEU K 55 7.99 9.31 -45.94
N SER K 56 7.34 10.09 -46.83
CA SER K 56 7.66 10.00 -48.27
C SER K 56 9.05 10.57 -48.52
N GLY K 57 9.59 11.30 -47.55
CA GLY K 57 10.94 11.90 -47.68
C GLY K 57 11.00 13.28 -47.07
N THR L 1 -16.14 -10.68 4.82
CA THR L 1 -15.27 -10.01 5.83
C THR L 1 -14.38 -10.64 6.84
N ASN L 2 -13.21 -10.97 6.50
CA ASN L 2 -12.01 -11.02 7.32
C ASN L 2 -11.57 -9.60 7.60
N ILE L 3 -11.69 -9.17 8.86
CA ILE L 3 -11.37 -7.78 9.22
C ILE L 3 -9.86 -7.56 9.30
N ARG L 4 -9.07 -8.63 9.37
CA ARG L 4 -7.62 -8.50 9.25
C ARG L 4 -7.17 -8.10 7.86
N LYS L 5 -8.02 -8.21 6.85
CA LYS L 5 -7.62 -7.94 5.48
C LYS L 5 -8.36 -6.78 4.85
N SER L 6 -9.32 -6.18 5.53
CA SER L 6 -10.12 -5.12 4.93
C SER L 6 -10.14 -3.84 5.73
N HIS L 7 -9.74 -3.85 7.00
CA HIS L 7 -9.68 -2.63 7.78
C HIS L 7 -8.42 -1.84 7.42
N PRO L 8 -8.50 -0.50 7.34
CA PRO L 8 -7.36 0.29 6.86
C PRO L 8 -6.13 0.28 7.75
N LEU L 9 -6.27 0.22 9.07
CA LEU L 9 -5.12 0.08 9.96
C LEU L 9 -4.68 -1.35 10.14
N MET L 10 -5.62 -2.29 10.19
CA MET L 10 -5.26 -3.67 10.50
C MET L 10 -4.60 -4.35 9.31
N LYS L 11 -4.84 -3.84 8.09
CA LYS L 11 -4.13 -4.32 6.90
C LYS L 11 -2.62 -4.13 7.01
N ILE L 12 -2.20 -2.98 7.51
CA ILE L 12 -0.78 -2.65 7.57
C ILE L 12 -0.07 -3.52 8.60
N ILE L 13 -0.74 -3.78 9.73
CA ILE L 13 -0.19 -4.64 10.77
C ILE L 13 -0.12 -6.08 10.30
N ASN L 14 -1.10 -6.51 9.52
CA ASN L 14 -1.15 -7.88 9.03
C ASN L 14 -0.09 -8.14 7.97
N ASN L 15 0.15 -7.17 7.09
CA ASN L 15 1.16 -7.35 6.05
C ASN L 15 2.58 -7.27 6.58
N ALA L 16 2.80 -6.63 7.73
CA ALA L 16 4.13 -6.39 8.25
C ALA L 16 4.56 -7.40 9.29
N PHE L 17 3.63 -7.94 10.08
CA PHE L 17 4.02 -8.79 11.20
C PHE L 17 3.29 -10.13 11.27
N ILE L 18 2.09 -10.27 10.70
CA ILE L 18 1.32 -11.49 10.91
C ILE L 18 1.47 -12.45 9.74
N ASP L 19 1.11 -12.01 8.54
CA ASP L 19 1.12 -12.87 7.37
C ASP L 19 2.39 -12.74 6.53
N LEU L 20 3.45 -12.14 7.06
CA LEU L 20 4.70 -11.94 6.33
C LEU L 20 5.40 -13.26 6.03
N PRO L 21 5.77 -13.53 4.78
CA PRO L 21 6.53 -14.76 4.50
C PRO L 21 7.98 -14.63 4.94
N ALA L 22 8.47 -15.64 5.65
CA ALA L 22 9.78 -15.65 6.25
C ALA L 22 10.44 -16.99 5.98
N PRO L 23 11.77 -17.04 5.85
CA PRO L 23 12.44 -18.34 5.69
C PRO L 23 12.26 -19.22 6.93
N SER L 24 12.38 -20.53 6.72
CA SER L 24 12.11 -21.46 7.81
C SER L 24 13.37 -21.79 8.61
N ASN L 25 14.56 -21.49 8.08
CA ASN L 25 15.81 -21.89 8.70
C ASN L 25 16.60 -20.73 9.31
N ILE L 26 15.94 -19.62 9.61
CA ILE L 26 16.48 -18.44 10.31
C ILE L 26 17.04 -18.78 11.69
N SER L 27 18.31 -18.46 11.95
CA SER L 27 18.97 -18.71 13.23
C SER L 27 18.68 -17.68 14.30
N SER L 28 19.31 -17.84 15.46
CA SER L 28 19.16 -16.83 16.51
C SER L 28 20.13 -15.67 16.36
N TRP L 29 21.03 -15.70 15.37
CA TRP L 29 21.72 -14.48 14.96
C TRP L 29 20.79 -13.46 14.32
N TRP L 30 19.60 -13.87 13.90
CA TRP L 30 18.58 -13.00 13.35
C TRP L 30 17.66 -12.44 14.43
N ASN L 31 17.93 -12.74 15.70
CA ASN L 31 17.20 -12.18 16.84
C ASN L 31 17.60 -10.75 17.17
N PHE L 32 18.79 -10.29 16.78
CA PHE L 32 19.33 -9.07 17.34
C PHE L 32 18.81 -7.80 16.69
N GLY L 33 17.96 -7.91 15.68
CA GLY L 33 17.34 -6.74 15.10
C GLY L 33 16.22 -6.22 15.97
N SER L 34 15.42 -7.13 16.54
CA SER L 34 14.36 -6.68 17.43
C SER L 34 14.89 -6.40 18.83
N LEU L 35 16.04 -6.96 19.19
CA LEU L 35 16.70 -6.59 20.44
C LEU L 35 17.18 -5.15 20.40
N LEU L 36 17.68 -4.70 19.23
CA LEU L 36 18.07 -3.30 19.06
C LEU L 36 16.88 -2.36 19.18
N GLY L 37 15.72 -2.80 18.71
CA GLY L 37 14.53 -1.98 18.83
C GLY L 37 13.97 -1.94 20.25
N ILE L 38 14.27 -2.97 21.05
CA ILE L 38 13.90 -2.95 22.46
C ILE L 38 14.85 -2.04 23.24
N CYS L 39 16.15 -2.09 22.92
CA CYS L 39 17.14 -1.26 23.59
C CYS L 39 16.95 0.22 23.30
N LEU L 40 16.41 0.55 22.13
CA LEU L 40 16.18 1.95 21.80
C LEU L 40 14.98 2.53 22.55
N ILE L 41 13.91 1.74 22.70
CA ILE L 41 12.72 2.21 23.42
C ILE L 41 13.03 2.37 24.91
N LEU L 42 13.84 1.47 25.45
CA LEU L 42 14.25 1.52 26.85
C LEU L 42 15.08 2.77 27.15
N GLN L 43 16.03 3.12 26.28
CA GLN L 43 16.83 4.32 26.45
C GLN L 43 16.01 5.59 26.32
N ILE L 44 14.90 5.55 25.59
CA ILE L 44 14.12 6.76 25.43
C ILE L 44 13.27 7.02 26.68
N LEU L 45 12.62 6.00 27.22
CA LEU L 45 11.75 6.18 28.38
C LEU L 45 12.54 6.50 29.64
N THR L 46 13.66 5.82 29.83
CA THR L 46 14.52 6.07 30.98
C THR L 46 15.17 7.45 30.88
N GLY L 47 15.54 7.86 29.66
CA GLY L 47 16.16 9.17 29.50
C GLY L 47 15.21 10.33 29.68
N LEU L 48 13.93 10.11 29.42
CA LEU L 48 12.92 11.14 29.64
C LEU L 48 12.61 11.34 31.12
N PHE L 49 12.95 10.38 31.97
CA PHE L 49 12.84 10.53 33.41
C PHE L 49 14.00 11.33 33.98
N LEU L 50 15.22 11.06 33.49
CA LEU L 50 16.40 11.74 34.00
C LEU L 50 16.44 13.20 33.58
N ALA L 51 15.75 13.56 32.51
CA ALA L 51 15.80 14.92 31.98
C ALA L 51 14.90 15.89 32.73
N MET L 52 14.00 15.42 33.58
CA MET L 52 13.23 16.31 34.43
C MET L 52 13.98 16.72 35.68
N HIS L 53 15.06 16.05 36.03
CA HIS L 53 15.81 16.38 37.24
C HIS L 53 17.25 16.78 36.98
N TYR L 54 17.72 16.75 35.74
CA TYR L 54 19.07 17.14 35.40
C TYR L 54 19.14 18.66 35.18
N THR L 55 20.30 19.24 35.51
CA THR L 55 20.55 20.66 35.32
C THR L 55 21.81 20.82 34.48
N SER L 56 21.70 21.51 33.34
CA SER L 56 22.85 21.71 32.46
C SER L 56 23.58 23.01 32.77
N ASP L 57 24.44 22.98 33.77
CA ASP L 57 25.22 24.12 34.21
C ASP L 57 26.48 23.57 34.86
N THR L 58 27.65 24.07 34.48
CA THR L 58 28.90 23.45 34.93
C THR L 58 29.23 23.66 36.41
N THR L 59 28.40 24.39 37.15
CA THR L 59 28.51 24.45 38.60
C THR L 59 27.58 23.50 39.32
N THR L 60 26.51 23.07 38.66
CA THR L 60 25.52 22.19 39.27
C THR L 60 25.19 20.96 38.43
N ALA L 61 26.05 20.57 37.49
CA ALA L 61 25.78 19.39 36.69
C ALA L 61 26.11 18.12 37.46
N PHE L 62 27.30 18.05 38.07
CA PHE L 62 27.68 16.89 38.88
C PHE L 62 26.79 16.73 40.11
N SER L 63 26.27 17.83 40.66
CA SER L 63 25.48 17.76 41.87
C SER L 63 24.02 17.38 41.62
N SER L 64 23.51 17.60 40.41
CA SER L 64 22.16 17.17 40.09
C SER L 64 22.08 15.68 39.78
N VAL L 65 23.22 15.05 39.48
CA VAL L 65 23.23 13.61 39.22
C VAL L 65 23.38 12.84 40.52
N THR L 66 24.14 13.38 41.48
CA THR L 66 24.19 12.74 42.79
C THR L 66 22.89 12.90 43.55
N HIS L 67 22.10 13.92 43.22
CA HIS L 67 20.84 14.15 43.92
C HIS L 67 19.80 13.11 43.56
N ILE L 68 19.77 12.68 42.29
CA ILE L 68 18.75 11.72 41.87
C ILE L 68 19.08 10.32 42.37
N CYS L 69 20.36 10.03 42.58
CA CYS L 69 20.75 8.73 43.12
C CYS L 69 20.55 8.64 44.63
N ARG L 70 20.33 9.75 45.31
CA ARG L 70 20.18 9.75 46.75
C ARG L 70 18.82 10.24 47.22
N ASP L 71 18.25 11.25 46.59
CA ASP L 71 17.02 11.86 47.06
C ASP L 71 15.78 11.35 46.34
N VAL L 72 15.76 11.40 45.01
CA VAL L 72 14.55 11.08 44.26
C VAL L 72 14.26 9.60 44.34
N ASN L 73 12.98 9.25 44.51
CA ASN L 73 12.56 7.87 44.71
C ASN L 73 12.68 7.11 43.40
N TYR L 74 13.34 5.94 43.46
CA TYR L 74 13.71 5.07 42.34
C TYR L 74 14.65 5.75 41.35
N GLY L 75 15.38 6.77 41.78
CA GLY L 75 16.32 7.41 40.88
C GLY L 75 17.59 6.61 40.69
N TRP L 76 17.96 5.79 41.67
CA TRP L 76 19.20 5.03 41.54
C TRP L 76 19.05 3.86 40.57
N VAL L 77 17.86 3.25 40.50
CA VAL L 77 17.67 2.14 39.58
C VAL L 77 17.53 2.65 38.15
N ILE L 78 16.94 3.83 37.97
CA ILE L 78 16.71 4.37 36.63
C ILE L 78 17.99 4.96 36.05
N ARG L 79 18.84 5.56 36.88
CA ARG L 79 20.13 6.01 36.40
C ARG L 79 21.04 4.88 35.96
N TYR L 80 21.14 3.79 36.73
CA TYR L 80 22.03 2.72 36.33
C TYR L 80 21.43 1.82 35.26
N LEU L 81 20.12 1.89 35.04
CA LEU L 81 19.53 1.27 33.84
C LEU L 81 20.01 1.98 32.59
N HIS L 82 20.09 3.30 32.64
CA HIS L 82 20.48 4.10 31.48
C HIS L 82 21.94 3.93 31.11
N ALA L 83 22.83 3.89 32.10
CA ALA L 83 24.24 3.72 31.81
C ALA L 83 24.54 2.31 31.34
N ASN L 84 23.85 1.31 31.89
CA ASN L 84 24.13 -0.06 31.50
C ASN L 84 23.31 -0.47 30.29
N GLY L 85 22.19 0.21 30.04
CA GLY L 85 21.44 -0.04 28.84
C GLY L 85 22.13 0.44 27.59
N ALA L 86 23.04 1.40 27.72
CA ALA L 86 23.83 1.86 26.59
C ALA L 86 24.94 0.90 26.23
N SER L 87 25.48 0.16 27.19
CA SER L 87 26.41 -0.91 26.86
C SER L 87 25.69 -2.08 26.20
N MET L 88 24.43 -2.32 26.58
CA MET L 88 23.62 -3.35 25.97
C MET L 88 23.29 -3.02 24.51
N PHE L 89 23.06 -1.74 24.21
CA PHE L 89 22.80 -1.31 22.84
C PHE L 89 24.01 -1.55 21.94
N PHE L 90 25.21 -1.26 22.44
CA PHE L 90 26.40 -1.35 21.60
C PHE L 90 26.89 -2.77 21.45
N ILE L 91 26.50 -3.68 22.32
CA ILE L 91 26.93 -5.06 22.11
C ILE L 91 25.99 -5.75 21.12
N CYS L 92 24.71 -5.38 21.09
CA CYS L 92 23.79 -5.95 20.12
C CYS L 92 24.06 -5.39 18.73
N LEU L 93 24.51 -4.14 18.65
CA LEU L 93 24.82 -3.48 17.39
C LEU L 93 26.06 -4.06 16.73
N PHE L 94 27.02 -4.53 17.50
CA PHE L 94 28.19 -5.12 16.90
C PHE L 94 27.95 -6.56 16.45
N ILE L 95 27.01 -7.25 17.11
CA ILE L 95 26.60 -8.58 16.66
C ILE L 95 25.83 -8.48 15.34
N HIS L 96 24.93 -7.51 15.27
CA HIS L 96 24.10 -7.22 14.11
C HIS L 96 24.87 -6.92 12.83
N VAL L 97 25.94 -6.13 12.94
CA VAL L 97 26.74 -5.76 11.79
C VAL L 97 27.62 -6.94 11.36
N GLY L 98 28.17 -7.68 12.32
CA GLY L 98 28.97 -8.84 11.99
C GLY L 98 28.18 -9.97 11.36
N ARG L 99 26.89 -10.08 11.70
CA ARG L 99 25.99 -11.03 11.03
C ARG L 99 25.84 -10.70 9.55
N GLY L 100 25.48 -9.45 9.24
CA GLY L 100 25.25 -9.04 7.86
C GLY L 100 26.47 -9.07 6.97
N LEU L 101 27.64 -9.06 7.57
CA LEU L 101 28.91 -9.15 6.89
C LEU L 101 29.32 -10.59 6.61
N TYR L 102 29.03 -11.52 7.53
CA TYR L 102 29.36 -12.92 7.34
C TYR L 102 28.41 -13.60 6.35
N TYR L 103 27.14 -13.32 6.32
CA TYR L 103 26.14 -13.98 5.51
C TYR L 103 25.94 -13.24 4.18
N GLY L 104 26.55 -12.08 3.96
CA GLY L 104 26.38 -11.35 2.73
C GLY L 104 25.13 -10.52 2.61
N SER L 105 24.61 -10.00 3.71
CA SER L 105 23.34 -9.27 3.67
C SER L 105 23.49 -7.87 3.09
N TYR L 106 24.71 -7.40 2.88
CA TYR L 106 24.97 -6.08 2.30
C TYR L 106 24.52 -5.97 0.84
N MET L 107 24.24 -7.10 0.18
CA MET L 107 23.65 -7.11 -1.15
C MET L 107 22.26 -6.47 -1.22
N PHE L 108 21.56 -6.32 -0.09
CA PHE L 108 20.39 -5.44 -0.05
C PHE L 108 20.92 -4.02 0.11
N LEU L 109 21.08 -3.34 -1.04
CA LEU L 109 21.89 -2.11 -1.10
C LEU L 109 21.26 -0.93 -0.36
N GLU L 110 19.95 -0.74 -0.51
CA GLU L 110 19.32 0.38 0.18
C GLU L 110 19.18 0.13 1.67
N THR L 111 19.09 -1.14 2.08
CA THR L 111 19.02 -1.48 3.49
C THR L 111 20.38 -1.36 4.17
N TRP L 112 21.46 -1.67 3.45
CA TRP L 112 22.79 -1.58 4.00
C TRP L 112 23.26 -0.13 4.15
N ASN L 113 22.83 0.76 3.25
CA ASN L 113 23.33 2.13 3.26
C ASN L 113 22.59 3.01 4.26
N ILE L 114 21.34 2.69 4.55
CA ILE L 114 20.66 3.33 5.67
C ILE L 114 21.26 2.85 6.99
N GLY L 115 21.80 1.62 7.02
CA GLY L 115 22.40 1.11 8.24
C GLY L 115 23.71 1.77 8.60
N VAL L 116 24.53 2.13 7.61
CA VAL L 116 25.78 2.81 7.88
C VAL L 116 25.53 4.23 8.39
N VAL L 117 24.44 4.85 7.97
CA VAL L 117 24.05 6.15 8.51
C VAL L 117 23.63 6.02 9.97
N LEU L 118 22.86 4.97 10.28
CA LEU L 118 22.40 4.73 11.66
C LEU L 118 23.54 4.43 12.62
N LEU L 119 24.65 3.92 12.10
CA LEU L 119 25.80 3.62 12.95
C LEU L 119 26.52 4.90 13.38
N PHE L 120 26.62 5.89 12.48
CA PHE L 120 27.17 7.19 12.85
C PHE L 120 26.31 7.94 13.86
N THR L 121 25.00 7.82 13.77
CA THR L 121 24.13 8.66 14.56
C THR L 121 24.01 8.16 16.00
N VAL L 122 24.19 6.87 16.23
CA VAL L 122 24.21 6.36 17.60
C VAL L 122 25.56 6.57 18.28
N MET L 123 26.65 6.65 17.51
CA MET L 123 27.95 6.89 18.09
C MET L 123 28.11 8.32 18.53
N ALA L 124 27.50 9.25 17.79
CA ALA L 124 27.52 10.66 18.14
C ALA L 124 26.59 10.96 19.30
N THR L 125 25.47 10.24 19.39
CA THR L 125 24.54 10.40 20.50
C THR L 125 25.17 9.99 21.82
N ALA L 126 25.84 8.84 21.84
CA ALA L 126 26.42 8.33 23.07
C ALA L 126 27.60 9.17 23.54
N PHE L 127 28.26 9.88 22.62
CA PHE L 127 29.33 10.78 23.00
C PHE L 127 28.80 12.01 23.75
N MET L 128 27.67 12.55 23.32
CA MET L 128 27.14 13.76 23.95
C MET L 128 26.63 13.48 25.36
N GLY L 129 26.10 12.29 25.58
CA GLY L 129 25.53 11.97 26.88
C GLY L 129 26.57 11.74 27.94
N TYR L 130 27.74 11.28 27.55
CA TYR L 130 28.82 11.07 28.51
C TYR L 130 29.53 12.36 28.92
N VAL L 131 29.23 13.48 28.26
CA VAL L 131 29.71 14.78 28.68
C VAL L 131 28.86 15.36 29.81
N LEU L 132 27.56 15.08 29.79
CA LEU L 132 26.57 15.67 30.70
C LEU L 132 26.78 15.45 32.20
N PRO L 133 27.28 14.32 32.72
CA PRO L 133 27.51 14.27 34.18
C PRO L 133 28.66 15.14 34.69
N TRP L 134 29.66 15.54 33.94
CA TRP L 134 30.78 16.44 34.24
C TRP L 134 31.70 16.00 35.29
N GLY L 135 32.23 14.81 35.21
CA GLY L 135 33.27 14.40 36.09
C GLY L 135 34.54 14.60 35.29
N GLN L 136 35.61 13.91 35.59
CA GLN L 136 36.95 14.13 35.02
C GLN L 136 37.23 13.37 33.73
N MET L 137 36.31 12.56 33.24
CA MET L 137 36.33 11.88 31.93
C MET L 137 35.36 12.68 31.04
N SER L 138 34.30 13.23 31.51
CA SER L 138 33.48 14.11 30.71
C SER L 138 34.25 15.37 30.34
N PHE L 139 35.16 15.81 31.20
CA PHE L 139 35.98 16.96 30.88
C PHE L 139 37.09 16.60 29.90
N TRP L 140 37.97 15.66 30.27
CA TRP L 140 39.09 15.32 29.40
C TRP L 140 38.69 14.43 28.23
N GLY L 141 37.41 14.12 28.08
CA GLY L 141 36.92 13.50 26.88
C GLY L 141 36.42 14.51 25.89
N ALA L 142 35.85 15.59 26.43
CA ALA L 142 35.33 16.66 25.58
C ALA L 142 36.46 17.46 24.95
N THR L 143 37.56 17.67 25.67
CA THR L 143 38.62 18.51 25.11
C THR L 143 39.47 17.76 24.10
N VAL L 144 39.61 16.44 24.26
CA VAL L 144 40.40 15.66 23.31
C VAL L 144 39.71 15.60 21.95
N ILE L 145 38.39 15.55 21.93
CA ILE L 145 37.65 15.57 20.67
C ILE L 145 37.71 16.96 20.05
N THR L 146 37.54 18.01 20.85
CA THR L 146 37.41 19.33 20.23
C THR L 146 38.73 20.09 20.04
N ASN L 147 39.89 19.53 20.39
CA ASN L 147 41.14 20.07 19.84
C ASN L 147 41.60 19.23 18.66
N LEU L 148 41.04 18.03 18.54
CA LEU L 148 41.13 17.24 17.32
C LEU L 148 40.15 17.75 16.27
N LEU L 149 39.15 18.53 16.69
CA LEU L 149 38.15 19.08 15.79
C LEU L 149 38.49 20.53 15.44
N SER L 150 39.71 20.95 15.77
CA SER L 150 40.24 22.22 15.29
C SER L 150 41.27 22.00 14.20
N ALA L 151 41.43 20.75 13.75
CA ALA L 151 42.36 20.39 12.69
C ALA L 151 41.61 20.13 11.39
N ILE L 152 40.47 20.79 11.23
CA ILE L 152 39.77 20.85 9.95
C ILE L 152 40.19 22.15 9.27
N PRO L 153 40.70 22.10 8.04
CA PRO L 153 41.62 23.16 7.56
C PRO L 153 41.02 24.54 7.39
N TYR L 154 39.74 24.66 7.04
CA TYR L 154 39.20 25.99 6.70
C TYR L 154 38.02 26.42 7.54
N ILE L 155 37.34 25.51 8.25
CA ILE L 155 36.14 25.87 9.01
C ILE L 155 36.25 25.28 10.41
N GLY L 156 37.37 24.60 10.68
CA GLY L 156 37.63 23.94 11.96
C GLY L 156 37.51 24.76 13.23
N THR L 157 38.26 25.87 13.33
CA THR L 157 38.17 26.71 14.53
C THR L 157 36.86 27.50 14.59
N ASP L 158 36.09 27.54 13.50
CA ASP L 158 34.76 28.14 13.54
C ASP L 158 33.80 27.25 14.32
N LEU L 159 34.00 25.94 14.25
CA LEU L 159 33.05 24.97 14.78
C LEU L 159 33.36 24.60 16.23
N VAL L 160 34.59 24.83 16.69
CA VAL L 160 34.91 24.52 18.08
C VAL L 160 34.38 25.58 19.04
N GLU L 161 34.37 26.85 18.71
CA GLU L 161 33.77 27.86 19.59
C GLU L 161 32.30 28.10 19.26
N TRP L 162 31.61 27.11 18.70
CA TRP L 162 30.16 27.12 18.62
C TRP L 162 29.51 26.19 19.63
N ILE L 163 30.12 25.05 19.92
CA ILE L 163 29.45 24.03 20.73
C ILE L 163 29.57 24.32 22.22
N TRP L 164 30.55 25.13 22.63
CA TRP L 164 30.65 25.52 24.04
C TRP L 164 29.81 26.72 24.36
N GLY L 165 28.96 27.18 23.45
CA GLY L 165 28.19 28.39 23.63
C GLY L 165 28.89 29.65 23.21
N GLY L 166 30.11 29.50 22.67
CA GLY L 166 30.91 30.68 22.27
C GLY L 166 32.06 30.93 23.21
N PHE L 167 31.90 30.56 24.49
CA PHE L 167 32.96 30.77 25.51
C PHE L 167 33.83 29.51 25.60
N SER L 168 34.64 29.41 26.71
CA SER L 168 35.56 28.26 26.81
C SER L 168 34.79 27.07 27.40
N VAL L 169 34.47 27.27 28.78
CA VAL L 169 33.56 26.32 29.48
C VAL L 169 32.76 27.13 30.50
N ASP L 170 31.42 27.05 30.44
CA ASP L 170 30.57 27.86 31.35
C ASP L 170 29.21 27.18 31.52
N LYS L 171 28.21 27.94 31.97
CA LYS L 171 26.85 27.37 32.20
C LYS L 171 26.20 27.07 30.85
N ALA L 172 26.15 28.06 29.95
CA ALA L 172 25.46 27.87 28.65
C ALA L 172 26.21 26.85 27.79
N THR L 173 27.27 26.24 28.33
CA THR L 173 28.07 25.32 27.54
C THR L 173 27.35 24.00 27.31
N LEU L 174 26.80 23.41 28.36
CA LEU L 174 26.17 22.11 28.20
C LEU L 174 24.69 22.23 27.89
N THR L 175 24.21 23.39 27.47
CA THR L 175 22.87 23.44 26.90
C THR L 175 22.84 22.93 25.47
N ARG L 176 23.93 23.04 24.74
CA ARG L 176 24.03 22.64 23.33
C ARG L 176 24.37 21.16 23.29
N PHE L 177 25.23 20.67 24.18
CA PHE L 177 25.48 19.24 24.30
C PHE L 177 24.21 18.49 24.68
N PHE L 178 23.38 19.09 25.53
CA PHE L 178 22.17 18.44 26.00
C PHE L 178 21.09 18.44 24.94
N ALA L 179 21.01 19.50 24.14
CA ALA L 179 19.94 19.61 23.15
C ALA L 179 20.20 18.72 21.94
N PHE L 180 21.46 18.55 21.54
CA PHE L 180 21.79 17.55 20.53
C PHE L 180 21.47 16.15 21.03
N HIS L 181 21.79 15.88 22.29
CA HIS L 181 21.64 14.55 22.85
C HIS L 181 20.18 14.19 23.08
N PHE L 182 19.33 15.18 23.25
CA PHE L 182 17.89 14.98 23.32
C PHE L 182 17.29 14.62 21.98
N ILE L 183 17.78 15.20 20.90
CA ILE L 183 17.05 15.21 19.63
C ILE L 183 17.44 14.02 18.74
N LEU L 184 18.72 13.66 18.74
CA LEU L 184 19.22 12.62 17.85
C LEU L 184 18.59 11.23 18.01
N PRO L 185 18.25 10.71 19.24
CA PRO L 185 17.54 9.42 19.30
C PRO L 185 16.18 9.36 18.65
N PHE L 186 15.54 10.50 18.40
CA PHE L 186 14.26 10.51 17.71
C PHE L 186 14.38 10.58 16.20
N ILE L 187 15.57 10.90 15.70
CA ILE L 187 15.89 10.80 14.28
C ILE L 187 16.35 9.39 13.93
N ILE L 188 17.03 8.72 14.87
CA ILE L 188 17.40 7.32 14.80
C ILE L 188 16.15 6.45 14.65
N THR L 189 15.07 6.83 15.33
CA THR L 189 13.82 6.09 15.22
C THR L 189 13.21 6.22 13.83
N ALA L 190 13.28 7.42 13.23
CA ALA L 190 12.72 7.63 11.90
C ALA L 190 13.53 6.94 10.82
N LEU L 191 14.85 6.87 10.98
CA LEU L 191 15.71 6.16 10.05
C LEU L 191 15.58 4.65 10.16
N ALA L 192 15.11 4.13 11.28
CA ALA L 192 14.92 2.69 11.43
C ALA L 192 13.59 2.22 10.86
N ALA L 193 12.61 3.12 10.74
CA ALA L 193 11.38 2.78 10.03
C ALA L 193 11.61 2.68 8.53
N VAL L 194 12.45 3.56 7.97
CA VAL L 194 12.73 3.55 6.54
C VAL L 194 13.60 2.35 6.19
N HIS L 195 14.47 1.99 7.10
CA HIS L 195 15.31 0.80 7.09
C HIS L 195 14.54 -0.50 6.87
N LEU L 196 13.41 -0.64 7.55
CA LEU L 196 12.60 -1.84 7.44
C LEU L 196 11.66 -1.79 6.25
N LEU L 197 11.29 -0.58 5.81
CA LEU L 197 10.49 -0.42 4.59
C LEU L 197 11.22 -0.92 3.35
N PHE L 198 12.53 -0.74 3.28
CA PHE L 198 13.27 -1.25 2.13
C PHE L 198 13.54 -2.75 2.23
N LEU L 199 13.56 -3.30 3.44
CA LEU L 199 13.74 -4.75 3.57
C LEU L 199 12.46 -5.50 3.24
N HIS L 200 11.30 -4.88 3.43
CA HIS L 200 10.02 -5.48 3.09
C HIS L 200 9.85 -5.75 1.60
N GLU L 201 10.71 -5.17 0.74
CA GLU L 201 10.63 -5.40 -0.69
C GLU L 201 11.22 -6.74 -1.10
N THR L 202 12.17 -7.28 -0.35
CA THR L 202 12.75 -8.56 -0.69
C THR L 202 12.51 -9.66 0.33
N GLY L 203 12.16 -9.34 1.58
CA GLY L 203 12.24 -10.32 2.64
C GLY L 203 13.68 -10.52 3.10
N SER L 204 13.85 -11.53 3.95
CA SER L 204 15.14 -11.77 4.58
C SER L 204 16.03 -12.72 3.79
N ASN L 205 17.32 -12.59 4.04
CA ASN L 205 18.36 -13.53 3.71
C ASN L 205 18.31 -14.69 4.72
N ASN L 206 19.07 -15.76 4.47
CA ASN L 206 19.06 -16.93 5.34
C ASN L 206 20.49 -17.45 5.38
N PRO L 207 20.86 -18.32 6.37
CA PRO L 207 22.26 -18.76 6.49
C PRO L 207 22.91 -19.48 5.31
N THR L 208 22.13 -19.99 4.35
CA THR L 208 22.74 -20.66 3.21
C THR L 208 23.12 -19.71 2.09
N GLY L 209 22.52 -18.53 2.05
CA GLY L 209 22.70 -17.61 0.96
C GLY L 209 21.77 -17.82 -0.22
N ILE L 210 21.08 -18.95 -0.28
CA ILE L 210 20.28 -19.36 -1.42
C ILE L 210 18.85 -18.87 -1.19
N SER L 211 18.19 -18.42 -2.24
CA SER L 211 16.82 -17.93 -2.15
C SER L 211 15.85 -19.03 -1.73
N SER L 212 14.85 -18.64 -0.95
CA SER L 212 14.00 -19.59 -0.25
C SER L 212 12.52 -19.36 -0.50
N ASP L 213 12.12 -19.03 -1.72
CA ASP L 213 10.72 -18.71 -1.98
C ASP L 213 9.84 -19.95 -2.00
N MET L 214 10.44 -21.14 -2.14
CA MET L 214 9.74 -22.40 -2.05
C MET L 214 9.60 -22.94 -0.62
N ASP L 215 10.07 -22.22 0.40
CA ASP L 215 10.01 -22.71 1.77
C ASP L 215 9.64 -21.63 2.78
N LYS L 216 8.63 -20.82 2.52
CA LYS L 216 8.26 -19.78 3.46
C LYS L 216 7.28 -20.30 4.52
N ILE L 217 7.32 -19.67 5.69
CA ILE L 217 6.34 -19.87 6.75
C ILE L 217 5.85 -18.51 7.23
N PRO L 218 4.65 -18.44 7.80
CA PRO L 218 4.17 -17.15 8.31
C PRO L 218 4.95 -16.69 9.53
N PHE L 219 5.03 -15.36 9.70
CA PHE L 219 5.81 -14.78 10.80
C PHE L 219 5.14 -15.05 12.15
N HIS L 220 3.82 -14.97 12.19
CA HIS L 220 3.07 -15.42 13.36
C HIS L 220 2.53 -16.82 13.09
N PRO L 221 2.75 -17.79 13.99
CA PRO L 221 3.30 -17.68 15.33
C PRO L 221 4.75 -18.08 15.51
N TYR L 222 5.49 -18.34 14.44
CA TYR L 222 6.78 -18.98 14.61
C TYR L 222 7.89 -18.04 15.06
N TYR L 223 7.90 -16.79 14.60
CA TYR L 223 8.92 -15.85 15.02
C TYR L 223 8.38 -14.78 15.94
N THR L 224 7.08 -14.76 16.22
CA THR L 224 6.59 -13.94 17.31
C THR L 224 6.93 -14.55 18.67
N ILE L 225 6.93 -15.89 18.77
CA ILE L 225 7.28 -16.53 20.03
C ILE L 225 8.79 -16.65 20.20
N LYS L 226 9.54 -16.71 19.11
CA LYS L 226 10.99 -16.83 19.21
C LYS L 226 11.65 -15.50 19.54
N ASP L 227 10.99 -14.39 19.22
CA ASP L 227 11.53 -13.07 19.50
C ASP L 227 11.16 -12.60 20.91
N ILE L 228 10.00 -13.02 21.41
CA ILE L 228 9.62 -12.74 22.78
C ILE L 228 10.57 -13.44 23.75
N LEU L 229 10.96 -14.67 23.43
CA LEU L 229 11.83 -15.44 24.29
C LEU L 229 13.24 -14.84 24.35
N GLY L 230 13.74 -14.33 23.23
CA GLY L 230 15.05 -13.73 23.24
C GLY L 230 15.09 -12.38 23.93
N ALA L 231 13.95 -11.68 23.95
CA ALA L 231 13.87 -10.41 24.65
C ALA L 231 13.85 -10.60 26.17
N LEU L 232 13.18 -11.66 26.65
CA LEU L 232 13.18 -11.97 28.06
C LEU L 232 14.54 -12.41 28.56
N PHE L 233 15.28 -13.14 27.72
CA PHE L 233 16.63 -13.54 28.07
C PHE L 233 17.59 -12.37 28.04
N MET L 234 17.26 -11.27 27.38
CA MET L 234 18.07 -10.07 27.39
C MET L 234 17.77 -9.17 28.57
N MET L 235 16.51 -9.10 29.00
CA MET L 235 16.17 -8.36 30.20
C MET L 235 16.68 -9.03 31.47
N LEU L 236 16.94 -10.33 31.42
CA LEU L 236 17.57 -11.02 32.55
C LEU L 236 19.03 -10.58 32.70
N ILE L 237 19.79 -10.57 31.61
CA ILE L 237 21.22 -10.24 31.66
C ILE L 237 21.43 -8.78 32.04
N LEU L 238 20.55 -7.89 31.60
CA LEU L 238 20.68 -6.47 31.91
C LEU L 238 20.46 -6.21 33.40
N LEU L 239 19.53 -6.93 34.01
CA LEU L 239 19.24 -6.72 35.42
C LEU L 239 20.25 -7.42 36.33
N ILE L 240 20.97 -8.42 35.83
CA ILE L 240 22.09 -8.99 36.56
C ILE L 240 23.17 -7.93 36.75
N LEU L 241 23.34 -7.06 35.76
CA LEU L 241 24.28 -5.95 35.83
C LEU L 241 23.77 -4.78 36.67
N VAL L 242 22.49 -4.45 36.61
CA VAL L 242 22.01 -3.31 37.38
C VAL L 242 21.95 -3.64 38.87
N LEU L 243 21.59 -4.87 39.21
CA LEU L 243 21.33 -5.21 40.61
C LEU L 243 22.47 -5.96 41.29
N PHE L 244 23.45 -6.49 40.58
CA PHE L 244 24.54 -7.18 41.23
C PHE L 244 25.92 -6.62 40.94
N SER L 245 26.08 -5.78 39.92
CA SER L 245 27.35 -5.12 39.62
C SER L 245 27.19 -3.83 38.82
N PRO L 246 26.59 -2.78 39.37
CA PRO L 246 26.26 -1.62 38.53
C PRO L 246 27.45 -0.75 38.13
N ASP L 247 28.63 -0.99 38.69
CA ASP L 247 29.80 -0.19 38.36
C ASP L 247 30.89 -1.00 37.67
N LEU L 248 30.55 -2.16 37.13
CA LEU L 248 31.57 -3.05 36.54
C LEU L 248 32.13 -2.50 35.24
N LEU L 249 31.29 -1.88 34.42
CA LEU L 249 31.73 -1.47 33.09
C LEU L 249 32.25 -0.03 33.06
N GLY L 250 31.87 0.80 34.03
CA GLY L 250 32.34 2.17 34.11
C GLY L 250 33.76 2.35 34.61
N ASP L 251 34.17 3.60 34.86
CA ASP L 251 35.47 3.95 35.44
C ASP L 251 35.29 4.72 36.74
N PRO L 252 36.11 4.46 37.76
CA PRO L 252 35.98 5.19 39.04
C PRO L 252 36.28 6.67 38.95
N ASP L 253 37.10 7.08 37.99
CA ASP L 253 37.57 8.46 37.88
C ASP L 253 36.49 9.47 37.52
N ASN L 254 35.32 9.01 37.09
CA ASN L 254 34.19 9.87 36.79
C ASN L 254 33.33 10.14 38.01
N TYR L 255 33.75 9.72 39.19
CA TYR L 255 33.09 10.13 40.44
C TYR L 255 33.82 11.26 41.12
N THR L 256 34.84 11.82 40.48
CA THR L 256 35.48 13.04 40.91
C THR L 256 34.99 14.17 40.01
N PRO L 257 34.53 15.32 40.54
CA PRO L 257 34.08 16.40 39.67
C PRO L 257 35.14 17.08 38.79
N ALA L 258 34.74 17.55 37.63
CA ALA L 258 35.67 18.13 36.66
C ALA L 258 36.41 19.32 37.25
N ASN L 259 37.75 19.28 37.10
CA ASN L 259 38.67 20.35 37.54
C ASN L 259 39.81 20.59 36.57
N PRO L 260 39.84 21.72 35.82
CA PRO L 260 40.97 22.07 34.95
C PRO L 260 42.26 22.09 35.79
N LEU L 261 42.11 22.42 37.06
CA LEU L 261 43.25 22.26 38.00
C LEU L 261 43.70 20.82 38.30
N ASN L 262 42.88 19.90 38.86
CA ASN L 262 43.63 18.70 39.17
C ASN L 262 43.92 17.90 37.89
N THR L 263 44.47 16.67 38.25
CA THR L 263 45.04 15.87 37.17
C THR L 263 44.53 14.44 37.23
N PRO L 264 44.05 13.88 36.11
CA PRO L 264 43.64 12.48 36.11
C PRO L 264 44.81 11.60 35.69
N PRO L 265 44.99 10.44 36.34
CA PRO L 265 46.16 9.61 36.06
C PRO L 265 46.16 8.96 34.69
N HIS L 266 45.01 8.81 34.05
CA HIS L 266 44.94 8.23 32.72
C HIS L 266 43.69 8.73 32.02
N ILE L 267 43.65 8.53 30.71
CA ILE L 267 42.51 8.92 29.88
C ILE L 267 41.97 7.65 29.24
N LYS L 268 40.82 7.20 29.71
CA LYS L 268 40.24 5.97 29.20
C LYS L 268 38.77 6.19 28.89
N PRO L 269 38.35 6.13 27.62
CA PRO L 269 36.93 6.21 27.29
C PRO L 269 36.15 4.95 27.67
N GLU L 270 34.87 4.92 27.30
CA GLU L 270 34.06 3.71 27.45
C GLU L 270 34.59 2.61 26.54
N TRP L 271 34.25 1.36 26.87
CA TRP L 271 34.82 0.19 26.19
C TRP L 271 34.46 0.14 24.72
N TYR L 272 33.33 0.70 24.34
CA TYR L 272 32.88 0.62 22.96
C TYR L 272 33.39 1.75 22.09
N PHE L 273 34.22 2.64 22.63
CA PHE L 273 34.92 3.64 21.84
C PHE L 273 36.42 3.41 21.85
N LEU L 274 36.88 2.34 22.50
CA LEU L 274 38.31 2.11 22.70
C LEU L 274 39.03 1.64 21.45
N PHE L 275 38.31 1.09 20.47
CA PHE L 275 38.95 0.64 19.24
C PHE L 275 39.24 1.80 18.31
N ALA L 276 38.37 2.82 18.31
CA ALA L 276 38.58 3.98 17.48
C ALA L 276 39.69 4.86 18.05
N TYR L 277 39.78 4.91 19.38
CA TYR L 277 40.82 5.67 20.06
C TYR L 277 42.21 5.09 19.80
N ALA L 278 42.32 3.79 19.58
CA ALA L 278 43.63 3.20 19.31
C ALA L 278 44.11 3.49 17.89
N ILE L 279 43.19 3.73 16.96
CA ILE L 279 43.57 4.07 15.60
C ILE L 279 44.01 5.54 15.51
N LEU L 280 43.41 6.40 16.35
CA LEU L 280 43.80 7.81 16.42
C LEU L 280 45.24 7.99 16.86
N ARG L 281 45.62 7.32 17.94
CA ARG L 281 46.92 7.56 18.57
C ARG L 281 48.06 6.87 17.84
N SER L 282 47.76 6.19 16.74
CA SER L 282 48.79 5.58 15.91
C SER L 282 49.19 6.46 14.74
N ILE L 283 48.55 7.61 14.56
CA ILE L 283 48.85 8.53 13.46
C ILE L 283 49.49 9.77 14.04
N PRO L 284 50.80 10.00 13.81
CA PRO L 284 51.43 11.23 14.32
C PRO L 284 51.12 12.41 13.42
N ASN L 285 49.90 12.91 13.53
CA ASN L 285 49.33 14.03 12.78
C ASN L 285 47.96 14.27 13.37
N LYS L 286 47.34 15.42 13.14
CA LYS L 286 46.00 15.62 13.65
C LYS L 286 44.97 15.82 12.55
N LEU L 287 45.41 15.93 11.31
CA LEU L 287 44.50 15.81 10.18
C LEU L 287 44.38 14.37 9.69
N GLY L 288 45.48 13.63 9.71
CA GLY L 288 45.45 12.22 9.34
C GLY L 288 44.93 11.30 10.41
N GLY L 289 44.65 11.84 11.59
CA GLY L 289 44.06 11.05 12.65
C GLY L 289 42.56 11.07 12.58
N VAL L 290 41.99 12.25 12.34
CA VAL L 290 40.54 12.37 12.23
C VAL L 290 40.06 11.80 10.90
N LEU L 291 40.95 11.68 9.92
CA LEU L 291 40.59 11.06 8.65
C LEU L 291 40.48 9.54 8.80
N ALA L 292 41.48 8.92 9.42
CA ALA L 292 41.49 7.48 9.62
C ALA L 292 40.47 7.01 10.64
N LEU L 293 39.96 7.89 11.50
CA LEU L 293 38.85 7.53 12.37
C LEU L 293 37.53 7.47 11.64
N VAL L 294 37.30 8.41 10.72
CA VAL L 294 36.07 8.45 9.95
C VAL L 294 36.09 7.42 8.82
N ALA L 295 37.27 7.06 8.31
CA ALA L 295 37.40 6.03 7.28
C ALA L 295 37.28 4.61 7.82
N SER L 296 37.18 4.42 9.13
CA SER L 296 37.03 3.07 9.67
C SER L 296 35.56 2.68 9.86
N ILE L 297 34.64 3.64 9.77
CA ILE L 297 33.21 3.35 9.74
C ILE L 297 32.75 3.42 8.30
N LEU L 298 33.32 4.32 7.52
CA LEU L 298 32.92 4.52 6.13
C LEU L 298 33.44 3.46 5.18
N ILE L 299 34.28 2.54 5.64
CA ILE L 299 34.72 1.45 4.77
C ILE L 299 33.65 0.38 4.61
N LEU L 300 32.60 0.42 5.43
CA LEU L 300 31.51 -0.55 5.33
C LEU L 300 30.72 -0.35 4.05
N ILE L 301 30.71 0.87 3.53
CA ILE L 301 29.90 1.17 2.36
C ILE L 301 30.56 0.71 1.06
N LEU L 302 31.80 0.25 1.11
CA LEU L 302 32.47 -0.34 -0.03
C LEU L 302 32.32 -1.86 -0.12
N MET L 303 31.72 -2.50 0.87
CA MET L 303 31.53 -3.95 0.85
C MET L 303 30.71 -4.50 -0.31
N PRO L 304 29.64 -3.84 -0.83
CA PRO L 304 29.00 -4.38 -2.03
C PRO L 304 29.87 -4.47 -3.29
N MET L 305 30.78 -3.53 -3.54
CA MET L 305 31.57 -3.58 -4.76
C MET L 305 32.90 -4.27 -4.59
N LEU L 306 33.28 -4.65 -3.39
CA LEU L 306 34.46 -5.45 -3.18
C LEU L 306 34.18 -6.95 -3.24
N HIS L 307 32.94 -7.36 -3.50
CA HIS L 307 32.54 -8.75 -3.47
C HIS L 307 32.86 -9.43 -4.80
N THR L 308 33.78 -10.39 -4.79
CA THR L 308 34.23 -11.07 -5.99
C THR L 308 33.92 -12.56 -6.00
N SER L 309 33.20 -13.06 -5.02
CA SER L 309 32.89 -14.49 -4.97
C SER L 309 31.60 -14.80 -5.73
N LYS L 310 31.49 -16.05 -6.17
CA LYS L 310 30.30 -16.50 -6.89
C LYS L 310 29.12 -16.77 -5.96
N GLN L 311 29.38 -17.00 -4.66
CA GLN L 311 28.37 -17.33 -3.67
C GLN L 311 28.10 -16.15 -2.76
N ARG L 312 26.95 -16.15 -2.09
CA ARG L 312 26.54 -14.98 -1.31
C ARG L 312 27.06 -15.01 0.14
N SER L 313 27.01 -16.15 0.81
CA SER L 313 27.35 -16.19 2.23
C SER L 313 28.63 -16.99 2.44
N MET L 314 29.13 -16.97 3.67
CA MET L 314 30.39 -17.60 4.02
C MET L 314 30.25 -19.03 4.52
N MET L 315 29.05 -19.60 4.55
CA MET L 315 28.79 -20.97 5.02
C MET L 315 29.58 -22.02 4.26
N PHE L 316 29.74 -21.86 2.96
CA PHE L 316 30.46 -22.84 2.14
C PHE L 316 31.84 -22.37 1.71
N ARG L 317 32.37 -21.31 2.30
CA ARG L 317 33.67 -20.76 1.96
C ARG L 317 34.66 -20.84 3.12
N PRO L 318 35.44 -21.91 3.23
CA PRO L 318 36.26 -22.10 4.43
C PRO L 318 37.47 -21.18 4.56
N LEU L 319 38.00 -20.63 3.46
CA LEU L 319 39.12 -19.71 3.57
C LEU L 319 38.68 -18.30 3.90
N SER L 320 37.49 -17.90 3.48
CA SER L 320 36.94 -16.63 3.88
C SER L 320 36.54 -16.60 5.35
N GLN L 321 36.51 -17.69 6.06
CA GLN L 321 36.01 -17.79 7.45
C GLN L 321 37.24 -17.68 8.34
N CYS L 322 38.38 -18.08 7.86
CA CYS L 322 39.59 -17.82 8.61
C CYS L 322 39.92 -16.33 8.62
N LEU L 323 39.58 -15.63 7.54
CA LEU L 323 39.82 -14.19 7.51
C LEU L 323 38.76 -13.40 8.26
N PHE L 324 37.56 -13.94 8.41
CA PHE L 324 36.51 -13.24 9.16
C PHE L 324 36.84 -13.18 10.65
N TRP L 325 37.41 -14.24 11.20
CA TRP L 325 37.72 -14.24 12.62
C TRP L 325 39.14 -13.77 12.91
N MET L 326 39.98 -13.60 11.89
CA MET L 326 41.16 -12.78 12.05
C MET L 326 40.79 -11.31 12.22
N LEU L 327 39.70 -10.87 11.61
CA LEU L 327 39.25 -9.50 11.75
C LEU L 327 38.57 -9.23 13.08
N VAL L 328 37.90 -10.21 13.66
CA VAL L 328 37.29 -10.05 14.97
C VAL L 328 38.35 -10.06 16.06
N ALA L 329 39.35 -10.93 15.93
CA ALA L 329 40.46 -10.97 16.86
C ALA L 329 41.41 -9.79 16.72
N ASP L 330 41.24 -8.96 15.68
CA ASP L 330 41.97 -7.72 15.52
C ASP L 330 41.26 -6.53 16.12
N LEU L 331 39.93 -6.58 16.24
CA LEU L 331 39.19 -5.55 16.96
C LEU L 331 39.24 -5.77 18.46
N ILE L 332 39.52 -6.99 18.91
CA ILE L 332 39.77 -7.25 20.32
C ILE L 332 41.14 -6.70 20.72
N THR L 333 42.13 -6.83 19.83
CA THR L 333 43.45 -6.28 20.08
C THR L 333 43.42 -4.77 20.18
N LEU L 334 42.66 -4.11 19.32
CA LEU L 334 42.55 -2.66 19.33
C LEU L 334 41.73 -2.14 20.49
N THR L 335 40.92 -2.97 21.13
CA THR L 335 40.19 -2.54 22.33
C THR L 335 41.11 -2.58 23.55
N TRP L 336 41.98 -3.59 23.61
CA TRP L 336 42.94 -3.70 24.70
C TRP L 336 43.99 -2.61 24.65
N ILE L 337 44.51 -2.31 23.46
CA ILE L 337 45.56 -1.31 23.27
C ILE L 337 45.02 0.08 23.58
N GLY L 338 43.74 0.34 23.30
CA GLY L 338 43.15 1.64 23.57
C GLY L 338 42.99 1.97 25.05
N GLY L 339 43.10 0.99 25.93
CA GLY L 339 43.04 1.24 27.36
C GLY L 339 44.36 1.13 28.06
N GLN L 340 45.46 1.09 27.33
CA GLN L 340 46.80 1.02 27.86
C GLN L 340 47.49 2.36 27.73
N PRO L 341 48.52 2.64 28.53
CA PRO L 341 49.28 3.88 28.35
C PRO L 341 50.25 3.79 27.18
N VAL L 342 50.71 4.95 26.73
CA VAL L 342 51.49 5.05 25.50
C VAL L 342 52.98 4.88 25.79
N GLU L 343 53.42 3.62 25.89
CA GLU L 343 54.84 3.30 25.99
C GLU L 343 55.21 2.29 24.93
N HIS L 344 56.42 1.74 25.04
CA HIS L 344 57.09 1.01 23.97
C HIS L 344 56.38 -0.23 23.41
N PRO L 345 55.91 -1.21 24.21
CA PRO L 345 55.28 -2.36 23.54
C PRO L 345 53.93 -2.02 22.95
N PHE L 346 53.18 -1.13 23.58
CA PHE L 346 51.84 -0.85 23.12
C PHE L 346 51.79 0.24 22.06
N ILE L 347 52.92 0.61 21.46
CA ILE L 347 52.95 1.62 20.42
C ILE L 347 53.19 1.02 19.04
N ILE L 348 53.90 -0.10 18.98
CA ILE L 348 54.13 -0.77 17.70
C ILE L 348 53.02 -1.79 17.43
N ILE L 349 52.50 -2.40 18.49
CA ILE L 349 51.35 -3.32 18.41
C ILE L 349 50.11 -2.55 17.98
N GLY L 350 49.99 -1.31 18.44
CA GLY L 350 48.83 -0.51 18.08
C GLY L 350 48.80 -0.05 16.64
N GLN L 351 49.95 0.16 16.02
CA GLN L 351 49.94 0.62 14.63
C GLN L 351 50.06 -0.53 13.64
N LEU L 352 50.62 -1.67 14.06
CA LEU L 352 50.59 -2.85 13.21
C LEU L 352 49.22 -3.52 13.18
N ALA L 353 48.33 -3.18 14.10
CA ALA L 353 46.96 -3.65 14.08
C ALA L 353 46.00 -2.65 13.49
N SER L 354 46.40 -1.40 13.31
CA SER L 354 45.60 -0.47 12.52
C SER L 354 45.80 -0.71 11.03
N ILE L 355 46.98 -1.19 10.63
CA ILE L 355 47.23 -1.54 9.25
C ILE L 355 46.48 -2.82 8.87
N LEU L 356 46.40 -3.78 9.79
CA LEU L 356 45.77 -5.06 9.50
C LEU L 356 44.26 -4.95 9.37
N TYR L 357 43.65 -3.93 9.98
CA TYR L 357 42.22 -3.74 9.84
C TYR L 357 41.84 -3.28 8.43
N PHE L 358 42.71 -2.51 7.78
CA PHE L 358 42.44 -2.07 6.42
C PHE L 358 42.99 -3.03 5.37
N LEU L 359 44.01 -3.81 5.70
CA LEU L 359 44.56 -4.78 4.76
C LEU L 359 43.65 -5.99 4.56
N ILE L 360 42.84 -6.35 5.56
CA ILE L 360 41.96 -7.52 5.43
C ILE L 360 40.73 -7.17 4.61
N ILE L 361 40.13 -6.02 4.86
CA ILE L 361 38.89 -5.64 4.19
C ILE L 361 39.15 -5.27 2.74
N LEU L 362 40.23 -4.55 2.46
CA LEU L 362 40.45 -3.97 1.13
C LEU L 362 41.27 -4.86 0.20
N VAL L 363 42.12 -5.74 0.71
CA VAL L 363 43.06 -6.42 -0.16
C VAL L 363 42.93 -7.93 -0.02
N LEU L 364 43.01 -8.44 1.21
CA LEU L 364 43.11 -9.88 1.40
C LEU L 364 41.78 -10.59 1.18
N MET L 365 40.66 -9.94 1.51
CA MET L 365 39.37 -10.58 1.27
C MET L 365 39.01 -10.68 -0.22
N PRO L 366 39.12 -9.61 -1.06
CA PRO L 366 38.78 -9.81 -2.49
C PRO L 366 39.71 -10.73 -3.26
N ILE L 367 40.94 -10.94 -2.81
CA ILE L 367 41.85 -11.87 -3.48
C ILE L 367 41.55 -13.31 -3.09
N THR L 368 41.12 -13.53 -1.86
CA THR L 368 40.84 -14.88 -1.37
C THR L 368 39.57 -15.45 -1.98
N SER L 369 38.58 -14.60 -2.29
CA SER L 369 37.38 -15.07 -2.95
C SER L 369 37.61 -15.48 -4.39
N ILE L 370 38.64 -14.97 -5.04
CA ILE L 370 38.93 -15.32 -6.42
C ILE L 370 39.67 -16.64 -6.51
N ILE L 371 40.52 -16.92 -5.51
CA ILE L 371 41.18 -18.21 -5.38
C ILE L 371 40.18 -19.32 -5.13
N GLU L 372 39.11 -19.03 -4.39
CA GLU L 372 38.06 -20.02 -4.12
C GLU L 372 37.22 -20.30 -5.36
N ASN L 373 36.94 -19.27 -6.18
CA ASN L 373 36.24 -19.44 -7.44
C ASN L 373 37.00 -20.34 -8.40
N ASN L 374 38.32 -20.23 -8.41
CA ASN L 374 39.18 -20.97 -9.30
C ASN L 374 39.37 -22.42 -8.87
N LEU L 375 39.28 -22.71 -7.57
CA LEU L 375 39.33 -24.08 -7.08
C LEU L 375 38.01 -24.81 -7.24
N LEU L 376 36.92 -24.12 -7.49
CA LEU L 376 35.65 -24.75 -7.81
C LEU L 376 35.33 -24.75 -9.30
N LYS L 377 36.25 -24.23 -10.13
CA LYS L 377 36.05 -23.96 -11.56
C LYS L 377 34.81 -23.11 -11.82
N TRP L 378 34.75 -21.97 -11.11
CA TRP L 378 33.64 -21.00 -10.92
C TRP L 378 32.41 -21.38 -10.07
N THR M 1 56.51 7.21 40.35
CA THR M 1 56.21 7.11 38.91
C THR M 1 56.96 5.93 38.27
N ASP M 2 56.92 4.77 38.91
CA ASP M 2 57.67 3.62 38.39
C ASP M 2 56.76 2.42 38.43
N LEU M 3 56.23 2.18 39.61
CA LEU M 3 55.38 1.01 39.76
C LEU M 3 54.53 1.33 40.97
N GLU M 4 53.38 0.67 41.02
CA GLU M 4 52.47 0.98 42.11
C GLU M 4 52.43 -0.23 43.02
N LEU M 5 51.87 -0.04 44.19
CA LEU M 5 51.59 -1.20 45.02
C LEU M 5 50.08 -1.21 44.96
N HIS M 6 49.56 -2.32 44.53
CA HIS M 6 48.11 -2.45 44.55
C HIS M 6 47.67 -3.19 45.79
N ALA M 7 46.56 -2.74 46.38
CA ALA M 7 45.99 -3.26 47.61
C ALA M 7 45.60 -4.73 47.49
N PRO M 8 45.74 -5.51 48.55
CA PRO M 8 45.26 -6.90 48.50
C PRO M 8 43.77 -6.97 48.71
N SER M 9 43.17 -8.14 48.56
CA SER M 9 41.74 -8.31 48.72
C SER M 9 41.43 -8.91 50.08
N TYR M 10 40.67 -8.18 50.87
CA TYR M 10 40.27 -8.58 52.21
C TYR M 10 38.88 -9.21 52.20
N PRO M 11 38.64 -10.19 53.08
CA PRO M 11 37.30 -10.80 53.12
C PRO M 11 36.28 -9.98 53.88
N TRP M 12 35.80 -8.90 53.28
CA TRP M 12 34.76 -8.10 53.91
C TRP M 12 33.46 -8.88 53.97
N SER M 13 32.63 -8.58 54.97
CA SER M 13 31.42 -9.36 55.15
C SER M 13 30.29 -8.93 54.24
N HIS M 14 30.53 -7.99 53.35
CA HIS M 14 29.54 -7.59 52.35
C HIS M 14 30.01 -7.92 50.94
N ARG M 15 30.98 -8.81 50.79
CA ARG M 15 31.57 -9.16 49.50
C ARG M 15 30.90 -10.39 48.89
N GLY M 16 29.68 -10.70 49.29
CA GLY M 16 28.93 -11.77 48.68
C GLY M 16 27.91 -11.22 47.71
N LEU M 17 27.36 -12.11 46.90
CA LEU M 17 26.34 -11.71 45.93
C LEU M 17 25.05 -11.29 46.62
N LEU M 18 24.77 -11.88 47.77
CA LEU M 18 23.59 -11.54 48.55
C LEU M 18 23.93 -11.07 49.96
N SER M 19 25.19 -10.76 50.25
CA SER M 19 25.64 -10.40 51.59
C SER M 19 25.37 -8.92 51.88
N SER M 20 24.79 -8.66 53.04
CA SER M 20 24.46 -7.31 53.46
C SER M 20 25.64 -6.61 54.13
N LEU M 21 25.45 -5.35 54.48
CA LEU M 21 26.39 -4.60 55.31
C LEU M 21 26.07 -4.82 56.78
N ASP M 22 27.11 -4.95 57.60
CA ASP M 22 26.95 -5.06 59.05
C ASP M 22 26.61 -3.70 59.64
N HIS M 23 25.43 -3.59 60.25
CA HIS M 23 24.93 -2.30 60.70
C HIS M 23 25.36 -1.91 62.10
N THR M 24 26.15 -2.73 62.79
CA THR M 24 26.86 -2.28 63.97
C THR M 24 28.25 -1.78 63.66
N SER M 25 28.86 -2.25 62.56
CA SER M 25 30.13 -1.70 62.12
C SER M 25 29.95 -0.39 61.36
N ILE M 26 28.73 -0.09 60.89
CA ILE M 26 28.44 1.25 60.38
C ILE M 26 28.32 2.23 61.54
N ARG M 27 27.69 1.78 62.63
CA ARG M 27 27.46 2.63 63.80
C ARG M 27 28.75 3.06 64.46
N ARG M 28 29.71 2.14 64.58
CA ARG M 28 31.00 2.49 65.14
C ARG M 28 31.87 3.26 64.17
N GLY M 29 31.50 3.35 62.91
CA GLY M 29 32.32 4.03 61.92
C GLY M 29 31.95 5.47 61.74
N PHE M 30 30.72 5.81 62.08
CA PHE M 30 30.31 7.21 62.10
C PHE M 30 30.99 7.99 63.23
N GLN M 31 31.30 7.33 64.33
CA GLN M 31 31.93 7.97 65.48
C GLN M 31 33.43 8.16 65.27
N VAL M 32 34.05 7.33 64.43
CA VAL M 32 35.42 7.60 64.03
C VAL M 32 35.48 8.70 62.99
N TYR M 33 34.39 8.89 62.24
CA TYR M 33 34.27 10.03 61.35
C TYR M 33 34.13 11.30 62.16
N LYS M 34 33.34 11.28 63.23
CA LYS M 34 32.98 12.53 63.87
C LYS M 34 33.83 12.78 65.13
N GLN M 35 35.00 12.14 65.22
CA GLN M 35 35.95 12.47 66.28
C GLN M 35 37.39 12.51 65.79
N VAL M 36 37.67 12.00 64.60
CA VAL M 36 39.06 11.94 64.16
C VAL M 36 39.25 12.79 62.91
N CYS M 37 38.41 12.58 61.92
CA CYS M 37 38.24 13.52 60.82
C CYS M 37 37.00 14.35 61.13
N SER M 38 36.42 14.98 60.09
CA SER M 38 35.31 15.95 60.23
C SER M 38 35.94 17.33 60.42
N SER M 39 37.28 17.28 60.69
CA SER M 39 38.19 18.42 60.95
C SER M 39 39.06 18.77 59.75
N CYS M 40 39.62 17.81 59.01
CA CYS M 40 40.30 18.06 57.73
C CYS M 40 39.37 17.64 56.56
N HIS M 41 38.33 16.79 56.70
CA HIS M 41 37.45 16.16 55.64
C HIS M 41 35.99 16.65 55.82
N SER M 42 35.15 16.79 54.82
CA SER M 42 33.83 17.47 54.68
C SER M 42 32.63 16.52 54.63
N MET M 43 32.46 15.73 53.55
CA MET M 43 31.25 14.89 53.38
C MET M 43 30.00 15.74 53.07
N ASP M 44 30.01 16.36 51.89
CA ASP M 44 29.01 17.35 51.51
C ASP M 44 27.63 16.80 51.20
N TYR M 45 27.48 15.50 50.89
CA TYR M 45 26.23 14.99 50.36
C TYR M 45 25.41 14.20 51.36
N VAL M 46 25.91 13.95 52.57
CA VAL M 46 25.22 13.13 53.57
C VAL M 46 24.68 14.05 54.66
N ALA M 47 23.44 13.82 55.07
CA ALA M 47 22.79 14.58 56.13
C ALA M 47 22.59 13.69 57.36
N TYR M 48 22.06 14.29 58.42
CA TYR M 48 21.74 13.53 59.63
C TYR M 48 20.50 12.66 59.44
N ARG M 49 19.65 13.05 58.50
CA ARG M 49 18.41 12.36 58.18
C ARG M 49 18.67 10.99 57.55
N HIS M 50 19.84 10.81 56.96
CA HIS M 50 20.18 9.59 56.24
C HIS M 50 20.60 8.45 57.16
N LEU M 51 20.64 8.69 58.48
CA LEU M 51 21.12 7.69 59.41
C LEU M 51 20.01 7.10 60.26
N VAL M 52 18.76 7.38 59.92
CA VAL M 52 17.61 6.92 60.68
C VAL M 52 17.16 5.61 60.05
N GLY M 53 17.29 4.51 60.80
CA GLY M 53 16.99 3.20 60.28
C GLY M 53 18.19 2.47 59.74
N VAL M 54 19.36 3.12 59.69
CA VAL M 54 20.59 2.48 59.28
C VAL M 54 21.46 2.14 60.48
N CYS M 55 21.77 3.12 61.32
CA CYS M 55 22.56 2.85 62.52
C CYS M 55 22.04 3.58 63.75
N TYR M 56 21.08 4.49 63.58
CA TYR M 56 20.50 5.23 64.70
C TYR M 56 18.99 5.30 64.53
N THR M 57 18.30 5.54 65.64
CA THR M 57 16.87 5.83 65.60
C THR M 57 16.71 7.34 65.39
N GLU M 58 15.47 7.83 65.31
CA GLU M 58 15.26 9.26 65.05
C GLU M 58 15.64 10.12 66.26
N GLU M 59 15.18 9.74 67.44
CA GLU M 59 15.86 10.16 68.66
C GLU M 59 17.12 9.30 68.71
N GLU M 60 18.22 9.88 69.22
CA GLU M 60 19.65 9.60 69.02
C GLU M 60 20.18 10.22 67.73
N ALA M 61 19.31 10.80 66.91
CA ALA M 61 19.75 11.49 65.71
C ALA M 61 19.46 12.97 65.74
N LYS M 62 18.32 13.38 66.29
CA LYS M 62 18.13 14.78 66.63
C LYS M 62 19.15 15.22 67.67
N ALA M 63 19.34 14.39 68.70
CA ALA M 63 20.23 14.72 69.81
C ALA M 63 21.70 14.71 69.43
N LEU M 64 22.04 14.20 68.25
CA LEU M 64 23.39 14.33 67.74
C LEU M 64 23.54 15.53 66.82
N ALA M 65 22.45 15.97 66.19
CA ALA M 65 22.49 17.21 65.41
C ALA M 65 22.47 18.42 66.33
N GLU M 66 21.97 18.25 67.55
CA GLU M 66 21.99 19.30 68.57
C GLU M 66 23.41 19.70 68.94
N GLU M 67 24.33 18.74 68.88
CA GLU M 67 25.67 18.85 69.46
C GLU M 67 26.56 19.90 68.79
N VAL M 68 26.17 20.37 67.61
CA VAL M 68 26.88 21.47 66.95
C VAL M 68 25.85 22.48 66.43
N GLU M 69 26.01 23.74 66.82
CA GLU M 69 25.09 24.76 66.33
C GLU M 69 25.61 25.37 65.04
N VAL M 70 24.67 25.80 64.19
CA VAL M 70 24.95 26.11 62.80
C VAL M 70 24.60 27.58 62.59
N GLN M 71 24.83 28.09 61.36
CA GLN M 71 24.80 29.50 60.99
C GLN M 71 23.68 29.70 59.98
N ASP M 72 22.52 30.12 60.47
CA ASP M 72 21.34 30.27 59.62
C ASP M 72 21.34 31.64 58.95
N GLY M 73 20.28 31.90 58.19
CA GLY M 73 20.23 33.04 57.30
C GLY M 73 19.65 34.31 57.88
N PRO M 74 19.38 35.29 57.03
CA PRO M 74 18.99 36.62 57.51
C PRO M 74 17.52 36.72 57.90
N ASN M 75 17.26 37.55 58.90
CA ASN M 75 15.92 37.86 59.33
C ASN M 75 15.86 39.32 59.78
N GLU M 76 14.64 39.85 59.84
CA GLU M 76 14.44 41.19 60.39
C GLU M 76 14.58 41.12 61.90
N ASP M 77 14.83 42.29 62.50
CA ASP M 77 15.22 42.56 63.90
C ASP M 77 16.46 41.75 64.33
N GLY M 78 17.25 41.27 63.38
CA GLY M 78 18.48 40.56 63.70
C GLY M 78 19.54 40.63 62.62
N GLU M 79 20.16 39.49 62.35
CA GLU M 79 21.33 39.33 61.51
C GLU M 79 21.13 37.94 60.91
N MET M 80 22.06 37.43 60.09
CA MET M 80 22.17 35.98 59.92
C MET M 80 22.52 35.39 61.28
N PHE M 81 21.54 34.75 61.92
CA PHE M 81 21.68 34.31 63.31
C PHE M 81 22.25 32.90 63.40
N MET M 82 22.32 32.35 64.61
CA MET M 82 22.80 30.99 64.79
C MET M 82 21.77 30.19 65.58
N ARG M 83 21.89 28.87 65.47
CA ARG M 83 20.88 27.90 65.90
C ARG M 83 21.48 26.50 65.86
N PRO M 84 21.07 25.60 66.76
CA PRO M 84 21.45 24.18 66.64
C PRO M 84 20.88 23.47 65.42
N GLY M 85 21.26 22.20 65.24
CA GLY M 85 20.91 21.45 64.05
C GLY M 85 19.46 21.01 63.98
N LYS M 86 18.92 20.93 62.76
CA LYS M 86 17.48 20.80 62.57
C LYS M 86 17.09 19.40 62.08
N LEU M 87 18.08 18.51 61.94
CA LEU M 87 18.05 17.12 61.42
C LEU M 87 17.90 17.11 59.90
N SER M 88 17.75 18.27 59.28
CA SER M 88 17.77 18.40 57.82
C SER M 88 19.09 18.98 57.33
N ASP M 89 20.11 18.94 58.17
CA ASP M 89 21.36 19.61 57.87
C ASP M 89 22.38 18.60 57.39
N TYR M 90 23.20 19.02 56.45
CA TYR M 90 24.31 18.19 56.03
C TYR M 90 25.42 18.27 57.06
N PHE M 91 26.41 17.42 56.90
CA PHE M 91 27.48 17.33 57.89
C PHE M 91 28.35 18.58 57.79
N PRO M 92 28.66 19.23 58.92
CA PRO M 92 29.23 20.58 58.88
C PRO M 92 30.64 20.61 58.33
N LYS M 93 30.89 21.53 57.39
CA LYS M 93 32.19 21.55 56.65
C LYS M 93 33.41 21.99 57.47
N PRO M 94 34.64 21.55 57.14
CA PRO M 94 35.79 21.89 57.99
C PRO M 94 36.90 22.89 57.63
N TYR M 95 36.66 23.87 56.77
CA TYR M 95 37.65 24.89 56.31
C TYR M 95 36.87 25.98 55.69
N PRO M 96 37.07 27.25 56.10
CA PRO M 96 36.22 28.37 55.67
C PRO M 96 35.97 28.42 54.14
N ASN M 97 37.01 28.18 53.34
CA ASN M 97 36.95 28.28 51.86
C ASN M 97 38.05 27.38 51.33
N PRO M 98 38.29 27.21 50.03
CA PRO M 98 39.29 26.25 49.55
C PRO M 98 40.69 26.75 49.84
N GLU M 99 40.80 28.06 49.96
CA GLU M 99 42.13 28.71 50.11
C GLU M 99 42.64 28.59 51.54
N ALA M 100 41.78 28.72 52.55
CA ALA M 100 42.30 28.49 53.90
C ALA M 100 42.73 27.03 54.07
N ALA M 101 42.10 26.12 53.33
CA ALA M 101 42.34 24.70 53.44
C ALA M 101 43.74 24.31 52.98
N ARG M 102 44.31 25.07 52.05
CA ARG M 102 45.65 24.79 51.57
C ARG M 102 46.69 25.14 52.63
N ALA M 103 46.59 26.34 53.21
CA ALA M 103 47.62 26.83 54.13
C ALA M 103 47.56 26.09 55.46
N ALA M 104 46.40 25.57 55.83
CA ALA M 104 46.26 24.79 57.05
C ALA M 104 46.81 23.39 56.86
N ASN M 105 47.05 22.99 55.61
CA ASN M 105 47.47 21.63 55.31
C ASN M 105 48.57 21.57 54.27
N ASN M 106 49.58 22.45 54.40
CA ASN M 106 50.87 22.37 53.70
C ASN M 106 50.68 22.54 52.19
N GLY M 107 49.68 23.31 51.78
CA GLY M 107 49.42 23.47 50.35
C GLY M 107 48.49 22.43 49.78
N ALA M 108 48.53 21.21 50.32
CA ALA M 108 47.66 20.14 49.83
C ALA M 108 46.23 20.34 50.29
N LEU M 109 45.29 20.14 49.37
CA LEU M 109 43.87 20.20 49.70
C LEU M 109 43.38 18.81 50.09
N PRO M 110 42.70 18.67 51.22
CA PRO M 110 42.19 17.35 51.63
C PRO M 110 40.87 17.04 50.94
N PRO M 111 40.73 15.86 50.35
CA PRO M 111 39.58 15.60 49.47
C PRO M 111 38.30 15.34 50.23
N ASP M 112 37.18 15.60 49.57
CA ASP M 112 35.86 15.24 50.07
C ASP M 112 35.74 13.72 50.15
N LEU M 113 35.00 13.25 51.15
CA LEU M 113 34.95 11.82 51.47
C LEU M 113 33.60 11.20 51.16
N SER M 114 32.73 11.87 50.43
CA SER M 114 31.38 11.34 50.22
C SER M 114 31.35 10.28 49.13
N TYR M 115 32.37 10.25 48.26
CA TYR M 115 32.45 9.32 47.14
C TYR M 115 33.82 8.69 47.06
N ILE M 116 34.51 8.55 48.19
CA ILE M 116 35.95 8.31 48.10
C ILE M 116 36.27 6.86 47.76
N VAL M 117 35.47 5.88 48.22
CA VAL M 117 35.79 4.50 47.86
C VAL M 117 35.29 4.19 46.46
N ARG M 118 34.26 4.90 46.00
CA ARG M 118 33.75 4.70 44.67
C ARG M 118 34.67 5.32 43.62
N ALA M 119 35.44 6.33 44.01
CA ALA M 119 36.32 7.05 43.09
C ALA M 119 37.76 6.60 43.16
N ARG M 120 38.05 5.45 43.76
CA ARG M 120 39.40 4.92 43.80
C ARG M 120 39.46 3.57 43.10
N HIS M 121 40.57 3.33 42.42
CA HIS M 121 40.80 2.03 41.80
C HIS M 121 41.18 1.02 42.88
N GLY M 122 40.18 0.47 43.57
CA GLY M 122 40.45 -0.51 44.61
C GLY M 122 39.48 -0.44 45.76
N GLY M 123 38.66 0.62 45.82
CA GLY M 123 37.61 0.74 46.81
C GLY M 123 38.08 0.80 48.25
N GLU M 124 37.42 0.07 49.13
CA GLU M 124 37.79 0.03 50.54
C GLU M 124 38.99 -0.86 50.81
N ASP M 125 39.45 -1.62 49.82
CA ASP M 125 40.74 -2.28 49.94
C ASP M 125 41.88 -1.28 49.91
N TYR M 126 41.71 -0.17 49.19
CA TYR M 126 42.72 0.87 49.07
C TYR M 126 42.75 1.75 50.31
N VAL M 127 41.57 2.08 50.84
CA VAL M 127 41.50 2.94 52.02
C VAL M 127 41.99 2.20 53.25
N PHE M 128 41.80 0.87 53.31
CA PHE M 128 42.30 0.11 54.44
C PHE M 128 43.82 0.00 54.41
N SER M 129 44.39 -0.26 53.24
CA SER M 129 45.84 -0.38 53.11
C SER M 129 46.56 0.95 53.22
N LEU M 130 45.84 2.06 53.11
CA LEU M 130 46.46 3.39 53.26
C LEU M 130 46.68 3.69 54.73
N LEU M 131 45.62 3.51 55.53
CA LEU M 131 45.63 3.90 56.94
C LEU M 131 46.48 2.98 57.81
N THR M 132 46.73 1.76 57.35
CA THR M 132 47.50 0.82 58.16
C THR M 132 48.81 0.48 57.46
N GLY M 133 49.21 1.33 56.51
CA GLY M 133 50.40 1.04 55.74
C GLY M 133 51.48 2.10 55.83
N TYR M 134 51.33 2.99 56.80
CA TYR M 134 52.35 4.00 57.05
C TYR M 134 53.63 3.37 57.56
N CYS M 135 54.75 3.71 56.93
CA CYS M 135 56.04 3.18 57.36
C CYS M 135 57.13 4.24 57.25
N GLU M 136 58.38 3.82 57.44
CA GLU M 136 59.52 4.71 57.42
C GLU M 136 60.13 4.76 56.02
N PRO M 137 60.74 5.86 55.61
CA PRO M 137 61.31 5.97 54.26
C PRO M 137 62.48 5.04 54.06
N PRO M 138 62.65 4.48 52.86
CA PRO M 138 63.81 3.63 52.60
C PRO M 138 65.05 4.48 52.40
N THR M 139 66.20 3.83 52.55
CA THR M 139 67.48 4.53 52.48
C THR M 139 67.77 4.88 51.02
N GLY M 140 67.62 6.15 50.69
CA GLY M 140 67.86 6.65 49.36
C GLY M 140 66.92 7.78 49.03
N VAL M 141 65.77 7.83 49.68
CA VAL M 141 64.76 8.80 49.38
C VAL M 141 64.79 9.90 50.44
N SER M 142 64.45 11.11 50.03
CA SER M 142 64.29 12.23 50.95
C SER M 142 62.89 12.80 50.77
N LEU M 143 62.47 13.60 51.73
CA LEU M 143 61.11 14.12 51.75
C LEU M 143 61.18 15.60 52.05
N ARG M 144 60.05 16.26 51.89
CA ARG M 144 59.98 17.71 52.18
C ARG M 144 59.82 17.95 53.68
N GLU M 145 59.48 19.19 54.01
CA GLU M 145 59.45 19.58 55.42
C GLU M 145 58.29 18.91 56.15
N GLY M 146 57.06 19.07 55.67
CA GLY M 146 56.01 18.20 56.14
C GLY M 146 55.43 17.34 55.04
N LEU M 147 55.85 16.07 55.03
CA LEU M 147 55.54 15.13 53.96
C LEU M 147 56.00 13.75 54.40
N TYR M 148 55.13 12.74 54.28
CA TYR M 148 55.36 11.45 54.90
C TYR M 148 55.37 10.34 53.85
N PHE M 149 56.05 9.24 54.20
CA PHE M 149 56.23 8.13 53.26
C PHE M 149 55.10 7.13 53.45
N ASN M 150 54.36 6.87 52.38
CA ASN M 150 53.31 5.85 52.38
C ASN M 150 53.41 5.06 51.08
N PRO M 151 53.71 3.76 51.13
CA PRO M 151 53.94 3.02 49.88
C PRO M 151 52.67 2.70 49.08
N TYR M 152 51.52 2.85 49.63
CA TYR M 152 50.34 2.57 48.80
C TYR M 152 49.75 3.89 48.46
N PHE M 153 50.49 4.94 48.10
CA PHE M 153 49.85 6.22 47.64
C PHE M 153 50.55 6.65 46.37
N PRO M 154 49.82 7.17 45.35
CA PRO M 154 50.46 7.52 44.08
C PRO M 154 51.73 8.41 44.24
N GLY M 155 52.93 7.79 44.20
CA GLY M 155 54.19 8.53 44.41
C GLY M 155 54.54 8.65 45.90
N GLN M 156 54.74 7.54 46.64
CA GLN M 156 55.02 7.43 48.11
C GLN M 156 54.88 8.69 49.00
N ALA M 157 55.06 9.90 48.52
CA ALA M 157 55.05 11.07 49.44
C ALA M 157 53.63 11.62 49.58
N ILE M 158 53.07 11.38 50.87
CA ILE M 158 51.73 11.92 51.18
C ILE M 158 51.83 13.10 52.10
N ALA M 159 51.03 14.12 51.83
CA ALA M 159 50.96 15.24 52.77
C ALA M 159 49.87 15.02 53.80
N MET M 160 49.99 13.96 54.59
CA MET M 160 48.97 13.58 55.57
C MET M 160 49.62 12.80 56.69
N ALA M 161 49.58 13.34 57.90
CA ALA M 161 50.07 12.65 59.08
C ALA M 161 49.19 11.45 59.37
N PRO M 162 49.75 10.38 59.92
CA PRO M 162 48.94 9.20 60.28
C PRO M 162 47.90 9.53 61.33
N PRO M 163 46.62 9.46 60.98
CA PRO M 163 45.57 10.02 61.84
C PRO M 163 44.97 9.05 62.85
N ILE M 164 45.33 7.77 62.82
CA ILE M 164 44.77 6.78 63.75
C ILE M 164 45.87 5.88 64.29
N TYR M 165 45.81 5.60 65.58
CA TYR M 165 46.73 4.75 66.30
C TYR M 165 45.91 4.04 67.37
N ASN M 166 46.59 3.34 68.28
CA ASN M 166 45.87 2.61 69.33
C ASN M 166 45.25 3.57 70.33
N GLU M 167 43.97 3.35 70.63
CA GLU M 167 43.13 4.08 71.59
C GLU M 167 42.94 5.54 71.21
N VAL M 168 42.66 5.84 69.95
CA VAL M 168 42.35 7.21 69.53
C VAL M 168 40.99 7.66 70.04
N LEU M 169 40.09 6.71 70.30
CA LEU M 169 38.76 7.07 70.76
C LEU M 169 38.23 5.93 71.62
N GLU M 170 37.02 6.11 72.13
CA GLU M 170 36.34 5.08 72.91
C GLU M 170 34.96 4.81 72.32
N PHE M 171 34.70 3.55 72.00
CA PHE M 171 33.41 3.13 71.46
C PHE M 171 32.43 2.95 72.59
N ASP M 172 31.16 3.25 72.33
CA ASP M 172 30.13 3.04 73.34
C ASP M 172 29.51 1.64 73.22
N ASP M 173 30.36 0.63 73.12
CA ASP M 173 29.94 -0.76 73.01
C ASP M 173 30.82 -1.65 73.89
N GLY M 174 31.94 -1.11 74.33
CA GLY M 174 32.94 -1.90 75.00
C GLY M 174 33.93 -2.55 74.06
N THR M 175 33.80 -2.31 72.76
CA THR M 175 34.72 -2.86 71.77
C THR M 175 36.10 -2.26 71.96
N PRO M 176 37.16 -3.07 72.01
CA PRO M 176 38.52 -2.54 72.15
C PRO M 176 38.93 -1.77 70.91
N ALA M 177 39.30 -0.50 71.12
CA ALA M 177 39.57 0.42 70.01
C ALA M 177 41.04 0.39 69.63
N THR M 178 41.48 -0.77 69.14
CA THR M 178 42.81 -0.91 68.58
C THR M 178 42.87 -0.30 67.18
N MET M 179 44.06 -0.34 66.58
CA MET M 179 44.31 0.34 65.32
C MET M 179 43.58 -0.33 64.16
N SER M 180 43.53 -1.66 64.14
CA SER M 180 42.91 -2.35 63.02
C SER M 180 41.40 -2.36 63.14
N GLN M 181 40.86 -2.31 64.36
CA GLN M 181 39.42 -2.26 64.54
C GLN M 181 38.83 -0.95 64.06
N VAL M 182 39.50 0.18 64.27
CA VAL M 182 38.94 1.46 63.89
C VAL M 182 39.07 1.71 62.40
N ALA M 183 40.10 1.14 61.76
CA ALA M 183 40.24 1.27 60.32
C ALA M 183 39.21 0.41 59.60
N LYS M 184 38.81 -0.71 60.21
CA LYS M 184 37.80 -1.57 59.61
C LYS M 184 36.42 -0.91 59.64
N ASP M 185 36.20 0.02 60.57
CA ASP M 185 34.89 0.62 60.72
C ASP M 185 34.73 1.91 59.90
N VAL M 186 35.82 2.62 59.61
CA VAL M 186 35.70 3.68 58.61
C VAL M 186 35.96 3.17 57.21
N CYS M 187 36.01 1.86 57.01
CA CYS M 187 35.85 1.39 55.65
C CYS M 187 34.42 0.92 55.41
N THR M 188 33.72 0.50 56.47
CA THR M 188 32.33 0.05 56.31
C THR M 188 31.38 1.24 56.20
N PHE M 189 31.38 2.13 57.18
CA PHE M 189 30.95 3.50 56.97
C PHE M 189 32.02 4.04 56.03
N LEU M 190 31.62 4.84 55.03
CA LEU M 190 32.27 5.25 53.78
C LEU M 190 32.16 4.23 52.65
N ARG M 191 31.65 3.04 52.91
CA ARG M 191 31.10 2.23 51.84
C ARG M 191 29.59 2.45 51.77
N TRP M 192 28.96 2.55 52.95
CA TRP M 192 27.56 2.93 53.01
C TRP M 192 27.37 4.35 52.50
N ALA M 193 28.31 5.26 52.79
CA ALA M 193 28.16 6.65 52.39
C ALA M 193 28.23 6.81 50.89
N SER M 194 29.08 6.01 50.25
CA SER M 194 29.15 6.00 48.80
C SER M 194 27.93 5.34 48.17
N GLU M 195 27.54 4.16 48.66
CA GLU M 195 26.44 3.37 48.11
C GLU M 195 25.34 3.16 49.16
N PRO M 196 24.48 4.13 49.38
CA PRO M 196 23.42 3.94 50.37
C PRO M 196 22.28 3.01 49.95
N GLU M 197 22.32 2.52 48.72
CA GLU M 197 21.30 1.59 48.21
C GLU M 197 21.78 0.15 48.15
N HIS M 198 22.98 -0.14 48.70
CA HIS M 198 23.66 -1.44 48.68
C HIS M 198 22.80 -2.63 49.09
N ASP M 199 22.04 -2.49 50.17
CA ASP M 199 21.28 -3.63 50.67
C ASP M 199 19.95 -3.77 49.97
N HIS M 200 19.34 -2.66 49.57
CA HIS M 200 18.10 -2.71 48.81
C HIS M 200 18.36 -3.22 47.40
N ARG M 201 19.55 -2.98 46.88
CA ARG M 201 19.96 -3.45 45.56
C ARG M 201 20.01 -4.98 45.51
N LYS M 202 20.61 -5.59 46.53
CA LYS M 202 20.82 -7.04 46.52
C LYS M 202 19.58 -7.82 46.88
N ARG M 203 18.55 -7.18 47.42
CA ARG M 203 17.30 -7.85 47.77
C ARG M 203 16.26 -7.77 46.65
N MET M 204 16.33 -6.77 45.78
CA MET M 204 15.56 -6.78 44.55
C MET M 204 16.15 -7.75 43.53
N GLY M 205 17.45 -8.00 43.62
CA GLY M 205 18.09 -8.95 42.73
C GLY M 205 17.74 -10.39 42.97
N LEU M 206 17.20 -10.70 44.15
CA LEU M 206 16.72 -12.04 44.46
C LEU M 206 15.24 -12.21 44.14
N LYS M 207 14.44 -11.14 44.22
CA LYS M 207 13.06 -11.14 43.79
C LYS M 207 12.90 -11.05 42.29
N MET M 208 14.01 -10.99 41.56
CA MET M 208 14.01 -10.95 40.11
C MET M 208 14.45 -12.32 39.63
N LEU M 209 15.42 -12.90 40.31
CA LEU M 209 16.00 -14.17 39.90
C LEU M 209 15.07 -15.36 40.09
N MET M 210 14.06 -15.26 40.94
CA MET M 210 13.14 -16.36 41.13
C MET M 210 11.76 -16.13 40.55
N MET M 211 11.41 -14.91 40.17
CA MET M 211 10.25 -14.66 39.34
C MET M 211 10.59 -14.57 37.86
N MET M 212 11.84 -14.78 37.49
CA MET M 212 12.19 -15.14 36.13
C MET M 212 12.33 -16.64 35.97
N GLY M 213 12.59 -17.37 37.05
CA GLY M 213 12.62 -18.82 37.09
C GLY M 213 11.26 -19.47 36.98
N LEU M 214 10.18 -18.69 37.01
CA LEU M 214 8.85 -19.16 36.63
C LEU M 214 8.55 -18.83 35.17
N LEU M 215 8.94 -17.63 34.75
CA LEU M 215 8.49 -17.09 33.48
C LEU M 215 9.28 -17.64 32.30
N LEU M 216 10.57 -17.86 32.48
CA LEU M 216 11.42 -18.33 31.40
C LEU M 216 11.22 -19.79 30.99
N PRO M 217 11.11 -20.79 31.88
CA PRO M 217 10.92 -22.17 31.38
C PRO M 217 9.55 -22.44 30.83
N LEU M 218 8.64 -21.49 30.88
CA LEU M 218 7.29 -21.70 30.41
C LEU M 218 6.95 -20.91 29.16
N VAL M 219 7.73 -19.89 28.82
CA VAL M 219 7.71 -19.35 27.48
C VAL M 219 8.54 -20.23 26.55
N TYR M 220 9.52 -20.92 27.09
CA TYR M 220 10.31 -21.87 26.31
C TYR M 220 9.50 -23.10 25.92
N ALA M 221 8.57 -23.52 26.77
CA ALA M 221 7.76 -24.69 26.44
C ALA M 221 6.65 -24.33 25.45
N MET M 222 6.17 -23.09 25.48
CA MET M 222 5.22 -22.63 24.49
C MET M 222 5.86 -22.52 23.12
N LYS M 223 7.14 -22.13 23.07
CA LYS M 223 7.88 -22.08 21.82
C LYS M 223 8.07 -23.46 21.24
N ARG M 224 8.39 -24.44 22.10
CA ARG M 224 8.70 -25.79 21.65
C ARG M 224 7.44 -26.52 21.19
N HIS M 225 6.27 -26.06 21.63
CA HIS M 225 5.00 -26.65 21.24
C HIS M 225 4.61 -26.27 19.82
N LYS M 226 4.78 -24.99 19.44
CA LYS M 226 4.47 -24.53 18.09
C LYS M 226 5.43 -25.10 17.06
N TRP M 227 6.71 -25.17 17.40
CA TRP M 227 7.72 -25.53 16.42
C TRP M 227 7.81 -27.03 16.16
N SER M 228 7.04 -27.86 16.88
CA SER M 228 7.12 -29.31 16.70
C SER M 228 6.43 -29.75 15.40
N VAL M 229 5.52 -28.93 14.88
CA VAL M 229 4.93 -29.14 13.56
C VAL M 229 6.01 -29.15 12.48
N LEU M 230 6.94 -28.20 12.53
CA LEU M 230 7.99 -28.11 11.54
C LEU M 230 9.12 -29.10 11.79
N LYS M 231 9.38 -29.45 13.05
CA LYS M 231 10.51 -30.33 13.35
C LYS M 231 10.22 -31.80 13.07
N SER M 232 8.99 -32.18 12.76
CA SER M 232 8.66 -33.58 12.53
C SER M 232 8.25 -33.90 11.09
N ARG M 233 7.94 -32.89 10.31
CA ARG M 233 7.60 -32.95 8.89
C ARG M 233 8.47 -33.92 8.13
N LYS M 234 7.85 -34.64 7.26
CA LYS M 234 8.56 -35.46 6.28
C LYS M 234 8.32 -34.93 4.85
N LEU M 235 9.26 -35.16 3.95
CA LEU M 235 9.25 -34.70 2.54
C LEU M 235 9.48 -35.78 1.53
N ALA M 236 8.63 -35.84 0.52
CA ALA M 236 8.85 -36.78 -0.61
C ALA M 236 8.81 -36.09 -1.98
N TYR M 237 9.56 -36.70 -2.82
CA TYR M 237 9.61 -36.18 -4.19
C TYR M 237 9.30 -37.31 -5.17
N ARG M 238 8.27 -37.13 -6.00
CA ARG M 238 7.79 -38.16 -6.91
C ARG M 238 7.65 -37.62 -8.32
N PRO M 239 8.74 -37.55 -9.10
CA PRO M 239 8.62 -37.11 -10.48
C PRO M 239 8.11 -38.21 -11.39
N SER N 1 1.07 -44.50 -9.09
CA SER N 1 -0.31 -44.20 -8.76
C SER N 1 -0.40 -43.49 -7.41
N HIS N 2 -1.59 -42.99 -7.09
CA HIS N 2 -1.80 -42.38 -5.78
C HIS N 2 -2.07 -43.41 -4.69
N THR N 3 -2.35 -44.66 -5.07
CA THR N 3 -2.54 -45.73 -4.09
C THR N 3 -1.22 -46.26 -3.54
N ASP N 4 -0.09 -45.76 -4.04
CA ASP N 4 1.22 -46.12 -3.55
C ASP N 4 1.72 -45.14 -2.50
N ILE N 5 0.91 -44.16 -2.11
CA ILE N 5 1.33 -43.13 -1.18
C ILE N 5 0.72 -43.48 0.18
N ARG N 6 1.59 -43.92 1.10
CA ARG N 6 1.22 -44.10 2.49
C ARG N 6 2.09 -43.23 3.38
N VAL N 7 1.54 -42.88 4.55
CA VAL N 7 2.22 -41.99 5.50
C VAL N 7 3.36 -42.77 6.15
N PRO N 8 4.57 -42.22 6.24
CA PRO N 8 5.65 -42.89 6.97
C PRO N 8 5.38 -42.92 8.48
N ASP N 9 6.13 -43.79 9.16
CA ASP N 9 5.82 -44.10 10.54
C ASP N 9 6.24 -42.97 11.47
N PHE N 10 5.32 -42.53 12.31
CA PHE N 10 5.53 -41.40 13.20
C PHE N 10 5.62 -41.81 14.67
N SER N 11 5.78 -43.10 14.96
CA SER N 11 5.78 -43.61 16.33
C SER N 11 7.06 -43.28 17.09
N ASP N 12 8.01 -42.57 16.47
CA ASP N 12 9.15 -41.99 17.17
C ASP N 12 8.77 -40.74 17.97
N TYR N 13 7.57 -40.18 17.76
CA TYR N 13 7.25 -38.86 18.28
C TYR N 13 6.03 -38.81 19.19
N ARG N 14 5.24 -39.88 19.26
CA ARG N 14 3.92 -39.82 19.89
C ARG N 14 4.00 -39.82 21.41
N ARG N 15 2.93 -39.25 22.00
CA ARG N 15 2.66 -39.29 23.46
C ARG N 15 2.63 -40.77 23.81
N ALA N 16 3.43 -41.31 24.76
CA ALA N 16 3.87 -42.68 25.02
C ALA N 16 2.83 -43.79 24.91
N GLU N 17 1.66 -43.61 25.51
CA GLU N 17 0.69 -44.69 25.57
C GLU N 17 -0.21 -44.71 24.33
N VAL N 18 -0.28 -43.60 23.58
CA VAL N 18 -1.14 -43.53 22.40
C VAL N 18 -0.54 -44.29 21.21
N LEU N 19 0.70 -44.77 21.32
CA LEU N 19 1.35 -45.57 20.28
C LEU N 19 0.65 -46.90 20.03
N ASP N 20 -0.10 -47.42 21.01
CA ASP N 20 -0.89 -48.63 20.82
C ASP N 20 -2.05 -48.33 19.90
N SER N 21 -1.85 -48.55 18.60
CA SER N 21 -2.79 -48.11 17.58
C SER N 21 -3.98 -49.03 17.42
N THR N 22 -4.15 -49.96 18.38
CA THR N 22 -5.30 -50.92 18.35
C THR N 22 -6.50 -50.30 19.07
N LYS N 23 -6.36 -49.78 20.28
CA LYS N 23 -7.45 -49.04 20.99
C LYS N 23 -7.69 -47.72 20.26
N SER N 24 -8.92 -47.24 20.27
CA SER N 24 -9.29 -46.11 19.39
C SER N 24 -9.64 -44.76 20.00
N SER N 25 -8.57 -43.75 20.25
CA SER N 25 -9.04 -42.31 20.35
C SER N 25 -10.35 -42.03 21.12
N LYS N 26 -10.59 -42.82 22.22
CA LYS N 26 -11.75 -42.47 23.02
C LYS N 26 -11.36 -42.27 24.48
N GLU N 27 -10.52 -43.15 25.02
CA GLU N 27 -9.96 -42.96 26.33
C GLU N 27 -8.60 -42.26 26.26
N SER N 28 -7.94 -42.34 25.10
CA SER N 28 -6.64 -41.72 24.88
C SER N 28 -6.76 -40.28 24.36
N SER N 29 -7.87 -39.61 24.64
CA SER N 29 -7.93 -38.16 24.59
C SER N 29 -8.58 -37.58 25.83
N ASP N 30 -9.01 -38.43 26.76
CA ASP N 30 -9.53 -37.97 28.04
C ASP N 30 -8.47 -37.29 28.89
N ALA N 31 -7.22 -37.76 28.80
CA ALA N 31 -6.15 -37.27 29.67
C ALA N 31 -4.82 -37.20 28.91
N ARG N 32 -4.79 -36.54 27.74
CA ARG N 32 -3.56 -36.56 26.96
C ARG N 32 -3.01 -35.16 26.62
N LYS N 33 -3.83 -34.11 26.67
CA LYS N 33 -3.45 -32.87 26.02
C LYS N 33 -3.26 -31.71 26.99
N GLY N 34 -2.89 -31.96 28.25
CA GLY N 34 -3.05 -30.89 29.21
C GLY N 34 -1.96 -30.41 30.15
N PHE N 35 -0.90 -31.19 30.44
CA PHE N 35 -0.03 -30.79 31.54
C PHE N 35 1.05 -29.81 31.09
N SER N 36 1.52 -29.94 29.85
CA SER N 36 2.30 -28.87 29.21
C SER N 36 1.41 -27.73 28.75
N TYR N 37 0.09 -27.89 28.89
CA TYR N 37 -0.91 -26.83 28.76
C TYR N 37 -1.34 -26.32 30.13
N LEU N 38 -0.97 -27.02 31.22
CA LEU N 38 -0.84 -26.40 32.53
C LEU N 38 0.45 -25.60 32.66
N ILE N 39 1.46 -25.95 31.85
CA ILE N 39 2.56 -25.01 31.62
C ILE N 39 2.01 -23.73 30.98
N THR N 40 0.77 -23.72 30.35
CA THR N 40 0.18 -22.42 29.90
C THR N 40 -0.57 -21.82 31.07
N ALA N 41 -0.82 -22.67 32.06
CA ALA N 41 -1.58 -22.21 33.23
C ALA N 41 -0.62 -21.36 34.06
N THR N 42 0.62 -21.80 34.24
CA THR N 42 1.55 -21.05 35.13
C THR N 42 2.20 -19.89 34.34
N THR N 43 2.17 -19.94 33.00
CA THR N 43 2.85 -18.90 32.18
C THR N 43 1.97 -17.65 32.08
N THR N 44 0.80 -17.65 32.74
CA THR N 44 -0.12 -16.49 32.77
C THR N 44 -0.07 -15.99 34.22
N VAL N 45 -0.40 -16.87 35.18
CA VAL N 45 -0.41 -16.48 36.62
C VAL N 45 0.99 -15.97 36.96
N GLY N 46 1.98 -16.34 36.14
CA GLY N 46 3.36 -15.86 36.35
C GLY N 46 3.67 -14.71 35.41
N VAL N 47 2.93 -14.67 34.28
CA VAL N 47 3.01 -13.52 33.28
C VAL N 47 2.54 -12.22 33.92
N ALA N 48 1.66 -12.31 34.93
CA ALA N 48 1.26 -11.07 35.61
C ALA N 48 2.41 -10.15 36.08
N TYR N 49 3.68 -10.64 36.24
CA TYR N 49 4.80 -9.78 36.75
C TYR N 49 4.88 -8.56 35.87
N ALA N 50 4.62 -8.73 34.60
CA ALA N 50 4.59 -7.70 33.53
C ALA N 50 3.55 -6.61 33.84
N ALA N 51 2.76 -6.96 35.03
CA ALA N 51 1.83 -5.91 35.53
C ALA N 51 2.17 -5.54 36.97
N LYS N 52 2.23 -6.58 37.95
CA LYS N 52 2.21 -6.16 39.39
C LYS N 52 3.37 -5.30 39.93
N ASN N 53 4.43 -4.98 39.07
CA ASN N 53 5.54 -4.26 39.67
C ASN N 53 6.09 -3.25 38.67
N ALA N 54 5.48 -3.19 37.49
CA ALA N 54 5.93 -2.30 36.43
C ALA N 54 5.00 -1.12 36.22
N VAL N 55 3.82 -1.12 36.83
CA VAL N 55 2.94 0.06 36.85
C VAL N 55 2.59 0.33 38.32
N SER N 56 2.59 -0.73 39.13
CA SER N 56 2.09 -0.68 40.49
C SER N 56 3.05 0.01 41.45
N GLN N 57 4.32 0.16 41.07
CA GLN N 57 5.27 0.81 41.95
C GLN N 57 5.70 2.18 41.43
N PHE N 58 5.35 2.53 40.20
CA PHE N 58 5.72 3.85 39.70
C PHE N 58 4.75 4.95 40.09
N VAL N 59 4.64 5.28 41.38
CA VAL N 59 3.82 6.52 41.70
C VAL N 59 4.66 7.45 42.62
N SER N 60 5.14 6.96 43.74
CA SER N 60 5.95 7.69 44.76
C SER N 60 7.03 8.66 44.24
N SER N 61 7.71 8.41 43.13
CA SER N 61 8.81 9.38 42.78
C SER N 61 8.13 10.72 42.73
N MET N 62 6.94 10.69 42.15
CA MET N 62 6.17 11.92 42.13
C MET N 62 4.97 11.85 43.06
N SER N 63 4.71 10.77 43.86
CA SER N 63 3.42 10.58 44.63
C SER N 63 3.40 10.66 46.17
N ALA N 64 2.39 10.05 46.88
CA ALA N 64 2.15 10.26 48.33
C ALA N 64 3.43 10.36 49.19
N SER N 65 4.43 9.35 48.78
CA SER N 65 5.73 9.32 49.50
C SER N 65 6.49 10.64 49.33
N ALA N 66 6.82 11.30 50.45
CA ALA N 66 7.59 12.56 50.40
C ALA N 66 9.04 12.27 50.01
N ASP N 67 9.75 13.28 49.48
CA ASP N 67 11.16 13.10 49.06
C ASP N 67 12.07 13.61 50.19
N VAL N 68 11.57 14.54 51.00
CA VAL N 68 12.35 15.09 52.14
C VAL N 68 12.03 14.27 53.40
N LEU N 69 11.14 13.28 53.28
CA LEU N 69 10.76 12.41 54.44
C LEU N 69 10.51 13.29 55.66
N ALA N 70 11.31 13.07 56.76
CA ALA N 70 11.09 13.92 57.94
C ALA N 70 11.24 15.38 57.50
N MET N 71 10.10 16.09 57.42
CA MET N 71 10.17 17.48 56.88
C MET N 71 9.35 18.51 57.67
N SER N 72 8.01 18.41 57.67
CA SER N 72 7.34 19.56 58.26
C SER N 72 6.18 19.18 59.15
N LYS N 73 5.47 18.11 58.79
CA LYS N 73 4.54 17.42 59.68
C LYS N 73 5.25 16.41 60.57
N ILE N 74 6.59 16.45 60.58
CA ILE N 74 7.52 15.68 61.40
C ILE N 74 8.27 16.60 62.36
N GLU N 75 8.18 17.92 62.15
CA GLU N 75 9.11 18.88 62.72
C GLU N 75 8.78 19.12 64.20
N ILE N 76 9.62 19.93 64.86
CA ILE N 76 9.34 20.35 66.26
C ILE N 76 8.90 21.81 66.15
N LYS N 77 7.62 22.04 65.83
CA LYS N 77 7.16 23.43 65.60
C LYS N 77 7.43 24.28 66.83
N LEU N 78 8.08 25.44 66.67
CA LEU N 78 8.43 26.26 67.87
C LEU N 78 7.43 27.40 68.00
N SER N 79 7.73 28.46 68.73
CA SER N 79 6.79 29.60 68.62
C SER N 79 7.28 30.32 67.35
N ASP N 80 6.92 29.82 66.17
CA ASP N 80 7.53 30.40 64.93
C ASP N 80 6.69 31.59 64.49
N ILE N 81 5.95 32.17 65.44
CA ILE N 81 5.07 33.36 65.23
C ILE N 81 4.55 33.64 66.65
N PRO N 82 4.64 34.91 67.13
CA PRO N 82 4.17 35.31 68.47
C PRO N 82 2.65 35.42 68.50
N GLU N 83 2.12 35.90 69.64
CA GLU N 83 0.71 35.74 69.93
C GLU N 83 -0.12 36.77 69.17
N GLY N 84 -1.00 36.29 68.29
CA GLY N 84 -2.03 37.12 67.69
C GLY N 84 -1.87 37.41 66.21
N LYS N 85 -0.96 36.74 65.50
CA LYS N 85 -0.75 37.02 64.10
C LYS N 85 -0.84 35.72 63.31
N ASN N 86 -0.98 35.84 61.99
CA ASN N 86 -0.93 34.71 61.06
C ASN N 86 0.07 35.06 59.95
N MET N 87 1.28 34.52 60.09
CA MET N 87 2.33 34.73 59.10
C MET N 87 2.53 33.47 58.28
N ALA N 88 2.89 33.66 57.01
CA ALA N 88 3.05 32.57 56.06
C ALA N 88 4.26 31.70 56.37
N PHE N 89 4.11 30.41 56.10
CA PHE N 89 5.20 29.44 56.08
C PHE N 89 5.09 28.62 54.81
N LYS N 90 6.23 28.19 54.28
CA LYS N 90 6.24 27.47 53.01
C LYS N 90 6.39 25.97 53.27
N TRP N 91 5.35 25.39 53.88
CA TRP N 91 5.26 23.93 53.95
C TRP N 91 3.81 23.46 54.08
N ARG N 92 3.65 22.16 53.79
CA ARG N 92 2.45 21.57 53.18
C ARG N 92 1.85 22.54 52.15
N GLY N 93 2.70 23.01 51.25
CA GLY N 93 2.29 23.77 50.09
C GLY N 93 1.84 25.18 50.34
N LYS N 94 0.67 25.32 50.95
CA LYS N 94 0.08 26.55 51.42
C LYS N 94 0.40 26.72 52.89
N PRO N 95 0.45 27.96 53.40
CA PRO N 95 0.81 28.16 54.82
C PRO N 95 -0.25 27.63 55.77
N LEU N 96 0.12 26.58 56.51
CA LEU N 96 -0.59 26.27 57.74
C LEU N 96 -0.34 27.39 58.74
N PHE N 97 -1.42 28.01 59.20
CA PHE N 97 -1.33 29.18 60.08
C PHE N 97 -1.46 28.71 61.52
N VAL N 98 -0.34 28.68 62.23
CA VAL N 98 -0.35 28.42 63.68
C VAL N 98 -0.77 29.72 64.35
N ARG N 99 -1.42 29.60 65.50
CA ARG N 99 -1.72 30.80 66.27
C ARG N 99 -1.74 30.47 67.75
N HIS N 100 -1.06 31.31 68.53
CA HIS N 100 -1.22 31.33 69.97
C HIS N 100 -2.61 31.88 70.28
N ARG N 101 -3.41 31.02 70.92
CA ARG N 101 -4.83 31.33 71.19
C ARG N 101 -4.99 31.88 72.62
N THR N 102 -5.68 33.10 72.68
CA THR N 102 -5.82 33.84 73.98
C THR N 102 -6.97 33.33 74.86
N LYS N 103 -7.33 34.03 75.92
CA LYS N 103 -8.23 33.46 76.97
C LYS N 103 -9.69 33.79 76.71
N LYS N 104 -9.97 34.76 75.84
CA LYS N 104 -11.28 35.31 75.51
C LYS N 104 -11.61 35.21 74.02
N GLU N 105 -10.76 34.51 73.23
CA GLU N 105 -11.10 34.19 71.81
C GLU N 105 -12.01 32.97 71.82
N ILE N 106 -12.05 32.24 72.94
CA ILE N 106 -12.97 31.12 73.06
C ILE N 106 -14.42 31.60 73.02
N ASP N 107 -14.72 32.66 73.75
CA ASP N 107 -16.07 33.20 73.79
C ASP N 107 -16.39 34.10 72.60
N GLN N 108 -15.43 34.32 71.69
CA GLN N 108 -15.77 34.80 70.36
C GLN N 108 -16.36 33.66 69.53
N GLU N 109 -15.93 32.42 69.86
CA GLU N 109 -16.29 31.22 69.05
C GLU N 109 -17.53 30.50 69.58
N ALA N 110 -17.92 30.71 70.87
CA ALA N 110 -19.03 29.98 71.47
C ALA N 110 -20.22 30.86 71.78
N ALA N 111 -20.06 32.19 71.69
CA ALA N 111 -21.21 33.10 71.82
C ALA N 111 -22.12 33.04 70.61
N VAL N 112 -21.62 32.59 69.47
CA VAL N 112 -22.42 32.47 68.25
C VAL N 112 -23.23 31.17 68.33
N GLU N 113 -24.54 31.27 68.15
CA GLU N 113 -25.39 30.11 68.33
C GLU N 113 -25.54 29.40 66.98
N VAL N 114 -26.56 28.54 66.87
CA VAL N 114 -26.51 27.37 66.00
C VAL N 114 -27.26 27.53 64.68
N SER N 115 -28.00 28.60 64.48
CA SER N 115 -29.03 28.54 63.44
C SER N 115 -28.49 28.87 62.05
N GLN N 116 -27.98 30.07 61.85
CA GLN N 116 -27.81 30.56 60.47
C GLN N 116 -26.42 30.31 59.92
N LEU N 117 -25.44 29.97 60.76
CA LEU N 117 -24.21 29.39 60.24
C LEU N 117 -24.51 28.04 59.62
N ARG N 118 -24.50 27.98 58.29
CA ARG N 118 -25.15 26.90 57.57
C ARG N 118 -24.32 25.62 57.56
N ASP N 119 -23.08 25.66 58.08
CA ASP N 119 -22.27 24.46 58.19
C ASP N 119 -21.89 24.24 59.64
N PRO N 120 -22.48 23.26 60.34
CA PRO N 120 -22.10 22.99 61.73
C PRO N 120 -20.79 22.22 61.83
N GLN N 121 -19.73 22.93 62.21
CA GLN N 121 -18.43 22.29 62.49
C GLN N 121 -17.71 23.19 63.49
N HIS N 122 -17.83 22.86 64.77
CA HIS N 122 -17.42 23.81 65.80
C HIS N 122 -16.06 23.45 66.42
N ASP N 123 -15.58 24.39 67.23
CA ASP N 123 -14.18 24.40 67.66
C ASP N 123 -13.96 23.54 68.91
N LEU N 124 -15.02 23.02 69.53
CA LEU N 124 -14.86 22.06 70.61
C LEU N 124 -14.62 20.65 70.11
N GLU N 125 -14.72 20.43 68.80
CA GLU N 125 -14.73 19.10 68.21
C GLU N 125 -13.55 18.79 67.32
N ARG N 126 -13.05 19.76 66.56
CA ARG N 126 -11.98 19.52 65.59
C ARG N 126 -10.58 19.58 66.21
N VAL N 127 -10.20 20.73 66.75
CA VAL N 127 -8.89 20.88 67.39
C VAL N 127 -9.04 20.59 68.87
N LYS N 128 -8.16 19.72 69.41
CA LYS N 128 -8.38 19.15 70.73
C LYS N 128 -8.14 20.13 71.86
N LYS N 129 -7.31 21.14 71.65
CA LYS N 129 -7.13 22.08 72.74
C LYS N 129 -7.80 23.41 72.44
N PRO N 130 -8.36 24.07 73.45
CA PRO N 130 -8.94 25.40 73.21
C PRO N 130 -7.89 26.45 72.89
N GLU N 131 -6.70 26.33 73.48
CA GLU N 131 -5.63 27.29 73.24
C GLU N 131 -4.67 26.87 72.13
N TRP N 132 -5.18 26.23 71.07
CA TRP N 132 -4.40 25.80 69.92
C TRP N 132 -5.34 25.73 68.72
N VAL N 133 -4.79 25.94 67.52
CA VAL N 133 -5.59 25.86 66.29
C VAL N 133 -4.64 25.58 65.13
N ILE N 134 -5.18 25.02 64.05
CA ILE N 134 -4.43 24.75 62.82
C ILE N 134 -5.34 25.05 61.63
N LEU N 135 -4.83 25.82 60.69
CA LEU N 135 -5.61 26.34 59.57
C LEU N 135 -4.91 25.96 58.27
N ILE N 136 -5.66 26.00 57.16
CA ILE N 136 -5.10 25.85 55.82
C ILE N 136 -5.52 27.08 55.01
N GLY N 137 -4.65 27.51 54.10
CA GLY N 137 -4.88 28.76 53.38
C GLY N 137 -5.57 28.73 52.03
N VAL N 138 -6.71 28.03 51.89
CA VAL N 138 -7.54 28.12 50.69
C VAL N 138 -9.00 28.21 51.10
N CYS N 139 -9.78 28.97 50.31
CA CYS N 139 -11.24 29.06 50.57
C CYS N 139 -11.92 27.83 49.98
N THR N 140 -13.21 27.63 50.24
CA THR N 140 -13.90 26.38 49.80
C THR N 140 -14.26 26.44 48.30
N HIS N 141 -14.66 27.60 47.78
CA HIS N 141 -15.13 27.66 46.40
C HIS N 141 -14.00 27.93 45.41
N LEU N 142 -13.22 29.00 45.63
CA LEU N 142 -12.22 29.40 44.65
C LEU N 142 -10.80 29.27 45.14
N GLY N 143 -10.53 29.65 46.49
CA GLY N 143 -9.14 29.48 46.88
C GLY N 143 -8.35 30.71 47.29
N CYS N 144 -9.03 31.70 47.93
CA CYS N 144 -8.36 32.90 48.41
C CYS N 144 -8.30 32.99 49.93
N VAL N 145 -7.25 33.62 50.43
CA VAL N 145 -7.11 33.96 51.84
C VAL N 145 -6.59 35.40 51.88
N PRO N 146 -7.01 36.24 52.83
CA PRO N 146 -6.64 37.66 52.80
C PRO N 146 -5.32 38.01 53.47
N ILE N 147 -4.93 39.28 53.28
CA ILE N 147 -3.85 39.90 54.04
C ILE N 147 -4.22 39.91 55.53
N ALA N 148 -3.21 39.67 56.37
CA ALA N 148 -3.42 39.36 57.77
C ALA N 148 -3.97 40.53 58.56
N ASN N 149 -4.62 40.18 59.70
CA ASN N 149 -5.24 41.03 60.73
C ASN N 149 -6.02 42.22 60.14
N ALA N 150 -7.10 41.85 59.44
CA ALA N 150 -8.11 42.79 58.99
C ALA N 150 -9.45 42.10 58.95
N GLY N 151 -10.46 42.75 59.52
CA GLY N 151 -11.81 42.21 59.56
C GLY N 151 -12.67 42.97 60.53
N ASP N 152 -13.98 42.73 60.45
CA ASP N 152 -14.92 43.49 61.28
C ASP N 152 -14.99 42.95 62.71
N PHE N 153 -15.39 41.69 62.88
CA PHE N 153 -15.53 41.15 64.22
C PHE N 153 -14.36 40.26 64.64
N GLY N 154 -13.33 40.12 63.80
CA GLY N 154 -12.13 39.41 64.22
C GLY N 154 -11.70 38.28 63.32
N GLY N 155 -12.14 38.30 62.06
CA GLY N 155 -11.76 37.27 61.12
C GLY N 155 -10.87 37.74 59.98
N TYR N 156 -10.99 37.10 58.83
CA TYR N 156 -10.20 37.41 57.65
C TYR N 156 -11.16 37.81 56.53
N TYR N 157 -11.07 39.06 56.09
CA TYR N 157 -12.07 39.65 55.20
C TYR N 157 -11.62 39.52 53.75
N CYS N 158 -12.40 38.79 52.95
CA CYS N 158 -12.04 38.40 51.59
C CYS N 158 -12.50 39.48 50.61
N PRO N 159 -11.59 40.21 49.94
CA PRO N 159 -12.02 41.36 49.13
C PRO N 159 -12.41 41.03 47.69
N CYS N 160 -12.76 39.78 47.38
CA CYS N 160 -13.15 39.36 46.00
C CYS N 160 -14.46 40.03 45.63
N HIS N 161 -15.53 39.64 46.32
CA HIS N 161 -16.86 40.18 46.04
C HIS N 161 -17.74 40.20 47.28
N GLY N 162 -17.10 40.41 48.52
CA GLY N 162 -17.95 40.27 49.68
C GLY N 162 -17.98 38.92 50.38
N SER N 163 -16.80 38.45 50.83
CA SER N 163 -16.72 37.38 51.81
C SER N 163 -15.87 37.79 53.00
N HIS N 164 -15.98 37.00 54.08
CA HIS N 164 -15.22 37.21 55.32
C HIS N 164 -15.18 35.90 56.09
N TYR N 165 -14.03 35.23 56.10
CA TYR N 165 -13.84 34.05 56.93
C TYR N 165 -13.44 34.45 58.34
N ASP N 166 -13.81 33.62 59.31
CA ASP N 166 -13.50 33.85 60.72
C ASP N 166 -12.10 33.31 61.04
N ALA N 167 -11.78 33.22 62.34
CA ALA N 167 -10.44 32.80 62.74
C ALA N 167 -10.25 31.30 62.65
N SER N 168 -11.12 30.53 63.30
CA SER N 168 -10.90 29.10 63.45
C SER N 168 -11.64 28.27 62.39
N GLY N 169 -11.89 28.84 61.20
CA GLY N 169 -12.41 28.06 60.09
C GLY N 169 -13.92 28.09 59.96
N ARG N 170 -14.49 29.29 60.04
CA ARG N 170 -15.92 29.50 59.94
C ARG N 170 -16.21 30.40 58.73
N ILE N 171 -17.42 30.30 58.19
CA ILE N 171 -17.86 31.21 57.13
C ILE N 171 -19.23 31.77 57.49
N ARG N 172 -19.35 33.08 57.40
CA ARG N 172 -20.59 33.79 57.60
C ARG N 172 -21.19 34.25 56.28
N LYS N 173 -20.42 34.20 55.20
CA LYS N 173 -20.72 34.90 53.97
C LYS N 173 -21.02 33.94 52.82
N GLY N 174 -21.57 34.49 51.77
CA GLY N 174 -21.60 33.80 50.50
C GLY N 174 -20.45 34.25 49.62
N PRO N 175 -20.30 33.60 48.45
CA PRO N 175 -21.03 32.40 48.02
C PRO N 175 -20.26 31.14 48.37
N ALA N 176 -19.60 31.16 49.53
CA ALA N 176 -18.77 30.03 49.95
C ALA N 176 -19.65 28.87 50.41
N PRO N 177 -19.51 27.68 49.81
CA PRO N 177 -20.40 26.57 50.16
C PRO N 177 -20.17 25.95 51.53
N LEU N 178 -18.93 25.58 51.87
CA LEU N 178 -18.67 24.83 53.08
C LEU N 178 -17.55 25.50 53.89
N ASN N 179 -17.21 24.89 55.04
CA ASN N 179 -16.22 25.42 55.94
C ASN N 179 -14.80 25.18 55.44
N LEU N 180 -13.84 25.58 56.28
CA LEU N 180 -12.43 25.48 55.94
C LEU N 180 -11.91 24.07 56.14
N GLU N 181 -11.01 23.65 55.23
CA GLU N 181 -10.18 22.47 55.41
C GLU N 181 -9.41 22.55 56.73
N VAL N 182 -9.62 21.55 57.60
CA VAL N 182 -8.77 21.36 58.77
C VAL N 182 -7.71 20.31 58.43
N PRO N 183 -6.45 20.53 58.80
CA PRO N 183 -5.40 19.58 58.43
C PRO N 183 -5.34 18.40 59.38
N THR N 184 -4.78 17.30 58.87
CA THR N 184 -4.60 16.10 59.68
C THR N 184 -3.52 16.33 60.73
N TYR N 185 -3.68 15.66 61.87
CA TYR N 185 -2.93 15.99 63.07
C TYR N 185 -2.99 14.82 64.04
N GLU N 186 -2.06 14.83 64.99
CA GLU N 186 -2.21 14.09 66.24
C GLU N 186 -1.31 14.75 67.27
N PHE N 187 -1.90 15.43 68.25
CA PHE N 187 -1.13 16.08 69.30
C PHE N 187 -0.62 15.00 70.25
N THR N 188 0.53 14.43 69.92
CA THR N 188 1.11 13.34 70.68
C THR N 188 2.01 13.84 71.81
N SER N 189 2.78 14.89 71.54
CA SER N 189 3.86 15.33 72.42
C SER N 189 3.39 16.37 73.43
N ASP N 190 4.34 16.89 74.18
CA ASP N 190 4.07 18.05 75.04
C ASP N 190 4.14 19.35 74.26
N ASP N 191 5.29 19.61 73.62
CA ASP N 191 5.42 20.89 72.94
C ASP N 191 6.19 20.80 71.62
N LEU N 192 6.39 19.60 71.08
CA LEU N 192 6.99 19.42 69.76
C LEU N 192 5.93 18.88 68.81
N VAL N 193 5.55 19.71 67.86
CA VAL N 193 4.23 19.64 67.24
C VAL N 193 4.31 18.69 66.05
N ILE N 194 3.62 17.56 66.16
CA ILE N 194 3.37 16.68 65.02
C ILE N 194 1.95 17.02 64.58
N VAL N 195 1.83 17.92 63.60
CA VAL N 195 0.55 18.18 62.95
C VAL N 195 0.54 17.37 61.65
N GLY N 196 0.13 16.12 61.78
CA GLY N 196 0.07 15.22 60.64
C GLY N 196 0.92 13.98 60.83
N THR O 1 -57.79 -37.88 1.14
CA THR O 1 -56.72 -37.00 1.58
C THR O 1 -56.04 -37.53 2.83
N ALA O 2 -54.83 -38.06 2.67
CA ALA O 2 -54.06 -38.57 3.79
C ALA O 2 -53.15 -37.48 4.33
N THR O 3 -52.34 -37.83 5.31
CA THR O 3 -51.42 -36.92 5.98
C THR O 3 -50.05 -37.57 5.86
N TYR O 4 -49.00 -36.79 6.12
CA TYR O 4 -47.64 -37.34 6.12
C TYR O 4 -47.47 -38.36 7.24
N ALA O 5 -48.19 -38.19 8.35
CA ALA O 5 -48.14 -39.18 9.43
C ALA O 5 -48.86 -40.46 9.02
N GLN O 6 -50.02 -40.34 8.37
CA GLN O 6 -50.77 -41.51 7.92
C GLN O 6 -50.06 -42.26 6.80
N ALA O 7 -49.28 -41.56 5.99
CA ALA O 7 -48.58 -42.22 4.89
C ALA O 7 -47.38 -43.03 5.37
N LEU O 8 -46.78 -42.66 6.51
CA LEU O 8 -45.65 -43.42 7.02
C LEU O 8 -46.10 -44.73 7.66
N GLN O 9 -47.34 -44.83 8.11
CA GLN O 9 -47.84 -46.09 8.65
C GLN O 9 -48.15 -47.09 7.55
N SER O 10 -48.56 -46.60 6.37
CA SER O 10 -49.00 -47.46 5.28
C SER O 10 -47.84 -48.06 4.48
N VAL O 11 -46.60 -47.77 4.82
CA VAL O 11 -45.45 -48.34 4.11
C VAL O 11 -45.39 -49.81 4.51
N PRO O 12 -45.23 -50.73 3.56
CA PRO O 12 -45.16 -52.15 3.92
C PRO O 12 -43.89 -52.49 4.67
N GLU O 13 -43.98 -53.57 5.44
CA GLU O 13 -42.95 -54.01 6.37
C GLU O 13 -42.00 -54.99 5.72
N THR O 14 -40.80 -55.06 6.29
CA THR O 14 -39.77 -55.98 5.83
C THR O 14 -39.85 -57.25 6.66
N GLN O 15 -39.78 -58.39 6.01
CA GLN O 15 -39.83 -59.70 6.66
C GLN O 15 -38.45 -60.31 6.59
N VAL O 16 -37.94 -60.78 7.73
CA VAL O 16 -36.61 -61.35 7.83
C VAL O 16 -36.74 -62.80 8.29
N SER O 17 -36.00 -63.70 7.65
CA SER O 17 -35.91 -65.09 8.05
C SER O 17 -34.45 -65.52 8.14
N GLN O 18 -34.24 -66.77 8.51
CA GLN O 18 -32.90 -67.32 8.67
C GLN O 18 -32.92 -68.79 8.32
N LEU O 19 -31.82 -69.25 7.74
CA LEU O 19 -31.62 -70.65 7.46
C LEU O 19 -30.85 -71.28 8.62
N ASP O 20 -30.79 -72.62 8.63
CA ASP O 20 -29.94 -73.34 9.57
C ASP O 20 -28.47 -73.07 9.30
N ASN O 21 -28.18 -72.73 8.04
CA ASN O 21 -26.88 -72.29 7.59
C ASN O 21 -26.38 -71.06 8.35
N GLY O 22 -27.28 -70.17 8.73
CA GLY O 22 -26.92 -68.87 9.25
C GLY O 22 -27.25 -67.73 8.32
N LEU O 23 -27.55 -68.03 7.06
CA LEU O 23 -27.86 -67.03 6.05
C LEU O 23 -29.16 -66.32 6.37
N ARG O 24 -29.18 -64.99 6.22
CA ARG O 24 -30.40 -64.23 6.43
C ARG O 24 -31.05 -63.84 5.11
N VAL O 25 -32.39 -63.83 5.10
CA VAL O 25 -33.21 -63.64 3.90
C VAL O 25 -34.25 -62.57 4.22
N ALA O 26 -34.23 -61.47 3.46
CA ALA O 26 -35.13 -60.35 3.72
C ALA O 26 -35.74 -59.80 2.43
N SER O 27 -36.95 -59.29 2.52
CA SER O 27 -37.66 -58.84 1.32
C SER O 27 -38.74 -57.83 1.70
N GLU O 28 -39.21 -57.09 0.69
CA GLU O 28 -40.32 -56.16 0.85
C GLU O 28 -41.16 -56.16 -0.42
N GLN O 29 -42.43 -56.57 -0.30
CA GLN O 29 -43.32 -56.69 -1.45
C GLN O 29 -44.00 -55.38 -1.76
N SER O 30 -44.03 -54.99 -3.04
CA SER O 30 -44.58 -53.70 -3.41
C SER O 30 -45.36 -53.67 -4.72
N SER O 31 -46.04 -54.70 -5.13
CA SER O 31 -47.09 -54.68 -6.23
C SER O 31 -46.68 -54.61 -7.72
N GLN O 32 -45.36 -54.20 -7.99
CA GLN O 32 -44.74 -53.94 -9.29
C GLN O 32 -44.41 -55.15 -10.15
N PRO O 33 -44.28 -54.97 -11.47
CA PRO O 33 -43.85 -56.03 -12.41
C PRO O 33 -42.35 -56.24 -12.52
N THR O 34 -41.52 -55.39 -11.92
CA THR O 34 -40.08 -55.58 -11.92
C THR O 34 -39.57 -55.83 -10.51
N CYS O 35 -38.32 -56.28 -10.40
CA CYS O 35 -37.73 -56.54 -9.09
C CYS O 35 -36.22 -56.35 -9.15
N THR O 36 -35.61 -56.29 -7.96
CA THR O 36 -34.17 -56.28 -7.77
C THR O 36 -33.84 -57.26 -6.66
N VAL O 37 -32.82 -58.08 -6.84
CA VAL O 37 -32.42 -59.08 -5.85
C VAL O 37 -30.90 -59.19 -5.86
N GLY O 38 -30.29 -59.26 -4.67
CA GLY O 38 -28.84 -59.30 -4.58
C GLY O 38 -28.33 -59.94 -3.32
N VAL O 39 -27.00 -60.00 -3.21
CA VAL O 39 -26.30 -60.61 -2.07
C VAL O 39 -25.31 -59.60 -1.51
N TRP O 40 -25.46 -59.26 -0.23
CA TRP O 40 -24.57 -58.32 0.46
C TRP O 40 -23.66 -59.08 1.45
N ILE O 41 -22.37 -58.75 1.43
CA ILE O 41 -21.35 -59.49 2.17
C ILE O 41 -20.60 -58.52 3.07
N ASP O 42 -20.22 -58.98 4.27
CA ASP O 42 -19.29 -58.27 5.15
C ASP O 42 -17.84 -58.60 4.79
N ALA O 43 -17.40 -58.05 3.67
CA ALA O 43 -16.04 -58.18 3.21
C ALA O 43 -15.60 -56.84 2.66
N GLY O 44 -14.31 -56.57 2.71
CA GLY O 44 -13.82 -55.26 2.34
C GLY O 44 -12.36 -55.14 2.65
N SER O 45 -11.79 -53.99 2.30
CA SER O 45 -10.35 -53.80 2.42
C SER O 45 -9.89 -53.58 3.86
N ARG O 46 -10.79 -53.23 4.77
CA ARG O 46 -10.43 -53.15 6.18
C ARG O 46 -10.24 -54.52 6.81
N TYR O 47 -10.61 -55.60 6.13
CA TYR O 47 -10.30 -56.94 6.59
C TYR O 47 -9.04 -57.52 5.96
N GLU O 48 -8.38 -56.81 5.07
CA GLU O 48 -7.13 -57.27 4.48
C GLU O 48 -5.93 -56.71 5.22
N ASN O 49 -4.79 -57.34 5.02
CA ASN O 49 -3.53 -56.87 5.55
C ASN O 49 -2.62 -56.55 4.39
N GLU O 50 -1.35 -56.28 4.70
CA GLU O 50 -0.44 -55.64 3.75
C GLU O 50 -0.07 -56.55 2.59
N LYS O 51 -0.08 -57.87 2.78
CA LYS O 51 0.34 -58.76 1.70
C LYS O 51 -0.76 -59.04 0.67
N ASN O 52 -2.03 -58.72 0.98
CA ASN O 52 -3.10 -59.03 0.04
C ASN O 52 -4.11 -57.89 -0.06
N ASN O 53 -3.64 -56.64 -0.11
CA ASN O 53 -4.55 -55.50 -0.09
C ASN O 53 -5.32 -55.36 -1.40
N GLY O 54 -4.82 -55.91 -2.49
CA GLY O 54 -5.66 -55.84 -3.67
C GLY O 54 -6.77 -56.86 -3.79
N ALA O 55 -6.72 -57.96 -3.04
CA ALA O 55 -7.41 -59.22 -3.30
C ALA O 55 -8.93 -59.17 -3.47
N GLY O 56 -9.61 -58.38 -2.66
CA GLY O 56 -11.06 -58.35 -2.76
C GLY O 56 -11.61 -57.61 -3.96
N TYR O 57 -10.81 -56.73 -4.55
CA TYR O 57 -11.15 -56.01 -5.77
C TYR O 57 -10.77 -56.78 -7.02
N PHE O 58 -9.77 -57.66 -6.92
CA PHE O 58 -9.45 -58.61 -7.97
C PHE O 58 -10.55 -59.65 -8.14
N VAL O 59 -11.24 -60.02 -7.06
CA VAL O 59 -12.26 -61.05 -7.09
C VAL O 59 -13.57 -60.54 -7.69
N GLU O 60 -13.92 -59.28 -7.44
CA GLU O 60 -15.09 -58.65 -8.06
C GLU O 60 -14.96 -58.55 -9.57
N HIS O 61 -13.73 -58.38 -10.08
CA HIS O 61 -13.48 -58.38 -11.51
C HIS O 61 -13.77 -59.72 -12.18
N LEU O 62 -13.52 -60.83 -11.50
CA LEU O 62 -13.64 -62.14 -12.11
C LEU O 62 -14.98 -62.80 -11.87
N ALA O 63 -15.91 -62.11 -11.20
CA ALA O 63 -17.14 -62.74 -10.75
C ALA O 63 -18.14 -62.96 -11.87
N PHE O 64 -18.10 -62.14 -12.92
CA PHE O 64 -19.04 -62.24 -14.03
C PHE O 64 -18.43 -62.90 -15.25
N LYS O 65 -17.35 -63.65 -15.08
CA LYS O 65 -16.59 -64.14 -16.22
C LYS O 65 -16.41 -65.65 -16.21
N GLY O 66 -17.30 -66.39 -15.55
CA GLY O 66 -17.28 -67.83 -15.67
C GLY O 66 -17.39 -68.60 -14.37
N THR O 67 -18.25 -69.61 -14.35
CA THR O 67 -18.35 -70.54 -13.24
C THR O 67 -18.14 -71.95 -13.77
N LYS O 68 -18.40 -72.95 -12.94
CA LYS O 68 -18.19 -74.33 -13.37
C LYS O 68 -19.32 -74.80 -14.27
N ASN O 69 -20.54 -74.36 -14.00
CA ASN O 69 -21.69 -74.76 -14.81
C ASN O 69 -21.91 -73.86 -16.02
N ARG O 70 -21.47 -72.61 -15.96
CA ARG O 70 -21.75 -71.60 -16.98
C ARG O 70 -20.42 -71.02 -17.43
N PRO O 71 -19.70 -71.70 -18.33
CA PRO O 71 -18.33 -71.30 -18.63
C PRO O 71 -18.27 -70.09 -19.55
N GLY O 72 -17.39 -69.14 -19.22
CA GLY O 72 -17.11 -68.00 -20.05
C GLY O 72 -18.25 -67.01 -20.23
N SER O 73 -18.67 -66.83 -21.47
CA SER O 73 -19.70 -65.87 -21.83
C SER O 73 -21.10 -66.46 -21.82
N ALA O 74 -21.27 -67.67 -21.30
CA ALA O 74 -22.61 -68.25 -21.22
C ALA O 74 -23.46 -67.55 -20.17
N LEU O 75 -22.82 -67.00 -19.14
CA LEU O 75 -23.54 -66.18 -18.17
C LEU O 75 -24.00 -64.86 -18.78
N GLU O 76 -23.17 -64.27 -19.66
CA GLU O 76 -23.54 -63.01 -20.30
C GLU O 76 -24.72 -63.20 -21.25
N LYS O 77 -24.72 -64.30 -22.00
CA LYS O 77 -25.79 -64.56 -22.95
C LYS O 77 -27.11 -64.85 -22.26
N GLU O 78 -27.05 -65.42 -21.07
CA GLU O 78 -28.27 -65.79 -20.36
C GLU O 78 -28.90 -64.60 -19.66
N VAL O 79 -28.08 -63.67 -19.19
CA VAL O 79 -28.61 -62.45 -18.55
C VAL O 79 -29.22 -61.53 -19.61
N GLU O 80 -28.56 -61.37 -20.75
CA GLU O 80 -29.00 -60.43 -21.77
C GLU O 80 -30.22 -60.92 -22.54
N SER O 81 -30.38 -62.22 -22.70
CA SER O 81 -31.50 -62.72 -23.49
C SER O 81 -32.84 -62.64 -22.76
N MET O 82 -32.88 -62.29 -21.49
CA MET O 82 -34.14 -62.01 -20.82
C MET O 82 -34.34 -60.53 -20.53
N GLY O 83 -33.37 -59.68 -20.83
CA GLY O 83 -33.52 -58.26 -20.61
C GLY O 83 -33.11 -57.78 -19.25
N ALA O 84 -32.15 -58.44 -18.60
CA ALA O 84 -31.76 -58.15 -17.23
C ALA O 84 -30.39 -57.47 -17.18
N HIS O 85 -30.12 -56.83 -16.05
CA HIS O 85 -28.88 -56.10 -15.80
C HIS O 85 -28.17 -56.73 -14.62
N LEU O 86 -26.85 -56.57 -14.57
CA LEU O 86 -26.01 -57.26 -13.58
C LEU O 86 -24.88 -56.34 -13.16
N ASN O 87 -24.80 -56.03 -11.87
CA ASN O 87 -23.91 -54.99 -11.35
C ASN O 87 -23.23 -55.46 -10.07
N ALA O 88 -22.21 -54.70 -9.65
CA ALA O 88 -21.44 -54.95 -8.43
C ALA O 88 -20.81 -53.65 -7.95
N TYR O 89 -20.39 -53.63 -6.68
CA TYR O 89 -19.55 -52.58 -6.11
C TYR O 89 -18.80 -53.14 -4.90
N SER O 90 -17.87 -52.35 -4.37
CA SER O 90 -16.98 -52.82 -3.29
C SER O 90 -16.40 -51.61 -2.55
N THR O 91 -16.86 -51.37 -1.31
CA THR O 91 -16.33 -50.30 -0.46
C THR O 91 -15.24 -50.84 0.48
N ARG O 92 -14.88 -50.07 1.50
CA ARG O 92 -13.94 -50.50 2.53
C ARG O 92 -14.54 -51.47 3.55
N GLU O 93 -15.86 -51.61 3.58
CA GLU O 93 -16.54 -52.49 4.53
C GLU O 93 -17.44 -53.54 3.89
N HIS O 94 -18.02 -53.25 2.71
CA HIS O 94 -19.08 -54.08 2.13
C HIS O 94 -18.72 -54.51 0.71
N THR O 95 -19.48 -55.49 0.21
CA THR O 95 -19.39 -55.97 -1.17
C THR O 95 -20.79 -56.42 -1.59
N ALA O 96 -21.21 -56.09 -2.81
CA ALA O 96 -22.52 -56.46 -3.31
C ALA O 96 -22.46 -57.02 -4.74
N TYR O 97 -23.45 -57.85 -5.08
CA TYR O 97 -23.72 -58.30 -6.44
C TYR O 97 -25.23 -58.36 -6.58
N TYR O 98 -25.80 -57.73 -7.61
CA TYR O 98 -27.26 -57.69 -7.71
C TYR O 98 -27.72 -57.69 -9.17
N ILE O 99 -29.02 -57.98 -9.35
CA ILE O 99 -29.66 -58.20 -10.65
C ILE O 99 -30.98 -57.43 -10.70
N LYS O 100 -31.21 -56.69 -11.78
CA LYS O 100 -32.52 -56.09 -12.06
C LYS O 100 -33.19 -56.94 -13.13
N ALA O 101 -34.40 -57.42 -12.86
CA ALA O 101 -35.10 -58.31 -13.79
C ALA O 101 -36.59 -58.11 -13.65
N LEU O 102 -37.36 -58.82 -14.47
CA LEU O 102 -38.81 -58.84 -14.36
C LEU O 102 -39.22 -59.79 -13.24
N SER O 103 -40.40 -59.54 -12.66
CA SER O 103 -40.87 -60.40 -11.56
C SER O 103 -41.53 -61.66 -12.05
N LYS O 104 -40.90 -62.33 -13.00
CA LYS O 104 -41.27 -63.64 -13.48
C LYS O 104 -40.02 -64.49 -13.62
N ASP O 105 -38.85 -63.86 -13.68
CA ASP O 105 -37.56 -64.51 -13.83
C ASP O 105 -36.79 -64.58 -12.52
N LEU O 106 -37.45 -64.35 -11.39
CA LEU O 106 -36.88 -64.50 -10.06
C LEU O 106 -36.32 -65.90 -9.77
N PRO O 107 -36.95 -67.03 -10.18
CA PRO O 107 -36.24 -68.31 -10.02
C PRO O 107 -34.92 -68.44 -10.76
N LYS O 108 -34.82 -67.87 -11.96
CA LYS O 108 -33.55 -67.92 -12.68
C LYS O 108 -32.53 -66.96 -12.09
N ALA O 109 -32.98 -65.81 -11.57
CA ALA O 109 -32.06 -64.81 -11.03
C ALA O 109 -31.39 -65.28 -9.74
N VAL O 110 -32.14 -65.97 -8.87
CA VAL O 110 -31.57 -66.45 -7.62
C VAL O 110 -30.59 -67.59 -7.87
N GLU O 111 -30.86 -68.43 -8.88
CA GLU O 111 -29.94 -69.50 -9.24
C GLU O 111 -28.63 -68.95 -9.80
N LEU O 112 -28.69 -67.87 -10.56
CA LEU O 112 -27.50 -67.23 -11.10
C LEU O 112 -26.63 -66.63 -10.01
N LEU O 113 -27.25 -66.01 -9.01
CA LEU O 113 -26.50 -65.36 -7.93
C LEU O 113 -25.82 -66.37 -7.02
N ALA O 114 -26.46 -67.53 -6.79
CA ALA O 114 -25.86 -68.55 -5.95
C ALA O 114 -24.68 -69.21 -6.63
N ASP O 115 -24.72 -69.32 -7.96
CA ASP O 115 -23.60 -69.87 -8.71
C ASP O 115 -22.40 -68.93 -8.70
N ILE O 116 -22.66 -67.61 -8.67
CA ILE O 116 -21.59 -66.62 -8.72
C ILE O 116 -20.80 -66.61 -7.42
N VAL O 117 -21.49 -66.62 -6.28
CA VAL O 117 -20.78 -66.48 -5.00
C VAL O 117 -20.24 -67.80 -4.48
N GLN O 118 -20.67 -68.94 -5.01
CA GLN O 118 -20.16 -70.22 -4.53
C GLN O 118 -19.21 -70.92 -5.48
N ASN O 119 -19.37 -70.78 -6.79
CA ASN O 119 -18.66 -71.66 -7.71
C ASN O 119 -17.80 -70.94 -8.73
N CYS O 120 -17.35 -69.71 -8.46
CA CYS O 120 -16.50 -68.94 -9.36
C CYS O 120 -15.19 -69.66 -9.65
N SER O 121 -14.76 -69.65 -10.90
CA SER O 121 -13.74 -70.57 -11.38
C SER O 121 -12.31 -70.08 -11.16
N LEU O 122 -12.05 -68.79 -11.39
CA LEU O 122 -10.77 -68.11 -11.08
C LEU O 122 -9.58 -68.76 -11.79
N GLU O 123 -9.72 -68.92 -13.10
CA GLU O 123 -8.74 -69.66 -13.89
C GLU O 123 -7.57 -68.75 -14.27
N ASP O 124 -6.40 -69.36 -14.47
CA ASP O 124 -5.13 -68.65 -14.59
C ASP O 124 -5.04 -67.73 -15.81
N SER O 125 -5.57 -68.14 -16.96
CA SER O 125 -5.48 -67.30 -18.15
C SER O 125 -6.39 -66.08 -18.06
N GLN O 126 -7.50 -66.19 -17.35
CA GLN O 126 -8.34 -65.02 -17.08
C GLN O 126 -7.72 -64.12 -16.03
N ILE O 127 -6.85 -64.67 -15.17
CA ILE O 127 -6.18 -63.88 -14.14
C ILE O 127 -5.11 -62.98 -14.74
N GLU O 128 -4.35 -63.46 -15.71
CA GLU O 128 -3.33 -62.64 -16.34
C GLU O 128 -3.92 -61.57 -17.24
N LYS O 129 -5.07 -61.85 -17.85
CA LYS O 129 -5.74 -60.85 -18.67
C LYS O 129 -6.38 -59.77 -17.82
N GLU O 130 -6.88 -60.12 -16.64
CA GLU O 130 -7.52 -59.14 -15.78
C GLU O 130 -6.51 -58.27 -15.05
N ARG O 131 -5.25 -58.74 -14.97
CA ARG O 131 -4.20 -57.95 -14.32
C ARG O 131 -3.87 -56.70 -15.10
N ASP O 132 -4.02 -56.74 -16.42
CA ASP O 132 -3.75 -55.55 -17.23
C ASP O 132 -4.89 -54.56 -17.18
N VAL O 133 -6.13 -55.04 -17.06
CA VAL O 133 -7.28 -54.14 -16.98
C VAL O 133 -7.27 -53.36 -15.68
N ILE O 134 -6.77 -53.97 -14.60
CA ILE O 134 -6.70 -53.28 -13.32
C ILE O 134 -5.57 -52.26 -13.32
N LEU O 135 -4.45 -52.57 -13.98
CA LEU O 135 -3.34 -51.62 -14.01
C LEU O 135 -3.64 -50.39 -14.88
N GLN O 136 -4.55 -50.51 -15.84
CA GLN O 136 -4.98 -49.34 -16.60
C GLN O 136 -6.02 -48.53 -15.85
N GLU O 137 -6.84 -49.19 -15.02
CA GLU O 137 -7.83 -48.48 -14.22
C GLU O 137 -7.21 -47.61 -13.14
N LEU O 138 -6.05 -48.00 -12.63
CA LEU O 138 -5.36 -47.20 -11.62
C LEU O 138 -4.92 -45.86 -12.19
N GLN O 139 -4.44 -45.86 -13.44
CA GLN O 139 -4.04 -44.62 -14.10
C GLN O 139 -5.23 -43.73 -14.44
N GLU O 140 -6.38 -44.31 -14.75
CA GLU O 140 -7.59 -43.53 -14.98
C GLU O 140 -8.10 -42.86 -13.71
N ASN O 141 -7.96 -43.50 -12.56
CA ASN O 141 -8.44 -42.91 -11.31
C ASN O 141 -7.55 -41.79 -10.82
N ASP O 142 -6.30 -41.70 -11.28
CA ASP O 142 -5.39 -40.62 -10.91
C ASP O 142 -5.76 -39.30 -11.49
N SER O 143 -6.60 -39.24 -12.51
CA SER O 143 -7.04 -37.99 -13.07
C SER O 143 -8.35 -37.49 -12.46
N SER O 144 -9.03 -38.32 -11.68
CA SER O 144 -10.14 -37.84 -10.86
C SER O 144 -9.59 -37.28 -9.56
N MET O 145 -9.74 -35.99 -9.37
CA MET O 145 -9.09 -35.32 -8.25
C MET O 145 -9.86 -35.47 -6.95
N ARG O 146 -11.18 -35.67 -7.01
CA ARG O 146 -11.95 -35.93 -5.79
C ARG O 146 -11.64 -37.31 -5.24
N ASP O 147 -11.34 -38.28 -6.09
CA ASP O 147 -11.04 -39.62 -5.61
C ASP O 147 -9.64 -39.71 -5.02
N VAL O 148 -8.69 -38.94 -5.54
CA VAL O 148 -7.34 -38.92 -4.98
C VAL O 148 -7.34 -38.25 -3.62
N VAL O 149 -8.12 -37.19 -3.47
CA VAL O 149 -8.03 -36.39 -2.24
C VAL O 149 -8.79 -37.09 -1.10
N PHE O 150 -9.81 -37.90 -1.41
CA PHE O 150 -10.51 -38.64 -0.36
C PHE O 150 -9.73 -39.87 0.04
N ASP O 151 -8.85 -40.37 -0.83
CA ASP O 151 -7.94 -41.43 -0.45
C ASP O 151 -6.82 -40.91 0.44
N TYR O 152 -6.40 -39.65 0.23
CA TYR O 152 -5.39 -39.02 1.09
C TYR O 152 -5.92 -38.81 2.50
N LEU O 153 -7.20 -38.46 2.62
CA LEU O 153 -7.80 -38.19 3.92
C LEU O 153 -7.92 -39.46 4.77
N HIS O 154 -8.15 -40.62 4.14
CA HIS O 154 -8.17 -41.86 4.91
C HIS O 154 -6.78 -42.29 5.31
N ALA O 155 -5.79 -42.00 4.47
CA ALA O 155 -4.42 -42.41 4.76
C ALA O 155 -3.80 -41.59 5.87
N THR O 156 -4.29 -40.37 6.12
CA THR O 156 -3.71 -39.55 7.17
C THR O 156 -4.55 -39.56 8.45
N ALA O 157 -5.85 -39.82 8.35
CA ALA O 157 -6.66 -39.86 9.56
C ALA O 157 -6.51 -41.18 10.29
N PHE O 158 -6.19 -42.25 9.59
CA PHE O 158 -6.15 -43.59 10.17
C PHE O 158 -4.82 -44.28 9.96
N GLN O 159 -3.72 -43.51 9.99
CA GLN O 159 -2.37 -43.84 9.56
C GLN O 159 -1.82 -45.25 9.79
N GLY O 160 -1.92 -45.77 11.00
CA GLY O 160 -1.30 -47.07 11.23
C GLY O 160 -2.25 -48.23 11.35
N THR O 161 -3.44 -48.12 10.81
CA THR O 161 -4.53 -49.08 10.99
C THR O 161 -4.87 -49.71 9.64
N PRO O 162 -5.69 -50.75 9.56
CA PRO O 162 -6.15 -51.23 8.24
C PRO O 162 -7.22 -50.39 7.58
N LEU O 163 -7.74 -49.37 8.24
CA LEU O 163 -8.71 -48.48 7.64
C LEU O 163 -8.04 -47.38 6.82
N ALA O 164 -6.72 -47.33 6.80
CA ALA O 164 -5.96 -46.36 6.01
C ALA O 164 -5.70 -46.82 4.59
N GLN O 165 -5.66 -48.13 4.33
CA GLN O 165 -5.34 -48.60 2.99
C GLN O 165 -6.55 -48.42 2.06
N SER O 166 -6.28 -48.47 0.77
CA SER O 166 -7.30 -48.22 -0.24
C SER O 166 -7.97 -49.52 -0.70
N VAL O 167 -9.09 -49.36 -1.42
CA VAL O 167 -9.87 -50.50 -1.87
C VAL O 167 -9.14 -51.28 -2.94
N GLU O 168 -8.54 -50.57 -3.90
CA GLU O 168 -7.85 -51.22 -5.02
C GLU O 168 -6.47 -51.76 -4.67
N GLY O 169 -5.78 -51.15 -3.72
CA GLY O 169 -4.45 -51.59 -3.36
C GLY O 169 -3.38 -50.89 -4.16
N PRO O 170 -2.12 -51.06 -3.76
CA PRO O 170 -1.04 -50.47 -4.53
C PRO O 170 -0.71 -51.29 -5.77
N SER O 171 0.10 -50.69 -6.65
CA SER O 171 0.40 -51.30 -7.94
C SER O 171 1.28 -52.53 -7.81
N GLU O 172 2.10 -52.60 -6.76
CA GLU O 172 2.98 -53.75 -6.60
C GLU O 172 2.22 -54.96 -6.05
N ASN O 173 1.11 -54.75 -5.35
CA ASN O 173 0.28 -55.88 -4.98
C ASN O 173 -0.47 -56.46 -6.17
N VAL O 174 -0.99 -55.60 -7.06
CA VAL O 174 -1.72 -56.02 -8.24
C VAL O 174 -0.87 -56.89 -9.15
N ARG O 175 0.42 -56.60 -9.23
CA ARG O 175 1.32 -57.37 -10.05
C ARG O 175 1.73 -58.71 -9.43
N LYS O 176 1.45 -58.94 -8.15
CA LYS O 176 1.92 -60.15 -7.49
C LYS O 176 0.84 -61.06 -6.93
N LEU O 177 -0.42 -60.66 -6.97
CA LEU O 177 -1.50 -61.47 -6.40
C LEU O 177 -1.73 -62.77 -7.17
N SER O 178 -1.36 -63.93 -6.59
CA SER O 178 -1.43 -65.27 -7.19
C SER O 178 -2.81 -65.84 -7.15
N ARG O 179 -2.98 -67.02 -7.67
CA ARG O 179 -4.29 -67.69 -7.65
C ARG O 179 -4.63 -68.21 -6.26
N ALA O 180 -3.63 -68.73 -5.55
CA ALA O 180 -3.84 -69.25 -4.20
C ALA O 180 -4.16 -68.15 -3.20
N ASP O 181 -3.76 -66.91 -3.48
CA ASP O 181 -4.17 -65.81 -2.64
C ASP O 181 -5.64 -65.49 -2.82
N LEU O 182 -6.19 -65.75 -3.99
CA LEU O 182 -7.59 -65.41 -4.27
C LEU O 182 -8.56 -66.50 -3.83
N THR O 183 -8.18 -67.77 -3.95
CA THR O 183 -9.02 -68.85 -3.45
C THR O 183 -9.03 -68.88 -1.93
N GLU O 184 -7.95 -68.45 -1.29
CA GLU O 184 -7.93 -68.34 0.15
C GLU O 184 -8.74 -67.15 0.66
N TYR O 185 -8.87 -66.09 -0.13
CA TYR O 185 -9.71 -64.97 0.25
C TYR O 185 -11.19 -65.34 0.20
N VAL O 186 -11.58 -66.19 -0.75
CA VAL O 186 -12.98 -66.53 -0.91
C VAL O 186 -13.43 -67.49 0.18
N SER O 187 -12.58 -68.47 0.52
CA SER O 187 -12.89 -69.45 1.55
C SER O 187 -12.93 -68.88 2.95
N GLN O 188 -12.42 -67.67 3.15
CA GLN O 188 -12.33 -67.03 4.45
C GLN O 188 -13.40 -65.99 4.69
N HIS O 189 -13.81 -65.24 3.66
CA HIS O 189 -14.77 -64.17 3.86
C HIS O 189 -16.12 -64.41 3.22
N TYR O 190 -16.26 -65.39 2.34
CA TYR O 190 -17.55 -65.63 1.67
C TYR O 190 -18.22 -66.81 2.36
N LYS O 191 -18.71 -66.56 3.56
CA LYS O 191 -19.30 -67.57 4.43
C LYS O 191 -20.70 -67.10 4.77
N ALA O 192 -21.62 -68.02 5.02
CA ALA O 192 -22.92 -67.44 5.31
C ALA O 192 -23.41 -67.57 6.74
N PRO O 193 -22.71 -67.02 7.73
CA PRO O 193 -23.39 -66.24 8.78
C PRO O 193 -23.20 -64.77 8.48
N ARG O 194 -22.57 -64.50 7.35
CA ARG O 194 -22.00 -63.21 7.00
C ARG O 194 -22.66 -62.59 5.76
N MET O 195 -23.58 -63.29 5.11
CA MET O 195 -24.20 -62.84 3.87
C MET O 195 -25.66 -62.53 4.11
N VAL O 196 -26.21 -61.62 3.31
CA VAL O 196 -27.63 -61.29 3.32
C VAL O 196 -28.17 -61.41 1.90
N LEU O 197 -29.29 -62.12 1.75
CA LEU O 197 -30.02 -62.21 0.47
C LEU O 197 -31.23 -61.31 0.54
N ALA O 198 -31.20 -60.19 -0.19
CA ALA O 198 -32.26 -59.19 -0.16
C ALA O 198 -33.00 -59.13 -1.50
N ALA O 199 -34.22 -58.59 -1.47
CA ALA O 199 -35.06 -58.48 -2.65
C ALA O 199 -36.13 -57.41 -2.44
N ALA O 200 -36.53 -56.74 -3.50
CA ALA O 200 -37.58 -55.74 -3.42
C ALA O 200 -38.34 -55.67 -4.74
N GLY O 201 -39.58 -55.21 -4.66
CA GLY O 201 -40.44 -55.13 -5.84
C GLY O 201 -41.64 -56.04 -5.76
N GLY O 202 -41.93 -56.77 -6.84
CA GLY O 202 -42.96 -57.79 -6.77
C GLY O 202 -42.36 -59.14 -6.45
N VAL O 203 -42.32 -59.48 -5.16
CA VAL O 203 -41.65 -60.66 -4.63
C VAL O 203 -42.49 -61.14 -3.44
N GLU O 204 -42.74 -62.44 -3.38
CA GLU O 204 -43.28 -63.06 -2.17
C GLU O 204 -42.13 -63.58 -1.32
N HIS O 205 -42.24 -63.37 0.00
CA HIS O 205 -41.19 -63.81 0.92
C HIS O 205 -41.11 -65.33 1.00
N ARG O 206 -42.24 -66.01 0.86
CA ARG O 206 -42.26 -67.46 1.00
C ARG O 206 -41.65 -68.13 -0.23
N GLN O 207 -41.80 -67.51 -1.39
CA GLN O 207 -41.14 -68.04 -2.58
C GLN O 207 -39.64 -67.77 -2.54
N LEU O 208 -39.24 -66.61 -2.02
CA LEU O 208 -37.82 -66.29 -1.90
C LEU O 208 -37.13 -67.20 -0.90
N LEU O 209 -37.81 -67.53 0.20
CA LEU O 209 -37.29 -68.44 1.19
C LEU O 209 -37.14 -69.87 0.67
N ASP O 210 -38.08 -70.33 -0.15
CA ASP O 210 -37.99 -71.67 -0.72
C ASP O 210 -36.88 -71.77 -1.76
N LEU O 211 -36.60 -70.68 -2.48
CA LEU O 211 -35.49 -70.69 -3.43
C LEU O 211 -34.15 -70.60 -2.73
N ALA O 212 -34.10 -70.02 -1.53
CA ALA O 212 -32.85 -69.96 -0.79
C ALA O 212 -32.48 -71.33 -0.21
N GLN O 213 -33.46 -72.12 0.20
CA GLN O 213 -33.18 -73.46 0.69
C GLN O 213 -32.71 -74.38 -0.43
N LYS O 214 -33.15 -74.11 -1.66
CA LYS O 214 -32.80 -74.94 -2.79
C LYS O 214 -31.39 -74.67 -3.30
N HIS O 215 -30.96 -73.42 -3.32
CA HIS O 215 -29.71 -73.06 -3.98
C HIS O 215 -28.59 -72.68 -3.03
N PHE O 216 -28.87 -72.27 -1.79
CA PHE O 216 -27.85 -71.76 -0.90
C PHE O 216 -27.47 -72.67 0.24
N SER O 217 -28.19 -73.77 0.48
CA SER O 217 -27.97 -74.58 1.67
C SER O 217 -26.74 -75.48 1.56
N SER O 218 -25.99 -75.42 0.47
CA SER O 218 -24.74 -76.15 0.32
C SER O 218 -23.55 -75.44 0.96
N LEU O 219 -23.72 -74.22 1.44
CA LEU O 219 -22.66 -73.55 2.19
C LEU O 219 -22.52 -74.21 3.56
N SER O 220 -21.27 -74.36 4.01
CA SER O 220 -21.02 -75.09 5.27
C SER O 220 -21.42 -74.24 6.46
N GLY O 221 -22.29 -74.78 7.31
CA GLY O 221 -23.04 -73.96 8.25
C GLY O 221 -22.41 -73.90 9.62
N THR O 222 -21.17 -73.42 9.67
CA THR O 222 -20.39 -73.29 10.89
C THR O 222 -19.18 -72.41 10.65
N TYR O 223 -18.38 -72.19 11.68
CA TYR O 223 -17.10 -71.50 11.56
C TYR O 223 -15.99 -72.52 11.74
N VAL O 224 -15.76 -73.35 10.73
CA VAL O 224 -14.55 -74.18 10.69
C VAL O 224 -13.46 -73.34 10.06
N GLU O 225 -12.21 -73.82 10.21
CA GLU O 225 -10.88 -73.20 10.11
C GLU O 225 -10.62 -72.33 11.34
N ASP O 226 -11.55 -72.40 12.31
CA ASP O 226 -11.52 -71.74 13.65
C ASP O 226 -11.11 -70.28 13.59
N ALA O 227 -11.51 -69.60 12.51
CA ALA O 227 -11.20 -68.19 12.32
C ALA O 227 -12.36 -67.40 12.93
N VAL O 228 -12.23 -67.11 14.22
CA VAL O 228 -13.06 -66.10 14.88
C VAL O 228 -12.13 -64.92 15.12
N PRO O 229 -12.00 -64.00 14.17
CA PRO O 229 -11.07 -62.88 14.35
C PRO O 229 -11.66 -61.82 15.26
N ALA O 230 -10.79 -61.27 16.10
CA ALA O 230 -11.18 -60.21 17.02
C ALA O 230 -11.24 -58.89 16.26
N PHE O 231 -12.41 -58.25 16.28
CA PHE O 231 -12.53 -56.92 15.69
C PHE O 231 -11.79 -55.91 16.55
N THR O 232 -10.72 -55.34 16.00
CA THR O 232 -9.93 -54.36 16.74
C THR O 232 -10.14 -52.97 16.18
N PRO O 233 -10.35 -51.98 17.03
CA PRO O 233 -10.75 -50.66 16.53
C PRO O 233 -9.63 -49.86 15.87
N CYS O 234 -9.95 -48.66 15.43
CA CYS O 234 -9.04 -47.85 14.63
C CYS O 234 -8.96 -46.45 15.23
N ARG O 235 -7.76 -46.06 15.55
CA ARG O 235 -7.52 -44.72 16.09
C ARG O 235 -7.61 -43.58 15.06
N PHE O 236 -8.08 -42.40 15.40
CA PHE O 236 -8.03 -41.18 14.61
C PHE O 236 -6.81 -40.37 15.02
N THR O 237 -6.10 -39.78 14.07
CA THR O 237 -4.93 -38.96 14.32
C THR O 237 -5.01 -37.63 13.58
N GLY O 238 -4.97 -36.53 14.31
CA GLY O 238 -4.90 -35.21 13.70
C GLY O 238 -3.56 -34.95 13.05
N SER O 239 -3.54 -34.60 11.76
CA SER O 239 -2.37 -34.62 10.90
C SER O 239 -2.71 -34.03 9.52
N GLU O 240 -1.75 -34.13 8.58
CA GLU O 240 -1.85 -33.40 7.32
C GLU O 240 -1.01 -34.04 6.21
N ILE O 241 -1.53 -34.00 4.97
CA ILE O 241 -0.81 -34.36 3.73
C ILE O 241 -1.03 -33.24 2.72
N ARG O 242 0.06 -32.74 2.16
CA ARG O 242 0.10 -31.64 1.12
C ARG O 242 0.75 -32.04 -0.21
N HIS O 243 -0.01 -32.17 -1.34
CA HIS O 243 0.56 -32.50 -2.65
C HIS O 243 0.50 -31.23 -3.52
N ARG O 244 1.70 -30.69 -3.61
CA ARG O 244 2.00 -29.51 -4.44
C ARG O 244 2.26 -29.84 -5.93
N ASP O 245 1.35 -29.33 -6.71
CA ASP O 245 1.30 -29.33 -8.18
C ASP O 245 0.64 -28.10 -8.79
N ASP O 246 1.41 -27.18 -9.22
CA ASP O 246 1.04 -25.87 -9.80
C ASP O 246 0.49 -25.82 -11.24
N ALA O 247 0.74 -26.87 -12.05
CA ALA O 247 0.15 -27.09 -13.36
C ALA O 247 -1.27 -27.60 -13.25
N LEU O 248 -1.84 -27.99 -12.11
CA LEU O 248 -3.28 -28.23 -12.15
C LEU O 248 -4.03 -26.91 -12.07
N PRO O 249 -5.22 -26.82 -12.69
CA PRO O 249 -5.91 -25.53 -12.74
C PRO O 249 -6.63 -25.12 -11.45
N LEU O 250 -7.21 -26.07 -10.72
CA LEU O 250 -7.95 -25.79 -9.49
C LEU O 250 -7.43 -26.68 -8.36
N ALA O 251 -7.69 -26.27 -7.13
CA ALA O 251 -7.22 -26.99 -5.94
C ALA O 251 -8.36 -27.68 -5.19
N HIS O 252 -8.05 -28.85 -4.62
CA HIS O 252 -8.99 -29.67 -3.84
C HIS O 252 -8.53 -29.76 -2.39
N VAL O 253 -9.42 -29.44 -1.44
CA VAL O 253 -9.12 -29.50 0.00
C VAL O 253 -10.28 -30.23 0.71
N ALA O 254 -9.93 -31.16 1.61
CA ALA O 254 -10.87 -31.82 2.52
C ALA O 254 -10.39 -31.78 3.97
N ILE O 255 -11.31 -31.54 4.91
CA ILE O 255 -11.02 -31.32 6.33
C ILE O 255 -11.99 -32.20 7.13
N ALA O 256 -11.50 -32.90 8.16
CA ALA O 256 -12.37 -33.78 8.94
C ALA O 256 -11.97 -33.87 10.42
N VAL O 257 -12.98 -33.98 11.28
CA VAL O 257 -12.82 -34.41 12.68
C VAL O 257 -13.39 -35.81 12.81
N GLU O 258 -13.12 -36.44 13.95
CA GLU O 258 -13.61 -37.79 14.20
C GLU O 258 -15.09 -37.78 14.50
N GLY O 259 -15.83 -38.67 13.83
CA GLY O 259 -17.26 -38.75 14.01
C GLY O 259 -17.71 -40.04 14.66
N PRO O 260 -19.02 -40.17 14.87
CA PRO O 260 -19.55 -41.38 15.52
C PRO O 260 -19.72 -42.53 14.53
N GLY O 261 -19.70 -43.74 15.06
CA GLY O 261 -19.96 -44.92 14.25
C GLY O 261 -21.42 -45.08 13.87
N TRP O 262 -21.72 -46.26 13.35
CA TRP O 262 -23.01 -46.52 12.69
C TRP O 262 -24.19 -46.48 13.66
N ALA O 263 -24.05 -47.14 14.82
CA ALA O 263 -25.16 -47.33 15.73
C ALA O 263 -25.23 -46.29 16.83
N ASN O 264 -24.46 -45.22 16.73
CA ASN O 264 -24.47 -44.17 17.74
C ASN O 264 -25.69 -43.29 17.52
N PRO O 265 -26.48 -42.99 18.56
CA PRO O 265 -27.62 -42.08 18.40
C PRO O 265 -27.24 -40.62 18.17
N ASP O 266 -25.95 -40.27 18.24
CA ASP O 266 -25.52 -38.90 17.94
C ASP O 266 -25.64 -38.58 16.45
N ASN O 267 -25.73 -39.60 15.60
CA ASN O 267 -25.73 -39.46 14.15
C ASN O 267 -26.89 -38.65 13.60
N VAL O 268 -28.05 -38.70 14.24
CA VAL O 268 -29.21 -37.95 13.74
C VAL O 268 -29.07 -36.44 14.01
N PRO O 269 -28.70 -35.94 15.21
CA PRO O 269 -28.47 -34.48 15.29
C PRO O 269 -27.23 -33.98 14.56
N LEU O 270 -26.27 -34.84 14.22
CA LEU O 270 -25.12 -34.37 13.47
C LEU O 270 -25.40 -34.22 11.98
N GLN O 271 -26.48 -34.80 11.45
CA GLN O 271 -26.81 -34.52 10.06
C GLN O 271 -27.96 -33.53 9.91
N VAL O 272 -28.61 -33.15 11.00
CA VAL O 272 -29.37 -31.90 11.01
C VAL O 272 -28.42 -30.71 10.93
N ALA O 273 -27.23 -30.87 11.52
CA ALA O 273 -26.23 -29.80 11.55
C ALA O 273 -25.54 -29.62 10.20
N ASN O 274 -25.20 -30.72 9.52
CA ASN O 274 -24.60 -30.60 8.19
C ASN O 274 -25.59 -30.09 7.16
N ALA O 275 -26.89 -30.33 7.36
CA ALA O 275 -27.88 -29.75 6.45
C ALA O 275 -28.05 -28.25 6.64
N ILE O 276 -27.55 -27.68 7.73
CA ILE O 276 -27.59 -26.22 7.89
C ILE O 276 -26.42 -25.57 7.16
N ILE O 277 -25.27 -26.23 7.10
CA ILE O 277 -24.16 -25.72 6.29
C ILE O 277 -24.45 -25.86 4.79
N GLY O 278 -24.88 -27.02 4.33
CA GLY O 278 -25.34 -27.16 2.97
C GLY O 278 -24.30 -27.61 1.95
N HIS O 279 -24.61 -27.30 0.68
CA HIS O 279 -23.73 -27.60 -0.45
C HIS O 279 -23.94 -26.52 -1.50
N TYR O 280 -23.02 -26.42 -2.46
CA TYR O 280 -23.10 -25.38 -3.48
C TYR O 280 -22.36 -25.83 -4.74
N ASP O 281 -22.78 -25.29 -5.87
CA ASP O 281 -22.13 -25.45 -7.15
C ASP O 281 -22.39 -24.22 -7.99
N SER O 282 -21.47 -23.91 -8.91
CA SER O 282 -21.58 -22.71 -9.75
C SER O 282 -22.73 -22.74 -10.75
N THR O 283 -23.30 -23.91 -11.03
CA THR O 283 -24.45 -23.98 -11.91
C THR O 283 -25.79 -23.91 -11.18
N TYR O 284 -25.82 -23.60 -9.89
CA TYR O 284 -27.09 -23.47 -9.17
C TYR O 284 -27.81 -22.21 -9.59
N GLY O 285 -29.12 -22.23 -9.45
CA GLY O 285 -29.93 -21.15 -9.95
C GLY O 285 -30.18 -19.99 -9.04
N GLY O 286 -30.07 -20.14 -7.73
CA GLY O 286 -30.51 -19.05 -6.87
C GLY O 286 -29.52 -18.52 -5.85
N GLY O 287 -28.24 -18.44 -6.20
CA GLY O 287 -27.22 -17.87 -5.34
C GLY O 287 -27.46 -16.43 -4.96
N THR O 288 -26.83 -16.00 -3.85
CA THR O 288 -26.96 -14.71 -3.14
C THR O 288 -28.29 -14.59 -2.41
N HIS O 289 -29.21 -15.52 -2.62
CA HIS O 289 -30.48 -15.57 -1.95
C HIS O 289 -30.62 -16.81 -1.10
N MET O 290 -29.64 -17.70 -1.13
CA MET O 290 -29.75 -19.00 -0.48
C MET O 290 -29.65 -18.87 1.04
N SER O 291 -30.31 -19.79 1.74
CA SER O 291 -30.44 -19.77 3.19
C SER O 291 -29.13 -20.09 3.90
N SER O 292 -28.28 -20.90 3.28
CA SER O 292 -26.98 -21.16 3.84
C SER O 292 -26.11 -19.92 3.72
N THR O 293 -25.38 -19.62 4.78
CA THR O 293 -24.51 -18.45 4.85
C THR O 293 -23.25 -18.64 4.02
N LEU O 294 -22.69 -19.84 4.05
CA LEU O 294 -21.51 -20.14 3.23
C LEU O 294 -21.82 -20.18 1.75
N ALA O 295 -23.04 -20.57 1.38
CA ALA O 295 -23.42 -20.60 -0.03
C ALA O 295 -23.76 -19.21 -0.56
N SER O 296 -24.34 -18.36 0.28
CA SER O 296 -24.69 -17.01 -0.14
C SER O 296 -23.45 -16.14 -0.32
N VAL O 297 -22.40 -16.39 0.46
CA VAL O 297 -21.16 -15.62 0.40
C VAL O 297 -20.30 -16.07 -0.77
N ALA O 298 -20.22 -17.38 -1.02
CA ALA O 298 -19.39 -17.89 -2.10
C ALA O 298 -20.00 -17.59 -3.46
N ALA O 299 -21.30 -17.30 -3.51
CA ALA O 299 -21.92 -16.89 -4.77
C ALA O 299 -21.74 -15.40 -5.02
N THR O 300 -21.80 -14.58 -3.97
CA THR O 300 -21.72 -13.13 -4.14
C THR O 300 -20.30 -12.68 -4.51
N ARG O 301 -19.30 -13.30 -3.90
CA ARG O 301 -17.92 -12.93 -4.13
C ARG O 301 -17.22 -13.84 -5.12
N LYS O 302 -17.93 -14.86 -5.62
CA LYS O 302 -17.41 -15.86 -6.56
C LYS O 302 -16.17 -16.55 -6.02
N LEU O 303 -16.33 -17.11 -4.82
CA LEU O 303 -15.19 -17.62 -4.05
C LEU O 303 -14.78 -19.04 -4.43
N CYS O 304 -15.70 -19.91 -4.85
CA CYS O 304 -15.35 -21.29 -5.17
C CYS O 304 -16.11 -21.78 -6.38
N GLN O 305 -15.74 -22.97 -6.84
CA GLN O 305 -16.58 -23.72 -7.77
C GLN O 305 -17.66 -24.51 -7.04
N SER O 306 -17.32 -25.21 -5.96
CA SER O 306 -18.26 -26.07 -5.26
C SER O 306 -17.77 -26.39 -3.84
N PHE O 307 -18.72 -26.71 -2.96
CA PHE O 307 -18.42 -27.35 -1.69
C PHE O 307 -19.54 -28.30 -1.26
N GLN O 308 -19.21 -29.29 -0.45
CA GLN O 308 -20.19 -30.19 0.16
C GLN O 308 -19.70 -30.70 1.53
N THR O 309 -20.65 -30.95 2.42
CA THR O 309 -20.40 -31.58 3.72
C THR O 309 -20.64 -33.07 3.65
N PHE O 310 -19.91 -33.83 4.47
CA PHE O 310 -20.06 -35.28 4.47
C PHE O 310 -20.14 -35.82 5.88
N ASN O 311 -20.63 -37.06 6.00
CA ASN O 311 -20.72 -37.74 7.28
C ASN O 311 -20.56 -39.24 7.00
N ILE O 312 -19.35 -39.72 7.13
CA ILE O 312 -19.01 -41.09 6.74
C ILE O 312 -18.86 -41.95 7.98
N CYS O 313 -19.56 -43.08 8.04
CA CYS O 313 -19.62 -43.91 9.23
C CYS O 313 -18.98 -45.26 9.00
N TYR O 314 -18.32 -45.78 10.03
CA TYR O 314 -17.85 -47.15 10.11
C TYR O 314 -18.42 -47.75 11.38
N ALA O 315 -17.95 -48.94 11.74
CA ALA O 315 -18.52 -49.66 12.87
C ALA O 315 -18.24 -48.97 14.20
N GLU O 316 -17.01 -48.51 14.39
CA GLU O 316 -16.61 -47.89 15.65
C GLU O 316 -16.17 -46.44 15.53
N THR O 317 -15.83 -45.96 14.33
CA THR O 317 -15.29 -44.62 14.15
C THR O 317 -15.84 -44.01 12.87
N GLY O 318 -15.46 -42.77 12.56
CA GLY O 318 -16.03 -42.09 11.41
C GLY O 318 -15.29 -40.83 11.05
N LEU O 319 -15.74 -40.20 9.96
CA LEU O 319 -15.21 -38.93 9.46
C LEU O 319 -16.33 -37.94 9.27
N LEU O 320 -16.13 -36.72 9.72
CA LEU O 320 -17.13 -35.68 9.66
C LEU O 320 -16.47 -34.38 9.21
N GLY O 321 -16.97 -33.77 8.14
CA GLY O 321 -16.30 -32.57 7.64
C GLY O 321 -16.85 -32.05 6.33
N ALA O 322 -15.96 -31.51 5.51
CA ALA O 322 -16.33 -30.82 4.27
C ALA O 322 -15.21 -30.91 3.23
N HIS O 323 -15.57 -30.66 1.97
CA HIS O 323 -14.67 -30.67 0.82
C HIS O 323 -15.02 -29.50 -0.08
N PHE O 324 -14.01 -28.81 -0.63
CA PHE O 324 -14.26 -27.68 -1.52
C PHE O 324 -13.23 -27.61 -2.65
N VAL O 325 -13.60 -26.91 -3.73
CA VAL O 325 -12.79 -26.72 -4.94
C VAL O 325 -12.77 -25.23 -5.28
N CYS O 326 -11.57 -24.66 -5.43
CA CYS O 326 -11.42 -23.23 -5.70
C CYS O 326 -10.09 -22.98 -6.42
N ASP O 327 -9.88 -21.72 -6.80
CA ASP O 327 -8.62 -21.33 -7.43
C ASP O 327 -7.58 -20.93 -6.37
N ASN O 328 -6.38 -20.59 -6.87
CA ASN O 328 -5.20 -20.52 -6.00
C ASN O 328 -5.22 -19.31 -5.06
N MET O 329 -5.94 -18.25 -5.40
CA MET O 329 -6.00 -17.06 -4.56
C MET O 329 -7.21 -17.02 -3.65
N SER O 330 -7.89 -18.15 -3.43
CA SER O 330 -9.13 -18.18 -2.71
C SER O 330 -9.17 -19.16 -1.54
N ILE O 331 -8.09 -19.91 -1.29
CA ILE O 331 -8.12 -21.00 -0.32
C ILE O 331 -8.25 -20.45 1.10
N ASP O 332 -7.57 -19.34 1.39
CA ASP O 332 -7.51 -18.81 2.75
C ASP O 332 -8.85 -18.24 3.19
N ASP O 333 -9.55 -17.53 2.31
CA ASP O 333 -10.88 -17.06 2.66
C ASP O 333 -11.90 -18.19 2.73
N MET O 334 -11.64 -19.31 2.06
CA MET O 334 -12.56 -20.44 2.16
C MET O 334 -12.45 -21.14 3.49
N MET O 335 -11.22 -21.30 4.00
CA MET O 335 -11.03 -21.96 5.28
C MET O 335 -11.51 -21.09 6.42
N PHE O 336 -11.45 -19.77 6.24
CA PHE O 336 -11.87 -18.84 7.28
C PHE O 336 -13.38 -18.88 7.49
N PHE O 337 -14.15 -18.83 6.39
CA PHE O 337 -15.60 -18.76 6.49
C PHE O 337 -16.22 -20.10 6.88
N LEU O 338 -15.58 -21.22 6.51
CA LEU O 338 -16.11 -22.53 6.88
C LEU O 338 -15.95 -22.80 8.37
N GLN O 339 -14.77 -22.51 8.93
CA GLN O 339 -14.53 -22.73 10.34
C GLN O 339 -15.33 -21.78 11.22
N GLY O 340 -15.69 -20.61 10.68
CA GLY O 340 -16.59 -19.72 11.38
C GLY O 340 -18.01 -20.23 11.47
N GLN O 341 -18.41 -21.14 10.59
CA GLN O 341 -19.74 -21.72 10.65
C GLN O 341 -19.82 -22.88 11.62
N TRP O 342 -18.73 -23.64 11.77
CA TRP O 342 -18.67 -24.69 12.77
C TRP O 342 -18.72 -24.11 14.17
N MET O 343 -18.04 -22.98 14.37
CA MET O 343 -18.02 -22.34 15.69
C MET O 343 -19.33 -21.64 15.99
N ARG O 344 -19.98 -21.05 15.06
CA ARG O 344 -21.30 -20.45 15.28
C ARG O 344 -22.37 -21.52 15.62
N LEU O 345 -22.16 -22.80 15.31
CA LEU O 345 -23.15 -23.80 15.70
C LEU O 345 -22.88 -24.37 17.08
N CYS O 346 -21.62 -24.37 17.52
CA CYS O 346 -21.29 -24.83 18.87
C CYS O 346 -21.87 -23.91 19.93
N THR O 347 -21.98 -22.62 19.62
CA THR O 347 -22.73 -21.64 20.40
C THR O 347 -23.88 -21.22 19.50
N SER O 348 -24.68 -20.24 19.88
CA SER O 348 -25.47 -19.42 18.95
C SER O 348 -26.46 -20.05 17.98
N ALA O 349 -26.68 -21.37 18.01
CA ALA O 349 -27.53 -22.00 17.00
C ALA O 349 -29.01 -21.77 17.30
N THR O 350 -29.74 -21.25 16.32
CA THR O 350 -31.10 -20.77 16.51
C THR O 350 -32.11 -21.88 16.27
N GLU O 351 -33.32 -21.69 16.80
CA GLU O 351 -34.38 -22.66 16.63
C GLU O 351 -34.95 -22.62 15.21
N SER O 352 -34.85 -21.49 14.54
CA SER O 352 -35.40 -21.37 13.20
C SER O 352 -34.51 -22.05 12.16
N GLU O 353 -33.26 -22.08 12.33
CA GLU O 353 -32.36 -22.81 11.47
C GLU O 353 -32.53 -24.31 11.74
N VAL O 354 -32.88 -24.81 12.94
CA VAL O 354 -33.01 -26.23 13.20
C VAL O 354 -34.31 -26.78 12.64
N VAL O 355 -35.32 -25.93 12.44
CA VAL O 355 -36.52 -26.35 11.75
C VAL O 355 -36.25 -26.59 10.27
N ARG O 356 -35.42 -25.75 9.65
CA ARG O 356 -35.05 -25.97 8.25
C ARG O 356 -34.17 -27.20 8.08
N GLY O 357 -33.24 -27.43 9.01
CA GLY O 357 -32.38 -28.59 8.91
C GLY O 357 -33.07 -29.92 9.17
N LYS O 358 -34.18 -29.89 9.88
CA LYS O 358 -34.99 -31.10 10.07
C LYS O 358 -35.86 -31.37 8.86
N ASN O 359 -36.36 -30.32 8.20
CA ASN O 359 -37.15 -30.49 6.99
C ASN O 359 -36.31 -30.99 5.81
N ILE O 360 -35.04 -30.61 5.77
CA ILE O 360 -34.16 -31.07 4.70
C ILE O 360 -33.88 -32.56 4.85
N LEU O 361 -33.65 -33.01 6.09
CA LEU O 361 -33.30 -34.40 6.34
C LEU O 361 -34.50 -35.34 6.15
N ARG O 362 -35.71 -34.87 6.44
CA ARG O 362 -36.90 -35.67 6.16
C ARG O 362 -37.06 -35.89 4.66
N ASN O 363 -36.81 -34.85 3.86
CA ASN O 363 -36.97 -34.95 2.41
C ASN O 363 -35.89 -35.81 1.79
N ALA O 364 -34.68 -35.80 2.35
CA ALA O 364 -33.58 -36.52 1.74
C ALA O 364 -33.71 -38.02 1.93
N LEU O 365 -34.34 -38.47 3.01
CA LEU O 365 -34.42 -39.91 3.23
C LEU O 365 -35.67 -40.53 2.62
N VAL O 366 -36.72 -39.77 2.32
CA VAL O 366 -37.80 -40.39 1.56
C VAL O 366 -37.54 -40.32 0.06
N SER O 367 -36.70 -39.39 -0.39
CA SER O 367 -36.42 -39.30 -1.81
C SER O 367 -35.36 -40.30 -2.24
N HIS O 368 -34.57 -40.78 -1.28
CA HIS O 368 -33.58 -41.81 -1.58
C HIS O 368 -34.20 -43.20 -1.72
N LEU O 369 -35.48 -43.39 -1.40
CA LEU O 369 -36.07 -44.72 -1.42
C LEU O 369 -37.13 -44.83 -2.51
N ASP O 370 -36.79 -44.38 -3.71
CA ASP O 370 -37.71 -44.32 -4.85
C ASP O 370 -37.20 -45.26 -5.95
N GLY O 371 -37.80 -46.46 -6.04
CA GLY O 371 -37.35 -47.46 -6.98
C GLY O 371 -36.88 -48.73 -6.29
N THR O 372 -36.78 -49.84 -7.02
CA THR O 372 -36.49 -51.11 -6.36
C THR O 372 -35.02 -51.26 -6.02
N THR O 373 -34.12 -50.68 -6.81
CA THR O 373 -32.70 -50.80 -6.52
C THR O 373 -32.27 -50.02 -5.29
N PRO O 374 -32.70 -48.76 -5.05
CA PRO O 374 -32.33 -48.15 -3.76
C PRO O 374 -33.01 -48.75 -2.53
N VAL O 375 -34.21 -49.31 -2.65
CA VAL O 375 -34.84 -49.98 -1.52
C VAL O 375 -34.10 -51.28 -1.18
N CYS O 376 -33.69 -52.05 -2.19
CA CYS O 376 -33.01 -53.32 -1.96
C CYS O 376 -31.62 -53.13 -1.37
N GLU O 377 -30.97 -52.02 -1.67
CA GLU O 377 -29.67 -51.72 -1.07
C GLU O 377 -29.81 -51.25 0.36
N ASP O 378 -30.90 -50.56 0.67
CA ASP O 378 -31.18 -50.18 2.06
C ASP O 378 -31.52 -51.39 2.92
N ILE O 379 -32.09 -52.43 2.34
CA ILE O 379 -32.35 -53.65 3.10
C ILE O 379 -31.06 -54.41 3.35
N GLY O 380 -30.22 -54.52 2.32
CA GLY O 380 -29.09 -55.43 2.41
C GLY O 380 -27.95 -54.92 3.27
N ARG O 381 -27.83 -53.61 3.42
CA ARG O 381 -26.77 -53.11 4.26
C ARG O 381 -27.24 -52.61 5.62
N SER O 382 -28.54 -52.43 5.84
CA SER O 382 -29.03 -52.19 7.20
C SER O 382 -28.93 -53.45 8.06
N LEU O 383 -29.10 -54.62 7.45
CA LEU O 383 -28.97 -55.86 8.22
C LEU O 383 -27.53 -56.22 8.53
N LEU O 384 -26.54 -55.61 7.88
CA LEU O 384 -25.16 -55.80 8.26
C LEU O 384 -24.64 -54.70 9.17
N THR O 385 -25.35 -53.58 9.26
CA THR O 385 -24.94 -52.42 10.05
C THR O 385 -25.71 -52.29 11.36
N TYR O 386 -27.04 -52.36 11.32
CA TYR O 386 -27.86 -52.25 12.50
C TYR O 386 -28.42 -53.57 12.99
N GLY O 387 -28.34 -54.63 12.18
CA GLY O 387 -29.00 -55.88 12.50
C GLY O 387 -30.48 -55.92 12.20
N ARG O 388 -30.99 -54.88 11.66
CA ARG O 388 -32.38 -54.80 11.32
C ARG O 388 -32.60 -53.62 10.38
N ARG O 389 -33.79 -53.42 9.84
CA ARG O 389 -34.22 -52.27 9.07
C ARG O 389 -34.98 -51.30 9.97
N ILE O 390 -34.49 -50.09 10.14
CA ILE O 390 -35.16 -49.03 10.92
C ILE O 390 -36.26 -48.58 10.00
N PRO O 391 -37.50 -48.77 10.41
CA PRO O 391 -38.57 -48.27 9.57
C PRO O 391 -38.65 -46.71 9.41
N LEU O 392 -39.39 -46.17 8.44
CA LEU O 392 -39.42 -44.72 8.27
C LEU O 392 -40.16 -44.01 9.39
N ALA O 393 -41.06 -44.70 10.09
CA ALA O 393 -41.75 -44.08 11.21
C ALA O 393 -40.82 -43.93 12.41
N GLU O 394 -39.82 -44.80 12.53
CA GLU O 394 -38.86 -44.68 13.62
C GLU O 394 -37.81 -43.62 13.34
N TRP O 395 -37.46 -43.39 12.07
CA TRP O 395 -36.58 -42.29 11.73
C TRP O 395 -37.23 -40.95 12.03
N GLU O 396 -38.55 -40.88 11.87
CA GLU O 396 -39.23 -39.61 12.03
C GLU O 396 -39.45 -39.24 13.49
N SER O 397 -39.47 -40.22 14.39
CA SER O 397 -39.57 -39.89 15.80
C SER O 397 -38.21 -39.55 16.41
N ARG O 398 -37.12 -39.99 15.78
CA ARG O 398 -35.80 -39.56 16.21
C ARG O 398 -35.41 -38.18 15.71
N ILE O 399 -36.11 -37.67 14.69
CA ILE O 399 -35.83 -36.37 14.11
C ILE O 399 -36.64 -35.33 14.88
N ALA O 400 -37.81 -35.72 15.36
CA ALA O 400 -38.69 -34.80 16.07
C ALA O 400 -38.14 -34.42 17.45
N GLU O 401 -37.21 -35.19 17.99
CA GLU O 401 -36.67 -34.92 19.32
C GLU O 401 -35.62 -33.81 19.29
N VAL O 402 -34.92 -33.65 18.17
CA VAL O 402 -33.86 -32.66 17.99
C VAL O 402 -34.40 -31.23 18.16
N ASP O 403 -33.77 -30.44 19.01
CA ASP O 403 -34.02 -29.00 19.11
C ASP O 403 -32.68 -28.26 19.08
N ALA O 404 -32.75 -26.94 19.26
CA ALA O 404 -31.56 -26.10 19.13
C ALA O 404 -30.54 -26.33 20.24
N SER O 405 -30.97 -26.77 21.42
CA SER O 405 -30.02 -27.04 22.48
C SER O 405 -29.38 -28.42 22.35
N VAL O 406 -30.06 -29.38 21.70
CA VAL O 406 -29.40 -30.63 21.37
C VAL O 406 -28.32 -30.42 20.32
N VAL O 407 -28.61 -29.65 19.28
CA VAL O 407 -27.66 -29.40 18.20
C VAL O 407 -26.44 -28.65 18.72
N ARG O 408 -26.65 -27.63 19.57
CA ARG O 408 -25.62 -26.82 20.31
C ARG O 408 -24.77 -27.67 21.25
N GLU O 409 -25.29 -28.75 21.75
CA GLU O 409 -24.54 -29.62 22.63
C GLU O 409 -23.70 -30.66 21.88
N VAL O 410 -24.25 -31.26 20.83
CA VAL O 410 -23.55 -32.34 20.13
C VAL O 410 -22.42 -31.77 19.26
N CYS O 411 -22.57 -30.54 18.77
CA CYS O 411 -21.52 -29.93 17.99
C CYS O 411 -20.32 -29.54 18.85
N SER O 412 -20.54 -29.14 20.10
CA SER O 412 -19.44 -28.84 20.99
C SER O 412 -18.65 -30.08 21.37
N LYS O 413 -19.30 -31.23 21.42
CA LYS O 413 -18.60 -32.47 21.72
C LYS O 413 -17.66 -32.88 20.60
N TYR O 414 -18.01 -32.61 19.35
CA TYR O 414 -17.26 -33.18 18.24
C TYR O 414 -16.34 -32.19 17.51
N PHE O 415 -16.58 -30.90 17.64
CA PHE O 415 -15.85 -29.91 16.86
C PHE O 415 -14.88 -29.06 17.68
N TYR O 416 -15.33 -28.51 18.81
CA TYR O 416 -14.72 -27.37 19.61
C TYR O 416 -13.20 -27.24 19.90
N ASP O 417 -12.53 -28.17 20.42
CA ASP O 417 -11.07 -27.89 20.52
C ASP O 417 -10.45 -29.16 20.08
N GLN O 418 -10.67 -29.54 18.89
CA GLN O 418 -10.25 -30.85 18.40
C GLN O 418 -9.24 -30.64 17.35
N CYS O 419 -8.45 -31.62 17.16
CA CYS O 419 -7.39 -31.62 16.15
C CYS O 419 -8.01 -32.16 14.87
N PRO O 420 -8.06 -31.43 13.75
CA PRO O 420 -8.62 -32.04 12.54
C PRO O 420 -7.59 -32.76 11.68
N ALA O 421 -8.09 -33.45 10.65
CA ALA O 421 -7.23 -34.00 9.60
C ALA O 421 -7.50 -33.29 8.28
N VAL O 422 -6.42 -33.00 7.54
CA VAL O 422 -6.47 -32.14 6.35
C VAL O 422 -5.73 -32.83 5.20
N ALA O 423 -6.31 -32.77 3.99
CA ALA O 423 -5.63 -33.18 2.76
C ALA O 423 -5.82 -32.13 1.67
N GLY O 424 -4.78 -31.90 0.87
CA GLY O 424 -4.80 -30.91 -0.20
C GLY O 424 -4.04 -31.28 -1.47
N LEU O 425 -4.62 -30.94 -2.64
CA LEU O 425 -4.05 -31.25 -3.95
C LEU O 425 -4.07 -30.02 -4.84
N GLY O 426 -2.96 -29.75 -5.52
CA GLY O 426 -2.54 -28.42 -5.90
C GLY O 426 -3.32 -27.64 -6.90
N PRO O 427 -3.05 -26.32 -7.02
CA PRO O 427 -2.03 -25.42 -6.47
C PRO O 427 -2.30 -24.78 -5.08
N ILE O 428 -1.56 -25.20 -4.06
CA ILE O 428 -2.01 -25.05 -2.67
C ILE O 428 -1.05 -24.22 -1.82
N GLU O 429 -0.35 -23.24 -2.40
CA GLU O 429 0.60 -22.43 -1.65
C GLU O 429 -0.08 -21.53 -0.62
N GLN O 430 -1.33 -21.17 -0.82
CA GLN O 430 -2.05 -20.34 0.12
C GLN O 430 -2.93 -21.16 1.08
N LEU O 431 -2.79 -22.50 1.08
CA LEU O 431 -3.44 -23.33 2.12
C LEU O 431 -2.76 -22.98 3.47
N PRO O 432 -3.51 -22.43 4.48
CA PRO O 432 -2.92 -21.94 5.71
C PRO O 432 -2.21 -22.94 6.55
N ASP O 433 -1.18 -22.58 7.23
CA ASP O 433 -0.40 -23.48 8.14
C ASP O 433 -1.26 -24.30 9.18
N TYR O 434 -0.77 -25.50 9.58
CA TYR O 434 -1.52 -26.36 10.50
C TYR O 434 -1.75 -25.69 11.86
N ASN O 435 -0.78 -24.90 12.35
CA ASN O 435 -0.97 -24.15 13.58
C ASN O 435 -2.08 -23.12 13.44
N ARG O 436 -2.19 -22.50 12.27
CA ARG O 436 -3.25 -21.52 12.05
C ARG O 436 -4.60 -22.18 11.82
N ILE O 437 -4.63 -23.43 11.34
CA ILE O 437 -5.88 -24.16 11.21
C ILE O 437 -6.37 -24.64 12.57
N ARG O 438 -5.45 -25.14 13.39
CA ARG O 438 -5.78 -25.66 14.72
C ARG O 438 -6.22 -24.55 15.66
N SER O 439 -5.70 -23.34 15.48
CA SER O 439 -6.15 -22.20 16.27
C SER O 439 -7.52 -21.73 15.84
N GLY O 440 -7.95 -22.05 14.63
CA GLY O 440 -9.29 -21.74 14.21
C GLY O 440 -10.36 -22.62 14.79
N MET O 441 -10.00 -23.61 15.60
CA MET O 441 -11.01 -24.40 16.28
C MET O 441 -11.48 -23.78 17.59
N PHE O 442 -10.73 -22.86 18.22
CA PHE O 442 -11.29 -22.17 19.37
C PHE O 442 -11.78 -20.77 18.99
N TRP O 443 -12.42 -20.10 19.93
CA TRP O 443 -13.23 -18.95 19.62
C TRP O 443 -12.62 -17.69 20.26
N LEU O 444 -13.27 -16.55 20.06
CA LEU O 444 -12.75 -15.27 20.52
C LEU O 444 -13.53 -14.72 21.71
N ARG O 445 -14.86 -14.75 21.64
CA ARG O 445 -15.74 -14.12 22.64
C ARG O 445 -16.19 -15.13 23.70
N PHE O 446 -16.84 -16.20 23.25
CA PHE O 446 -17.37 -17.25 24.12
C PHE O 446 -16.24 -18.06 24.75
N PRO P 1 -53.35 -48.42 -7.14
CA PRO P 1 -54.55 -48.56 -7.95
C PRO P 1 -54.92 -47.24 -8.64
N GLN P 2 -56.22 -47.07 -8.93
CA GLN P 2 -56.83 -45.79 -9.27
C GLN P 2 -56.24 -45.16 -10.53
N ASP P 3 -56.03 -46.01 -11.54
CA ASP P 3 -54.87 -46.00 -12.44
C ASP P 3 -54.38 -44.61 -12.82
N LEU P 4 -55.29 -43.78 -13.33
CA LEU P 4 -55.07 -42.37 -13.65
C LEU P 4 -56.43 -41.76 -13.96
N GLU P 5 -56.69 -40.58 -13.43
CA GLU P 5 -57.82 -39.78 -13.89
C GLU P 5 -57.31 -38.82 -14.96
N PHE P 6 -58.06 -38.71 -16.05
CA PHE P 6 -57.61 -38.00 -17.24
C PHE P 6 -58.73 -37.09 -17.71
N THR P 7 -58.44 -35.81 -17.90
CA THR P 7 -59.47 -34.83 -18.21
C THR P 7 -58.92 -33.81 -19.21
N ARG P 8 -59.71 -33.47 -20.21
CA ARG P 8 -59.43 -32.34 -21.09
C ARG P 8 -60.40 -31.20 -20.78
N LEU P 9 -59.85 -30.05 -20.44
CA LEU P 9 -60.64 -28.86 -20.20
C LEU P 9 -61.16 -28.31 -21.54
N PRO P 10 -62.19 -27.45 -21.51
CA PRO P 10 -62.75 -26.95 -22.78
C PRO P 10 -61.85 -26.02 -23.61
N ASN P 11 -60.61 -25.75 -23.21
CA ASN P 11 -59.71 -24.97 -24.05
C ASN P 11 -58.34 -25.61 -24.21
N GLY P 12 -58.39 -26.90 -24.16
CA GLY P 12 -57.18 -27.61 -24.43
C GLY P 12 -56.40 -28.11 -23.30
N LEU P 13 -56.54 -27.55 -22.13
CA LEU P 13 -55.62 -28.04 -21.07
C LEU P 13 -55.81 -29.52 -20.71
N VAL P 14 -54.76 -30.25 -20.56
CA VAL P 14 -54.88 -31.63 -20.13
C VAL P 14 -54.47 -31.73 -18.66
N ILE P 15 -55.32 -32.36 -17.90
CA ILE P 15 -55.02 -32.56 -16.48
C ILE P 15 -55.05 -34.06 -16.20
N ALA P 16 -54.02 -34.56 -15.51
CA ALA P 16 -53.97 -35.98 -15.16
C ALA P 16 -53.34 -36.17 -13.79
N SER P 17 -53.99 -36.92 -12.92
CA SER P 17 -53.51 -37.14 -11.56
C SER P 17 -53.66 -38.60 -11.14
N LEU P 18 -52.72 -39.06 -10.32
CA LEU P 18 -52.78 -40.38 -9.69
C LEU P 18 -52.63 -40.21 -8.19
N GLU P 19 -53.49 -40.84 -7.41
CA GLU P 19 -53.38 -40.78 -5.95
C GLU P 19 -52.69 -42.04 -5.42
N ASN P 20 -51.37 -41.93 -5.25
CA ASN P 20 -50.64 -42.85 -4.40
C ASN P 20 -50.95 -42.59 -2.94
N TYR P 21 -50.29 -43.34 -2.07
CA TYR P 21 -50.32 -42.95 -0.67
C TYR P 21 -48.90 -42.94 -0.14
N ALA P 22 -48.04 -42.38 -0.86
CA ALA P 22 -46.64 -42.17 -0.62
C ALA P 22 -46.43 -40.87 0.14
N PRO P 23 -45.38 -40.80 0.95
CA PRO P 23 -45.13 -39.58 1.73
C PRO P 23 -44.71 -38.36 0.92
N ALA P 24 -44.21 -38.50 -0.31
CA ALA P 24 -43.76 -37.38 -1.12
C ALA P 24 -44.67 -37.20 -2.33
N SER P 25 -44.82 -35.95 -2.78
CA SER P 25 -45.55 -35.62 -3.99
C SER P 25 -44.63 -35.04 -5.07
N ARG P 26 -45.06 -35.11 -6.33
CA ARG P 26 -44.36 -34.54 -7.49
C ARG P 26 -45.39 -33.96 -8.43
N ILE P 27 -45.21 -32.71 -8.85
CA ILE P 27 -46.11 -32.03 -9.78
C ILE P 27 -45.31 -31.44 -10.93
N GLY P 28 -45.70 -31.77 -12.16
CA GLY P 28 -45.03 -31.29 -13.36
C GLY P 28 -45.92 -30.56 -14.35
N LEU P 29 -45.41 -29.50 -14.98
CA LEU P 29 -46.09 -28.82 -16.07
C LEU P 29 -45.28 -28.99 -17.35
N PHE P 30 -45.91 -29.55 -18.38
CA PHE P 30 -45.26 -29.89 -19.65
C PHE P 30 -45.81 -29.01 -20.75
N ILE P 31 -44.92 -28.36 -21.52
CA ILE P 31 -45.28 -27.35 -22.53
C ILE P 31 -44.65 -27.69 -23.86
N LYS P 32 -45.36 -27.45 -24.96
CA LYS P 32 -44.81 -27.53 -26.32
C LYS P 32 -44.02 -26.28 -26.68
N ALA P 33 -42.83 -26.15 -26.09
CA ALA P 33 -41.89 -25.10 -26.38
C ALA P 33 -40.56 -25.78 -26.61
N GLY P 34 -39.47 -25.03 -26.67
CA GLY P 34 -38.21 -25.67 -26.98
C GLY P 34 -37.58 -25.11 -28.23
N SER P 35 -36.35 -25.55 -28.51
CA SER P 35 -35.50 -24.84 -29.46
C SER P 35 -35.95 -24.99 -30.92
N ARG P 36 -36.93 -25.85 -31.19
CA ARG P 36 -37.41 -25.97 -32.56
C ARG P 36 -38.39 -24.86 -32.94
N TYR P 37 -38.78 -24.01 -32.01
CA TYR P 37 -39.74 -22.96 -32.29
C TYR P 37 -39.11 -21.58 -32.39
N GLU P 38 -37.78 -21.49 -32.42
CA GLU P 38 -37.14 -20.19 -32.61
C GLU P 38 -36.56 -20.08 -34.03
N ASP P 39 -36.61 -18.87 -34.59
CA ASP P 39 -36.07 -18.60 -35.92
C ASP P 39 -34.66 -17.98 -35.81
N SER P 40 -34.11 -17.51 -36.93
CA SER P 40 -32.71 -17.09 -36.93
C SER P 40 -32.49 -15.72 -36.31
N ASN P 41 -33.55 -14.99 -35.95
CA ASN P 41 -33.35 -13.71 -35.27
C ASN P 41 -33.37 -13.82 -33.75
N ASN P 42 -33.76 -14.96 -33.16
CA ASN P 42 -33.82 -15.07 -31.71
C ASN P 42 -33.23 -16.38 -31.20
N LEU P 43 -32.09 -16.82 -31.73
CA LEU P 43 -31.50 -18.09 -31.28
C LEU P 43 -30.98 -17.97 -29.86
N GLY P 44 -31.22 -19.00 -29.06
CA GLY P 44 -30.76 -19.00 -27.69
C GLY P 44 -31.71 -18.43 -26.67
N THR P 45 -32.94 -18.08 -27.06
CA THR P 45 -33.92 -17.57 -26.11
C THR P 45 -34.41 -18.68 -25.19
N SER P 46 -34.54 -19.90 -25.71
CA SER P 46 -35.01 -21.02 -24.90
C SER P 46 -33.99 -21.48 -23.88
N HIS P 47 -32.70 -21.30 -24.17
CA HIS P 47 -31.67 -21.60 -23.18
C HIS P 47 -31.73 -20.61 -22.01
N LEU P 48 -31.95 -19.33 -22.28
CA LEU P 48 -32.03 -18.36 -21.20
C LEU P 48 -33.34 -18.44 -20.43
N LEU P 49 -34.41 -18.88 -21.08
CA LEU P 49 -35.67 -19.10 -20.39
C LEU P 49 -35.56 -20.26 -19.41
N ARG P 50 -34.77 -21.27 -19.76
CA ARG P 50 -34.52 -22.42 -18.88
C ARG P 50 -33.78 -22.00 -17.61
N LEU P 51 -32.86 -21.03 -17.72
CA LEU P 51 -32.05 -20.59 -16.59
C LEU P 51 -32.73 -19.54 -15.72
N ALA P 52 -33.93 -19.10 -16.04
CA ALA P 52 -34.53 -17.95 -15.40
C ALA P 52 -35.70 -18.29 -14.48
N SER P 53 -35.72 -19.50 -13.89
CA SER P 53 -36.93 -19.93 -13.19
C SER P 53 -37.08 -19.30 -11.81
N SER P 54 -36.01 -18.75 -11.25
CA SER P 54 -36.10 -18.11 -9.94
C SER P 54 -35.88 -16.60 -9.99
N LEU P 55 -36.37 -15.92 -11.01
CA LEU P 55 -36.38 -14.46 -11.07
C LEU P 55 -37.72 -13.95 -10.57
N THR P 56 -37.81 -12.63 -10.41
CA THR P 56 -38.99 -11.97 -9.86
C THR P 56 -40.20 -12.14 -10.76
N THR P 57 -41.32 -12.54 -10.15
CA THR P 57 -42.59 -12.68 -10.84
C THR P 57 -43.56 -11.67 -10.23
N LYS P 58 -44.80 -11.71 -10.68
CA LYS P 58 -45.78 -10.73 -10.23
C LYS P 58 -46.34 -11.04 -8.84
N GLY P 59 -46.21 -12.29 -8.38
CA GLY P 59 -46.71 -12.67 -7.08
C GLY P 59 -45.65 -13.02 -6.06
N ALA P 60 -44.38 -13.03 -6.41
CA ALA P 60 -43.32 -13.33 -5.46
C ALA P 60 -42.02 -12.75 -5.98
N SER P 61 -41.22 -12.21 -5.09
CA SER P 61 -39.91 -11.75 -5.51
C SER P 61 -38.95 -12.92 -5.63
N SER P 62 -37.76 -12.63 -6.13
CA SER P 62 -36.74 -13.65 -6.29
C SER P 62 -36.17 -14.09 -4.95
N PHE P 63 -36.32 -13.26 -3.91
CA PHE P 63 -35.92 -13.64 -2.56
C PHE P 63 -36.93 -14.60 -1.94
N LYS P 64 -38.22 -14.38 -2.18
CA LYS P 64 -39.24 -15.21 -1.56
C LYS P 64 -39.31 -16.61 -2.18
N ILE P 65 -38.98 -16.73 -3.47
CA ILE P 65 -39.02 -18.02 -4.14
C ILE P 65 -37.91 -18.93 -3.63
N THR P 66 -36.70 -18.38 -3.52
CA THR P 66 -35.56 -19.16 -3.04
C THR P 66 -35.69 -19.50 -1.55
N ARG P 67 -36.18 -18.56 -0.75
CA ARG P 67 -36.29 -18.79 0.68
C ARG P 67 -37.51 -19.63 1.03
N GLY P 68 -38.61 -19.45 0.30
CA GLY P 68 -39.82 -20.18 0.61
C GLY P 68 -39.76 -21.65 0.26
N ILE P 69 -39.06 -21.99 -0.83
CA ILE P 69 -38.94 -23.38 -1.24
C ILE P 69 -37.94 -24.11 -0.37
N GLU P 70 -36.83 -23.45 -0.02
CA GLU P 70 -35.81 -24.07 0.83
C GLU P 70 -36.27 -24.24 2.29
N ALA P 71 -37.28 -23.49 2.73
CA ALA P 71 -37.75 -23.60 4.10
C ALA P 71 -38.43 -24.93 4.39
N VAL P 72 -39.09 -25.52 3.39
CA VAL P 72 -39.73 -26.81 3.56
C VAL P 72 -38.91 -27.95 2.98
N GLY P 73 -37.73 -27.67 2.45
CA GLY P 73 -36.88 -28.70 1.87
C GLY P 73 -37.22 -29.12 0.46
N GLY P 74 -37.95 -28.30 -0.31
CA GLY P 74 -38.40 -28.65 -1.63
C GLY P 74 -37.36 -28.49 -2.73
N LYS P 75 -37.78 -28.78 -3.96
CA LYS P 75 -36.95 -28.66 -5.17
C LYS P 75 -37.74 -27.98 -6.27
N LEU P 76 -37.02 -27.39 -7.22
CA LEU P 76 -37.57 -26.85 -8.46
C LEU P 76 -36.57 -27.11 -9.57
N SER P 77 -37.03 -27.67 -10.69
CA SER P 77 -36.13 -27.96 -11.81
C SER P 77 -36.83 -27.80 -13.15
N VAL P 78 -36.04 -27.57 -14.19
CA VAL P 78 -36.51 -27.43 -15.57
C VAL P 78 -35.76 -28.41 -16.45
N THR P 79 -36.49 -29.17 -17.26
CA THR P 79 -35.91 -30.10 -18.22
C THR P 79 -36.42 -29.74 -19.61
N SER P 80 -35.52 -29.71 -20.58
CA SER P 80 -35.90 -29.35 -21.94
C SER P 80 -35.36 -30.35 -22.94
N THR P 81 -36.00 -30.41 -24.09
CA THR P 81 -35.50 -31.13 -25.24
C THR P 81 -35.74 -30.23 -26.44
N ARG P 82 -35.50 -30.73 -27.65
CA ARG P 82 -35.76 -29.93 -28.85
C ARG P 82 -37.24 -29.64 -29.07
N GLU P 83 -38.14 -30.39 -28.47
CA GLU P 83 -39.57 -30.20 -28.68
C GLU P 83 -40.40 -29.93 -27.43
N SER P 84 -39.81 -29.94 -26.22
CA SER P 84 -40.61 -29.89 -25.00
C SER P 84 -39.86 -29.20 -23.87
N MET P 85 -40.61 -28.55 -22.98
CA MET P 85 -40.11 -27.99 -21.72
C MET P 85 -40.97 -28.50 -20.57
N ALA P 86 -40.33 -28.81 -19.43
CA ALA P 86 -40.99 -29.42 -18.28
C ALA P 86 -40.56 -28.75 -16.98
N TYR P 87 -41.51 -28.24 -16.22
CA TYR P 87 -41.28 -27.59 -14.92
C TYR P 87 -41.75 -28.50 -13.80
N THR P 88 -40.86 -28.87 -12.89
CA THR P 88 -41.14 -29.90 -11.88
C THR P 88 -40.92 -29.38 -10.46
N VAL P 89 -41.87 -29.69 -9.57
CA VAL P 89 -41.88 -29.33 -8.15
C VAL P 89 -42.08 -30.59 -7.32
N GLU P 90 -41.29 -30.76 -6.26
CA GLU P 90 -41.47 -31.89 -5.34
C GLU P 90 -41.15 -31.52 -3.89
N CYS P 91 -41.95 -32.03 -2.96
CA CYS P 91 -41.72 -31.85 -1.52
C CYS P 91 -42.45 -32.97 -0.78
N LEU P 92 -42.63 -32.81 0.52
CA LEU P 92 -43.43 -33.73 1.31
C LEU P 92 -44.90 -33.39 1.17
N ARG P 93 -45.75 -34.37 1.46
CA ARG P 93 -47.17 -34.35 1.10
C ARG P 93 -47.94 -33.21 1.77
N ASP P 94 -47.52 -32.76 2.94
CA ASP P 94 -48.24 -31.69 3.62
C ASP P 94 -47.91 -30.30 3.09
N ASP P 95 -46.86 -30.15 2.29
CA ASP P 95 -46.38 -28.84 1.84
C ASP P 95 -46.69 -28.53 0.38
N ILE P 96 -47.41 -29.39 -0.34
CA ILE P 96 -47.42 -29.32 -1.80
C ILE P 96 -48.30 -28.16 -2.30
N GLU P 97 -49.22 -27.67 -1.48
CA GLU P 97 -50.06 -26.58 -1.92
C GLU P 97 -49.38 -25.22 -1.78
N ILE P 98 -48.25 -25.15 -1.10
CA ILE P 98 -47.43 -23.96 -1.03
C ILE P 98 -46.57 -23.85 -2.29
N LEU P 99 -46.01 -24.98 -2.72
CA LEU P 99 -45.15 -25.00 -3.88
C LEU P 99 -45.92 -24.99 -5.21
N MET P 100 -47.23 -25.23 -5.19
CA MET P 100 -48.02 -25.09 -6.41
C MET P 100 -48.24 -23.64 -6.79
N GLU P 101 -48.35 -22.75 -5.80
CA GLU P 101 -48.52 -21.34 -6.11
C GLU P 101 -47.24 -20.74 -6.67
N PHE P 102 -46.08 -21.25 -6.25
CA PHE P 102 -44.83 -20.78 -6.80
C PHE P 102 -44.66 -21.22 -8.26
N LEU P 103 -45.11 -22.43 -8.59
CA LEU P 103 -44.92 -22.96 -9.94
C LEU P 103 -45.81 -22.26 -10.95
N LEU P 104 -46.99 -21.81 -10.53
CA LEU P 104 -47.85 -21.06 -11.44
C LEU P 104 -47.42 -19.61 -11.61
N ASN P 105 -46.55 -19.12 -10.73
CA ASN P 105 -46.06 -17.75 -10.90
C ASN P 105 -44.87 -17.72 -11.86
N VAL P 106 -44.02 -18.75 -11.82
CA VAL P 106 -42.89 -18.87 -12.73
C VAL P 106 -43.31 -19.05 -14.18
N THR P 107 -44.43 -19.70 -14.44
CA THR P 107 -44.84 -19.99 -15.81
C THR P 107 -45.95 -19.09 -16.34
N ALA P 108 -46.79 -18.51 -15.49
CA ALA P 108 -47.92 -17.74 -15.99
C ALA P 108 -47.83 -16.26 -15.71
N ALA P 109 -47.00 -15.82 -14.79
CA ALA P 109 -46.80 -14.38 -14.66
C ALA P 109 -45.34 -13.97 -14.46
N PRO P 110 -44.42 -14.22 -15.39
CA PRO P 110 -43.06 -13.72 -15.18
C PRO P 110 -42.94 -12.24 -15.53
N GLU P 111 -42.05 -11.57 -14.79
CA GLU P 111 -41.51 -10.29 -15.20
C GLU P 111 -40.09 -10.53 -15.67
N PHE P 112 -39.64 -9.73 -16.60
CA PHE P 112 -38.27 -9.84 -17.05
C PHE P 112 -37.68 -8.44 -16.93
N ARG P 113 -37.19 -8.12 -15.74
CA ARG P 113 -36.59 -6.82 -15.47
C ARG P 113 -35.20 -6.77 -16.10
N ARG P 114 -34.78 -5.55 -16.49
CA ARG P 114 -33.54 -5.36 -17.24
C ARG P 114 -32.32 -5.77 -16.46
N TRP P 115 -32.25 -5.39 -15.19
CA TRP P 115 -31.02 -5.56 -14.43
C TRP P 115 -30.83 -7.01 -13.98
N GLU P 116 -31.90 -7.78 -13.90
CA GLU P 116 -31.83 -9.19 -13.57
C GLU P 116 -31.49 -10.06 -14.77
N VAL P 117 -32.05 -9.73 -15.94
CA VAL P 117 -31.74 -10.42 -17.18
C VAL P 117 -30.31 -10.13 -17.61
N ALA P 118 -29.79 -8.94 -17.32
CA ALA P 118 -28.43 -8.59 -17.68
C ALA P 118 -27.39 -9.31 -16.80
N ALA P 119 -27.72 -9.57 -15.54
CA ALA P 119 -26.80 -10.31 -14.68
C ALA P 119 -26.82 -11.80 -14.97
N LEU P 120 -27.84 -12.31 -15.66
CA LEU P 120 -27.96 -13.73 -15.96
C LEU P 120 -27.23 -14.14 -17.22
N GLN P 121 -26.79 -13.18 -18.06
CA GLN P 121 -26.18 -13.50 -19.36
C GLN P 121 -24.88 -14.28 -19.21
N SER P 122 -24.14 -14.05 -18.12
CA SER P 122 -22.87 -14.74 -17.92
C SER P 122 -23.06 -16.19 -17.50
N GLN P 123 -24.24 -16.56 -17.02
CA GLN P 123 -24.55 -17.94 -16.69
C GLN P 123 -24.64 -18.81 -17.94
N LEU P 124 -25.00 -18.22 -19.08
CA LEU P 124 -25.06 -18.95 -20.35
C LEU P 124 -23.70 -19.49 -20.75
N ARG P 125 -22.64 -18.74 -20.49
CA ARG P 125 -21.29 -19.18 -20.82
C ARG P 125 -20.82 -20.29 -19.89
N ILE P 126 -21.24 -20.27 -18.63
CA ILE P 126 -20.81 -21.30 -17.68
C ILE P 126 -21.53 -22.62 -17.96
N ASP P 127 -22.84 -22.55 -18.23
CA ASP P 127 -23.65 -23.74 -18.45
C ASP P 127 -23.25 -24.47 -19.73
N LYS P 128 -22.82 -23.73 -20.74
CA LYS P 128 -22.43 -24.35 -22.00
C LYS P 128 -21.06 -25.00 -21.90
N ALA P 129 -20.14 -24.40 -21.16
CA ALA P 129 -18.80 -24.97 -21.05
C ALA P 129 -18.79 -26.23 -20.18
N VAL P 130 -19.69 -26.31 -19.21
CA VAL P 130 -19.82 -27.51 -18.38
C VAL P 130 -20.37 -28.68 -19.21
N ALA P 131 -21.39 -28.41 -20.04
CA ALA P 131 -21.98 -29.45 -20.87
C ALA P 131 -21.04 -29.94 -21.95
N PHE P 132 -20.16 -29.07 -22.47
CA PHE P 132 -19.26 -29.43 -23.55
C PHE P 132 -17.97 -30.07 -23.06
N GLN P 133 -17.86 -30.42 -21.78
CA GLN P 133 -16.78 -31.28 -21.32
C GLN P 133 -17.02 -32.74 -21.69
N ASN P 134 -18.25 -33.08 -22.01
CA ASN P 134 -18.59 -34.37 -22.61
C ASN P 134 -18.48 -34.23 -24.13
N PRO P 135 -17.67 -35.05 -24.81
CA PRO P 135 -17.53 -34.91 -26.27
C PRO P 135 -18.77 -35.25 -27.08
N GLN P 136 -19.77 -35.98 -26.64
CA GLN P 136 -21.07 -36.34 -27.24
C GLN P 136 -21.96 -35.15 -27.32
N ALA P 137 -21.79 -34.13 -26.49
CA ALA P 137 -22.70 -33.00 -26.55
C ALA P 137 -22.50 -32.19 -27.83
N GLN P 138 -21.25 -31.95 -28.20
CA GLN P 138 -20.99 -31.16 -29.39
C GLN P 138 -21.16 -31.96 -30.68
N VAL P 139 -20.87 -33.27 -30.67
CA VAL P 139 -21.10 -34.11 -31.84
C VAL P 139 -22.59 -34.20 -32.15
N LEU P 140 -23.43 -34.25 -31.12
CA LEU P 140 -24.85 -34.41 -31.36
C LEU P 140 -25.54 -33.08 -31.71
N GLU P 141 -24.94 -31.94 -31.37
CA GLU P 141 -25.47 -30.69 -31.89
C GLU P 141 -25.03 -30.46 -33.34
N ASN P 142 -23.82 -30.89 -33.69
CA ASN P 142 -23.39 -30.79 -35.07
C ASN P 142 -24.12 -31.78 -35.97
N LEU P 143 -24.57 -32.92 -35.43
CA LEU P 143 -25.29 -33.89 -36.24
C LEU P 143 -26.68 -33.41 -36.62
N HIS P 144 -27.33 -32.67 -35.72
CA HIS P 144 -28.65 -32.15 -36.04
C HIS P 144 -28.58 -31.01 -37.03
N ALA P 145 -27.49 -30.25 -37.01
CA ALA P 145 -27.32 -29.16 -37.97
C ALA P 145 -26.95 -29.67 -39.36
N ALA P 146 -26.26 -30.81 -39.43
CA ALA P 146 -25.96 -31.44 -40.71
C ALA P 146 -27.17 -32.14 -41.31
N ALA P 147 -28.13 -32.55 -40.49
CA ALA P 147 -29.25 -33.36 -40.96
C ALA P 147 -30.46 -32.54 -41.37
N TYR P 148 -30.61 -31.33 -40.87
CA TYR P 148 -31.79 -30.55 -41.18
C TYR P 148 -31.39 -29.18 -41.70
N ARG P 149 -32.28 -28.51 -42.36
CA ARG P 149 -32.11 -27.13 -42.91
C ARG P 149 -32.67 -26.10 -41.98
N ASN P 150 -33.69 -26.34 -41.18
CA ASN P 150 -34.38 -25.44 -40.24
C ASN P 150 -34.88 -26.19 -38.98
N ALA P 151 -35.59 -25.61 -37.94
CA ALA P 151 -36.36 -26.18 -36.76
C ALA P 151 -35.57 -27.11 -35.84
N LEU P 152 -35.42 -28.43 -36.11
CA LEU P 152 -34.58 -29.44 -35.45
C LEU P 152 -33.10 -29.29 -35.68
N ALA P 153 -32.62 -28.44 -36.58
CA ALA P 153 -31.21 -28.01 -36.68
C ALA P 153 -30.75 -27.10 -35.52
N ASN P 154 -31.60 -26.34 -34.81
CA ASN P 154 -31.29 -25.40 -33.73
C ASN P 154 -30.78 -26.13 -32.51
N SER P 155 -29.71 -25.62 -31.91
CA SER P 155 -29.07 -26.25 -30.78
C SER P 155 -29.83 -25.99 -29.47
N LEU P 156 -29.52 -26.80 -28.46
CA LEU P 156 -30.07 -26.62 -27.12
C LEU P 156 -29.41 -25.49 -26.36
N TYR P 157 -28.20 -25.11 -26.76
CA TYR P 157 -27.41 -24.09 -26.09
C TYR P 157 -27.24 -22.89 -27.00
N CYS P 158 -27.19 -21.70 -26.41
CA CYS P 158 -27.04 -20.41 -27.07
C CYS P 158 -25.74 -20.31 -27.87
N PRO P 159 -25.77 -19.77 -29.08
CA PRO P 159 -24.52 -19.54 -29.83
C PRO P 159 -23.65 -18.47 -29.19
N ASP P 160 -22.34 -18.55 -29.46
CA ASP P 160 -21.36 -17.69 -28.79
C ASP P 160 -21.50 -16.21 -29.11
N TYR P 161 -21.84 -15.86 -30.36
CA TYR P 161 -22.00 -14.45 -30.72
C TYR P 161 -23.22 -13.83 -30.06
N ARG P 162 -24.14 -14.65 -29.62
CA ARG P 162 -25.44 -14.24 -29.15
C ARG P 162 -25.48 -14.08 -27.63
N ILE P 163 -24.46 -14.55 -26.92
CA ILE P 163 -24.36 -14.41 -25.48
C ILE P 163 -24.09 -12.94 -25.13
N GLY P 164 -24.97 -12.35 -24.33
CA GLY P 164 -24.93 -10.95 -24.04
C GLY P 164 -26.01 -10.14 -24.71
N LYS P 165 -26.75 -10.73 -25.65
CA LYS P 165 -27.65 -9.98 -26.50
C LYS P 165 -29.09 -10.46 -26.49
N VAL P 166 -29.46 -11.42 -25.62
CA VAL P 166 -30.85 -11.83 -25.50
C VAL P 166 -31.57 -10.78 -24.66
N THR P 167 -32.49 -10.14 -25.23
CA THR P 167 -33.14 -8.98 -24.65
C THR P 167 -34.39 -9.38 -23.87
N PRO P 168 -34.84 -8.54 -22.92
CA PRO P 168 -36.11 -8.82 -22.23
C PRO P 168 -37.34 -8.85 -23.11
N ASP P 169 -37.38 -8.11 -24.22
CA ASP P 169 -38.55 -8.14 -25.09
C ASP P 169 -38.62 -9.44 -25.89
N GLN P 170 -37.47 -10.07 -26.15
CA GLN P 170 -37.49 -11.37 -26.80
C GLN P 170 -38.04 -12.46 -25.88
N LEU P 171 -37.74 -12.36 -24.58
CA LEU P 171 -38.30 -13.29 -23.61
C LEU P 171 -39.80 -13.11 -23.44
N HIS P 172 -40.29 -11.88 -23.46
CA HIS P 172 -41.72 -11.63 -23.32
C HIS P 172 -42.50 -12.12 -24.53
N TYR P 173 -41.87 -12.09 -25.70
CA TYR P 173 -42.52 -12.51 -26.93
C TYR P 173 -42.57 -14.03 -27.04
N TYR P 174 -41.56 -14.72 -26.52
CA TYR P 174 -41.53 -16.17 -26.60
C TYR P 174 -42.59 -16.81 -25.72
N VAL P 175 -42.74 -16.32 -24.49
CA VAL P 175 -43.70 -16.87 -23.54
C VAL P 175 -45.13 -16.59 -23.97
N GLN P 176 -45.37 -15.40 -24.54
CA GLN P 176 -46.71 -15.01 -24.95
C GLN P 176 -47.21 -15.83 -26.14
N ASN P 177 -46.30 -16.35 -26.95
CA ASN P 177 -46.69 -17.05 -28.16
C ASN P 177 -46.59 -18.56 -28.05
N HIS P 178 -45.83 -19.10 -27.10
CA HIS P 178 -45.64 -20.55 -27.05
C HIS P 178 -46.16 -21.19 -25.77
N PHE P 179 -46.44 -20.43 -24.71
CA PHE P 179 -46.90 -21.00 -23.45
C PHE P 179 -48.40 -20.87 -23.29
N THR P 180 -49.21 -21.43 -24.19
CA THR P 180 -50.65 -21.25 -24.12
C THR P 180 -51.34 -22.56 -23.74
N SER P 181 -52.64 -22.47 -23.43
CA SER P 181 -53.33 -23.52 -22.70
C SER P 181 -53.54 -24.77 -23.54
N ALA P 182 -53.72 -24.62 -24.84
CA ALA P 182 -53.84 -25.79 -25.70
C ALA P 182 -52.52 -26.44 -26.01
N ARG P 183 -51.40 -26.05 -25.40
CA ARG P 183 -50.12 -26.71 -25.57
C ARG P 183 -49.56 -27.23 -24.26
N MET P 184 -50.38 -27.36 -23.22
CA MET P 184 -49.91 -27.59 -21.86
C MET P 184 -50.58 -28.81 -21.25
N ALA P 185 -49.84 -29.50 -20.38
CA ALA P 185 -50.32 -30.65 -19.63
C ALA P 185 -49.87 -30.53 -18.17
N LEU P 186 -50.82 -30.59 -17.24
CA LEU P 186 -50.54 -30.51 -15.81
C LEU P 186 -50.71 -31.90 -15.19
N ILE P 187 -49.62 -32.46 -14.67
CA ILE P 187 -49.57 -33.85 -14.24
C ILE P 187 -49.20 -33.91 -12.76
N GLY P 188 -50.03 -34.58 -11.96
CA GLY P 188 -49.80 -34.73 -10.52
C GLY P 188 -49.63 -36.19 -10.12
N LEU P 189 -48.79 -36.42 -9.10
CA LEU P 189 -48.46 -37.80 -8.73
C LEU P 189 -48.83 -38.15 -7.29
N GLY P 190 -48.93 -37.19 -6.39
CA GLY P 190 -49.39 -37.56 -5.07
C GLY P 190 -50.50 -36.67 -4.56
N VAL P 191 -51.31 -36.14 -5.47
CA VAL P 191 -52.36 -35.20 -5.14
C VAL P 191 -53.69 -35.75 -5.62
N SER P 192 -54.75 -34.99 -5.39
CA SER P 192 -56.10 -35.36 -5.74
C SER P 192 -56.47 -34.69 -7.05
N HIS P 193 -57.55 -35.17 -7.67
CA HIS P 193 -57.98 -34.63 -8.95
C HIS P 193 -58.77 -33.31 -8.85
N PRO P 194 -59.70 -33.10 -7.89
CA PRO P 194 -60.33 -31.77 -7.84
C PRO P 194 -59.43 -30.63 -7.40
N VAL P 195 -58.32 -30.90 -6.71
CA VAL P 195 -57.50 -29.78 -6.25
C VAL P 195 -56.62 -29.25 -7.38
N LEU P 196 -56.23 -30.11 -8.33
CA LEU P 196 -55.50 -29.63 -9.50
C LEU P 196 -56.38 -28.81 -10.43
N LYS P 197 -57.67 -29.11 -10.48
CA LYS P 197 -58.57 -28.37 -11.36
C LYS P 197 -58.76 -26.93 -10.90
N GLN P 198 -58.93 -26.70 -9.61
CA GLN P 198 -59.07 -25.33 -9.09
C GLN P 198 -57.78 -24.54 -9.25
N VAL P 199 -56.62 -25.22 -9.23
CA VAL P 199 -55.36 -24.61 -9.60
C VAL P 199 -55.38 -24.20 -11.06
N ALA P 200 -56.02 -25.01 -11.91
CA ALA P 200 -56.01 -24.76 -13.35
C ALA P 200 -56.83 -23.54 -13.76
N GLU P 201 -57.89 -23.18 -13.03
CA GLU P 201 -58.62 -21.96 -13.39
C GLU P 201 -58.01 -20.70 -12.83
N ARG P 202 -56.77 -20.76 -12.35
CA ARG P 202 -56.02 -19.56 -11.97
C ARG P 202 -54.97 -19.21 -13.01
N PHE P 203 -54.89 -19.98 -14.10
CA PHE P 203 -54.17 -19.57 -15.30
C PHE P 203 -54.95 -19.97 -16.54
N LEU P 204 -56.24 -20.22 -16.39
CA LEU P 204 -57.17 -20.35 -17.49
C LEU P 204 -57.73 -18.99 -17.90
N ASN P 205 -57.30 -17.91 -17.24
CA ASN P 205 -57.83 -16.57 -17.47
C ASN P 205 -57.22 -15.90 -18.70
N MET P 206 -56.15 -16.47 -19.27
CA MET P 206 -55.36 -15.80 -20.28
C MET P 206 -54.55 -16.87 -21.00
N ARG P 207 -53.88 -16.54 -22.11
CA ARG P 207 -53.13 -17.59 -22.88
C ARG P 207 -54.13 -18.69 -23.20
N GLY P 208 -55.13 -18.37 -24.02
CA GLY P 208 -56.22 -19.26 -24.34
C GLY P 208 -56.19 -20.19 -25.51
N GLY P 209 -55.26 -20.10 -26.45
CA GLY P 209 -55.40 -21.13 -27.51
C GLY P 209 -54.15 -21.84 -27.96
N LEU P 210 -54.01 -22.02 -29.25
CA LEU P 210 -52.78 -22.60 -29.82
C LEU P 210 -51.84 -21.42 -30.05
N GLY P 211 -50.62 -21.69 -30.35
CA GLY P 211 -49.64 -20.62 -30.47
C GLY P 211 -49.35 -20.30 -31.91
N LEU P 212 -48.07 -20.35 -32.29
CA LEU P 212 -47.75 -20.17 -33.70
C LEU P 212 -46.94 -21.32 -34.27
N SER P 213 -47.63 -22.19 -35.01
CA SER P 213 -47.29 -22.59 -36.38
C SER P 213 -45.80 -22.65 -36.72
N GLY P 214 -45.09 -23.43 -35.89
CA GLY P 214 -43.73 -23.58 -36.33
C GLY P 214 -43.74 -24.26 -37.70
N ALA P 215 -42.63 -24.22 -38.40
CA ALA P 215 -42.54 -24.89 -39.70
C ALA P 215 -42.13 -26.35 -39.68
N LYS P 216 -42.45 -27.06 -40.73
CA LYS P 216 -42.08 -28.47 -40.87
C LYS P 216 -40.58 -28.59 -41.01
N ALA P 217 -40.01 -29.63 -40.50
CA ALA P 217 -38.58 -29.71 -40.66
C ALA P 217 -38.16 -30.32 -42.03
N LYS P 218 -37.44 -29.60 -42.89
CA LYS P 218 -36.91 -30.09 -44.16
C LYS P 218 -35.58 -30.80 -43.97
N TYR P 219 -35.44 -31.98 -44.56
CA TYR P 219 -34.22 -32.78 -44.43
C TYR P 219 -33.13 -32.32 -45.38
N ARG P 220 -31.91 -32.27 -44.88
CA ARG P 220 -30.72 -31.90 -45.60
C ARG P 220 -29.67 -32.99 -45.37
N GLY P 221 -29.08 -33.50 -46.42
CA GLY P 221 -28.06 -34.51 -46.22
C GLY P 221 -26.67 -33.94 -46.24
N GLY P 222 -26.13 -33.60 -45.07
CA GLY P 222 -24.94 -32.81 -44.99
C GLY P 222 -23.84 -33.44 -44.15
N GLU P 223 -22.76 -32.68 -44.00
CA GLU P 223 -21.57 -33.14 -43.32
C GLU P 223 -20.94 -31.97 -42.57
N ILE P 224 -20.50 -32.23 -41.34
CA ILE P 224 -19.80 -31.24 -40.52
C ILE P 224 -18.61 -31.93 -39.88
N ARG P 225 -17.40 -31.49 -40.19
CA ARG P 225 -16.18 -32.02 -39.61
C ARG P 225 -15.62 -31.02 -38.62
N ASP P 226 -14.96 -31.52 -37.57
CA ASP P 226 -14.41 -30.66 -36.51
C ASP P 226 -13.07 -31.21 -36.02
N GLN P 227 -11.99 -30.74 -36.63
CA GLN P 227 -10.64 -31.09 -36.20
C GLN P 227 -10.30 -30.40 -34.87
N ASN P 228 -9.85 -31.17 -33.89
CA ASN P 228 -9.41 -30.59 -32.61
C ASN P 228 -8.34 -31.48 -32.00
N GLY P 229 -8.06 -31.25 -30.73
CA GLY P 229 -7.04 -31.96 -29.99
C GLY P 229 -7.53 -33.03 -29.04
N ASP P 230 -8.76 -33.54 -29.21
CA ASP P 230 -9.23 -34.63 -28.38
C ASP P 230 -8.54 -35.93 -28.75
N SER P 231 -8.47 -36.83 -27.77
CA SER P 231 -7.64 -38.02 -27.91
C SER P 231 -8.32 -39.16 -28.67
N LEU P 232 -9.65 -39.14 -28.76
CA LEU P 232 -10.42 -40.15 -29.47
C LEU P 232 -11.32 -39.49 -30.51
N VAL P 233 -11.65 -40.25 -31.55
CA VAL P 233 -12.54 -39.79 -32.59
C VAL P 233 -13.96 -40.25 -32.29
N HIS P 234 -14.89 -39.31 -32.25
CA HIS P 234 -16.31 -39.61 -32.20
C HIS P 234 -16.88 -39.42 -33.60
N ALA P 235 -17.80 -40.28 -34.01
CA ALA P 235 -18.44 -40.14 -35.32
C ALA P 235 -19.85 -40.74 -35.31
N ALA P 236 -20.74 -40.12 -36.08
CA ALA P 236 -22.12 -40.55 -36.20
C ALA P 236 -22.58 -40.49 -37.65
N LEU P 237 -23.40 -41.44 -38.07
CA LEU P 237 -23.84 -41.58 -39.45
C LEU P 237 -25.27 -42.06 -39.48
N VAL P 238 -26.19 -41.23 -39.99
CA VAL P 238 -27.63 -41.45 -39.85
C VAL P 238 -28.34 -41.32 -41.18
N ALA P 239 -29.63 -41.65 -41.19
CA ALA P 239 -30.54 -41.39 -42.28
C ALA P 239 -31.92 -41.11 -41.71
N GLU P 240 -32.81 -40.56 -42.53
CA GLU P 240 -34.16 -40.24 -42.08
C GLU P 240 -35.02 -41.50 -41.92
N SER P 241 -35.81 -41.57 -40.83
CA SER P 241 -36.51 -42.82 -40.55
C SER P 241 -38.04 -42.73 -40.48
N ALA P 242 -38.59 -42.18 -39.42
CA ALA P 242 -40.01 -42.37 -39.09
C ALA P 242 -40.40 -41.52 -37.89
N ALA P 243 -41.62 -40.99 -37.92
CA ALA P 243 -42.10 -40.16 -36.83
C ALA P 243 -42.63 -41.00 -35.67
N THR P 244 -42.66 -40.39 -34.48
CA THR P 244 -43.21 -40.97 -33.25
C THR P 244 -44.67 -41.33 -33.39
N GLY P 245 -45.02 -42.56 -33.05
CA GLY P 245 -46.39 -43.00 -33.06
C GLY P 245 -46.86 -43.52 -34.40
N SER P 246 -46.08 -44.40 -35.00
CA SER P 246 -46.45 -45.07 -36.24
C SER P 246 -45.94 -46.50 -36.16
N ALA P 247 -46.36 -47.31 -37.12
CA ALA P 247 -45.99 -48.72 -37.11
C ALA P 247 -44.57 -48.96 -37.58
N GLU P 248 -43.98 -48.04 -38.34
CA GLU P 248 -42.59 -48.18 -38.72
C GLU P 248 -41.65 -47.77 -37.61
N ALA P 249 -42.10 -46.91 -36.69
CA ALA P 249 -41.29 -46.49 -35.56
C ALA P 249 -41.04 -47.63 -34.59
N ASN P 250 -42.01 -48.53 -34.44
CA ASN P 250 -41.81 -49.71 -33.60
C ASN P 250 -40.82 -50.67 -34.22
N ALA P 251 -40.78 -50.74 -35.56
CA ALA P 251 -39.82 -51.61 -36.23
C ALA P 251 -38.40 -51.08 -36.12
N PHE P 252 -38.23 -49.77 -36.06
CA PHE P 252 -36.88 -49.21 -35.86
C PHE P 252 -36.40 -49.40 -34.44
N SER P 253 -37.33 -49.46 -33.47
CA SER P 253 -36.95 -49.72 -32.08
C SER P 253 -36.49 -51.15 -31.88
N VAL P 254 -37.11 -52.10 -32.56
CA VAL P 254 -36.68 -53.50 -32.50
C VAL P 254 -35.31 -53.66 -33.17
N LEU P 255 -35.10 -52.96 -34.29
CA LEU P 255 -33.84 -53.07 -35.02
C LEU P 255 -32.66 -52.51 -34.22
N GLN P 256 -32.91 -51.49 -33.40
CA GLN P 256 -31.90 -50.95 -32.51
C GLN P 256 -31.39 -51.97 -31.50
N HIS P 257 -32.28 -52.79 -30.97
CA HIS P 257 -31.88 -53.80 -30.00
C HIS P 257 -31.33 -55.06 -30.66
N VAL P 258 -31.62 -55.29 -31.94
CA VAL P 258 -30.94 -56.36 -32.68
C VAL P 258 -29.46 -56.03 -32.84
N LEU P 259 -29.14 -54.79 -33.21
CA LEU P 259 -27.76 -54.41 -33.43
C LEU P 259 -27.00 -54.17 -32.14
N GLY P 260 -27.66 -53.60 -31.14
CA GLY P 260 -27.03 -53.36 -29.85
C GLY P 260 -27.14 -51.93 -29.41
N ALA P 261 -27.62 -51.69 -28.19
CA ALA P 261 -27.91 -50.35 -27.70
C ALA P 261 -27.42 -50.17 -26.25
N GLY P 262 -26.22 -50.63 -25.96
CA GLY P 262 -25.69 -50.49 -24.61
C GLY P 262 -25.63 -51.80 -23.85
N PRO P 263 -24.73 -51.89 -22.88
CA PRO P 263 -24.48 -53.18 -22.23
C PRO P 263 -25.39 -53.47 -21.05
N HIS P 264 -25.40 -54.74 -20.66
CA HIS P 264 -26.20 -55.23 -19.55
C HIS P 264 -25.36 -55.74 -18.38
N VAL P 265 -24.12 -56.15 -18.62
CA VAL P 265 -23.24 -56.68 -17.59
C VAL P 265 -22.10 -55.69 -17.39
N LYS P 266 -21.77 -55.41 -16.14
CA LYS P 266 -20.63 -54.57 -15.81
C LYS P 266 -19.34 -55.25 -16.24
N ARG P 267 -18.59 -54.59 -17.11
CA ARG P 267 -17.34 -55.04 -17.74
C ARG P 267 -17.53 -56.27 -18.63
N GLY P 268 -18.73 -56.50 -19.15
CA GLY P 268 -18.95 -57.64 -20.02
C GLY P 268 -18.58 -57.36 -21.46
N SER P 269 -18.33 -58.43 -22.21
CA SER P 269 -17.82 -58.31 -23.57
C SER P 269 -18.91 -58.21 -24.65
N ASN P 270 -20.16 -57.97 -24.28
CA ASN P 270 -21.29 -57.70 -25.19
C ASN P 270 -21.52 -58.82 -26.19
N ALA P 271 -21.86 -60.00 -25.65
CA ALA P 271 -21.90 -61.20 -26.47
C ALA P 271 -23.08 -61.28 -27.40
N THR P 272 -24.16 -60.52 -27.16
CA THR P 272 -25.34 -60.57 -28.01
C THR P 272 -25.57 -59.28 -28.80
N SER P 273 -24.55 -58.44 -28.93
CA SER P 273 -24.62 -57.26 -29.78
C SER P 273 -24.04 -57.62 -31.14
N SER P 274 -24.82 -57.42 -32.21
CA SER P 274 -24.36 -57.76 -33.56
C SER P 274 -23.26 -56.83 -34.04
N LEU P 275 -23.42 -55.52 -33.79
CA LEU P 275 -22.45 -54.53 -34.23
C LEU P 275 -21.11 -54.71 -33.53
N TYR P 276 -21.15 -54.99 -32.23
CA TYR P 276 -19.93 -55.08 -31.44
C TYR P 276 -19.10 -56.29 -31.83
N GLN P 277 -19.75 -57.41 -32.17
CA GLN P 277 -19.02 -58.62 -32.52
C GLN P 277 -18.39 -58.50 -33.90
N ALA P 278 -19.03 -57.77 -34.82
CA ALA P 278 -18.50 -57.65 -36.18
C ALA P 278 -17.28 -56.73 -36.23
N VAL P 279 -17.27 -55.68 -35.42
CA VAL P 279 -16.14 -54.76 -35.39
C VAL P 279 -14.94 -55.44 -34.75
N ALA P 280 -15.16 -56.21 -33.69
CA ALA P 280 -14.08 -56.85 -32.94
C ALA P 280 -13.43 -58.01 -33.67
N LYS P 281 -13.87 -58.34 -34.88
CA LYS P 281 -13.22 -59.42 -35.63
C LYS P 281 -11.85 -59.00 -36.14
N GLY P 282 -11.69 -57.74 -36.53
CA GLY P 282 -10.45 -57.29 -37.12
C GLY P 282 -9.77 -56.13 -36.41
N VAL P 283 -10.43 -55.57 -35.42
CA VAL P 283 -9.93 -54.41 -34.68
C VAL P 283 -9.64 -54.86 -33.26
N HIS P 284 -8.39 -54.69 -32.83
CA HIS P 284 -7.93 -55.16 -31.53
C HIS P 284 -7.41 -54.01 -30.67
N GLN P 285 -7.99 -52.84 -30.81
CA GLN P 285 -7.71 -51.65 -30.02
C GLN P 285 -8.96 -51.33 -29.21
N PRO P 286 -8.93 -50.44 -28.22
CA PRO P 286 -10.18 -50.05 -27.54
C PRO P 286 -11.12 -49.27 -28.44
N PHE P 287 -12.42 -49.59 -28.34
CA PHE P 287 -13.45 -48.93 -29.13
C PHE P 287 -14.79 -49.06 -28.40
N ASP P 288 -15.82 -48.48 -29.01
CA ASP P 288 -17.21 -48.68 -28.61
C ASP P 288 -18.12 -48.35 -29.79
N VAL P 289 -19.13 -49.19 -30.01
CA VAL P 289 -20.11 -48.98 -31.08
C VAL P 289 -21.48 -49.07 -30.45
N SER P 290 -22.46 -48.42 -31.06
CA SER P 290 -23.84 -48.47 -30.63
C SER P 290 -24.73 -48.10 -31.82
N ALA P 291 -25.99 -48.50 -31.74
CA ALA P 291 -27.01 -48.01 -32.66
C ALA P 291 -27.68 -46.79 -32.04
N PHE P 292 -28.01 -45.82 -32.88
CA PHE P 292 -28.56 -44.54 -32.46
C PHE P 292 -29.99 -44.44 -32.97
N ASN P 293 -30.88 -43.90 -32.16
CA ASN P 293 -32.27 -43.74 -32.55
C ASN P 293 -32.79 -42.46 -31.94
N ALA P 294 -33.52 -41.67 -32.71
CA ALA P 294 -34.08 -40.41 -32.23
C ALA P 294 -35.38 -40.14 -32.97
N SER P 295 -36.49 -40.11 -32.25
CA SER P 295 -37.81 -40.00 -32.85
C SER P 295 -38.46 -38.69 -32.40
N TYR P 296 -39.13 -38.02 -33.34
CA TYR P 296 -39.72 -36.72 -33.11
C TYR P 296 -41.14 -36.74 -33.67
N SER P 297 -41.82 -35.60 -33.61
CA SER P 297 -43.23 -35.57 -33.96
C SER P 297 -43.48 -35.62 -35.47
N ASP P 298 -42.49 -35.27 -36.28
CA ASP P 298 -42.70 -35.28 -37.71
C ASP P 298 -41.55 -35.88 -38.50
N SER P 299 -40.51 -36.38 -37.83
CA SER P 299 -39.34 -36.94 -38.49
C SER P 299 -38.57 -37.77 -37.48
N GLY P 300 -37.56 -38.49 -37.96
CA GLY P 300 -36.69 -39.23 -37.08
C GLY P 300 -35.35 -39.50 -37.74
N LEU P 301 -34.35 -39.82 -36.92
CA LEU P 301 -33.04 -40.23 -37.40
C LEU P 301 -32.65 -41.57 -36.80
N PHE P 302 -32.01 -42.42 -37.60
CA PHE P 302 -31.48 -43.70 -37.16
C PHE P 302 -30.10 -43.92 -37.77
N GLY P 303 -29.18 -44.44 -36.98
CA GLY P 303 -27.89 -44.82 -37.49
C GLY P 303 -26.93 -45.46 -36.50
N ILE P 304 -25.65 -45.18 -36.62
CA ILE P 304 -24.60 -45.80 -35.81
C ILE P 304 -23.75 -44.70 -35.18
N TYR P 305 -23.04 -45.06 -34.10
CA TYR P 305 -22.17 -44.16 -33.35
C TYR P 305 -20.92 -44.94 -32.96
N THR P 306 -19.75 -44.42 -33.32
CA THR P 306 -18.50 -45.08 -32.99
C THR P 306 -17.61 -44.16 -32.17
N ILE P 307 -16.77 -44.77 -31.33
CA ILE P 307 -15.68 -44.10 -30.63
C ILE P 307 -14.46 -44.99 -30.87
N SER P 308 -13.39 -44.42 -31.38
CA SER P 308 -12.22 -45.21 -31.72
C SER P 308 -10.96 -44.37 -31.59
N GLN P 309 -9.83 -44.99 -31.84
CA GLN P 309 -8.58 -44.28 -31.98
C GLN P 309 -8.44 -43.76 -33.41
N ALA P 310 -7.61 -42.73 -33.57
CA ALA P 310 -7.57 -41.95 -34.80
C ALA P 310 -7.10 -42.76 -36.00
N ALA P 311 -6.11 -43.62 -35.82
CA ALA P 311 -5.61 -44.42 -36.91
C ALA P 311 -6.50 -45.60 -37.28
N SER P 312 -7.58 -45.85 -36.53
CA SER P 312 -8.45 -46.99 -36.77
C SER P 312 -9.87 -46.57 -37.12
N ALA P 313 -10.11 -45.29 -37.34
CA ALA P 313 -11.48 -44.78 -37.41
C ALA P 313 -12.19 -45.22 -38.68
N GLY P 314 -11.47 -45.34 -39.80
CA GLY P 314 -12.09 -45.82 -41.00
C GLY P 314 -12.37 -47.31 -40.99
N ASP P 315 -11.53 -48.08 -40.30
CA ASP P 315 -11.73 -49.52 -40.18
C ASP P 315 -12.98 -49.83 -39.35
N VAL P 316 -13.25 -49.03 -38.32
CA VAL P 316 -14.37 -49.31 -37.43
C VAL P 316 -15.69 -48.95 -38.10
N ILE P 317 -15.73 -47.84 -38.84
CA ILE P 317 -16.97 -47.38 -39.45
C ILE P 317 -17.39 -48.28 -40.61
N LYS P 318 -16.43 -48.79 -41.37
CA LYS P 318 -16.75 -49.68 -42.49
C LYS P 318 -17.24 -51.04 -42.01
N SER P 319 -16.63 -51.58 -40.95
CA SER P 319 -17.04 -52.85 -40.39
C SER P 319 -18.45 -52.78 -39.81
N ALA P 320 -18.77 -51.65 -39.18
CA ALA P 320 -20.08 -51.48 -38.58
C ALA P 320 -21.16 -51.31 -39.64
N TYR P 321 -20.84 -50.57 -40.70
CA TYR P 321 -21.82 -50.32 -41.75
C TYR P 321 -22.07 -51.55 -42.60
N ASP P 322 -21.06 -52.43 -42.71
CA ASP P 322 -21.21 -53.68 -43.43
C ASP P 322 -22.11 -54.68 -42.71
N GLN P 323 -22.31 -54.53 -41.41
CA GLN P 323 -23.18 -55.43 -40.67
C GLN P 323 -24.66 -55.11 -40.92
N VAL P 324 -25.00 -53.83 -41.08
CA VAL P 324 -26.38 -53.44 -41.38
C VAL P 324 -26.79 -53.87 -42.78
N LYS P 325 -25.83 -53.98 -43.70
CA LYS P 325 -26.14 -54.44 -45.05
C LYS P 325 -26.51 -55.91 -45.08
N ALA P 326 -25.88 -56.72 -44.22
CA ALA P 326 -26.18 -58.14 -44.09
C ALA P 326 -27.60 -58.38 -43.61
N ILE P 327 -28.10 -57.51 -42.73
CA ILE P 327 -29.48 -57.64 -42.25
C ILE P 327 -30.46 -57.25 -43.34
N ALA P 328 -30.12 -56.22 -44.12
CA ALA P 328 -31.01 -55.69 -45.14
C ALA P 328 -31.20 -56.63 -46.33
N GLN P 329 -30.35 -57.64 -46.51
CA GLN P 329 -30.57 -58.64 -47.55
C GLN P 329 -30.97 -59.99 -46.99
N GLY P 330 -31.60 -60.02 -45.82
CA GLY P 330 -32.34 -61.18 -45.39
C GLY P 330 -31.75 -61.98 -44.24
N ASN P 331 -30.47 -61.78 -43.91
CA ASN P 331 -29.86 -62.58 -42.86
C ASN P 331 -30.31 -62.11 -41.48
N LEU P 332 -31.37 -62.70 -40.94
CA LEU P 332 -31.94 -62.29 -39.65
C LEU P 332 -32.66 -63.50 -39.06
N SER P 333 -32.01 -64.12 -38.07
CA SER P 333 -32.55 -65.30 -37.37
C SER P 333 -33.78 -64.97 -36.53
N ASN P 334 -34.60 -65.98 -36.24
CA ASN P 334 -35.84 -65.75 -35.49
C ASN P 334 -35.61 -65.67 -33.99
N THR P 335 -34.58 -66.35 -33.47
CA THR P 335 -34.24 -66.24 -32.06
C THR P 335 -33.56 -64.92 -31.72
N ASP P 336 -33.10 -64.16 -32.72
CA ASP P 336 -32.55 -62.83 -32.50
C ASP P 336 -33.61 -61.76 -32.41
N VAL P 337 -34.71 -61.91 -33.16
CA VAL P 337 -35.81 -60.97 -33.05
C VAL P 337 -36.51 -61.14 -31.71
N GLN P 338 -36.53 -62.35 -31.18
CA GLN P 338 -37.19 -62.59 -29.91
C GLN P 338 -36.38 -62.07 -28.72
N ALA P 339 -35.07 -62.23 -28.75
CA ALA P 339 -34.24 -61.66 -27.69
C ALA P 339 -34.21 -60.14 -27.72
N ALA P 340 -34.44 -59.53 -28.88
CA ALA P 340 -34.50 -58.07 -28.97
C ALA P 340 -35.82 -57.54 -28.41
N LYS P 341 -36.90 -58.31 -28.55
CA LYS P 341 -38.17 -57.90 -27.99
C LYS P 341 -38.16 -57.96 -26.47
N ASN P 342 -37.42 -58.91 -25.89
CA ASN P 342 -37.29 -59.00 -24.44
C ASN P 342 -36.54 -57.82 -23.86
N LYS P 343 -35.48 -57.37 -24.53
CA LYS P 343 -34.72 -56.22 -24.03
C LYS P 343 -35.52 -54.94 -24.16
N LEU P 344 -36.35 -54.84 -25.19
CA LEU P 344 -37.14 -53.64 -25.39
C LEU P 344 -38.30 -53.56 -24.41
N LYS P 345 -38.91 -54.71 -24.08
CA LYS P 345 -40.02 -54.74 -23.13
C LYS P 345 -39.54 -54.49 -21.70
N ALA P 346 -38.43 -55.13 -21.33
CA ALA P 346 -37.92 -55.02 -19.96
C ALA P 346 -37.36 -53.64 -19.69
N GLY P 347 -36.77 -53.01 -20.71
CA GLY P 347 -36.28 -51.65 -20.54
C GLY P 347 -37.38 -50.63 -20.42
N TYR P 348 -38.54 -50.92 -21.00
CA TYR P 348 -39.65 -49.99 -20.89
C TYR P 348 -40.30 -50.04 -19.52
N LEU P 349 -40.38 -51.23 -18.91
CA LEU P 349 -40.98 -51.35 -17.58
C LEU P 349 -40.02 -50.89 -16.49
N MET P 350 -38.72 -50.93 -16.72
CA MET P 350 -37.78 -50.45 -15.73
C MET P 350 -37.65 -48.92 -15.73
N SER P 351 -38.05 -48.26 -16.81
CA SER P 351 -37.91 -46.83 -16.93
C SER P 351 -39.09 -46.06 -16.39
N VAL P 352 -40.17 -46.75 -16.04
CA VAL P 352 -41.38 -46.13 -15.53
C VAL P 352 -41.53 -46.45 -14.04
N GLU P 353 -40.47 -46.96 -13.43
CA GLU P 353 -40.48 -47.59 -12.13
C GLU P 353 -40.43 -46.57 -11.00
N SER P 354 -39.60 -45.56 -11.15
CA SER P 354 -39.48 -44.49 -10.17
C SER P 354 -40.47 -43.39 -10.50
N SER P 355 -40.59 -42.43 -9.57
CA SER P 355 -41.53 -41.33 -9.72
C SER P 355 -41.10 -40.33 -10.76
N GLU P 356 -39.80 -40.16 -10.96
CA GLU P 356 -39.33 -39.25 -11.99
C GLU P 356 -39.53 -39.84 -13.39
N GLY P 357 -39.28 -41.13 -13.55
CA GLY P 357 -39.48 -41.76 -14.84
C GLY P 357 -40.94 -41.91 -15.22
N PHE P 358 -41.81 -42.12 -14.23
CA PHE P 358 -43.22 -42.28 -14.49
C PHE P 358 -43.88 -40.96 -14.87
N LEU P 359 -43.47 -39.88 -14.21
CA LEU P 359 -44.08 -38.57 -14.48
C LEU P 359 -43.70 -38.07 -15.86
N ASP P 360 -42.47 -38.36 -16.29
CA ASP P 360 -42.00 -38.03 -17.63
C ASP P 360 -42.76 -38.82 -18.70
N GLU P 361 -43.04 -40.09 -18.43
CA GLU P 361 -43.71 -40.94 -19.40
C GLU P 361 -45.16 -40.53 -19.62
N VAL P 362 -45.83 -40.08 -18.56
CA VAL P 362 -47.22 -39.64 -18.68
C VAL P 362 -47.29 -38.28 -19.36
N GLY P 363 -46.33 -37.40 -19.07
CA GLY P 363 -46.36 -36.05 -19.62
C GLY P 363 -46.07 -35.98 -21.11
N SER P 364 -45.24 -36.88 -21.62
CA SER P 364 -44.97 -36.90 -23.05
C SER P 364 -46.12 -37.55 -23.82
N GLN P 365 -46.91 -38.41 -23.20
CA GLN P 365 -48.08 -38.98 -23.86
C GLN P 365 -49.18 -37.97 -24.02
N ALA P 366 -49.32 -37.04 -23.07
CA ALA P 366 -50.41 -36.08 -23.11
C ALA P 366 -50.16 -34.96 -24.10
N LEU P 367 -48.90 -34.67 -24.42
CA LEU P 367 -48.60 -33.62 -25.38
C LEU P 367 -48.71 -34.12 -26.81
N VAL P 368 -48.26 -35.35 -27.08
CA VAL P 368 -48.19 -35.83 -28.45
C VAL P 368 -49.50 -36.48 -28.88
N ALA P 369 -50.08 -37.32 -28.03
CA ALA P 369 -51.27 -38.06 -28.42
C ALA P 369 -52.53 -37.60 -27.73
N GLY P 370 -52.42 -36.93 -26.60
CA GLY P 370 -53.59 -36.46 -25.88
C GLY P 370 -54.38 -37.52 -25.14
N SER P 371 -53.73 -38.62 -24.76
CA SER P 371 -54.39 -39.72 -24.07
C SER P 371 -53.36 -40.43 -23.20
N TYR P 372 -53.84 -41.37 -22.39
CA TYR P 372 -52.97 -42.26 -21.64
C TYR P 372 -53.25 -43.72 -21.98
N MET P 373 -52.18 -44.49 -22.18
CA MET P 373 -52.24 -45.91 -22.46
C MET P 373 -51.47 -46.67 -21.38
N GLN P 374 -52.04 -47.78 -20.92
CA GLN P 374 -51.37 -48.66 -19.97
C GLN P 374 -50.18 -49.36 -20.60
N PRO P 375 -49.21 -49.79 -19.80
CA PRO P 375 -48.07 -50.54 -20.35
C PRO P 375 -48.41 -51.92 -20.90
N SER P 376 -49.62 -52.45 -20.72
CA SER P 376 -50.00 -53.67 -21.39
C SER P 376 -50.45 -53.44 -22.82
N THR P 377 -50.93 -52.24 -23.15
CA THR P 377 -51.22 -51.90 -24.53
C THR P 377 -49.94 -51.65 -25.31
N VAL P 378 -48.93 -51.05 -24.65
CA VAL P 378 -47.63 -50.82 -25.25
C VAL P 378 -46.93 -52.14 -25.54
N LEU P 379 -47.03 -53.10 -24.62
CA LEU P 379 -46.35 -54.38 -24.80
C LEU P 379 -46.97 -55.25 -25.88
N GLN P 380 -48.23 -55.00 -26.24
CA GLN P 380 -48.83 -55.69 -27.37
C GLN P 380 -48.31 -55.18 -28.70
N GLN P 381 -48.10 -53.86 -28.80
CA GLN P 381 -47.59 -53.25 -30.02
C GLN P 381 -46.18 -53.72 -30.35
N ILE P 382 -45.38 -54.02 -29.34
CA ILE P 382 -44.05 -54.55 -29.56
C ILE P 382 -44.09 -55.99 -30.06
N ASP P 383 -45.02 -56.80 -29.57
CA ASP P 383 -45.11 -58.18 -30.01
C ASP P 383 -45.74 -58.34 -31.38
N SER P 384 -46.37 -57.30 -31.93
CA SER P 384 -46.97 -57.37 -33.24
C SER P 384 -46.03 -56.94 -34.36
N VAL P 385 -44.76 -56.67 -34.05
CA VAL P 385 -43.76 -56.37 -35.07
C VAL P 385 -43.30 -57.69 -35.69
N ALA P 386 -43.35 -57.78 -37.02
CA ALA P 386 -42.96 -58.98 -37.73
C ALA P 386 -41.50 -58.91 -38.15
N ASP P 387 -40.97 -60.06 -38.58
CA ASP P 387 -39.57 -60.13 -38.96
C ASP P 387 -39.33 -59.43 -40.30
N ALA P 388 -40.34 -59.37 -41.16
CA ALA P 388 -40.20 -58.69 -42.44
C ALA P 388 -40.21 -57.18 -42.28
N ASP P 389 -40.85 -56.69 -41.22
CA ASP P 389 -40.84 -55.25 -40.92
C ASP P 389 -39.47 -54.79 -40.43
N VAL P 390 -38.71 -55.66 -39.78
CA VAL P 390 -37.37 -55.29 -39.33
C VAL P 390 -36.40 -55.25 -40.50
N ILE P 391 -36.55 -56.17 -41.45
CA ILE P 391 -35.71 -56.20 -42.64
C ILE P 391 -36.02 -55.00 -43.53
N ASN P 392 -37.28 -54.57 -43.60
CA ASN P 392 -37.65 -53.39 -44.36
C ASN P 392 -37.12 -52.09 -43.76
N ALA P 393 -36.91 -52.03 -42.45
CA ALA P 393 -36.35 -50.82 -41.86
C ALA P 393 -34.86 -50.72 -42.09
N ALA P 394 -34.17 -51.84 -42.21
CA ALA P 394 -32.75 -51.85 -42.54
C ALA P 394 -32.49 -51.58 -44.02
N LYS P 395 -33.49 -51.70 -44.89
CA LYS P 395 -33.34 -51.33 -46.28
C LYS P 395 -33.60 -49.85 -46.51
N LYS P 396 -34.41 -49.23 -45.67
CA LYS P 396 -34.60 -47.80 -45.72
C LYS P 396 -33.36 -47.04 -45.28
N PHE P 397 -32.58 -47.62 -44.37
CA PHE P 397 -31.34 -46.98 -43.95
C PHE P 397 -30.28 -47.06 -45.03
N VAL P 398 -30.11 -48.25 -45.62
CA VAL P 398 -29.02 -48.52 -46.56
C VAL P 398 -29.21 -47.72 -47.86
N SER P 399 -30.44 -47.53 -48.29
CA SER P 399 -30.68 -46.82 -49.54
C SER P 399 -30.90 -45.32 -49.35
N GLY P 400 -31.03 -44.85 -48.11
CA GLY P 400 -31.34 -43.44 -47.89
C GLY P 400 -30.10 -42.56 -47.91
N ARG P 401 -30.34 -41.26 -48.11
CA ARG P 401 -29.26 -40.26 -48.13
C ARG P 401 -28.73 -40.01 -46.72
N LYS P 402 -27.40 -39.97 -46.58
CA LYS P 402 -26.77 -39.96 -45.27
C LYS P 402 -26.41 -38.56 -44.80
N SER P 403 -26.31 -38.40 -43.48
CA SER P 403 -25.68 -37.26 -42.82
C SER P 403 -24.61 -37.74 -41.86
N MET P 404 -23.63 -36.89 -41.58
CA MET P 404 -22.45 -37.29 -40.81
C MET P 404 -21.93 -36.13 -39.98
N ALA P 405 -21.33 -36.46 -38.84
CA ALA P 405 -20.62 -35.51 -38.01
C ALA P 405 -19.51 -36.23 -37.29
N ALA P 406 -18.34 -35.59 -37.17
CA ALA P 406 -17.18 -36.22 -36.55
C ALA P 406 -16.34 -35.16 -35.86
N SER P 407 -15.51 -35.61 -34.92
CA SER P 407 -14.62 -34.70 -34.20
C SER P 407 -13.43 -35.47 -33.65
N GLY P 408 -12.31 -34.77 -33.48
CA GLY P 408 -11.06 -35.36 -33.09
C GLY P 408 -9.96 -35.08 -34.11
N ASN P 409 -9.05 -36.03 -34.23
CA ASN P 409 -8.01 -35.99 -35.25
C ASN P 409 -8.50 -36.75 -36.47
N LEU P 410 -9.06 -36.01 -37.44
CA LEU P 410 -9.85 -36.57 -38.53
C LEU P 410 -9.05 -36.93 -39.77
N GLY P 411 -7.75 -37.19 -39.63
CA GLY P 411 -6.90 -37.47 -40.77
C GLY P 411 -7.06 -38.85 -41.38
N HIS P 412 -7.80 -39.76 -40.74
CA HIS P 412 -8.08 -41.07 -41.30
C HIS P 412 -9.57 -41.38 -41.31
N THR P 413 -10.40 -40.40 -41.14
CA THR P 413 -11.84 -40.58 -41.14
C THR P 413 -12.38 -40.42 -42.56
N PRO P 414 -13.23 -41.32 -43.04
CA PRO P 414 -13.79 -41.18 -44.38
C PRO P 414 -14.78 -40.04 -44.50
N PHE P 415 -14.89 -39.53 -45.72
CA PHE P 415 -15.94 -38.58 -46.05
C PHE P 415 -17.21 -39.33 -46.39
N VAL P 416 -18.35 -38.65 -46.29
CA VAL P 416 -19.67 -39.28 -46.35
C VAL P 416 -19.98 -39.83 -47.74
N ASP P 417 -19.22 -39.43 -48.75
CA ASP P 417 -19.36 -39.97 -50.09
C ASP P 417 -18.45 -41.15 -50.39
N GLU P 418 -17.48 -41.44 -49.54
CA GLU P 418 -16.54 -42.53 -49.77
C GLU P 418 -16.97 -43.81 -49.06
N ASP Q 1 47.05 -3.78 67.70
CA ASP Q 1 47.52 -4.91 68.51
C ASP Q 1 47.29 -6.30 67.86
N PRO Q 2 46.11 -6.61 67.26
CA PRO Q 2 46.03 -7.89 66.52
C PRO Q 2 46.85 -7.86 65.24
N LEU Q 3 47.01 -6.67 64.64
CA LEU Q 3 47.76 -6.55 63.40
C LEU Q 3 49.23 -6.81 63.59
N THR Q 4 49.82 -6.25 64.65
CA THR Q 4 51.24 -6.42 64.93
C THR Q 4 51.56 -7.87 65.29
N THR Q 5 50.60 -8.57 65.86
CA THR Q 5 50.68 -10.01 66.06
C THR Q 5 50.79 -10.75 64.74
N VAL Q 6 49.86 -10.47 63.82
CA VAL Q 6 49.75 -11.24 62.58
C VAL Q 6 50.91 -10.91 61.64
N ARG Q 7 51.24 -9.62 61.54
CA ARG Q 7 52.28 -9.11 60.65
C ARG Q 7 53.66 -9.64 60.99
N GLU Q 8 53.90 -10.00 62.26
CA GLU Q 8 55.19 -10.52 62.68
C GLU Q 8 55.30 -12.03 62.46
N GLN Q 9 54.19 -12.76 62.67
CA GLN Q 9 54.16 -14.20 62.48
C GLN Q 9 54.35 -14.58 61.01
N CYS Q 10 53.83 -13.77 60.09
CA CYS Q 10 53.95 -14.02 58.66
C CYS Q 10 55.20 -13.39 58.05
N GLU Q 11 56.07 -12.79 58.86
CA GLU Q 11 57.29 -12.18 58.36
C GLU Q 11 58.45 -13.16 58.30
N GLN Q 12 58.18 -14.44 58.58
CA GLN Q 12 59.20 -15.48 58.58
C GLN Q 12 58.84 -16.59 57.59
N ILE Q 13 58.47 -16.20 56.37
CA ILE Q 13 58.00 -17.11 55.34
C ILE Q 13 59.02 -17.14 54.21
N GLU Q 14 59.07 -18.32 53.49
CA GLU Q 14 60.15 -18.53 52.47
C GLU Q 14 60.13 -17.51 51.33
N LYS Q 15 59.07 -16.65 51.27
CA LYS Q 15 59.08 -15.54 50.32
C LYS Q 15 59.48 -14.22 50.94
N CYS Q 16 59.25 -14.05 52.24
CA CYS Q 16 59.51 -12.76 52.89
C CYS Q 16 60.90 -12.65 53.51
N ILE Q 17 61.55 -13.76 53.85
CA ILE Q 17 62.97 -13.68 54.18
C ILE Q 17 63.82 -13.68 52.92
N LYS Q 18 63.35 -14.36 51.87
CA LYS Q 18 63.99 -14.29 50.56
C LYS Q 18 63.95 -12.89 49.96
N ALA Q 19 62.96 -12.09 50.31
CA ALA Q 19 62.92 -10.69 49.93
C ALA Q 19 63.72 -9.79 50.87
N ARG Q 20 63.81 -10.16 52.14
CA ARG Q 20 64.60 -9.38 53.10
C ARG Q 20 66.08 -9.50 52.80
N GLU Q 21 66.49 -10.64 52.24
CA GLU Q 21 67.86 -10.89 51.82
C GLU Q 21 68.37 -9.87 50.82
N ARG Q 22 67.66 -9.65 49.72
CA ARG Q 22 68.14 -8.71 48.70
C ARG Q 22 68.00 -7.27 49.18
N LEU Q 23 67.09 -7.03 50.13
CA LEU Q 23 66.77 -5.69 50.60
C LEU Q 23 67.96 -5.11 51.38
N GLU Q 24 68.45 -5.81 52.39
CA GLU Q 24 69.62 -5.32 53.11
C GLU Q 24 70.93 -5.65 52.39
N LEU Q 25 70.91 -6.57 51.43
CA LEU Q 25 72.01 -6.65 50.47
C LEU Q 25 72.17 -5.36 49.66
N CYS Q 26 71.09 -4.61 49.45
CA CYS Q 26 71.23 -3.38 48.67
C CYS Q 26 71.14 -2.15 49.56
N ASP Q 27 70.46 -2.26 50.70
CA ASP Q 27 70.41 -1.22 51.73
C ASP Q 27 71.80 -0.76 52.18
N GLN Q 28 72.73 -1.71 52.29
CA GLN Q 28 74.09 -1.41 52.72
C GLN Q 28 74.86 -0.71 51.60
N ARG Q 29 74.43 -0.93 50.35
CA ARG Q 29 75.23 -0.50 49.21
C ARG Q 29 74.88 0.90 48.72
N VAL Q 30 73.76 1.48 49.16
CA VAL Q 30 73.42 2.83 48.72
C VAL Q 30 74.18 3.91 49.49
N SER Q 31 74.38 3.73 50.79
CA SER Q 31 74.80 4.82 51.66
C SER Q 31 76.29 5.15 51.52
N SER Q 32 77.07 4.27 50.90
CA SER Q 32 78.52 4.46 50.81
C SER Q 32 78.90 5.68 50.00
N ARG Q 33 78.56 5.70 48.71
CA ARG Q 33 78.85 6.86 47.87
C ARG Q 33 77.70 7.84 47.99
N SER Q 34 78.03 9.10 48.30
CA SER Q 34 76.99 10.05 48.67
C SER Q 34 76.47 10.88 47.50
N GLN Q 35 77.03 10.69 46.28
CA GLN Q 35 76.38 11.19 45.06
C GLN Q 35 75.90 9.97 44.26
N THR Q 36 74.66 9.56 44.56
CA THR Q 36 74.03 8.43 43.91
C THR Q 36 72.53 8.69 43.92
N GLU Q 37 71.86 8.33 42.84
CA GLU Q 37 70.41 8.55 42.70
C GLU Q 37 69.61 7.29 42.99
N GLU Q 38 70.32 6.17 43.21
CA GLU Q 38 69.73 4.86 43.49
C GLU Q 38 68.86 4.84 44.74
N ASP Q 39 67.61 4.42 44.59
CA ASP Q 39 66.76 4.18 45.73
C ASP Q 39 66.62 2.68 45.93
N CYS Q 40 65.83 2.30 46.92
CA CYS Q 40 65.39 0.91 47.03
C CYS Q 40 63.89 0.87 47.30
N THR Q 41 63.15 1.86 46.79
CA THR Q 41 61.71 1.87 46.93
C THR Q 41 61.08 0.72 46.15
N GLU Q 42 61.73 0.26 45.10
CA GLU Q 42 61.49 -1.01 44.46
C GLU Q 42 61.54 -2.17 45.43
N GLU Q 43 62.69 -2.36 46.06
CA GLU Q 43 63.01 -3.50 46.91
C GLU Q 43 62.02 -3.64 48.08
N LEU Q 44 61.52 -2.52 48.59
CA LEU Q 44 60.48 -2.55 49.62
C LEU Q 44 59.19 -3.16 49.10
N PHE Q 45 58.84 -2.93 47.83
CA PHE Q 45 57.56 -3.37 47.29
C PHE Q 45 57.49 -4.88 47.13
N ASP Q 46 58.59 -5.52 46.72
CA ASP Q 46 58.66 -6.98 46.63
C ASP Q 46 58.44 -7.65 47.97
N PHE Q 47 58.83 -6.99 49.07
CA PHE Q 47 58.63 -7.52 50.40
C PHE Q 47 57.22 -7.25 50.90
N LEU Q 48 56.70 -6.05 50.66
CA LEU Q 48 55.36 -5.71 51.12
C LEU Q 48 54.28 -6.43 50.35
N HIS Q 49 54.55 -6.86 49.12
CA HIS Q 49 53.57 -7.61 48.34
C HIS Q 49 53.46 -9.02 48.91
N ALA Q 50 54.61 -9.67 49.10
CA ALA Q 50 54.70 -11.01 49.66
C ALA Q 50 54.10 -11.08 51.06
N ARG Q 51 54.30 -10.05 51.87
CA ARG Q 51 53.81 -10.08 53.24
C ARG Q 51 52.32 -9.76 53.36
N ASP Q 52 51.87 -8.72 52.68
CA ASP Q 52 50.47 -8.27 52.76
C ASP Q 52 49.51 -9.24 52.10
N HIS Q 53 49.97 -10.17 51.24
CA HIS Q 53 49.12 -11.22 50.70
C HIS Q 53 48.75 -12.24 51.76
N CYS Q 54 49.62 -12.47 52.73
CA CYS Q 54 49.37 -13.42 53.79
C CYS Q 54 48.65 -12.81 55.00
N VAL Q 55 48.76 -11.50 55.18
CA VAL Q 55 48.04 -10.83 56.26
C VAL Q 55 46.54 -10.83 55.98
N ALA Q 56 46.17 -10.65 54.72
CA ALA Q 56 44.76 -10.54 54.33
C ALA Q 56 44.01 -11.84 54.54
N HIS Q 57 44.70 -12.97 54.40
CA HIS Q 57 44.08 -14.27 54.58
C HIS Q 57 43.80 -14.61 56.03
N LYS Q 58 44.41 -13.90 56.99
CA LYS Q 58 44.35 -14.31 58.39
C LYS Q 58 43.87 -13.25 59.35
N LEU Q 59 43.79 -11.97 58.96
CA LEU Q 59 43.58 -10.90 59.92
C LEU Q 59 42.14 -10.76 60.38
N PHE Q 60 41.17 -10.96 59.50
CA PHE Q 60 39.78 -10.62 59.83
C PHE Q 60 39.11 -11.62 60.77
N ASN Q 61 39.80 -12.68 61.17
CA ASN Q 61 39.26 -13.56 62.19
C ASN Q 61 39.36 -12.92 63.56
N SER Q 62 40.46 -12.20 63.81
CA SER Q 62 40.78 -11.66 65.11
C SER Q 62 40.08 -10.36 65.43
N LEU Q 63 39.36 -9.78 64.47
CA LEU Q 63 38.64 -8.52 64.66
C LEU Q 63 37.15 -8.75 64.89
N LYS Q 64 36.50 -7.68 65.37
CA LYS Q 64 35.06 -7.50 65.67
C LYS Q 64 34.39 -8.56 66.56
N ALA R 1 47.58 -24.34 -16.39
CA ALA R 1 47.70 -25.15 -17.61
C ALA R 1 48.97 -26.00 -17.58
N VAL R 2 49.48 -26.29 -16.37
CA VAL R 2 50.65 -27.14 -16.23
C VAL R 2 50.24 -28.58 -16.49
N ALA R 3 51.18 -29.38 -16.98
CA ALA R 3 50.91 -30.75 -17.42
C ALA R 3 51.50 -31.81 -16.50
N ALA R 4 52.58 -31.50 -15.78
CA ALA R 4 53.16 -32.49 -14.88
C ALA R 4 52.61 -32.38 -13.47
N SER R 5 52.36 -31.18 -12.96
CA SER R 5 51.83 -30.99 -11.62
C SER R 5 50.34 -30.68 -11.60
N SER R 6 49.57 -31.19 -12.57
CA SER R 6 48.12 -31.15 -12.53
C SER R 6 47.52 -32.40 -11.88
N LYS R 7 48.37 -33.21 -11.25
CA LYS R 7 47.95 -34.22 -10.29
C LYS R 7 47.96 -33.66 -8.88
N TRP R 8 48.91 -32.77 -8.59
CA TRP R 8 48.92 -32.03 -7.34
C TRP R 8 47.69 -31.13 -7.23
N LEU R 9 47.35 -30.43 -8.31
CA LEU R 9 46.24 -29.51 -8.27
C LEU R 9 44.89 -30.21 -8.39
N GLU R 10 44.87 -31.47 -8.82
CA GLU R 10 43.64 -32.23 -8.75
C GLU R 10 43.30 -32.63 -7.32
N GLY R 11 44.31 -32.75 -6.46
CA GLY R 11 44.09 -33.09 -5.07
C GLY R 11 43.66 -31.92 -4.22
N ILE R 12 44.15 -30.72 -4.55
CA ILE R 12 43.69 -29.53 -3.85
C ILE R 12 42.24 -29.21 -4.19
N ARG R 13 41.80 -29.55 -5.40
CA ARG R 13 40.40 -29.32 -5.75
C ARG R 13 39.47 -30.30 -5.07
N LYS R 14 39.93 -31.51 -4.79
CA LYS R 14 39.16 -32.48 -4.03
C LYS R 14 39.09 -32.11 -2.55
N TRP R 15 40.20 -31.59 -2.01
CA TRP R 15 40.23 -31.20 -0.60
C TRP R 15 39.26 -30.05 -0.34
N TYR R 16 39.24 -29.07 -1.24
CA TYR R 16 38.36 -27.92 -1.06
C TYR R 16 36.90 -28.31 -1.22
N TYR R 17 36.61 -29.34 -2.03
CA TYR R 17 35.23 -29.79 -2.22
C TYR R 17 34.66 -30.39 -0.95
N ASN R 18 35.48 -31.14 -0.22
CA ASN R 18 35.01 -31.78 1.01
C ASN R 18 34.98 -30.80 2.18
N ALA R 19 35.89 -29.82 2.18
CA ALA R 19 35.94 -28.83 3.26
C ALA R 19 34.76 -27.87 3.18
N ALA R 20 34.40 -27.44 1.98
CA ALA R 20 33.08 -26.89 1.78
C ALA R 20 32.04 -27.98 2.00
N GLY R 21 30.89 -27.61 2.49
CA GLY R 21 30.00 -28.70 2.85
C GLY R 21 28.63 -28.69 2.24
N PHE R 22 28.49 -28.28 0.97
CA PHE R 22 27.17 -28.38 0.37
C PHE R 22 26.87 -29.81 -0.06
N ASN R 23 27.90 -30.66 -0.20
CA ASN R 23 27.66 -32.06 -0.52
C ASN R 23 27.00 -32.82 0.63
N LYS R 24 27.21 -32.38 1.87
CA LYS R 24 26.61 -33.01 3.04
C LYS R 24 25.15 -32.67 3.20
N LEU R 25 24.67 -31.62 2.53
CA LEU R 25 23.26 -31.32 2.44
C LEU R 25 22.64 -31.86 1.17
N GLY R 26 23.41 -32.60 0.37
CA GLY R 26 22.93 -33.18 -0.88
C GLY R 26 22.75 -32.19 -2.00
N LEU R 27 23.59 -31.17 -2.06
CA LEU R 27 23.51 -30.13 -3.07
C LEU R 27 24.58 -30.35 -4.14
N MET R 28 24.32 -29.79 -5.31
CA MET R 28 25.30 -29.67 -6.38
C MET R 28 25.87 -28.26 -6.40
N ARG R 29 26.99 -28.08 -7.11
CA ARG R 29 27.69 -26.80 -7.12
C ARG R 29 26.84 -25.66 -7.68
N ASP R 30 26.09 -25.90 -8.75
CA ASP R 30 25.28 -24.85 -9.35
C ASP R 30 24.02 -24.52 -8.55
N ASP R 31 23.68 -25.30 -7.52
CA ASP R 31 22.61 -24.95 -6.61
C ASP R 31 22.95 -23.78 -5.69
N THR R 32 24.24 -23.52 -5.44
CA THR R 32 24.68 -22.57 -4.43
C THR R 32 25.05 -21.20 -4.99
N ILE R 33 24.85 -20.97 -6.29
CA ILE R 33 25.29 -19.74 -6.93
C ILE R 33 24.42 -18.57 -6.48
N TYR R 34 25.00 -17.37 -6.44
CA TYR R 34 24.26 -16.19 -6.06
C TYR R 34 23.45 -15.69 -7.26
N GLU R 35 22.15 -15.47 -7.03
CA GLU R 35 21.22 -15.18 -8.12
C GLU R 35 21.16 -13.67 -8.36
N ASP R 36 21.95 -13.19 -9.31
CA ASP R 36 21.78 -11.84 -9.81
C ASP R 36 20.80 -11.85 -10.99
N ASP R 37 20.72 -10.74 -11.72
CA ASP R 37 19.80 -10.65 -12.86
C ASP R 37 20.23 -11.55 -14.01
N ASP R 38 21.51 -11.84 -14.10
CA ASP R 38 22.05 -12.73 -15.10
C ASP R 38 21.72 -14.18 -14.82
N VAL R 39 21.83 -14.61 -13.56
CA VAL R 39 21.57 -15.98 -13.18
C VAL R 39 20.06 -16.26 -13.20
N LYS R 40 19.26 -15.24 -12.94
CA LYS R 40 17.81 -15.40 -12.97
C LYS R 40 17.27 -15.60 -14.39
N GLU R 41 18.00 -15.19 -15.42
CA GLU R 41 17.58 -15.46 -16.79
C GLU R 41 17.99 -16.86 -17.23
N ALA R 42 19.11 -17.37 -16.72
CA ALA R 42 19.50 -18.76 -17.02
C ALA R 42 18.60 -19.79 -16.33
N ILE R 43 18.00 -19.43 -15.19
CA ILE R 43 17.11 -20.34 -14.48
C ILE R 43 15.82 -20.56 -15.26
N ARG R 44 15.23 -19.48 -15.78
CA ARG R 44 13.98 -19.61 -16.52
C ARG R 44 14.16 -20.18 -17.93
N ARG R 45 15.39 -20.40 -18.39
CA ARG R 45 15.66 -21.07 -19.65
C ARG R 45 15.89 -22.56 -19.50
N LEU R 46 15.83 -23.11 -18.29
CA LEU R 46 16.10 -24.52 -18.11
C LEU R 46 14.91 -25.37 -18.57
N PRO R 47 15.16 -26.57 -19.06
CA PRO R 47 14.06 -27.51 -19.33
C PRO R 47 13.39 -27.95 -18.03
N GLU R 48 12.10 -28.23 -18.12
CA GLU R 48 11.17 -28.53 -17.03
C GLU R 48 11.67 -29.58 -16.03
N ASN R 49 12.33 -30.63 -16.51
CA ASN R 49 12.78 -31.69 -15.62
C ASN R 49 14.02 -31.28 -14.81
N LEU R 50 14.85 -30.39 -15.36
CA LEU R 50 16.02 -29.94 -14.61
C LEU R 50 15.64 -28.84 -13.64
N TYR R 51 14.62 -28.06 -13.96
CA TYR R 51 14.14 -27.06 -13.02
C TYR R 51 13.49 -27.71 -11.80
N ASN R 52 12.77 -28.82 -12.01
CA ASN R 52 12.07 -29.47 -10.90
C ASN R 52 13.05 -30.18 -9.98
N ASP R 53 14.13 -30.74 -10.51
CA ASP R 53 15.15 -31.37 -9.69
C ASP R 53 15.88 -30.40 -8.80
N ARG R 54 16.03 -29.15 -9.23
CA ARG R 54 16.74 -28.12 -8.50
C ARG R 54 15.88 -27.54 -7.37
N VAL R 55 14.58 -27.44 -7.58
CA VAL R 55 13.69 -26.91 -6.54
C VAL R 55 13.56 -27.89 -5.37
N PHE R 56 13.64 -29.19 -5.61
CA PHE R 56 13.52 -30.14 -4.52
C PHE R 56 14.82 -30.26 -3.72
N ARG R 57 15.97 -30.20 -4.40
CA ARG R 57 17.24 -30.29 -3.69
C ARG R 57 17.48 -29.10 -2.77
N ILE R 58 17.00 -27.93 -3.16
CA ILE R 58 17.15 -26.73 -2.36
C ILE R 58 16.22 -26.77 -1.15
N LYS R 59 14.98 -27.23 -1.37
CA LYS R 59 14.00 -27.33 -0.29
C LYS R 59 14.41 -28.35 0.77
N ARG R 60 15.04 -29.43 0.35
CA ARG R 60 15.48 -30.46 1.29
C ARG R 60 16.66 -29.99 2.14
N ALA R 61 17.59 -29.23 1.54
CA ALA R 61 18.74 -28.70 2.26
C ALA R 61 18.34 -27.58 3.22
N LEU R 62 17.34 -26.78 2.84
CA LEU R 62 16.81 -25.77 3.74
C LEU R 62 16.07 -26.38 4.92
N ASP R 63 15.61 -27.61 4.79
CA ASP R 63 14.91 -28.29 5.87
C ASP R 63 15.90 -28.96 6.83
N LEU R 64 17.04 -29.42 6.31
CA LEU R 64 18.06 -30.00 7.18
C LEU R 64 18.72 -28.94 8.05
N THR R 65 18.83 -27.72 7.55
CA THR R 65 19.52 -26.63 8.22
C THR R 65 18.65 -26.04 9.34
N MET R 66 17.32 -26.11 9.18
CA MET R 66 16.39 -25.76 10.24
C MET R 66 16.52 -26.67 11.45
N ARG R 67 16.98 -27.90 11.27
CA ARG R 67 17.07 -28.89 12.33
C ARG R 67 18.49 -29.17 12.79
N GLN R 68 19.49 -28.50 12.21
CA GLN R 68 20.92 -28.68 12.50
C GLN R 68 21.39 -30.11 12.27
N GLN R 69 20.95 -30.72 11.17
CA GLN R 69 21.33 -32.08 10.84
C GLN R 69 21.88 -32.13 9.42
N ILE R 70 22.55 -33.24 9.10
CA ILE R 70 23.04 -33.50 7.75
C ILE R 70 22.52 -34.86 7.31
N LEU R 71 22.82 -35.23 6.09
CA LEU R 71 22.38 -36.49 5.50
C LEU R 71 23.28 -37.62 5.94
N PRO R 72 22.84 -38.88 5.81
CA PRO R 72 23.76 -40.00 5.95
C PRO R 72 24.83 -39.96 4.88
N LYS R 73 26.01 -40.47 5.22
CA LYS R 73 27.20 -40.36 4.38
C LYS R 73 27.06 -41.09 3.04
N GLU R 74 26.18 -42.08 2.95
CA GLU R 74 25.91 -42.79 1.71
C GLU R 74 25.09 -41.95 0.72
N GLN R 75 24.57 -40.79 1.13
CA GLN R 75 23.78 -39.93 0.27
C GLN R 75 24.47 -38.59 0.02
N TRP R 76 25.75 -38.47 0.33
CA TRP R 76 26.49 -37.26 0.04
C TRP R 76 26.85 -37.23 -1.45
N THR R 77 26.72 -36.05 -2.07
CA THR R 77 27.10 -35.85 -3.46
C THR R 77 28.59 -36.08 -3.65
N LYS R 78 28.93 -36.94 -4.59
CA LYS R 78 30.32 -37.25 -4.86
C LYS R 78 30.91 -36.24 -5.83
N TYR R 79 32.23 -36.12 -5.79
CA TYR R 79 32.94 -35.10 -6.56
C TYR R 79 32.88 -35.35 -8.06
N GLU R 80 32.85 -36.61 -8.48
CA GLU R 80 32.83 -36.92 -9.89
C GLU R 80 31.42 -37.02 -10.47
N GLU R 81 30.39 -36.94 -9.64
CA GLU R 81 29.01 -37.01 -10.13
C GLU R 81 28.26 -35.70 -9.97
N ASP R 82 28.96 -34.59 -9.75
CA ASP R 82 28.35 -33.28 -9.73
C ASP R 82 28.24 -32.79 -11.17
N LYS R 83 27.01 -32.57 -11.63
CA LYS R 83 26.73 -32.17 -12.99
C LYS R 83 26.60 -30.65 -13.04
N PHE R 84 27.40 -30.01 -13.89
CA PHE R 84 27.33 -28.56 -14.03
C PHE R 84 26.24 -28.22 -15.04
N TYR R 85 25.00 -28.38 -14.59
CA TYR R 85 23.84 -28.28 -15.47
C TYR R 85 23.52 -26.85 -15.88
N LEU R 86 23.90 -25.86 -15.08
CA LEU R 86 23.53 -24.47 -15.34
C LEU R 86 24.60 -23.72 -16.12
N GLU R 87 25.82 -24.25 -16.22
CA GLU R 87 26.94 -23.49 -16.79
C GLU R 87 26.80 -23.18 -18.28
N PRO R 88 26.34 -24.10 -19.17
CA PRO R 88 26.12 -23.68 -20.58
C PRO R 88 25.03 -22.65 -20.81
N TYR R 89 23.99 -22.60 -19.98
CA TYR R 89 22.95 -21.58 -20.15
C TYR R 89 23.44 -20.23 -19.67
N LEU R 90 24.35 -20.21 -18.70
CA LEU R 90 24.82 -18.94 -18.14
C LEU R 90 25.84 -18.27 -19.03
N LYS R 91 26.66 -19.06 -19.74
CA LYS R 91 27.65 -18.48 -20.65
C LYS R 91 26.99 -17.78 -21.82
N GLU R 92 25.83 -18.26 -22.26
CA GLU R 92 25.14 -17.63 -23.37
C GLU R 92 24.43 -16.35 -22.95
N VAL R 93 23.90 -16.28 -21.74
CA VAL R 93 23.25 -15.07 -21.26
C VAL R 93 24.27 -13.95 -21.05
N ILE R 94 25.48 -14.29 -20.61
CA ILE R 94 26.54 -13.31 -20.41
C ILE R 94 27.08 -12.82 -21.75
N ARG R 95 27.22 -13.73 -22.72
CA ARG R 95 27.71 -13.38 -24.05
C ARG R 95 26.75 -12.45 -24.79
N GLU R 96 25.45 -12.54 -24.50
CA GLU R 96 24.50 -11.62 -25.12
C GLU R 96 24.51 -10.25 -24.46
N ARG R 97 24.89 -10.17 -23.19
CA ARG R 97 24.93 -8.87 -22.52
C ARG R 97 26.17 -8.07 -22.93
N LYS R 98 27.28 -8.72 -23.25
CA LYS R 98 28.45 -8.02 -23.73
C LYS R 98 28.23 -7.41 -25.10
N GLU R 99 27.39 -8.00 -25.92
CA GLU R 99 27.09 -7.56 -27.27
C GLU R 99 26.15 -6.37 -27.27
N ARG R 100 25.18 -6.29 -26.36
CA ARG R 100 24.38 -5.09 -26.24
C ARG R 100 25.18 -3.92 -25.68
N GLU R 101 26.31 -4.20 -25.04
CA GLU R 101 27.15 -3.18 -24.42
C GLU R 101 28.22 -2.66 -25.37
N GLU R 102 28.83 -3.54 -26.19
CA GLU R 102 29.71 -3.03 -27.23
C GLU R 102 28.95 -2.28 -28.32
N TRP R 103 27.66 -2.57 -28.51
CA TRP R 103 26.89 -1.83 -29.51
C TRP R 103 26.57 -0.42 -29.03
N ALA R 104 26.38 -0.22 -27.73
CA ALA R 104 25.95 1.06 -27.21
C ALA R 104 27.08 2.08 -27.10
N LYS R 105 28.34 1.65 -27.05
CA LYS R 105 29.42 2.62 -27.01
C LYS R 105 29.93 2.93 -28.41
N LYS R 106 29.88 1.96 -29.32
CA LYS R 106 30.21 2.22 -30.71
C LYS R 106 28.94 2.51 -31.50
N GLY S 1 3.58 -6.87 -2.06
CA GLY S 1 3.56 -7.38 -3.41
C GLY S 1 3.81 -8.87 -3.50
N ARG S 2 4.58 -9.39 -2.54
CA ARG S 2 4.93 -10.81 -2.49
C ARG S 2 4.20 -11.46 -1.30
N GLU S 3 3.03 -12.01 -1.58
CA GLU S 3 2.21 -12.78 -0.66
C GLU S 3 2.28 -14.26 -1.01
N PHE S 4 1.59 -15.08 -0.22
CA PHE S 4 1.80 -16.53 -0.26
C PHE S 4 1.42 -17.24 -1.55
N GLY S 5 0.29 -16.95 -2.17
CA GLY S 5 0.03 -17.62 -3.44
C GLY S 5 0.76 -17.12 -4.69
N HIS S 6 1.87 -16.38 -4.55
CA HIS S 6 2.56 -15.76 -5.67
C HIS S 6 4.08 -15.82 -5.62
N LEU S 7 4.67 -16.86 -5.03
CA LEU S 7 6.09 -16.81 -4.75
C LEU S 7 6.95 -17.58 -5.74
N THR S 8 6.60 -18.82 -6.06
CA THR S 8 7.36 -19.64 -7.01
C THR S 8 6.40 -20.57 -7.72
N ARG S 9 6.98 -21.49 -8.48
CA ARG S 9 6.27 -22.57 -9.15
C ARG S 9 6.94 -23.87 -8.76
N MET S 10 6.15 -24.83 -8.28
CA MET S 10 6.69 -26.07 -7.73
C MET S 10 5.76 -27.25 -8.04
N ARG S 11 6.35 -28.37 -8.46
CA ARG S 11 5.63 -29.57 -8.88
C ARG S 11 6.23 -30.81 -8.24
N HIS S 12 5.35 -31.78 -7.93
CA HIS S 12 5.63 -33.17 -7.52
C HIS S 12 6.26 -33.39 -6.14
N VAL S 13 6.06 -32.52 -5.17
CA VAL S 13 6.62 -32.74 -3.84
C VAL S 13 5.48 -32.83 -2.83
N ILE S 14 5.64 -33.70 -1.83
CA ILE S 14 4.59 -34.00 -0.86
C ILE S 14 5.14 -33.86 0.55
N THR S 15 4.30 -33.38 1.47
CA THR S 15 4.63 -33.07 2.85
C THR S 15 3.69 -33.79 3.79
N TYR S 16 4.23 -34.50 4.78
CA TYR S 16 3.48 -35.15 5.85
C TYR S 16 3.80 -34.52 7.19
N SER S 17 2.79 -34.18 7.98
CA SER S 17 3.04 -33.57 9.29
C SER S 17 2.03 -34.01 10.34
N LEU S 18 2.45 -33.98 11.62
CA LEU S 18 1.63 -34.35 12.77
C LEU S 18 1.17 -33.13 13.57
N SER S 19 0.08 -33.29 14.29
CA SER S 19 -0.43 -32.24 15.17
C SER S 19 0.48 -32.08 16.39
N PRO S 20 0.58 -30.87 16.96
CA PRO S 20 1.44 -30.69 18.15
C PRO S 20 0.94 -31.41 19.39
N PHE S 21 -0.36 -31.68 19.48
CA PHE S 21 -0.95 -32.40 20.60
C PHE S 21 -0.84 -33.91 20.46
N GLU S 22 -0.43 -34.42 19.32
CA GLU S 22 -0.15 -35.83 19.15
C GLU S 22 1.29 -36.18 19.40
N GLN S 23 2.12 -35.23 19.79
CA GLN S 23 3.55 -35.46 19.97
C GLN S 23 3.96 -35.27 21.42
N ARG S 24 4.93 -36.05 21.87
CA ARG S 24 5.49 -35.84 23.19
C ARG S 24 6.53 -34.72 23.15
N ALA S 25 6.71 -34.06 24.30
CA ALA S 25 7.43 -32.78 24.33
C ALA S 25 8.92 -32.97 24.09
N PHE S 26 9.51 -34.04 24.62
CA PHE S 26 10.92 -34.33 24.40
C PHE S 26 11.09 -35.75 23.87
N PRO S 27 11.18 -35.93 22.54
CA PRO S 27 11.44 -37.26 21.97
C PRO S 27 12.80 -37.82 22.39
N HIS S 28 13.85 -37.05 22.13
CA HIS S 28 15.13 -37.20 22.78
C HIS S 28 15.60 -35.81 23.21
N TYR S 29 16.34 -35.74 24.31
CA TYR S 29 17.02 -34.49 24.58
C TYR S 29 18.52 -34.71 24.74
N PHE S 30 18.90 -35.71 25.51
CA PHE S 30 20.31 -35.89 25.86
C PHE S 30 20.97 -37.04 25.12
N THR S 31 20.20 -37.94 24.51
CA THR S 31 20.81 -39.01 23.73
C THR S 31 21.00 -38.61 22.27
N LYS S 32 20.09 -37.80 21.73
CA LYS S 32 20.32 -37.22 20.41
C LYS S 32 21.21 -36.00 20.51
N GLY S 33 21.03 -35.19 21.55
CA GLY S 33 21.57 -33.85 21.60
C GLY S 33 23.06 -33.77 21.81
N ILE S 34 23.60 -34.61 22.70
CA ILE S 34 25.04 -34.57 22.98
C ILE S 34 25.92 -34.97 21.79
N PRO S 35 25.65 -36.07 21.04
CA PRO S 35 26.52 -36.32 19.87
C PRO S 35 26.30 -35.36 18.71
N ASN S 36 25.16 -34.66 18.66
CA ASN S 36 24.97 -33.70 17.59
C ASN S 36 25.73 -32.41 17.83
N VAL S 37 25.87 -31.98 19.08
CA VAL S 37 26.67 -30.79 19.33
C VAL S 37 28.16 -31.12 19.37
N LEU S 38 28.53 -32.40 19.49
CA LEU S 38 29.96 -32.73 19.44
C LEU S 38 30.48 -32.77 18.01
N ARG S 39 29.61 -32.94 17.02
CA ARG S 39 30.10 -32.88 15.65
C ARG S 39 29.90 -31.51 15.03
N ARG S 40 28.97 -30.71 15.57
CA ARG S 40 28.88 -29.30 15.18
C ARG S 40 30.05 -28.48 15.71
N THR S 41 30.70 -28.92 16.78
CA THR S 41 31.88 -28.31 17.36
C THR S 41 33.17 -28.72 16.69
N ARG S 42 33.26 -29.99 16.28
CA ARG S 42 34.42 -30.47 15.55
C ARG S 42 34.56 -29.79 14.19
N ALA S 43 33.44 -29.42 13.57
CA ALA S 43 33.47 -28.74 12.29
C ALA S 43 33.84 -27.27 12.44
N CYS S 44 33.66 -26.69 13.64
CA CYS S 44 33.86 -25.25 13.83
C CYS S 44 35.32 -24.89 14.08
N ILE S 45 35.98 -25.57 15.03
CA ILE S 45 37.01 -24.93 15.85
C ILE S 45 38.30 -24.67 15.07
N LEU S 46 38.57 -25.44 14.03
CA LEU S 46 39.79 -25.19 13.28
C LEU S 46 39.64 -24.01 12.32
N ARG S 47 38.46 -23.41 12.24
CA ARG S 47 38.29 -22.13 11.58
C ARG S 47 38.24 -20.96 12.57
N VAL S 48 37.78 -21.18 13.80
CA VAL S 48 37.49 -20.11 14.73
C VAL S 48 38.57 -19.94 15.80
N ALA S 49 39.05 -21.01 16.39
CA ALA S 49 40.01 -20.95 17.50
C ALA S 49 41.42 -20.40 17.19
N PRO S 50 42.11 -20.72 16.07
CA PRO S 50 43.51 -20.25 15.90
C PRO S 50 43.70 -18.73 15.84
N PRO S 51 42.73 -17.90 15.37
CA PRO S 51 42.95 -16.45 15.56
C PRO S 51 42.96 -16.00 17.01
N PHE S 52 42.17 -16.61 17.88
CA PHE S 52 42.14 -16.19 19.28
C PHE S 52 43.29 -16.74 20.10
N VAL S 53 43.95 -17.80 19.62
CA VAL S 53 45.18 -18.29 20.23
C VAL S 53 46.35 -17.36 19.95
N VAL S 54 46.35 -16.67 18.82
CA VAL S 54 47.36 -15.68 18.51
C VAL S 54 47.15 -14.37 19.27
N PHE S 55 45.92 -13.96 19.58
CA PHE S 55 45.71 -12.85 20.48
C PHE S 55 46.20 -13.14 21.89
N TYR S 56 46.11 -14.40 22.33
CA TYR S 56 46.57 -14.76 23.66
C TYR S 56 48.08 -14.67 23.79
N LEU S 57 48.80 -15.09 22.75
CA LEU S 57 50.26 -15.04 22.78
C LEU S 57 50.80 -13.63 22.61
N VAL S 58 50.00 -12.69 22.12
CA VAL S 58 50.39 -11.29 22.04
C VAL S 58 50.06 -10.55 23.32
N TYR S 59 48.96 -10.93 23.97
CA TYR S 59 48.63 -10.37 25.29
C TYR S 59 49.66 -10.77 26.33
N THR S 60 50.09 -12.03 26.29
CA THR S 60 51.03 -12.54 27.29
C THR S 60 52.43 -11.97 27.09
N TRP S 61 52.85 -11.76 25.85
CA TRP S 61 54.13 -11.13 25.58
C TRP S 61 54.10 -9.62 25.80
N GLY S 62 52.97 -8.98 25.54
CA GLY S 62 52.87 -7.54 25.70
C GLY S 62 52.74 -7.07 27.14
N THR S 63 52.25 -7.93 28.03
CA THR S 63 52.11 -7.56 29.44
C THR S 63 53.25 -8.22 30.22
N GLN S 64 54.37 -8.39 29.52
CA GLN S 64 55.54 -8.99 30.13
C GLN S 64 56.77 -8.19 29.68
N GLU S 65 56.60 -7.39 28.65
CA GLU S 65 57.60 -6.43 28.22
C GLU S 65 57.23 -5.03 28.64
N PHE S 66 56.09 -4.86 29.31
CA PHE S 66 55.79 -3.63 30.00
C PHE S 66 56.30 -3.62 31.42
N GLU S 67 56.26 -4.77 32.10
CA GLU S 67 56.70 -4.88 33.48
C GLU S 67 58.22 -4.90 33.60
N LYS S 68 58.91 -5.36 32.57
CA LYS S 68 60.36 -5.34 32.55
C LYS S 68 60.90 -3.95 32.20
N SER S 69 60.02 -3.03 31.85
CA SER S 69 60.46 -1.68 31.54
C SER S 69 59.93 -0.64 32.52
N LYS S 70 58.87 -0.94 33.27
CA LYS S 70 58.43 -0.01 34.31
C LYS S 70 59.17 -0.30 35.61
N ARG S 71 60.51 -0.17 35.53
CA ARG S 71 61.42 -0.06 36.66
C ARG S 71 61.52 -1.41 37.35
N LYS S 72 61.64 -2.48 36.58
CA LYS S 72 62.27 -3.69 37.12
C LYS S 72 63.70 -3.70 36.61
N ASN S 73 64.52 -2.88 37.24
CA ASN S 73 65.91 -2.63 36.82
C ASN S 73 66.90 -2.73 37.97
N PRO S 74 67.20 -3.95 38.47
CA PRO S 74 68.31 -4.09 39.42
C PRO S 74 69.65 -3.91 38.74
N ALA S 75 69.90 -4.67 37.67
CA ALA S 75 71.15 -4.61 36.93
C ALA S 75 71.11 -3.59 35.79
N ALA S 76 70.01 -2.86 35.64
CA ALA S 76 69.91 -1.80 34.65
C ALA S 76 69.80 -0.45 35.36
N TYR S 77 70.46 -0.35 36.52
CA TYR S 77 70.62 0.90 37.25
C TYR S 77 72.07 1.00 37.73
N GLU S 78 73.00 0.98 36.78
CA GLU S 78 74.44 1.01 37.14
C GLU S 78 74.97 2.45 37.01
N ASN S 79 76.03 2.78 37.75
CA ASN S 79 76.61 4.16 37.69
C ASN S 79 76.72 4.60 36.23
N ALA T 1 -4.30 -48.91 29.36
CA ALA T 1 -3.87 -47.60 28.88
C ALA T 1 -4.27 -46.49 29.84
N ALA T 2 -3.82 -46.59 31.09
CA ALA T 2 -4.15 -45.60 32.11
C ALA T 2 -3.27 -44.36 31.93
N PRO T 3 -3.86 -43.20 31.61
CA PRO T 3 -3.03 -42.01 31.34
C PRO T 3 -2.65 -41.25 32.60
N THR T 4 -1.82 -40.22 32.45
CA THR T 4 -1.40 -39.38 33.58
C THR T 4 -2.27 -38.11 33.62
N LEU T 5 -2.21 -37.38 34.73
CA LEU T 5 -3.19 -36.36 35.10
C LEU T 5 -2.99 -35.04 34.36
N THR T 6 -2.99 -35.06 33.03
CA THR T 6 -2.73 -33.86 32.26
C THR T 6 -3.97 -32.98 32.16
N ALA T 7 -5.14 -33.59 31.96
CA ALA T 7 -6.35 -32.88 31.56
C ALA T 7 -7.22 -32.46 32.73
N ARG T 8 -6.60 -31.92 33.80
CA ARG T 8 -7.33 -31.22 34.84
C ARG T 8 -8.24 -30.12 34.30
N LEU T 9 -7.73 -29.32 33.38
CA LEU T 9 -8.34 -28.05 33.03
C LEU T 9 -8.51 -27.88 31.53
N TYR T 10 -8.33 -28.95 30.76
CA TYR T 10 -8.48 -28.87 29.31
C TYR T 10 -9.94 -28.74 28.91
N SER T 11 -10.86 -29.25 29.74
CA SER T 11 -12.26 -29.32 29.35
C SER T 11 -13.08 -28.16 29.88
N LEU T 12 -12.92 -27.83 31.17
CA LEU T 12 -13.90 -26.97 31.81
C LEU T 12 -13.69 -25.51 31.44
N LEU T 13 -12.56 -24.94 31.83
CA LEU T 13 -12.31 -23.50 31.69
C LEU T 13 -11.32 -23.13 30.60
N PHE T 14 -10.16 -23.78 30.49
CA PHE T 14 -9.18 -23.43 29.47
C PHE T 14 -9.55 -23.92 28.08
N ARG T 15 -10.78 -24.39 27.86
CA ARG T 15 -11.25 -24.65 26.51
C ARG T 15 -12.02 -23.50 25.89
N ARG T 16 -12.77 -22.74 26.69
CA ARG T 16 -13.61 -21.67 26.10
C ARG T 16 -12.71 -20.46 25.85
N THR T 17 -11.40 -20.59 26.11
CA THR T 17 -10.40 -19.50 25.88
C THR T 17 -10.66 -18.30 26.81
N SER T 18 -11.84 -18.35 27.52
CA SER T 18 -12.18 -17.29 28.50
C SER T 18 -11.08 -17.23 29.55
N THR T 19 -10.92 -18.31 30.32
CA THR T 19 -9.84 -18.33 31.37
C THR T 19 -8.40 -18.39 30.79
N PHE T 20 -8.16 -18.56 29.50
CA PHE T 20 -6.84 -18.51 28.89
C PHE T 20 -6.30 -17.08 28.86
N ALA T 21 -7.16 -16.10 28.56
CA ALA T 21 -6.79 -14.69 28.65
C ALA T 21 -7.19 -14.05 29.97
N LEU T 22 -7.96 -14.78 30.79
CA LEU T 22 -8.40 -14.23 32.10
C LEU T 22 -7.37 -14.59 33.16
N THR T 23 -6.55 -15.62 32.92
CA THR T 23 -5.62 -16.08 33.99
C THR T 23 -4.54 -15.02 34.25
N ILE T 24 -4.46 -13.95 33.46
CA ILE T 24 -3.58 -12.87 33.83
C ILE T 24 -4.22 -11.98 34.89
N ALA T 25 -5.55 -12.02 34.97
CA ALA T 25 -6.29 -11.19 35.95
C ALA T 25 -6.88 -12.10 37.03
N VAL T 26 -7.85 -12.94 36.69
CA VAL T 26 -8.36 -13.93 37.69
C VAL T 26 -7.13 -14.63 38.26
N GLY T 27 -6.26 -15.14 37.39
CA GLY T 27 -5.03 -15.75 37.83
C GLY T 27 -3.95 -14.78 38.20
N ALA T 28 -4.25 -13.76 38.99
CA ALA T 28 -3.20 -12.90 39.51
C ALA T 28 -2.93 -13.13 40.99
N LEU T 29 -3.68 -14.02 41.63
CA LEU T 29 -3.79 -14.02 43.07
C LEU T 29 -2.78 -14.99 43.71
N PHE T 30 -2.62 -14.80 45.02
CA PHE T 30 -1.97 -15.65 46.03
C PHE T 30 -0.57 -16.16 45.66
N PHE T 31 0.14 -15.52 44.75
CA PHE T 31 1.56 -15.81 44.65
C PHE T 31 2.44 -14.71 45.23
N GLU T 32 1.87 -13.54 45.52
CA GLU T 32 2.50 -12.64 46.48
C GLU T 32 2.03 -12.94 47.89
N ARG T 33 1.14 -13.93 48.05
CA ARG T 33 1.05 -14.67 49.31
C ARG T 33 2.17 -15.67 49.46
N ALA T 34 2.64 -16.29 48.36
CA ALA T 34 3.49 -17.46 48.47
C ALA T 34 4.99 -17.17 48.33
N PHE T 35 5.39 -16.05 47.74
CA PHE T 35 6.82 -15.79 47.55
C PHE T 35 7.37 -14.70 48.44
N ASP T 36 6.83 -14.64 49.66
CA ASP T 36 7.48 -13.85 50.73
C ASP T 36 8.16 -15.02 51.45
N GLN T 37 7.47 -16.17 51.50
CA GLN T 37 8.03 -17.41 52.01
C GLN T 37 9.36 -17.77 51.32
N GLY T 38 9.65 -17.17 50.17
CA GLY T 38 10.91 -17.34 49.49
C GLY T 38 11.86 -16.21 49.77
N ALA T 39 11.95 -15.26 48.84
CA ALA T 39 12.95 -14.20 48.74
C ALA T 39 13.19 -13.40 50.02
N ASP T 40 12.12 -12.96 50.70
CA ASP T 40 12.29 -12.22 51.95
C ASP T 40 12.92 -13.10 53.03
N ALA T 41 12.36 -14.29 53.25
CA ALA T 41 12.88 -15.18 54.30
C ALA T 41 14.25 -15.75 53.97
N ILE T 42 14.60 -15.94 52.70
CA ILE T 42 15.97 -16.33 52.38
C ILE T 42 16.92 -15.16 52.61
N TYR T 43 16.45 -13.93 52.43
CA TYR T 43 17.31 -12.75 52.57
C TYR T 43 17.70 -12.52 54.02
N GLU T 44 16.74 -12.56 54.94
CA GLU T 44 17.08 -12.37 56.35
C GLU T 44 17.80 -13.57 56.96
N HIS T 45 17.78 -14.72 56.30
CA HIS T 45 18.50 -15.88 56.82
C HIS T 45 19.97 -15.89 56.44
N ILE T 46 20.32 -15.43 55.23
CA ILE T 46 21.74 -15.32 54.86
C ILE T 46 22.42 -14.23 55.68
N ASN T 47 21.71 -13.15 55.99
CA ASN T 47 22.23 -12.05 56.78
C ASN T 47 21.55 -12.08 58.15
N GLN T 48 22.10 -12.88 59.06
CA GLN T 48 21.49 -13.06 60.37
C GLN T 48 22.25 -12.25 61.41
N GLY T 49 21.53 -11.38 62.11
CA GLY T 49 22.15 -10.50 63.08
C GLY T 49 22.94 -9.37 62.48
N LYS T 50 22.64 -8.99 61.24
CA LYS T 50 23.36 -7.94 60.54
C LYS T 50 22.47 -6.80 60.10
N LEU T 51 21.16 -6.98 60.08
CA LEU T 51 20.24 -5.95 59.62
C LEU T 51 19.81 -5.08 60.80
N TRP T 52 19.12 -4.00 60.49
CA TRP T 52 18.70 -3.06 61.53
C TRP T 52 17.64 -3.65 62.43
N LYS T 53 16.61 -4.27 61.85
CA LYS T 53 15.52 -4.81 62.66
C LYS T 53 15.90 -6.04 63.45
N HIS T 54 17.07 -6.61 63.21
CA HIS T 54 17.64 -7.59 64.13
C HIS T 54 18.11 -6.92 65.42
N ILE T 55 18.88 -5.84 65.29
CA ILE T 55 19.60 -5.24 66.41
C ILE T 55 18.87 -4.05 67.00
N LYS T 56 17.69 -3.70 66.48
CA LYS T 56 17.06 -2.47 66.94
C LYS T 56 16.37 -2.61 68.28
N HIS T 57 16.28 -3.82 68.85
CA HIS T 57 15.62 -4.01 70.12
C HIS T 57 16.39 -3.40 71.29
N LYS T 58 17.67 -3.11 71.05
CA LYS T 58 18.53 -2.53 72.10
C LYS T 58 18.08 -1.08 72.32
N TYR T 59 18.25 -0.20 71.18
CA TYR T 59 17.96 1.18 71.54
C TYR T 59 16.48 1.55 71.47
N GLU T 60 15.52 0.55 71.59
CA GLU T 60 14.10 0.76 71.28
C GLU T 60 13.47 0.35 72.60
N ASN T 61 14.10 0.81 73.67
CA ASN T 61 13.62 0.24 74.96
C ASN T 61 13.02 1.34 75.84
N LYS T 62 11.98 1.98 75.33
CA LYS T 62 11.27 3.05 76.08
C LYS T 62 9.87 2.54 76.42
N LEU U 2 -36.35 3.63 16.16
CA LEU U 2 -36.36 2.89 14.91
C LEU U 2 -36.88 1.46 15.13
N SER U 3 -37.07 0.72 14.05
CA SER U 3 -37.36 -0.70 14.13
C SER U 3 -36.42 -1.55 13.31
N ARG U 4 -35.35 -0.96 12.77
CA ARG U 4 -34.33 -1.74 12.06
C ARG U 4 -33.56 -2.66 12.99
N PHE U 5 -33.44 -2.31 14.27
CA PHE U 5 -32.74 -3.17 15.22
C PHE U 5 -33.68 -3.93 16.15
N LEU U 6 -34.95 -3.56 16.24
CA LEU U 6 -35.86 -4.28 17.13
C LEU U 6 -36.34 -5.56 16.47
N GLY U 7 -36.51 -6.58 17.29
CA GLY U 7 -36.98 -7.87 16.82
C GLY U 7 -36.73 -8.91 17.90
N PRO U 8 -37.19 -10.14 17.67
CA PRO U 8 -36.85 -11.21 18.61
C PRO U 8 -35.43 -11.75 18.44
N ARG U 9 -34.68 -11.27 17.44
CA ARG U 9 -33.33 -11.75 17.19
C ARG U 9 -32.23 -10.85 17.78
N TYR U 10 -32.55 -9.60 18.12
CA TYR U 10 -31.52 -8.70 18.63
C TYR U 10 -31.14 -9.01 20.07
N ARG U 11 -32.12 -9.01 20.98
CA ARG U 11 -31.80 -9.33 22.36
C ARG U 11 -31.76 -10.83 22.61
N GLU U 12 -32.07 -11.63 21.58
CA GLU U 12 -31.72 -13.05 21.50
C GLU U 12 -30.25 -13.25 21.81
N LEU U 13 -29.41 -12.66 20.97
CA LEU U 13 -27.97 -12.76 21.13
C LEU U 13 -27.43 -11.81 22.18
N ALA U 14 -28.28 -10.98 22.79
CA ALA U 14 -27.85 -10.27 23.98
C ALA U 14 -28.02 -11.15 25.21
N ARG U 15 -29.11 -11.93 25.26
CA ARG U 15 -29.28 -12.90 26.34
C ARG U 15 -28.23 -14.01 26.29
N ASN U 16 -27.67 -14.27 25.11
CA ASN U 16 -26.51 -15.15 24.99
C ASN U 16 -25.21 -14.44 25.32
N TRP U 17 -25.19 -13.11 25.41
CA TRP U 17 -23.94 -12.37 25.57
C TRP U 17 -23.88 -11.54 26.86
N ILE U 18 -24.92 -11.53 27.69
CA ILE U 18 -24.82 -10.89 29.01
C ILE U 18 -23.90 -11.71 29.92
N PRO U 19 -23.86 -13.06 29.85
CA PRO U 19 -22.70 -13.77 30.43
C PRO U 19 -21.35 -13.40 29.84
N THR U 20 -21.33 -12.98 28.55
CA THR U 20 -20.05 -12.50 27.94
C THR U 20 -19.96 -10.99 28.17
N ALA U 21 -20.94 -10.44 28.89
CA ALA U 21 -21.00 -8.98 29.13
C ALA U 21 -20.55 -8.66 30.54
N SER U 22 -21.07 -9.45 31.49
CA SER U 22 -20.77 -9.08 32.89
C SER U 22 -19.31 -9.49 33.02
N MET U 23 -18.94 -10.39 32.14
CA MET U 23 -17.51 -10.70 32.10
C MET U 23 -16.73 -9.65 31.32
N TRP U 24 -17.40 -8.91 30.44
CA TRP U 24 -16.84 -7.67 29.89
C TRP U 24 -16.65 -6.64 31.00
N GLY U 25 -17.59 -6.57 31.93
CA GLY U 25 -17.61 -5.50 32.92
C GLY U 25 -16.91 -5.79 34.23
N ALA U 26 -17.13 -6.96 34.81
CA ALA U 26 -16.55 -7.28 36.11
C ALA U 26 -15.04 -7.45 36.04
N VAL U 27 -14.52 -7.89 34.89
CA VAL U 27 -13.07 -8.00 34.70
C VAL U 27 -12.45 -6.61 34.60
N GLY U 28 -13.08 -5.71 33.86
CA GLY U 28 -12.61 -4.34 33.82
C GLY U 28 -12.82 -3.60 35.13
N ALA U 29 -13.85 -3.98 35.89
CA ALA U 29 -14.06 -3.39 37.20
C ALA U 29 -13.00 -3.84 38.20
N VAL U 30 -12.62 -5.12 38.16
CA VAL U 30 -11.48 -5.58 38.95
C VAL U 30 -10.17 -5.33 38.24
N GLY U 31 -10.20 -4.88 36.98
CA GLY U 31 -8.98 -4.41 36.35
C GLY U 31 -8.62 -2.99 36.74
N LEU U 32 -9.59 -2.22 37.23
CA LEU U 32 -9.39 -0.83 37.59
C LEU U 32 -8.78 -0.64 38.98
N VAL U 33 -8.72 -1.70 39.80
CA VAL U 33 -8.03 -1.61 41.09
C VAL U 33 -6.53 -1.89 40.91
N TRP U 34 -6.16 -2.80 39.99
CA TRP U 34 -4.76 -3.19 39.83
C TRP U 34 -3.92 -2.04 39.28
N ALA U 35 -4.53 -1.16 38.47
CA ALA U 35 -3.77 -0.15 37.75
C ALA U 35 -3.37 1.00 38.66
N THR U 36 -4.34 1.66 39.28
CA THR U 36 -4.13 2.93 39.95
C THR U 36 -4.12 2.80 41.47
N ASP U 37 -3.81 1.59 41.98
CA ASP U 37 -3.77 1.21 43.41
C ASP U 37 -4.97 1.77 44.20
N TRP U 38 -6.15 1.29 43.81
CA TRP U 38 -7.45 1.73 44.33
C TRP U 38 -7.59 1.29 45.79
N ARG U 39 -7.25 2.18 46.73
CA ARG U 39 -6.99 1.75 48.11
C ARG U 39 -8.24 1.63 48.96
N LEU U 40 -9.38 2.15 48.53
CA LEU U 40 -10.61 1.86 49.26
C LEU U 40 -11.32 0.60 48.79
N ILE U 41 -10.82 -0.05 47.74
CA ILE U 41 -11.23 -1.40 47.39
C ILE U 41 -10.05 -2.38 47.39
N LEU U 42 -8.86 -1.93 47.81
CA LEU U 42 -7.72 -2.82 47.99
C LEU U 42 -7.98 -3.89 49.04
N ASP U 43 -8.45 -3.50 50.22
CA ASP U 43 -8.80 -4.44 51.28
C ASP U 43 -10.29 -4.74 51.33
N TRP U 44 -10.98 -4.62 50.20
CA TRP U 44 -12.27 -5.28 49.96
C TRP U 44 -12.23 -6.74 50.39
N VAL U 45 -11.20 -7.46 49.97
CA VAL U 45 -10.79 -8.71 50.60
C VAL U 45 -9.38 -8.48 51.14
N PRO U 46 -9.11 -8.69 52.43
CA PRO U 46 -7.83 -8.24 53.01
C PRO U 46 -6.64 -9.15 52.72
N TYR U 47 -6.76 -10.13 51.85
CA TYR U 47 -5.67 -11.04 51.58
C TYR U 47 -4.63 -10.44 50.63
N ILE U 48 -4.93 -9.30 50.01
CA ILE U 48 -3.97 -8.58 49.18
C ILE U 48 -3.42 -7.44 50.04
N ASN U 49 -2.30 -7.71 50.70
CA ASN U 49 -1.51 -6.67 51.35
C ASN U 49 -0.35 -6.25 50.45
N GLY U 50 -0.71 -5.67 49.30
CA GLY U 50 0.29 -5.32 48.30
C GLY U 50 1.16 -4.15 48.69
N LYS U 51 0.60 -3.18 49.42
CA LYS U 51 1.33 -1.99 49.84
C LYS U 51 2.16 -2.35 51.07
N PHE U 52 3.29 -3.00 50.81
CA PHE U 52 4.30 -3.42 51.80
C PHE U 52 3.75 -4.20 53.00
N MET V 1 -45.62 -39.84 -28.07
CA MET V 1 -46.33 -40.61 -27.06
C MET V 1 -45.29 -41.38 -26.27
N LEU V 2 -44.45 -42.16 -26.92
CA LEU V 2 -43.24 -42.54 -26.22
C LEU V 2 -42.25 -41.39 -26.28
N SER V 3 -41.47 -41.23 -25.22
CA SER V 3 -40.71 -40.02 -25.01
C SER V 3 -39.46 -40.01 -25.86
N VAL V 4 -38.82 -38.84 -25.87
CA VAL V 4 -37.42 -38.72 -26.30
C VAL V 4 -36.53 -39.69 -25.55
N ALA V 5 -36.73 -39.82 -24.23
CA ALA V 5 -35.87 -40.67 -23.43
C ALA V 5 -36.23 -42.14 -23.55
N SER V 6 -37.44 -42.50 -23.99
CA SER V 6 -37.91 -43.89 -24.23
C SER V 6 -37.09 -44.61 -25.31
N ARG V 7 -36.88 -44.08 -26.51
CA ARG V 7 -35.92 -44.59 -27.52
C ARG V 7 -34.67 -43.82 -27.11
N SER V 8 -33.49 -44.37 -27.07
CA SER V 8 -32.33 -43.69 -26.37
C SER V 8 -31.42 -42.87 -27.24
N GLY V 9 -31.19 -41.65 -26.87
CA GLY V 9 -30.22 -41.04 -27.81
C GLY V 9 -30.46 -39.60 -28.07
N PRO V 10 -31.70 -39.11 -28.14
CA PRO V 10 -31.73 -37.64 -28.21
C PRO V 10 -31.48 -37.01 -26.84
N PHE V 11 -30.98 -35.78 -26.87
CA PHE V 11 -30.46 -35.07 -25.71
C PHE V 11 -31.52 -34.34 -24.90
N ALA V 12 -31.20 -34.13 -23.63
CA ALA V 12 -31.95 -33.32 -22.69
C ALA V 12 -30.99 -32.66 -21.70
N PRO V 13 -31.07 -31.33 -21.52
CA PRO V 13 -30.40 -30.67 -20.38
C PRO V 13 -31.33 -30.29 -19.22
N VAL V 14 -30.77 -30.42 -18.02
CA VAL V 14 -31.58 -29.99 -16.84
C VAL V 14 -30.87 -28.93 -16.02
N LEU V 15 -31.62 -28.07 -15.46
CA LEU V 15 -31.19 -26.95 -14.61
C LEU V 15 -31.94 -27.02 -13.28
N SER V 16 -31.27 -26.76 -12.20
CA SER V 16 -31.89 -26.57 -10.87
C SER V 16 -32.08 -25.25 -10.16
N ALA V 17 -32.44 -25.27 -8.92
CA ALA V 17 -32.42 -24.24 -7.82
C ALA V 17 -31.30 -24.65 -6.81
N THR V 18 -31.16 -25.93 -6.38
CA THR V 18 -30.28 -26.50 -5.35
C THR V 18 -29.48 -27.68 -5.83
N SER V 19 -29.53 -28.05 -7.10
CA SER V 19 -28.86 -29.24 -7.60
C SER V 19 -28.12 -28.89 -8.88
N ARG V 20 -27.46 -29.88 -9.48
CA ARG V 20 -26.49 -29.57 -10.52
C ARG V 20 -27.03 -29.80 -11.92
N GLY V 21 -26.47 -29.05 -12.87
CA GLY V 21 -26.79 -29.15 -14.28
C GLY V 21 -26.39 -30.49 -14.85
N VAL V 22 -27.28 -31.12 -15.60
CA VAL V 22 -27.04 -32.45 -16.16
C VAL V 22 -27.29 -32.46 -17.66
N ALA V 23 -26.80 -33.48 -18.36
CA ALA V 23 -26.99 -33.61 -19.79
C ALA V 23 -27.21 -35.06 -20.19
N GLY V 24 -28.27 -35.31 -20.94
CA GLY V 24 -28.42 -36.53 -21.72
C GLY V 24 -28.74 -37.77 -20.92
N ALA V 25 -29.15 -38.80 -21.65
CA ALA V 25 -29.46 -40.08 -21.04
C ALA V 25 -28.32 -41.09 -21.14
N LEU V 26 -27.92 -41.43 -22.37
CA LEU V 26 -26.96 -42.51 -22.61
C LEU V 26 -25.62 -42.00 -23.14
N ARG V 27 -25.26 -40.80 -22.66
CA ARG V 27 -24.00 -40.13 -23.10
C ARG V 27 -22.84 -40.88 -22.45
N PRO V 28 -22.66 -40.89 -21.05
CA PRO V 28 -21.56 -41.74 -20.59
C PRO V 28 -21.95 -43.20 -20.72
N LEU V 29 -21.80 -43.72 -21.96
CA LEU V 29 -22.34 -45.02 -22.29
C LEU V 29 -21.26 -46.07 -22.11
N VAL V 30 -21.66 -47.21 -21.59
CA VAL V 30 -20.78 -48.05 -20.80
C VAL V 30 -20.14 -48.96 -21.86
N GLN V 31 -19.06 -49.65 -21.49
CA GLN V 31 -18.08 -50.30 -22.35
C GLN V 31 -17.38 -49.29 -23.23
N ALA V 32 -17.27 -48.06 -22.76
CA ALA V 32 -16.35 -47.09 -23.35
C ALA V 32 -15.06 -47.00 -22.57
N ALA V 33 -15.14 -46.93 -21.23
CA ALA V 33 -13.93 -46.90 -20.40
C ALA V 33 -13.54 -48.30 -19.96
N LEU V 34 -14.42 -49.24 -20.19
CA LEU V 34 -14.29 -50.61 -19.72
C LEU V 34 -13.37 -51.41 -20.64
N PRO V 35 -13.34 -51.14 -21.96
CA PRO V 35 -12.05 -51.18 -22.67
C PRO V 35 -11.29 -49.89 -22.40
N ALA V 36 -10.01 -50.03 -22.12
CA ALA V 36 -9.31 -49.17 -21.18
C ALA V 36 -8.94 -47.82 -21.80
N THR V 37 -8.38 -46.93 -20.96
CA THR V 37 -7.79 -45.63 -21.27
C THR V 37 -8.82 -44.61 -21.80
N SER V 38 -9.81 -44.31 -20.98
CA SER V 38 -10.62 -43.11 -21.13
C SER V 38 -10.40 -42.28 -19.88
N GLU V 39 -9.42 -41.45 -19.89
CA GLU V 39 -9.26 -40.54 -18.73
C GLU V 39 -10.34 -39.45 -18.79
N SER V 40 -10.86 -39.06 -17.67
CA SER V 40 -11.85 -37.99 -17.51
C SER V 40 -11.11 -36.71 -17.09
N PRO V 41 -10.89 -35.64 -17.92
CA PRO V 41 -9.99 -34.48 -17.58
C PRO V 41 -10.53 -33.41 -16.58
N VAL V 42 -9.67 -32.59 -15.95
CA VAL V 42 -10.08 -31.73 -14.77
C VAL V 42 -10.57 -30.37 -15.17
N LEU V 43 -11.38 -29.72 -14.29
CA LEU V 43 -12.08 -28.53 -14.80
C LEU V 43 -11.49 -27.14 -14.64
N ASP V 44 -12.07 -26.06 -15.26
CA ASP V 44 -11.70 -24.66 -14.92
C ASP V 44 -13.02 -24.11 -14.50
N ALA V 45 -14.08 -24.92 -14.75
CA ALA V 45 -15.44 -24.57 -14.27
C ALA V 45 -16.41 -25.75 -14.50
N LYS V 46 -17.11 -26.23 -13.46
CA LYS V 46 -18.15 -27.29 -13.70
C LYS V 46 -19.06 -27.57 -12.51
N ARG V 47 -19.76 -28.69 -12.59
CA ARG V 47 -20.78 -29.04 -11.58
C ARG V 47 -20.31 -30.23 -10.75
N SER V 48 -21.00 -30.46 -9.64
CA SER V 48 -20.65 -31.66 -8.84
C SER V 48 -21.44 -32.93 -9.31
N PHE V 49 -20.73 -34.06 -9.40
CA PHE V 49 -21.33 -35.29 -10.01
C PHE V 49 -22.49 -35.86 -9.19
N LEU V 50 -22.28 -36.06 -7.88
CA LEU V 50 -23.33 -36.73 -7.07
C LEU V 50 -24.69 -36.10 -7.33
N CYS V 51 -24.74 -34.81 -7.66
CA CYS V 51 -26.03 -34.08 -7.83
C CYS V 51 -26.79 -34.09 -6.50
N ARG V 52 -26.21 -34.66 -5.43
CA ARG V 52 -26.84 -34.75 -4.08
C ARG V 52 -28.09 -35.64 -4.14
N GLU V 53 -28.68 -35.84 -5.32
CA GLU V 53 -29.94 -36.59 -5.47
C GLU V 53 -29.89 -37.94 -4.75
N SER V 54 -28.72 -38.50 -4.47
CA SER V 54 -28.73 -39.87 -3.89
C SER V 54 -28.00 -39.96 -2.54
N LEU V 55 -28.64 -39.57 -1.44
CA LEU V 55 -28.04 -39.79 -0.12
C LEU V 55 -29.12 -40.30 0.82
N SER V 56 -28.80 -41.31 1.61
CA SER V 56 -29.76 -42.16 2.30
C SER V 56 -30.54 -41.41 3.38
N GLY V 57 -29.96 -40.36 3.93
CA GLY V 57 -30.51 -39.71 5.10
C GLY V 57 -29.81 -40.18 6.36
C13 A1D6O W . -8.39 28.88 33.35
C15 A1D6O W . -8.85 30.63 34.92
C17 A1D6O W . -10.26 28.69 34.85
C26 A1D6O W . -11.86 19.47 28.14
C01 A1D6O W . -10.55 20.44 30.06
C02 A1D6O W . -11.52 20.63 29.08
C03 A1D6O W . -12.18 21.86 28.97
C04 A1D6O W . -11.87 22.90 29.85
C05 A1D6O W . -10.89 22.72 30.82
C06 A1D6O W . -10.23 21.47 30.92
C08 A1D6O W . -11.40 24.93 31.37
C11 A1D6O W . -9.83 26.76 33.20
C12 A1D6O W . -9.49 28.14 33.81
C14 A1D6O W . -8.07 30.11 33.91
C16 A1D6O W . -9.93 29.92 35.38
C18 A1D6O W . -11.47 28.00 35.45
C23 A1D6O W . -7.35 28.91 31.04
C25 A1D6O W . -5.94 28.36 29.05
C27 A1D6O W . -9.17 21.21 31.98
N09 A1D6O W . -10.67 23.84 31.63
N19 A1D6O W . -7.50 28.42 32.29
N20 A1D6O W . -6.62 27.43 32.42
N21 A1D6O W . -5.97 27.27 31.29
N22 A1D6O W . -6.41 28.18 30.41
O24 A1D6O W . -7.94 29.81 30.54
S07 A1D6O W . -12.40 24.52 30.06
S10 A1D6O W . -11.35 26.54 32.21
C13 A1D6O X . -6.29 15.17 1.47
C15 A1D6O X . -6.84 12.86 1.98
C17 A1D6O X . -4.58 13.60 2.14
C26 A1D6O X . 1.12 23.28 1.18
C01 A1D6O X . 1.43 20.78 1.41
C02 A1D6O X . 0.58 21.89 1.49
C03 A1D6O X . -0.75 21.72 1.87
C04 A1D6O X . -1.25 20.45 2.16
C05 A1D6O X . -0.42 19.36 2.07
C06 A1D6O X . 0.93 19.53 1.69
C08 A1D6O X . -2.31 18.19 2.73
C11 A1D6O X . -3.81 15.94 1.63
C12 A1D6O X . -4.93 14.89 1.76
C14 A1D6O X . -7.21 14.13 1.59
C16 A1D6O X . -5.53 12.59 2.25
C18 A1D6O X . -3.13 13.23 2.46
C23 A1D6O X . -6.81 17.69 1.46
C25 A1D6O X . -7.82 19.90 0.86
C27 A1D6O X . 1.88 18.34 1.61
N09 A1D6O X . -1.03 18.14 2.39
N19 A1D6O X . -6.91 16.41 1.03
N20 A1D6O X . -7.83 16.44 0.05
N21 A1D6O X . -8.27 17.67 -0.14
N22 A1D6O X . -7.65 18.46 0.73
O24 A1D6O X . -6.11 18.11 2.31
S07 A1D6O X . -2.77 19.83 2.64
S10 A1D6O X . -3.36 16.78 3.18
CHA HEM Y . -10.34 17.09 7.18
CHB HEM Y . -6.40 18.07 9.80
CHC HEM Y . -9.15 18.26 13.81
CHD HEM Y . -12.91 16.58 11.26
C1A HEM Y . -9.05 17.42 7.51
C2A HEM Y . -7.96 17.69 6.61
C3A HEM Y . -6.87 17.96 7.32
C4A HEM Y . -7.22 17.87 8.71
CMA HEM Y . -5.47 18.30 6.76
CAA HEM Y . -8.06 17.68 5.06
CBA HEM Y . -8.26 19.08 4.48
CGA HEM Y . -9.50 19.84 4.89
O1A HEM Y . -10.61 19.45 4.51
O2A HEM Y . -9.36 20.87 5.57
C1B HEM Y . -6.79 18.21 11.12
C2B HEM Y . -5.93 18.48 12.23
C3B HEM Y . -6.69 18.54 13.36
C4B HEM Y . -8.06 18.29 12.97
CMB HEM Y . -4.41 18.68 12.05
CAB HEM Y . -6.37 18.81 14.85
CBB HEM Y . -5.18 19.03 15.41
C1C HEM Y . -10.43 17.88 13.48
C2C HEM Y . -11.62 17.99 14.31
C3C HEM Y . -12.67 17.54 13.59
C4C HEM Y . -12.17 17.12 12.31
CMC HEM Y . -11.58 18.57 15.74
CAC HEM Y . -14.18 17.37 13.95
CBC HEM Y . -14.72 17.19 15.15
C1D HEM Y . -12.55 16.57 9.93
C2D HEM Y . -13.39 16.18 8.83
C3D HEM Y . -12.68 16.32 7.69
C4D HEM Y . -11.38 16.81 8.05
CMD HEM Y . -14.85 15.68 8.96
CAD HEM Y . -13.12 16.03 6.24
CBD HEM Y . -13.93 17.23 5.72
CGD HEM Y . -14.31 17.22 4.28
O1D HEM Y . -13.61 16.65 3.43
O2D HEM Y . -15.35 17.84 3.97
NA HEM Y . -8.56 17.54 8.78
NB HEM Y . -8.08 18.09 11.61
NC HEM Y . -10.82 17.37 12.28
ND HEM Y . -11.33 16.94 9.41
FE HEM Y . -9.69 17.53 10.53
CHA HEM Z . 3.35 27.48 28.10
CHB HEM Z . -0.11 26.11 24.93
CHC HEM Z . 2.93 22.85 23.08
CHD HEM Z . 6.24 24.06 26.38
C1A HEM Z . 2.17 27.43 27.37
C2A HEM Z . 1.04 28.30 27.51
C3A HEM Z . 0.09 27.92 26.65
C4A HEM Z . 0.57 26.79 25.91
CMA HEM Z . -1.28 28.57 26.45
CAA HEM Z . 0.91 29.50 28.48
CBA HEM Z . 1.81 30.62 27.98
CGA HEM Z . 1.45 31.97 28.54
O1A HEM Z . 2.33 32.63 29.12
O2A HEM Z . 0.28 32.38 28.40
C1B HEM Z . 0.40 25.11 24.13
C2B HEM Z . -0.27 24.40 23.06
C3B HEM Z . 0.58 23.51 22.54
C4B HEM Z . 1.80 23.61 23.28
CMB HEM Z . -1.72 24.73 22.64
CAB HEM Z . 0.47 22.46 21.41
CBB HEM Z . -0.64 21.97 20.84
C1C HEM Z . 4.06 22.86 23.85
C2C HEM Z . 5.15 21.92 23.77
C3C HEM Z . 6.06 22.27 24.69
C4C HEM Z . 5.57 23.43 25.37
CMC HEM Z . 5.14 20.76 22.75
CAC HEM Z . 7.44 21.67 25.10
CBC HEM Z . 8.15 20.74 24.47
C1D HEM Z . 5.79 25.10 27.13
C2D HEM Z . 6.51 25.76 28.17
C3D HEM Z . 5.76 26.73 28.69
C4D HEM Z . 4.48 26.70 27.97
CMD HEM Z . 7.94 25.41 28.63
CAD HEM Z . 6.34 27.59 29.86
CBD HEM Z . 5.60 28.83 30.34
CGD HEM Z . 5.70 29.93 29.34
O1D HEM Z . 4.86 30.84 29.35
O2D HEM Z . 6.64 29.90 28.52
NA HEM Z . 1.85 26.52 26.38
NB HEM Z . 1.66 24.59 24.24
NC HEM Z . 4.35 23.77 24.85
ND HEM Z . 4.57 25.69 27.03
FE HEM Z . 3.10 25.26 25.59
C27 PEE AA . -18.25 24.01 19.55
C26 PEE AA . -17.84 23.59 18.16
C25 PEE AA . -17.22 24.63 17.27
C24 PEE AA . -18.08 25.19 16.18
C23 PEE AA . -18.06 26.69 16.12
C22 PEE AA . -18.75 27.33 14.95
C21 PEE AA . -18.14 28.66 14.54
C20 PEE AA . -17.43 28.66 13.21
C19 PEE AA . -18.11 29.46 12.14
C18 PEE AA . -18.02 29.18 10.86
C17 PEE AA . -17.04 28.20 10.30
C16 PEE AA . -17.26 27.91 8.87
C15 PEE AA . -18.62 28.42 8.44
C14 PEE AA . -19.52 27.38 7.93
C13 PEE AA . -19.62 27.38 6.49
C12 PEE AA . -19.87 28.72 5.96
C11 PEE AA . -21.08 28.75 5.23
C10 PEE AA . -21.10 29.86 4.30
O4 PEE AA . -20.15 30.31 3.79
O2 PEE AA . -22.27 30.35 4.04
C2 PEE AA . -22.45 31.21 2.91
C1 PEE AA . -23.21 30.42 1.87
O3P PEE AA . -22.28 29.40 1.42
P PEE AA . -22.75 28.06 0.69
O2P PEE AA . -21.80 26.96 1.00
O1P PEE AA . -22.92 28.56 -0.69
O4P PEE AA . -24.25 27.93 1.16
C4 PEE AA . -25.22 28.09 0.15
C5 PEE AA . -26.45 28.45 0.85
N PEE AA . -27.02 29.46 0.05
C3 PEE AA . -23.14 32.49 3.34
O3 PEE AA . -22.54 33.00 4.55
C30 PEE AA . -21.52 33.85 4.44
O5 PEE AA . -20.49 33.72 5.04
C31 PEE AA . -21.85 34.96 3.49
C32 PEE AA . -20.79 36.03 3.36
C33 PEE AA . -21.21 37.19 2.45
C34 PEE AA . -20.34 37.42 1.23
C35 PEE AA . -20.71 36.61 0.03
C36 PEE AA . -20.09 35.21 -0.02
C37 PEE AA . -21.04 34.14 -0.48
C38 PEE AA . -20.60 32.77 -0.09
C39 PEE AA . -19.46 32.39 0.41
C40 PEE AA . -18.98 30.98 0.37
C41 PEE AA . -17.53 30.86 0.06
C1 CDL BA . -6.71 -2.28 15.65
O1 CDL BA . -6.91 -2.87 14.40
CA2 CDL BA . -7.92 -2.46 16.57
OA2 CDL BA . -8.88 -3.31 16.01
PA1 CDL BA . -10.06 -2.65 15.08
OA3 CDL BA . -9.69 -2.86 13.63
OA4 CDL BA . -10.15 -1.17 15.39
OA5 CDL BA . -11.51 -3.38 15.37
CA3 CDL BA . -12.52 -3.30 14.40
CA4 CDL BA . -13.85 -3.43 15.12
OA6 CDL BA . -13.62 -3.16 16.47
CA5 CDL BA . -14.53 -3.61 17.45
OA7 CDL BA . -15.67 -3.26 17.44
C11 CDL BA . -14.03 -4.52 18.57
C12 CDL BA . -12.53 -4.80 18.37
C13 CDL BA . -12.09 -5.99 19.23
C14 CDL BA . -12.01 -5.58 20.70
C15 CDL BA . -11.05 -4.40 20.89
C16 CDL BA . -9.90 -4.80 21.82
C17 CDL BA . -8.88 -5.65 21.08
C18 CDL BA . -8.10 -4.77 20.10
CA6 CDL BA . -14.44 -4.82 14.85
OA8 CDL BA . -13.55 -5.81 15.28
CA7 CDL BA . -14.14 -6.89 15.96
OA9 CDL BA . -15.29 -6.83 16.29
C31 CDL BA . -13.31 -8.12 16.31
C32 CDL BA . -12.91 -8.85 15.04
C33 CDL BA . -11.48 -9.39 15.18
C34 CDL BA . -10.50 -8.24 15.33
C35 CDL BA . -9.12 -8.76 15.69
C36 CDL BA . -8.17 -8.63 14.50
C37 CDL BA . -6.82 -9.27 14.83
C38 CDL BA . -6.23 -8.66 16.10
CB2 CDL BA . -6.45 -0.80 15.46
OB2 CDL BA . -5.18 -0.49 15.96
PB2 CDL BA . -5.05 0.18 17.46
OB3 CDL BA . -5.77 -0.69 18.46
OB4 CDL BA . -3.58 0.23 17.82
OB5 CDL BA . -5.68 1.71 17.47
CB3 CDL BA . -7.02 1.94 17.82
CB4 CDL BA . -7.61 3.13 17.04
OB6 CDL BA . -8.50 2.69 16.06
CB5 CDL BA . -9.61 3.50 15.85
OB7 CDL BA . -9.63 4.62 16.23
C51 CDL BA . -10.84 2.96 15.12
C52 CDL BA . -11.80 4.12 14.81
C53 CDL BA . -13.18 3.58 14.43
C54 CDL BA . -14.23 4.13 15.38
C55 CDL BA . -15.62 3.62 14.97
C56 CDL BA . -16.31 4.68 14.11
C57 CDL BA . -17.10 4.02 12.98
C58 CDL BA . -18.31 3.28 13.54
CB6 CDL BA . -6.46 3.92 16.38
OB8 CDL BA . -5.95 4.82 17.32
CB7 CDL BA . -4.56 4.77 17.44
OB9 CDL BA . -3.89 4.24 16.61
C71 CDL BA . -3.89 5.41 18.65
C72 CDL BA . -2.61 6.11 18.21
C73 CDL BA . -1.40 5.25 18.58
C74 CDL BA . -0.27 5.41 17.56
C75 CDL BA . -0.75 5.13 16.13
C76 CDL BA . -0.45 6.33 15.23
C77 CDL BA . 0.44 5.91 14.06
C78 CDL BA . 1.60 6.89 13.95
FE HEC CA . 3.47 54.23 46.17
CHA HEC CA . 1.19 51.63 46.22
CHB HEC CA . 3.23 54.43 42.74
CHC HEC CA . 6.12 56.48 46.10
CHD HEC CA . 3.78 54.03 49.60
NA HEC CA . 2.39 53.19 44.71
C1A HEC CA . 1.54 52.17 44.87
C2A HEC CA . 0.94 51.67 43.62
C3A HEC CA . 1.54 52.52 42.59
C4A HEC CA . 2.40 53.40 43.39
CMA HEC CA . 1.39 52.52 41.10
CAA HEC CA . -0.04 50.54 43.45
CBA HEC CA . -1.44 51.02 43.62
CGA HEC CA . -2.24 49.80 43.31
O1A HEC CA . -1.75 48.75 43.70
O2A HEC CA . -3.29 49.85 42.69
NB HEC CA . 4.51 55.28 44.69
C1B HEC CA . 4.31 55.23 43.35
C2B HEC CA . 5.21 56.07 42.54
C3B HEC CA . 6.06 56.66 43.57
C4B HEC CA . 5.53 56.12 44.83
CMB HEC CA . 5.20 56.22 41.04
CAB HEC CA . 7.19 57.61 43.52
CBB HEC CA . 7.78 58.24 42.31
NC HEC CA . 4.72 55.12 47.61
C1C HEC CA . 5.73 55.97 47.42
C2C HEC CA . 6.47 56.40 48.62
C3C HEC CA . 5.74 55.65 49.63
C4C HEC CA . 4.72 54.91 48.91
CMC HEC CA . 7.63 57.34 48.68
CAC HEC CA . 5.94 55.59 51.10
CBC HEC CA . 7.00 56.36 51.83
ND HEC CA . 2.63 53.03 47.66
C1D HEC CA . 2.88 53.07 48.98
C2D HEC CA . 2.14 52.11 49.81
C3D HEC CA . 1.37 51.35 48.82
C4D HEC CA . 1.72 52.03 47.54
CMD HEC CA . 2.22 51.94 51.30
CAD HEC CA . 0.39 50.25 49.04
CBD HEC CA . -0.90 51.02 48.96
CGD HEC CA . -2.05 50.29 49.54
O1D HEC CA . -2.10 49.06 49.58
O2D HEC CA . -2.97 50.97 49.96
FE1 FES DA . 48.48 17.25 29.98
FE2 FES DA . 50.46 16.39 31.73
S1 FES DA . 50.57 17.94 30.12
S2 FES DA . 48.25 16.23 31.91
C27 PEE EA . 6.32 16.90 1.17
C26 PEE EA . 7.12 17.31 -0.05
C25 PEE EA . 6.26 17.39 -1.27
C24 PEE EA . 4.80 17.34 -0.89
C23 PEE EA . 3.84 17.25 -2.02
C22 PEE EA . 3.45 18.60 -2.58
C21 PEE EA . 3.65 19.75 -1.61
C20 PEE EA . 4.61 20.80 -2.07
C19 PEE EA . 5.51 20.32 -3.16
C18 PEE EA . 6.02 20.99 -4.16
C17 PEE EA . 5.88 20.59 -5.60
C16 PEE EA . 5.42 19.18 -5.77
C15 PEE EA . 6.48 18.17 -5.39
C14 PEE EA . 7.54 17.99 -6.44
C13 PEE EA . 7.82 16.55 -6.75
C12 PEE EA . 6.95 16.00 -7.86
C11 PEE EA . 7.69 15.86 -9.15
C10 PEE EA . 7.48 17.05 -10.02
O4 PEE EA . 7.36 18.17 -9.61
O2 PEE EA . 7.40 16.73 -11.31
C2 PEE EA . 6.22 16.02 -11.80
C1 PEE EA . 4.92 16.47 -11.19
O3P PEE EA . 4.86 17.91 -10.96
P PEE EA . 4.81 18.96 -12.19
O2P PEE EA . 6.20 19.35 -12.56
O1P PEE EA . 3.83 18.45 -13.21
O4P PEE EA . 4.39 20.35 -11.51
C4 PEE EA . 3.91 21.43 -12.34
C5 PEE EA . 2.63 21.01 -12.93
N PEE EA . 2.05 22.15 -13.44
C3 PEE EA . 6.23 16.14 -13.32
O3 PEE EA . 7.24 17.09 -13.75
C30 PEE EA . 7.14 17.50 -15.02
O5 PEE EA . 6.11 17.45 -15.64
C31 PEE EA . 8.47 17.96 -15.59
C32 PEE EA . 9.34 18.74 -14.64
C33 PEE EA . 9.26 20.25 -14.87
C34 PEE EA . 8.71 21.03 -13.72
C35 PEE EA . 9.04 20.47 -12.35
C36 PEE EA . 8.98 21.47 -11.21
C37 PEE EA . 7.60 21.80 -10.71
C38 PEE EA . 7.49 21.78 -9.23
C39 PEE EA . 7.21 22.81 -8.46
C40 PEE EA . 6.04 23.73 -8.64
C41 PEE EA . 6.24 25.08 -8.04
C42 PEE EA . 5.29 25.38 -6.89
C43 PEE EA . 4.81 24.15 -6.21
C44 PEE EA . 4.95 24.19 -4.74
C45 PEE EA . 3.88 23.47 -4.03
C13 A1D6O FA . 35.38 9.70 25.64
C15 A1D6O FA . 37.24 9.93 27.13
C17 A1D6O FA . 37.52 10.30 24.77
C26 A1D6O FA . 31.54 8.78 15.05
C01 A1D6O FA . 32.01 10.32 16.98
C02 A1D6O FA . 32.24 9.10 16.36
C03 A1D6O FA . 33.13 8.18 16.95
C04 A1D6O FA . 33.77 8.49 18.15
C05 A1D6O FA . 33.53 9.72 18.77
C06 A1D6O FA . 32.64 10.64 18.17
C08 A1D6O FA . 35.02 8.91 20.36
C11 A1D6O FA . 35.56 10.07 23.11
C12 A1D6O FA . 36.18 10.01 24.53
C14 A1D6O FA . 35.90 9.67 26.93
C16 A1D6O FA . 38.04 10.26 26.05
C18 A1D6O FA . 38.51 10.66 23.68
C23 A1D6O FA . 33.32 8.22 25.74
C25 A1D6O FA . 30.95 7.42 25.67
C27 A1D6O FA . 32.35 12.00 18.79
N09 A1D6O FA . 34.23 9.91 19.97
N19 A1D6O FA . 33.96 9.40 25.55
N20 A1D6O FA . 33.00 10.30 25.28
N21 A1D6O FA . 31.83 9.71 25.27
N22 A1D6O FA . 32.00 8.41 25.56
O24 A1D6O FA . 33.80 7.18 26.02
S07 A1D6O FA . 34.88 7.70 19.18
S10 A1D6O FA . 36.06 8.82 21.86
C13 A1D6O GA . 10.84 -8.38 8.90
C15 A1D6O GA . 10.68 -7.07 6.88
C17 A1D6O GA . 9.37 -6.46 8.77
C26 A1D6O GA . 8.19 -9.78 19.48
C01 A1D6O GA . 7.16 -8.29 17.71
C02 A1D6O GA . 8.24 -9.06 18.14
C03 A1D6O GA . 9.38 -9.17 17.33
C04 A1D6O GA . 9.45 -8.52 16.11
C05 A1D6O GA . 8.38 -7.76 15.68
C06 A1D6O GA . 7.22 -7.65 16.50
C08 A1D6O GA . 9.71 -7.37 13.84
C11 A1D6O GA . 9.38 -7.71 10.95
C12 A1D6O GA . 9.89 -7.53 9.52
C14 A1D6O GA . 11.20 -8.12 7.59
C16 A1D6O GA . 9.77 -6.23 7.46
C18 A1D6O GA . 8.34 -5.50 9.36
C23 A1D6O GA . 12.15 -9.79 10.63
C25 A1D6O GA . 13.37 -11.70 11.67
C27 A1D6O GA . 6.04 -6.80 16.07
N09 A1D6O GA . 8.55 -7.15 14.45
N19 A1D6O GA . 11.51 -9.56 9.45
N20 A1D6O GA . 11.65 -10.70 8.74
N21 A1D6O GA . 12.32 -11.60 9.43
N22 A1D6O GA . 12.65 -11.05 10.61
O24 A1D6O GA . 12.26 -9.05 11.54
S07 A1D6O GA . 10.62 -8.38 14.85
S10 A1D6O GA . 10.22 -6.72 12.22
CHA HEM HA . 23.29 10.51 29.96
CHB HEM HA . 23.55 7.37 26.23
CHC HEM HA . 19.06 8.58 24.95
CHD HEM HA . 18.91 11.84 28.53
C1A HEM HA . 23.74 9.53 29.10
C2A HEM HA . 24.98 8.80 29.20
C3A HEM HA . 25.05 7.95 28.17
C4A HEM HA . 23.86 8.09 27.37
CMA HEM HA . 26.19 6.95 27.87
CAA HEM HA . 26.05 8.94 30.30
CBA HEM HA . 25.50 8.36 31.60
CGA HEM HA . 26.57 8.03 32.60
O1A HEM HA . 26.47 8.51 33.74
O2A HEM HA . 27.53 7.30 32.25
C1B HEM HA . 22.36 7.40 25.54
C2B HEM HA . 21.99 6.64 24.38
C3B HEM HA . 20.73 6.98 24.03
C4B HEM HA . 20.29 7.97 24.96
CMB HEM HA . 22.94 5.62 23.72
CAB HEM HA . 19.79 6.54 22.89
CBB HEM HA . 20.10 5.91 21.75
C1C HEM HA . 18.67 9.61 25.78
C2C HEM HA . 17.46 10.39 25.62
C3C HEM HA . 17.44 11.29 26.61
C4C HEM HA . 18.60 11.09 27.42
CMC HEM HA . 16.47 10.15 24.46
CAC HEM HA . 16.43 12.41 27.00
CBC HEM HA . 15.20 12.60 26.52
C1D HEM HA . 20.07 11.78 29.25
C2D HEM HA . 20.42 12.60 30.37
C3D HEM HA . 21.63 12.24 30.78
C4D HEM HA . 22.09 11.18 29.91
CMD HEM HA . 19.52 13.69 30.98
CAD HEM HA . 22.40 12.87 31.97
CBD HEM HA . 22.01 12.19 33.27
CGD HEM HA . 22.96 11.09 33.58
O1D HEM HA . 22.51 10.04 34.06
O2D HEM HA . 24.17 11.25 33.31
NA HEM HA . 23.10 9.06 27.98
NB HEM HA . 21.30 8.21 25.88
NC HEM HA . 19.34 10.07 26.89
ND HEM HA . 21.11 10.94 28.99
FE HEM HA . 21.22 9.43 27.54
CHA HEM IA . 17.77 -6.20 9.40
CHB HEM IA . 16.71 -3.14 12.97
CHC HEM IA . 21.06 -1.05 12.45
CHD HEM IA . 21.78 -3.65 8.44
C1A HEM IA . 17.12 -5.63 10.46
C2A HEM IA . 15.91 -6.08 11.10
C3A HEM IA . 15.60 -5.23 12.08
C4A HEM IA . 16.62 -4.21 12.11
CMA HEM IA . 14.38 -5.33 13.02
CAA HEM IA . 15.11 -7.34 10.70
CBA HEM IA . 15.43 -8.55 11.56
CGA HEM IA . 16.86 -9.04 11.56
O1A HEM IA . 17.32 -9.57 10.54
O2A HEM IA . 17.52 -8.94 12.61
C1B HEM IA . 17.78 -2.30 13.16
C2B HEM IA . 17.87 -1.22 14.10
C3B HEM IA . 19.09 -0.64 13.96
C4B HEM IA . 19.79 -1.33 12.91
CMB HEM IA . 16.71 -0.90 15.07
CAB HEM IA . 19.79 0.54 14.69
CBB HEM IA . 19.31 1.32 15.66
C1C HEM IA . 21.70 -1.61 11.37
C2C HEM IA . 23.06 -1.44 10.96
C3C HEM IA . 23.28 -2.17 9.84
C4C HEM IA . 22.03 -2.81 9.51
CMC HEM IA . 24.05 -0.57 11.76
CAC HEM IA . 24.53 -2.37 8.94
CBC HEM IA . 25.54 -1.52 8.75
C1D HEM IA . 20.76 -4.58 8.34
C2D HEM IA . 20.62 -5.58 7.32
C3D HEM IA . 19.50 -6.29 7.58
C4D HEM IA . 18.91 -5.76 8.78
CMD HEM IA . 21.59 -5.78 6.13
CAD HEM IA . 18.91 -7.48 6.78
CBD HEM IA . 19.65 -8.75 7.17
CGD HEM IA . 19.12 -10.05 6.64
O1D HEM IA . 17.91 -10.20 6.40
O2D HEM IA . 19.94 -10.96 6.47
NA HEM IA . 17.52 -4.49 11.11
NB HEM IA . 18.97 -2.32 12.44
NC HEM IA . 21.10 -2.45 10.46
ND HEM IA . 19.71 -4.72 9.21
FE HEM IA . 19.35 -3.52 10.86
C27 PEE JA . 30.75 -3.41 14.13
C26 PEE JA . 31.74 -4.27 13.41
C25 PEE JA . 31.40 -5.72 13.47
C24 PEE JA . 32.53 -6.65 13.09
C23 PEE JA . 32.66 -7.82 14.00
C22 PEE JA . 31.92 -7.63 15.29
C21 PEE JA . 31.93 -8.82 16.23
C20 PEE JA . 30.74 -9.68 16.13
C19 PEE JA . 31.05 -11.13 16.24
C18 PEE JA . 30.27 -12.07 15.80
C17 PEE JA . 29.32 -11.83 14.67
C16 PEE JA . 27.98 -12.38 14.90
C15 PEE JA . 27.52 -13.27 13.77
C14 PEE JA . 28.66 -13.87 13.02
C13 PEE JA . 28.28 -15.01 12.22
C12 PEE JA . 28.31 -16.27 12.97
C11 PEE JA . 28.93 -17.29 12.21
C10 PEE JA . 28.78 -18.59 12.86
O4 PEE JA . 28.07 -18.85 13.73
O2 PEE JA . 29.53 -19.49 12.29
C2 PEE JA . 29.48 -20.86 12.76
C1 PEE JA . 29.16 -21.72 11.57
O3P PEE JA . 27.86 -21.25 11.13
P PEE JA . 27.48 -21.18 9.59
O2P PEE JA . 28.49 -20.50 8.78
O1P PEE JA . 26.05 -20.81 9.50
O4P PEE JA . 27.96 -22.62 9.16
C4 PEE JA . 29.00 -22.63 8.18
C5 PEE JA . 29.38 -24.02 7.87
N PEE JA . 30.71 -23.95 8.33
C3 PEE JA . 30.82 -21.17 13.36
O3 PEE JA . 30.62 -21.29 14.79
C30 PEE JA . 31.09 -20.29 15.49
O5 PEE JA . 32.23 -19.97 15.45
C31 PEE JA . 30.03 -19.64 16.31
C32 PEE JA . 30.54 -19.11 17.59
C33 PEE JA . 30.65 -17.62 17.60
C34 PEE JA . 31.85 -17.10 18.32
C35 PEE JA . 31.54 -16.01 19.30
C36 PEE JA . 32.69 -15.07 19.64
C37 PEE JA . 32.60 -13.71 19.01
C38 PEE JA . 33.05 -12.59 19.90
C39 PEE JA . 32.37 -11.47 20.10
C40 PEE JA . 32.95 -10.09 20.32
C41 PEE JA . 31.98 -8.97 20.03
C42 PEE JA . 32.34 -7.61 20.62
C43 PEE JA . 33.25 -6.76 19.74
C44 PEE JA . 33.93 -5.59 20.44
C45 PEE JA . 34.47 -4.52 19.52
C1 CDL KA . 22.09 -20.77 16.77
O1 CDL KA . 21.31 -21.88 16.47
CA2 CDL KA . 22.93 -20.35 15.58
OA2 CDL KA . 23.49 -21.45 14.94
PA1 CDL KA . 25.11 -21.46 14.68
OA3 CDL KA . 25.64 -20.06 14.80
OA4 CDL KA . 25.41 -22.00 13.31
OA5 CDL KA . 25.87 -22.40 15.79
CA3 CDL KA . 27.26 -22.37 15.84
CA4 CDL KA . 27.80 -23.68 15.25
OA6 CDL KA . 26.85 -24.22 14.41
CA5 CDL KA . 27.33 -25.00 13.35
OA7 CDL KA . 28.48 -25.17 13.16
C11 CDL KA . 26.29 -25.61 12.43
C12 CDL KA . 26.06 -24.71 11.22
C13 CDL KA . 26.53 -25.27 9.88
C14 CDL KA . 27.63 -26.32 10.01
C15 CDL KA . 27.15 -27.65 9.42
C16 CDL KA . 26.85 -28.65 10.53
C17 CDL KA . 25.41 -29.16 10.41
C18 CDL KA . 24.57 -28.72 11.60
CA6 CDL KA . 28.06 -24.71 16.34
OA8 CDL KA . 27.84 -24.20 17.61
CA7 CDL KA . 28.40 -25.06 18.56
OA9 CDL KA . 29.55 -24.95 18.83
C31 CDL KA . 27.53 -26.12 19.23
C32 CDL KA . 26.08 -25.64 19.30
C33 CDL KA . 25.74 -25.15 20.70
C34 CDL KA . 24.88 -23.90 20.63
C35 CDL KA . 25.66 -22.79 19.91
C36 CDL KA . 25.58 -21.47 20.68
C37 CDL KA . 26.98 -20.86 20.85
C38 CDL KA . 27.66 -20.72 19.49
CB2 CDL KA . 23.01 -21.06 17.97
OB2 CDL KA . 22.88 -20.10 18.98
PB2 CDL KA . 23.64 -18.64 18.89
OB3 CDL KA . 25.12 -18.86 18.70
OB4 CDL KA . 23.14 -17.82 17.75
OB5 CDL KA . 23.42 -17.78 20.26
CB3 CDL KA . 23.66 -16.41 20.19
CB4 CDL KA . 22.80 -15.67 21.20
OB6 CDL KA . 22.80 -16.35 22.43
CB5 CDL KA . 22.85 -15.52 23.56
OB7 CDL KA . 22.07 -15.67 24.43
C51 CDL KA . 23.89 -14.41 23.64
C52 CDL KA . 25.04 -14.84 24.53
C53 CDL KA . 26.34 -14.46 23.82
C54 CDL KA . 26.45 -15.19 22.48
C55 CDL KA . 26.82 -14.21 21.39
C56 CDL KA . 28.06 -13.40 21.77
C57 CDL KA . 29.28 -13.96 21.04
C58 CDL KA . 29.19 -13.60 19.57
CB6 CDL KA . 21.36 -15.55 20.70
OB8 CDL KA . 20.44 -15.96 21.67
CB7 CDL KA . 19.54 -14.99 22.10
OB9 CDL KA . 18.38 -15.25 22.12
C71 CDL KA . 20.02 -13.62 22.55
C72 CDL KA . 19.37 -13.24 23.86
C73 CDL KA . 19.91 -11.90 24.36
C74 CDL KA . 21.37 -12.04 24.75
C75 CDL KA . 22.05 -10.67 24.75
C76 CDL KA . 23.51 -10.81 24.32
C77 CDL KA . 24.42 -10.38 25.45
C78 CDL KA . 24.81 -11.58 26.29
C1 CDL LA . 20.01 9.69 -7.44
O1 CDL LA . 20.45 9.95 -8.74
CA2 CDL LA . 18.61 10.24 -7.26
OA2 CDL LA . 17.66 9.29 -7.67
PA1 CDL LA . 16.65 8.63 -6.54
OA3 CDL LA . 16.06 7.36 -7.09
OA4 CDL LA . 17.43 8.33 -5.29
OA5 CDL LA . 15.43 9.71 -6.22
CA3 CDL LA . 14.44 9.35 -5.31
CA4 CDL LA . 14.81 9.89 -3.94
OA6 CDL LA . 14.68 8.88 -3.00
CA5 CDL LA . 15.73 8.74 -2.08
OA7 CDL LA . 16.65 9.49 -2.12
C11 CDL LA . 15.65 7.64 -1.02
C12 CDL LA . 16.96 7.51 -0.24
C13 CDL LA . 16.87 8.36 1.02
C14 CDL LA . 16.72 7.47 2.24
C15 CDL LA . 16.45 8.33 3.46
C16 CDL LA . 15.10 9.02 3.32
C17 CDL LA . 15.00 10.15 4.34
C18 CDL LA . 13.82 9.92 5.28
CA6 CDL LA . 13.89 11.03 -3.56
OA8 CDL LA . 12.85 10.52 -2.77
CA7 CDL LA . 12.92 10.88 -1.42
OA9 CDL LA . 13.97 11.13 -0.94
C31 CDL LA . 11.65 10.94 -0.59
C32 CDL LA . 11.62 12.26 0.18
C33 CDL LA . 12.14 12.04 1.59
C34 CDL LA . 12.05 13.36 2.33
C35 CDL LA . 10.65 13.51 2.89
C36 CDL LA . 10.43 14.95 3.35
C37 CDL LA . 11.37 15.27 4.52
C38 CDL LA . 11.05 14.39 5.72
CB2 CDL LA . 20.96 10.34 -6.44
OB2 CDL LA . 21.54 9.37 -5.61
PB2 CDL LA . 21.20 9.40 -4.00
OB3 CDL LA . 21.91 10.55 -3.34
OB4 CDL LA . 19.71 9.54 -3.80
OB5 CDL LA . 21.71 7.99 -3.31
CB3 CDL LA . 22.50 8.05 -2.17
CB4 CDL LA . 21.64 8.08 -0.90
OB6 CDL LA . 22.30 8.43 0.30
CB5 CDL LA . 23.62 8.92 0.38
OB7 CDL LA . 23.94 9.98 -0.06
C51 CDL LA . 24.68 8.12 1.14
C52 CDL LA . 24.32 6.64 1.26
C53 CDL LA . 24.60 5.93 -0.07
C54 CDL LA . 26.01 6.20 -0.56
C55 CDL LA . 26.49 5.00 -1.36
C56 CDL LA . 26.97 5.45 -2.74
C57 CDL LA . 28.49 5.32 -2.82
C58 CDL LA . 29.17 6.61 -2.39
CB6 CDL LA . 20.95 6.73 -0.69
OB8 CDL LA . 21.49 5.74 -1.53
CB7 CDL LA . 20.69 4.62 -1.73
OB9 CDL LA . 19.51 4.73 -1.70
C71 CDL LA . 21.36 3.27 -1.98
C72 CDL LA . 21.08 2.63 -3.34
C73 CDL LA . 22.20 2.86 -4.35
C74 CDL LA . 23.60 2.74 -3.73
C75 CDL LA . 24.40 1.62 -4.38
C76 CDL LA . 25.07 0.76 -3.31
C77 CDL LA . 26.56 0.58 -3.59
C78 CDL LA . 26.75 -0.06 -4.98
FE HEC MA . 43.25 12.10 55.30
CHA HEC MA . 43.96 12.58 51.96
CHB HEC MA . 41.56 9.19 54.58
CHC HEC MA . 41.98 12.02 58.54
CHD HEC MA . 44.92 15.01 56.08
NA HEC MA . 42.82 11.05 53.55
C1A HEC MA . 43.16 11.37 52.28
C2A HEC MA . 42.69 10.40 51.28
C3A HEC MA . 42.00 9.38 52.07
C4A HEC MA . 42.15 9.90 53.44
CMA HEC MA . 41.26 8.14 51.66
CAA HEC MA . 42.90 10.46 49.79
CBA HEC MA . 44.22 9.87 49.42
CGA HEC MA . 44.19 9.87 47.93
O1A HEC MA . 43.68 10.86 47.42
O2A HEC MA . 44.62 8.93 47.28
NB HEC MA . 41.99 10.85 56.39
C1B HEC MA . 41.37 9.72 55.95
C2B HEC MA . 40.52 9.02 56.94
C3B HEC MA . 40.68 9.90 58.11
C4B HEC MA . 41.59 10.94 57.66
CMB HEC MA . 39.72 7.77 56.74
CAB HEC MA . 40.12 9.86 59.48
CBB HEC MA . 39.20 8.84 60.05
NC HEC MA . 43.45 13.29 57.02
C1C HEC MA . 42.88 13.14 58.23
C2C HEC MA . 43.16 14.16 59.24
C3C HEC MA . 44.04 15.03 58.47
C4C HEC MA . 44.13 14.41 57.15
CMC HEC MA . 42.67 14.21 60.65
CAC HEC MA . 44.73 16.29 58.86
CBC HEC MA . 44.61 16.90 60.22
ND HEC MA . 44.27 13.57 54.21
C1D HEC MA . 44.85 14.68 54.67
C2D HEC MA . 45.50 15.53 53.67
C3D HEC MA . 45.22 14.84 52.41
C4D HEC MA . 44.49 13.63 52.87
CMD HEC MA . 46.22 16.83 53.94
CAD HEC MA . 45.64 15.20 51.03
CBD HEC MA . 46.82 14.28 50.87
CGD HEC MA . 47.76 14.68 49.79
O1D HEC MA . 47.37 15.25 48.77
O2D HEC MA . 48.93 14.39 49.94
FE1 FES NA . -12.94 32.74 47.85
FE2 FES NA . -15.58 34.22 47.35
S1 FES NA . -14.41 33.75 49.14
S2 FES NA . -13.87 33.68 46.09
#